data_6WGF
#
_entry.id   6WGF
#
loop_
_entity.id
_entity.type
_entity.pdbx_description
1 polymer 'DNA replication licensing factor MCM2'
2 polymer 'DNA replication licensing factor MCM7'
3 polymer 'DNA replication licensing factor MCM6'
4 polymer 'Minichromosome maintenance protein 5'
5 polymer 'DNA replication licensing factor MCM4'
6 polymer 'DNA replication licensing factor MCM3'
#
loop_
_entity_poly.entity_id
_entity_poly.type
_entity_poly.pdbx_seq_one_letter_code
_entity_poly.pdbx_strand_id
1 'polypeptide(L)'
;MSDNRRRRREEDDSDSENELPPSSPQQHFRGGMNPVSSPIGSPDMINPEGDDNEVDDVPDIDEVEEQMNEVDLMDDNMYE
DYAADHNRDRYDPDQVDDREQQELSLSERRRIDAQLNERDRLLRNVAYIDDEDEEQEGAAQLDEMGLPVQRRRRRRQYED
LENSDDDLLSDMDIDPLREELTLESLSNVKANSYSEWITQPNVSRTIARELKSFLLEYTDETGRSVYGARIRTLGEMNSE
SLEVNYRHLAESKAILALFLAKCPEEMLKIFDLVAMEATELHYPDYARIHSEIHVRISDFPTIYSLRELRESNLSSLVRV
TGVVTRRTGVFPQLKYVKFNCLKCGSILGPFFQDSNEEIRISFCTNCKSKGPFRVNGEKTVYRNYQRVTLQEAPGTVPPG
RLPRHREVILLADLVDVSKPGEEVEVTGIYKNNYDGNLNAKNGFPVFATIIEANSIKRREGNTANEGEEGLDVFSWTEEE
EREFRKISRDRGIIDKIISSMAPSIYGHRDIKTAVACSLFGGVPKNVNGKHSIRGDINVLLLGDPGTAKSQILKYVEKTA
HRAVFATGQGASAVGLTASVRKDPITKEWTLEGGALVLADKGVCLIDEFDKMNDQDRTSIHEAMEQQSISISKAGIVTTL
QARCSIIAAANPNGGRYNSTLPLAQNVSLTEPILSRFDILCVVRDLVDEEADERLATFVVDSHVRSHPENDEDREGEELK
NNGESAIEQGEDEINEQLNARQRRLQRQRKKEEEISPIPQELLMKYIHYARTKIYPKLHQMDMDKVSRVYADLRRESIST
GSFPITVRHLESILRIAESFAKMRLSEFVSSYDLDRAIKVVVDSFVDAQKVSVRRQLRRSFAIYTLGH
;
2
2 'polypeptide(L)'
;MSAALPSIQLPVDYNNLFNEITDFLVTFKQDTLSSDATRNENEDENLDAENIEQHLLEKGPKYMAMLQKVANRELNSVII
DLDDILQYQNEKFLQGTQADDLVSAIQQNANHFTELFCRAIDNNMPLPTKEIDYKDDVLDVILNQRRLRNERMLSDRTNE
IRSENLMDTTMDPPSSMNDALREVVEDETELFPPNLTRRYFLYFKPLSQNCARRYRKKAISSKPLSVRQIKGDFLGQLIT
VRGIITRVSDVKPAVEVIAYTCDQCGYEVFQEVNSRTFTPLSECTSEECSQNQTKGQLFMSTRASKFSAFQECKIQELSQ
QVPVGHIPRSLNIHVNGTLVRSLSPGDIVDVTGIFLPAPYTGFKALKAGLLTETYLEAQFVRQHKKKFASFSLTSDVEER
VMELITSGDVYNRLAKSIAPEIYGNLDVKKALLLLLVGGVDKRVGDGMKIRGDINVCLMGDPGVAKSQLLKAICKISPRG
VYTTGKGSSGVGLTAAVMKDPVTDEMILEGGALVLADNGICCIDEFDKMDESDRTAIHEVMEQQTISISKAGINTTLNAR
TSILAAANPLYGRYNPRLSPLDNINLPAALLSRFDILFLMLDIPSRDDDEKLAEHVTYVHMHNKQPDLDFTPVEPSKMRE
YIAYAKTKRPVMSEAVNDYVVQAYIRLRQDSKREMDSKFSFGQATPRTLLGIIRLSQALAKLRLADMVDIDDVEEALRLV
RVSKESLYQETNKSKEDESPTTKIFTIIKKMLQETGKNTLSYENIVKTVRLRGFTMLQLSNCIQEYSYLNVWHLINEGNT
LKFVDDGTMDTDQEDSLVSTPKLAPQTTASANVSAQDSDIDLQDA
;
7
3 'polypeptide(L)'
;MSSPFPADTPSSNRPSNSSPPPSSIGAGFGSSSGLDSQIGSRLHFPSSSQPHVSNSQTGPFVNDSTQFSSQRLQTDGSAT
NDMEGNEPARSFKSRALNHVKKVDDVTGEKVREAFEQFLEDFSVQSTDTGEVEKVYRAQIEFMKIYDLNTIYIDYQHLSM
RENGALAMAISEQYYRFLPFLQKGLRRVVRKYAPELLNTSDSLKRSEGDEGQADEDEQQDDDMNGSSLPRDSGSSAAPGN
GTSAMATRSITTSTSPEQTERVFQISFFNLPTVHRIRDIRSEKIGSLLSISGTVTRTSEVRPELYKASFTCDMCRAIVDN
VEQSFKYTEPTFCPNPSCENRAFWTLNVTRSRFLDWQKVRIQENANEIPTGSMPRTLDVILRGDSVERAKPGDRCKFTGV
EIVVPDVTQLGLPGVKPSSTLDTRGISKTTEGLNSGVTGLRSLGVRDLTYKISFLACHVISIGSNIGASSPDANSNNRET
ELQMAANLQANNVYQDNERDQEVFLNSLSSDEINELKEMVKDEHIYDKLVRSIAPAVFGHEAVKKGILLQMLGGVHKSTV
EGIKLRGDINICVVGDPSTSKSQFLKYVVGFAPRSVYTSGKASSAAGLTAAVVRDEEGGDYTIEAGALMLADNGICCIDE
FDKMDISDQVAIHEAMEQQTISIAKAGIHATLNARTSILAAANPVGGRYNRKLSLRGNLNMTAPIMSRFDLFFVILDDCN
EKIDTELASHIVDLHMKRDEAIEPPFSAEQLRRYIKYARTFKPILTKEARSYLVEKYKELRKDDAQGFSRSSYRITVRQL
ESMIRLSEAIARANCVDEITPSFIAEAYDLLRQSIIRVDVDDVEMDEEFDNIESQSHAASGNNDDNDDGTGSGVITSEPP
ADIEEGQSEATARPGTSEKKKTTVTYDKYVSMMNMIVRKIAEVDREGAEELTAVDIVDWYLLQKENDLGSLAEYWEERRL
AFKVIKRLVKDRILMEIHGTRHNLRDLENEENENNKTVYVIHPNCEVLDQLEPQDSS
;
6
4 'polypeptide(L)'
;MSFDRPEIYSAPVLQGESPNDDDNTEIIKSFKNFILEFRLDSQFIYRDQLRNNILVKNYSLTVNMEHLIGYNEDIYKKLS
DEPSDIIPLFETAITQVAKRISILSRAQSANNNDKDPENTSMDTDSLLLNSLPTFQLILNSNANQIPLRDLDSEHVSKIV
RLSGIIISTSVLSSRATYLSIMCRNCRHTTSITINNFNSITGNTVSLPRSCLSTIESESSMANESNIGDESTKKNCGPDP
YIIIHESSKFIDQQFLKLQEIPELVPVGEMPRNLTMTCDRYLTNKVIPGTRVTIVGIYSIYNSKNGAGSGRSGGGNGGSG
VAIRTPYIKILGIQSDVETSSIWNSVTMFTEEEEEEFLQLSRNPKLYEILTNSIAPSIFGNEDIKKAIVCLLMGGSKKIL
PDGMRLRGDINVLLLGDPGTAKSQLLKFVEKVSPIAVYTSGKGSSAAGLTASVQRDPMTREFYLEGGAMVLADGGVVCID
EFDKMRDEDRVAIHEAMEQQTISIAKAGITTVLNSRTSVLAAANPIYGRYDDLKSPGDNIDFQTTILSRFDMIFIVKDDH
NEERDISIANHVINIHTGNANAMQNQQEENGSEISIEKMKRYITYCRLKCAPRLSPQAAEKLSSNFVTIRKQLLINELES
TERSSIPITIRQLEAIIRITESLAKLELSPIAQERHVDEAIRLFQASTMDAASQDPIGGLNQASGTSLSEIRRFEQELKR
RLPIGWSTSYQTLRREFVDTHRFSQLALDKALYALEKHETIQLRHQGQNIYRSGV
;
5
5 'polypeptide(L)'
;MSQQSSSPTKEDNNSSSPVVPNPDSVPPQLSSPALFYSSSSSQGDIYGRNNSQNLSQGEGNIRAAIGSSPLNFPSSSQRQ
NSDVFQSQGRQGRIRSSASASGRSRYHSDLRSDRALPTSSSSLGRNGQNRVHMRRNDIHTSDLSSPRRIVDFDTRSGVNT
LDTSSSSAPPSEASEPLRIIWGTNVSIQECTTNFRNFLMSFKYKFRKILDEREEFINNTTDEELYYIKQLNEMRELGTSN
LNLDARNLLAYKQTEDLYHQLLNYPQEVISIMDQTIKDCMVSLIVDNNLDYDLDEIETKFYKVRPYNVGSCKGMRELNPN
DIDKLINLKGLVLRSTPVIPDMKVAFFKCNVCDHTMAVEIDRGVIQEPARCERIDCNEPNSMSLIHNRCSFADKQVIKLQ
ETPDFVPDGQTPHSISLCVYDELVDSCRAGDRIEVTGTFRSIPIRANSRQRVLKSLYKTYVDVVHVKKVSDKRLDVDTST
IEQELMQNKVDHNEVEEVRQITDQDLAKIREVAAREDLYSLLARSIAPSIYELEDVKKGILLQLFGGTNKTFTKGGRYRG
DINILLCGDPSTSKSQILQYVHKITPRGVYTSGKGSSAVGLTAYITRDVDTKQLVLESGALVLSDGGVCCIDEFDKMSDS
TRSVLHEVMEQQTISIAKAGIITTLNARSSILASANPIGSRYNPNLPVTENIDLPPPLLSRFDLVYLVLDKVDEKNDREL
AKHLTNLYLEDKPEHISQDDVLPVEFLTMYISYAKEHIHPIITEAAKTELVRAYVGMRKMGDDSRSDEKRITATTRQLES
MIRLAEAHAKMKLKNVVELEDVQEAVRLIRSAIKDYATDPKTGKIDMNLVQTGKSVIQRKLQEDLSREIMNVLKDQASDS
MSFNELIKQINEHSQDRVESSDIQEALSRLQQEDKVIVLGEGVRRSVRLNNRV
;
4
6 'polypeptide(L)'
;MEGSTGFDGDATTFFAPDAVFGDRVRRFQEFLDTFTSYRDSVRSIQVYNSNNAANYNDDQDDADERDLLGDDDGDDLEKE
KKAASSTSLNILPHRIIISLDDLREFDRSFWSGILVEPAYFIPPAEKALTDLADSMDDVPHPNASAVSSRHPWKLSFKGS
FGAHALSPRTLTAQHLNKLVSVEGIVTKTSLVRPKLIRSVHYAAKTGRFHYRDYTDATTTLTTRIPTPAIYPTEDTEGNK
LTTEYGYSTFIDHQRITVQEMPEMAPAGQLPRSIDVILDDDLVDKTKPGDRVNVVGVFKSLGAGGMNQSNSNTLIGFKTL
ILGNTVYPLHARSTGVAARQMLTDFDIRNINKLSKKKDIFDILSQSLAPSIYGHDHIKKAILLMLMGGVEKNLENGSHLR
GDINILMVGDPSTAKSQLLRFVLNTASLAIATTGRGSSGVGLTAAVTTDRETGERRLEAGAMVLADRGVVCIDEFDKMTD
VDRVAIHEVMEQQTVTIAKAGIHTTLNARCSVIAAANPVFGQYDVNRDPHQNIALPDSLLSRFDLLFVVTDDINEIRDRS
ISEHVLRTHRYLPPGYLEGEPVRERLNLSLAVGEDADINPEEHSNSGAGVENEGEDDEDHVFEKFNPLLQAGAKLAKNKG
NYNGTEIPKLVTIPFLRKYVQYAKERVIPQLTQEAINVIVKNYTDLRNDDNTKKSPITARTLETLIRLATAHAKVRLSKT
VNKVDAKVAANLLRFALLGEDIGNDIDEEESEYEEALSKRSPQKSPKKRQRVRQPASNSGSPIKSTPRRSTASSVNATPS
SARRILRFQDDEQNAGEDDNDIMSPLPADEEAELQRRLQLGLRVSPRRREHLHAPEEGSSGPLTEVGTPRLPNVSSAGQD
DEQQQSVISFDNVEPGTISTGRLSLISGIIARLMQTEIFEEESYPVASLFERINEELPEEEKFSAQEYLAGLKIMSDRNN
LMVADDKVWRV
;
3
#
# COMPACT_ATOMS: atom_id res chain seq x y z
N PRO A 201 -26.44 -35.23 -30.04
CA PRO A 201 -27.36 -35.94 -30.93
C PRO A 201 -26.68 -37.09 -31.65
N ASN A 202 -27.48 -38.05 -32.13
CA ASN A 202 -26.95 -39.20 -32.84
C ASN A 202 -26.84 -38.89 -34.32
N VAL A 203 -27.36 -37.74 -34.76
CA VAL A 203 -27.35 -37.33 -36.17
C VAL A 203 -25.91 -37.00 -36.62
N SER A 204 -25.01 -36.66 -35.67
CA SER A 204 -23.59 -36.43 -35.96
C SER A 204 -22.91 -37.74 -36.33
N ARG A 205 -23.46 -38.87 -35.83
CA ARG A 205 -22.94 -40.19 -36.17
C ARG A 205 -23.23 -40.57 -37.62
N THR A 206 -24.24 -39.94 -38.25
CA THR A 206 -24.45 -40.29 -39.65
C THR A 206 -23.75 -39.22 -40.46
N ILE A 207 -23.29 -38.15 -39.79
CA ILE A 207 -22.57 -37.10 -40.49
C ILE A 207 -21.13 -37.56 -40.64
N ALA A 208 -20.55 -38.06 -39.53
CA ALA A 208 -19.17 -38.54 -39.37
C ALA A 208 -18.78 -39.58 -40.41
N ARG A 209 -19.59 -40.66 -40.48
CA ARG A 209 -19.41 -41.74 -41.45
C ARG A 209 -19.62 -41.31 -42.91
N GLU A 210 -20.27 -40.17 -43.12
CA GLU A 210 -20.43 -39.65 -44.47
C GLU A 210 -19.10 -39.02 -44.87
N LEU A 211 -18.54 -38.13 -44.01
CA LEU A 211 -17.30 -37.47 -44.43
C LEU A 211 -16.07 -38.34 -44.31
N LYS A 212 -16.19 -39.44 -43.56
CA LYS A 212 -15.13 -40.44 -43.43
C LYS A 212 -15.05 -41.17 -44.77
N SER A 213 -16.20 -41.31 -45.44
CA SER A 213 -16.18 -41.93 -46.75
C SER A 213 -15.80 -40.88 -47.80
N PHE A 214 -15.94 -39.58 -47.46
CA PHE A 214 -15.64 -38.54 -48.45
C PHE A 214 -14.15 -38.30 -48.65
N LEU A 215 -13.37 -38.34 -47.56
CA LEU A 215 -11.93 -38.09 -47.60
C LEU A 215 -11.16 -39.19 -48.35
N LEU A 216 -11.74 -40.38 -48.45
CA LEU A 216 -11.08 -41.45 -49.19
C LEU A 216 -11.56 -41.46 -50.63
N GLU A 217 -12.49 -40.57 -51.03
CA GLU A 217 -12.95 -40.63 -52.41
C GLU A 217 -12.75 -39.36 -53.22
N TYR A 218 -12.16 -38.31 -52.63
CA TYR A 218 -12.01 -37.08 -53.39
C TYR A 218 -10.86 -37.11 -54.40
N THR A 219 -11.21 -37.36 -55.66
CA THR A 219 -10.28 -37.40 -56.76
C THR A 219 -10.82 -36.39 -57.77
N ASP A 220 -10.26 -35.18 -57.75
CA ASP A 220 -10.73 -34.13 -58.64
C ASP A 220 -9.87 -34.04 -59.90
N GLU A 221 -8.57 -34.26 -59.77
CA GLU A 221 -7.67 -34.17 -60.91
C GLU A 221 -6.92 -35.46 -61.13
N THR A 222 -7.05 -36.01 -62.36
CA THR A 222 -6.45 -37.24 -62.88
C THR A 222 -6.66 -38.50 -62.04
N GLY A 223 -7.77 -38.57 -61.30
CA GLY A 223 -8.10 -39.70 -60.45
C GLY A 223 -7.21 -39.88 -59.24
N ARG A 224 -6.52 -38.84 -58.81
CA ARG A 224 -5.62 -38.94 -57.67
C ARG A 224 -6.22 -38.37 -56.39
N SER A 225 -6.19 -39.17 -55.32
CA SER A 225 -6.69 -38.73 -54.04
C SER A 225 -5.64 -37.84 -53.37
N VAL A 226 -5.91 -36.54 -53.37
CA VAL A 226 -4.98 -35.57 -52.79
C VAL A 226 -4.94 -35.58 -51.27
N TYR A 227 -5.97 -36.15 -50.62
CA TYR A 227 -6.03 -36.20 -49.17
C TYR A 227 -5.01 -37.16 -48.57
N GLY A 228 -4.57 -38.16 -49.35
CA GLY A 228 -3.53 -39.06 -48.87
C GLY A 228 -2.19 -38.37 -48.81
N ALA A 229 -1.94 -37.47 -49.78
CA ALA A 229 -0.72 -36.68 -49.80
C ALA A 229 -0.78 -35.61 -48.70
N ARG A 230 -1.99 -35.09 -48.44
CA ARG A 230 -2.20 -34.12 -47.38
C ARG A 230 -2.00 -34.73 -46.00
N ILE A 231 -2.50 -35.95 -45.79
CA ILE A 231 -2.35 -36.62 -44.51
C ILE A 231 -0.91 -37.13 -44.31
N ARG A 232 -0.18 -37.45 -45.39
CA ARG A 232 1.21 -37.88 -45.20
C ARG A 232 2.11 -36.67 -44.97
N THR A 233 1.72 -35.49 -45.48
CA THR A 233 2.54 -34.31 -45.22
C THR A 233 2.29 -33.79 -43.81
N LEU A 234 1.08 -33.98 -43.28
CA LEU A 234 0.84 -33.51 -41.93
C LEU A 234 1.39 -34.54 -40.94
N GLY A 235 1.45 -35.82 -41.33
CA GLY A 235 1.98 -36.82 -40.43
C GLY A 235 3.49 -36.89 -40.40
N GLU A 236 4.15 -36.59 -41.53
CA GLU A 236 5.60 -36.66 -41.55
C GLU A 236 6.24 -35.41 -40.96
N MET A 237 5.59 -34.26 -41.10
CA MET A 237 6.14 -33.02 -40.59
C MET A 237 5.54 -32.63 -39.25
N ASN A 238 4.80 -33.57 -38.62
CA ASN A 238 4.11 -33.44 -37.32
C ASN A 238 3.16 -32.26 -37.18
N SER A 239 2.51 -31.89 -38.28
CA SER A 239 1.60 -30.76 -38.27
C SER A 239 0.25 -31.13 -37.68
N GLU A 240 -0.49 -30.10 -37.26
CA GLU A 240 -1.81 -30.28 -36.68
C GLU A 240 -2.86 -29.54 -37.49
N SER A 241 -2.44 -28.86 -38.55
CA SER A 241 -3.35 -28.10 -39.40
C SER A 241 -3.70 -28.88 -40.66
N LEU A 242 -4.99 -29.14 -40.85
CA LEU A 242 -5.48 -29.86 -42.01
C LEU A 242 -6.21 -28.85 -42.89
N GLU A 243 -5.95 -28.90 -44.19
CA GLU A 243 -6.55 -27.97 -45.15
C GLU A 243 -7.69 -28.57 -45.96
N VAL A 244 -8.85 -27.92 -45.92
CA VAL A 244 -10.05 -28.34 -46.64
C VAL A 244 -10.62 -27.11 -47.33
N ASN A 245 -10.82 -27.19 -48.64
CA ASN A 245 -11.41 -26.12 -49.42
C ASN A 245 -12.92 -26.26 -49.26
N TYR A 246 -13.62 -25.12 -49.25
CA TYR A 246 -15.07 -25.13 -49.07
C TYR A 246 -15.82 -25.66 -50.29
N ARG A 247 -15.28 -25.39 -51.48
CA ARG A 247 -15.89 -25.78 -52.74
C ARG A 247 -15.94 -27.28 -52.98
N HIS A 248 -14.93 -28.01 -52.47
CA HIS A 248 -14.81 -29.47 -52.60
C HIS A 248 -15.94 -30.23 -51.89
N LEU A 249 -16.12 -29.96 -50.59
CA LEU A 249 -17.20 -30.63 -49.88
C LEU A 249 -18.53 -29.97 -50.20
N ALA A 250 -18.52 -28.72 -50.70
CA ALA A 250 -19.77 -28.07 -51.09
C ALA A 250 -20.30 -28.67 -52.39
N GLU A 251 -19.39 -29.14 -53.24
CA GLU A 251 -19.80 -29.79 -54.49
C GLU A 251 -20.19 -31.20 -54.11
N SER A 252 -19.56 -31.76 -53.08
CA SER A 252 -19.91 -33.12 -52.65
C SER A 252 -21.24 -33.14 -51.91
N LYS A 253 -21.37 -32.34 -50.85
CA LYS A 253 -22.60 -32.29 -50.05
C LYS A 253 -22.88 -30.89 -49.53
N ALA A 254 -23.93 -30.26 -50.05
CA ALA A 254 -24.29 -28.90 -49.63
C ALA A 254 -24.91 -28.83 -48.23
N ILE A 255 -25.38 -29.97 -47.70
CA ILE A 255 -25.98 -29.99 -46.37
C ILE A 255 -24.88 -29.86 -45.32
N LEU A 256 -23.65 -30.33 -45.62
CA LEU A 256 -22.53 -30.19 -44.70
C LEU A 256 -22.05 -28.74 -44.70
N ALA A 257 -22.15 -28.09 -45.87
CA ALA A 257 -21.80 -26.68 -46.00
C ALA A 257 -22.82 -25.80 -45.28
N LEU A 258 -24.09 -26.22 -45.31
CA LEU A 258 -25.16 -25.49 -44.63
C LEU A 258 -25.01 -25.66 -43.13
N PHE A 259 -24.56 -26.85 -42.69
CA PHE A 259 -24.34 -27.09 -41.27
C PHE A 259 -23.11 -26.35 -40.77
N LEU A 260 -22.10 -26.19 -41.63
CA LEU A 260 -20.90 -25.46 -41.25
C LEU A 260 -21.20 -23.97 -41.22
N ALA A 261 -22.12 -23.51 -42.09
CA ALA A 261 -22.48 -22.10 -42.08
C ALA A 261 -23.44 -21.78 -40.94
N LYS A 262 -24.22 -22.78 -40.50
CA LYS A 262 -25.17 -22.53 -39.41
C LYS A 262 -24.56 -22.74 -38.04
N CYS A 263 -24.10 -23.95 -37.74
CA CYS A 263 -23.52 -24.25 -36.43
C CYS A 263 -22.10 -24.82 -36.58
N PRO A 264 -21.10 -23.94 -36.78
CA PRO A 264 -19.73 -24.45 -36.94
C PRO A 264 -19.08 -24.94 -35.67
N GLU A 265 -19.59 -24.54 -34.50
CA GLU A 265 -19.01 -24.99 -33.23
C GLU A 265 -19.34 -26.45 -32.98
N GLU A 266 -20.53 -26.90 -33.39
CA GLU A 266 -20.86 -28.30 -33.22
C GLU A 266 -20.42 -29.04 -34.48
N MET A 267 -20.15 -28.31 -35.56
CA MET A 267 -19.67 -28.96 -36.78
C MET A 267 -18.18 -29.26 -36.63
N LEU A 268 -17.49 -28.51 -35.77
CA LEU A 268 -16.06 -28.68 -35.51
C LEU A 268 -15.78 -29.81 -34.54
N LYS A 269 -16.81 -30.43 -33.96
CA LYS A 269 -16.60 -31.53 -33.02
C LYS A 269 -16.53 -32.84 -33.79
N ILE A 270 -16.86 -32.82 -35.06
CA ILE A 270 -16.87 -34.01 -35.90
C ILE A 270 -15.61 -34.08 -36.74
N PHE A 271 -15.18 -32.90 -37.21
CA PHE A 271 -14.01 -32.74 -38.08
C PHE A 271 -12.70 -33.20 -37.47
N ASP A 272 -12.41 -32.76 -36.24
CA ASP A 272 -11.18 -33.12 -35.52
C ASP A 272 -11.14 -34.60 -35.16
N LEU A 273 -12.30 -35.16 -34.83
CA LEU A 273 -12.41 -36.58 -34.49
C LEU A 273 -12.19 -37.47 -35.69
N VAL A 274 -12.78 -37.12 -36.84
CA VAL A 274 -12.61 -37.94 -38.04
C VAL A 274 -11.20 -37.72 -38.63
N ALA A 275 -10.57 -36.56 -38.37
CA ALA A 275 -9.21 -36.31 -38.83
C ALA A 275 -8.20 -37.11 -38.00
N MET A 276 -8.46 -37.20 -36.68
CA MET A 276 -7.60 -37.98 -35.80
C MET A 276 -7.78 -39.48 -36.06
N GLU A 277 -8.99 -39.89 -36.45
CA GLU A 277 -9.25 -41.28 -36.77
C GLU A 277 -8.59 -41.68 -38.10
N ALA A 278 -8.57 -40.75 -39.06
CA ALA A 278 -7.91 -41.01 -40.34
C ALA A 278 -6.40 -41.01 -40.17
N THR A 279 -5.89 -40.16 -39.28
CA THR A 279 -4.46 -40.12 -39.00
C THR A 279 -4.04 -41.33 -38.18
N GLU A 280 -4.95 -41.87 -37.37
CA GLU A 280 -4.61 -43.03 -36.56
C GLU A 280 -4.62 -44.31 -37.38
N LEU A 281 -5.51 -44.44 -38.38
CA LEU A 281 -5.44 -45.69 -39.14
C LEU A 281 -4.43 -45.51 -40.26
N HIS A 282 -4.00 -44.28 -40.55
CA HIS A 282 -2.98 -44.11 -41.58
C HIS A 282 -1.61 -44.19 -40.94
N TYR A 283 -1.48 -43.69 -39.71
CA TYR A 283 -0.22 -43.71 -38.97
C TYR A 283 -0.43 -44.27 -37.57
N PRO A 284 0.31 -45.31 -37.18
CA PRO A 284 0.12 -45.87 -35.83
C PRO A 284 0.79 -45.01 -34.77
N ASP A 285 0.19 -45.00 -33.57
CA ASP A 285 0.58 -44.28 -32.36
C ASP A 285 0.77 -42.78 -32.54
N TYR A 286 -0.13 -42.13 -33.29
CA TYR A 286 -0.02 -40.70 -33.50
C TYR A 286 -0.63 -39.94 -32.32
N ALA A 287 -1.43 -40.63 -31.51
CA ALA A 287 -2.07 -40.01 -30.35
C ALA A 287 -1.11 -39.85 -29.17
N ARG A 288 0.07 -40.46 -29.22
CA ARG A 288 1.03 -40.32 -28.12
C ARG A 288 1.67 -38.94 -28.13
N ILE A 289 1.93 -38.40 -29.32
CA ILE A 289 2.53 -37.07 -29.40
C ILE A 289 1.46 -36.00 -29.54
N HIS A 290 0.59 -36.11 -30.54
CA HIS A 290 -0.47 -35.14 -30.78
C HIS A 290 -1.84 -35.69 -30.43
N SER A 291 -2.51 -35.06 -29.48
CA SER A 291 -3.83 -35.53 -29.07
C SER A 291 -4.94 -35.04 -29.98
N GLU A 292 -4.87 -33.79 -30.40
CA GLU A 292 -5.91 -33.22 -31.27
C GLU A 292 -5.31 -32.58 -32.50
N ILE A 293 -6.04 -32.67 -33.61
CA ILE A 293 -5.65 -32.10 -34.88
C ILE A 293 -6.83 -31.27 -35.37
N HIS A 294 -6.57 -29.99 -35.62
CA HIS A 294 -7.61 -29.08 -36.07
C HIS A 294 -7.64 -29.04 -37.59
N VAL A 295 -8.65 -28.36 -38.13
CA VAL A 295 -8.82 -28.23 -39.57
C VAL A 295 -8.85 -26.75 -39.95
N ARG A 296 -8.49 -26.45 -41.18
CA ARG A 296 -8.48 -25.07 -41.67
C ARG A 296 -9.49 -24.88 -42.79
N ILE A 297 -10.64 -24.29 -42.44
CA ILE A 297 -11.67 -24.06 -43.44
C ILE A 297 -11.33 -22.84 -44.27
N SER A 298 -10.92 -23.07 -45.51
CA SER A 298 -10.56 -21.99 -46.41
C SER A 298 -11.58 -21.88 -47.54
N ASP A 299 -11.29 -20.95 -48.46
CA ASP A 299 -12.07 -20.61 -49.67
C ASP A 299 -13.52 -20.24 -49.37
N PHE A 300 -13.73 -19.32 -48.44
CA PHE A 300 -15.08 -18.88 -48.11
C PHE A 300 -15.55 -17.94 -49.22
N PRO A 301 -16.71 -18.22 -49.83
CA PRO A 301 -17.17 -17.36 -50.94
C PRO A 301 -17.67 -15.99 -50.53
N THR A 302 -18.48 -15.90 -49.48
CA THR A 302 -18.99 -14.59 -49.06
C THR A 302 -18.08 -13.82 -48.10
N ILE A 303 -17.16 -13.06 -48.68
CA ILE A 303 -16.24 -12.27 -47.90
C ILE A 303 -16.95 -11.03 -47.38
N TYR A 304 -17.04 -10.91 -46.07
CA TYR A 304 -17.70 -9.78 -45.42
C TYR A 304 -16.74 -8.66 -45.06
N SER A 305 -17.31 -7.50 -44.76
CA SER A 305 -16.51 -6.36 -44.33
C SER A 305 -16.67 -6.23 -42.82
N LEU A 306 -15.94 -5.28 -42.23
CA LEU A 306 -16.04 -5.12 -40.79
C LEU A 306 -17.25 -4.29 -40.41
N ARG A 307 -17.84 -3.57 -41.35
CA ARG A 307 -19.02 -2.76 -41.03
C ARG A 307 -20.31 -3.53 -41.25
N GLU A 308 -20.22 -4.74 -41.80
CA GLU A 308 -21.39 -5.56 -42.06
C GLU A 308 -21.52 -6.61 -40.95
N LEU A 309 -20.69 -6.52 -39.92
CA LEU A 309 -20.78 -7.47 -38.81
C LEU A 309 -21.95 -7.06 -37.93
N ARG A 310 -23.04 -7.82 -38.03
CA ARG A 310 -24.25 -7.51 -37.28
C ARG A 310 -24.67 -8.65 -36.36
N GLU A 311 -25.88 -8.51 -35.78
CA GLU A 311 -26.41 -9.50 -34.85
C GLU A 311 -26.82 -10.79 -35.56
N SER A 312 -27.10 -10.73 -36.86
CA SER A 312 -27.49 -11.91 -37.61
C SER A 312 -26.31 -12.80 -37.97
N ASN A 313 -25.08 -12.29 -37.85
CA ASN A 313 -23.91 -13.08 -38.17
C ASN A 313 -23.33 -13.80 -36.95
N LEU A 314 -24.07 -13.84 -35.85
CA LEU A 314 -23.61 -14.49 -34.64
C LEU A 314 -23.66 -16.02 -34.79
N SER A 315 -22.67 -16.67 -34.16
CA SER A 315 -22.42 -18.12 -34.13
C SER A 315 -22.30 -18.71 -35.52
N SER A 316 -21.55 -18.06 -36.40
CA SER A 316 -21.38 -18.52 -37.76
C SER A 316 -20.01 -18.20 -38.34
N LEU A 317 -19.72 -18.83 -39.46
CA LEU A 317 -18.45 -18.65 -40.15
C LEU A 317 -18.47 -17.36 -40.95
N VAL A 318 -17.36 -16.61 -40.89
CA VAL A 318 -17.23 -15.35 -41.58
C VAL A 318 -15.77 -15.11 -41.97
N ARG A 319 -15.56 -14.66 -43.21
CA ARG A 319 -14.25 -14.33 -43.74
C ARG A 319 -14.20 -12.81 -43.87
N VAL A 320 -13.27 -12.20 -43.14
CA VAL A 320 -13.14 -10.76 -43.13
C VAL A 320 -11.71 -10.32 -43.46
N THR A 321 -11.59 -9.16 -44.09
CA THR A 321 -10.30 -8.58 -44.47
C THR A 321 -9.95 -7.52 -43.45
N GLY A 322 -8.66 -7.31 -43.24
CA GLY A 322 -8.26 -6.30 -42.30
C GLY A 322 -6.77 -6.12 -42.22
N VAL A 323 -6.36 -5.37 -41.21
CA VAL A 323 -4.96 -5.07 -40.92
C VAL A 323 -4.79 -5.37 -39.43
N VAL A 324 -3.74 -6.10 -39.09
CA VAL A 324 -3.51 -6.50 -37.71
C VAL A 324 -2.62 -5.52 -36.94
N THR A 325 -2.93 -5.30 -35.66
CA THR A 325 -2.18 -4.39 -34.81
C THR A 325 -2.34 -5.02 -33.43
N ARG A 326 -1.54 -4.48 -32.50
CA ARG A 326 -1.47 -4.88 -31.09
C ARG A 326 -1.08 -6.34 -30.97
N ARG A 327 0.23 -6.62 -31.04
CA ARG A 327 0.67 -8.00 -30.95
C ARG A 327 1.10 -8.42 -29.55
N THR A 328 0.28 -9.26 -28.94
CA THR A 328 0.54 -9.82 -27.63
C THR A 328 0.44 -11.31 -27.89
N GLY A 329 1.45 -12.09 -27.53
CA GLY A 329 1.42 -13.51 -27.82
C GLY A 329 1.84 -14.50 -26.75
N VAL A 330 1.40 -15.74 -26.94
CA VAL A 330 1.68 -16.90 -26.08
C VAL A 330 1.34 -16.76 -24.59
N PHE A 331 0.20 -16.15 -24.30
CA PHE A 331 -0.21 -15.98 -22.92
C PHE A 331 -1.45 -16.81 -22.63
N PRO A 332 -1.38 -17.65 -21.58
CA PRO A 332 -2.49 -18.51 -21.17
C PRO A 332 -3.44 -17.77 -20.24
N GLN A 333 -4.43 -17.09 -20.83
CA GLN A 333 -5.41 -16.35 -20.05
C GLN A 333 -6.39 -17.35 -19.44
N LEU A 334 -6.98 -16.95 -18.33
CA LEU A 334 -7.93 -17.75 -17.55
C LEU A 334 -9.19 -18.21 -18.28
N LYS A 335 -9.64 -19.47 -17.99
CA LYS A 335 -10.86 -19.93 -18.65
C LYS A 335 -11.81 -20.51 -17.61
N TYR A 336 -11.31 -20.84 -16.43
CA TYR A 336 -12.10 -21.37 -15.33
C TYR A 336 -11.52 -20.68 -14.10
N VAL A 337 -12.29 -19.79 -13.50
CA VAL A 337 -11.82 -19.01 -12.36
C VAL A 337 -12.31 -19.57 -11.02
N LYS A 338 -11.37 -19.67 -10.07
CA LYS A 338 -11.61 -20.13 -8.71
C LYS A 338 -11.13 -19.04 -7.78
N PHE A 339 -11.57 -19.07 -6.53
CA PHE A 339 -11.18 -18.04 -5.59
C PHE A 339 -10.85 -18.47 -4.16
N ASN A 340 -9.64 -18.13 -3.73
CA ASN A 340 -9.16 -18.37 -2.39
C ASN A 340 -9.82 -17.35 -1.47
N CYS A 341 -10.32 -17.82 -0.34
CA CYS A 341 -10.96 -16.98 0.66
C CYS A 341 -10.10 -17.02 1.91
N LEU A 342 -10.00 -15.88 2.60
CA LEU A 342 -9.17 -15.83 3.79
C LEU A 342 -10.00 -15.87 5.07
N LYS A 343 -11.31 -15.71 4.96
CA LYS A 343 -12.14 -15.74 6.15
C LYS A 343 -12.57 -17.14 6.50
N CYS A 344 -12.36 -18.09 5.60
CA CYS A 344 -12.72 -19.48 5.85
C CYS A 344 -11.72 -20.37 5.15
N GLY A 345 -11.73 -21.65 5.49
CA GLY A 345 -10.82 -22.60 4.88
C GLY A 345 -11.42 -23.34 3.70
N SER A 346 -12.19 -22.64 2.88
CA SER A 346 -12.83 -23.26 1.73
C SER A 346 -12.46 -22.57 0.43
N ILE A 347 -13.07 -23.03 -0.66
CA ILE A 347 -12.83 -22.50 -1.98
C ILE A 347 -14.18 -22.09 -2.58
N LEU A 348 -14.17 -21.30 -3.64
CA LEU A 348 -15.38 -20.88 -4.32
C LEU A 348 -15.56 -21.93 -5.41
N GLY A 349 -16.79 -22.06 -5.93
CA GLY A 349 -17.09 -23.01 -6.95
C GLY A 349 -16.53 -22.62 -8.32
N PRO A 350 -16.64 -23.52 -9.29
CA PRO A 350 -16.13 -23.22 -10.63
C PRO A 350 -17.02 -22.24 -11.37
N PHE A 351 -16.40 -21.20 -11.90
CA PHE A 351 -17.08 -20.15 -12.64
C PHE A 351 -16.44 -20.04 -14.00
N PHE A 352 -17.26 -20.04 -15.05
CA PHE A 352 -16.72 -19.91 -16.38
C PHE A 352 -16.42 -18.44 -16.63
N GLN A 353 -15.20 -18.16 -17.04
CA GLN A 353 -14.76 -16.80 -17.30
C GLN A 353 -15.36 -16.27 -18.60
N ASP A 354 -16.07 -15.14 -18.49
CA ASP A 354 -16.64 -14.49 -19.65
C ASP A 354 -15.41 -13.78 -20.22
N SER A 355 -15.12 -14.06 -21.48
CA SER A 355 -13.92 -13.53 -22.11
C SER A 355 -13.82 -12.03 -22.39
N ASN A 356 -14.91 -11.27 -22.23
CA ASN A 356 -14.80 -9.84 -22.49
C ASN A 356 -14.78 -9.00 -21.22
N GLU A 357 -15.21 -9.56 -20.09
CA GLU A 357 -15.25 -8.82 -18.83
C GLU A 357 -15.07 -9.73 -17.63
N GLU A 358 -14.37 -9.24 -16.61
CA GLU A 358 -14.13 -9.98 -15.39
C GLU A 358 -15.40 -10.10 -14.55
N ILE A 359 -15.45 -11.11 -13.67
CA ILE A 359 -16.61 -11.36 -12.82
C ILE A 359 -16.25 -11.24 -11.35
N ARG A 360 -17.00 -10.39 -10.63
CA ARG A 360 -16.81 -10.16 -9.21
C ARG A 360 -17.88 -10.89 -8.42
N ILE A 361 -17.45 -11.77 -7.51
CA ILE A 361 -18.36 -12.56 -6.69
C ILE A 361 -18.12 -12.19 -5.23
N SER A 362 -19.18 -11.87 -4.50
CA SER A 362 -19.06 -11.50 -3.10
C SER A 362 -19.49 -12.65 -2.18
N PHE A 363 -20.29 -13.57 -2.69
CA PHE A 363 -20.78 -14.67 -1.88
C PHE A 363 -19.80 -15.85 -1.87
N CYS A 364 -19.61 -16.45 -0.70
CA CYS A 364 -18.75 -17.62 -0.57
C CYS A 364 -19.58 -18.70 0.09
N THR A 365 -19.17 -19.95 -0.11
CA THR A 365 -19.89 -21.12 0.41
C THR A 365 -20.01 -21.35 1.91
N ASN A 366 -19.34 -20.55 2.74
CA ASN A 366 -19.43 -20.75 4.17
C ASN A 366 -20.15 -19.64 4.91
N CYS A 367 -19.97 -18.39 4.49
CA CYS A 367 -20.58 -17.24 5.14
C CYS A 367 -20.73 -16.08 4.18
N LYS A 368 -20.99 -14.91 4.77
CA LYS A 368 -21.12 -13.66 4.03
C LYS A 368 -20.09 -12.71 4.61
N SER A 369 -18.90 -12.69 4.02
CA SER A 369 -17.82 -11.87 4.53
C SER A 369 -17.50 -10.62 3.72
N LYS A 370 -16.64 -9.78 4.31
CA LYS A 370 -16.22 -8.54 3.68
C LYS A 370 -14.82 -8.73 3.12
N GLY A 371 -14.22 -9.89 3.39
CA GLY A 371 -12.88 -10.21 2.94
C GLY A 371 -12.75 -10.39 1.44
N PRO A 372 -11.61 -9.99 0.88
CA PRO A 372 -11.42 -10.13 -0.57
C PRO A 372 -11.09 -11.57 -0.96
N PHE A 373 -11.23 -11.85 -2.24
CA PHE A 373 -10.95 -13.17 -2.80
C PHE A 373 -9.80 -13.11 -3.78
N ARG A 374 -8.89 -14.07 -3.68
CA ARG A 374 -7.73 -14.09 -4.57
C ARG A 374 -7.80 -15.25 -5.54
N VAL A 375 -7.01 -15.18 -6.61
CA VAL A 375 -7.03 -16.23 -7.63
C VAL A 375 -6.24 -17.46 -7.13
N ASN A 376 -6.84 -18.65 -7.26
CA ASN A 376 -6.19 -19.89 -6.82
C ASN A 376 -5.39 -20.51 -7.95
N GLY A 377 -4.07 -20.47 -7.82
CA GLY A 377 -3.19 -21.03 -8.85
C GLY A 377 -3.17 -22.55 -8.92
N GLU A 378 -3.65 -23.24 -7.89
CA GLU A 378 -3.66 -24.69 -7.90
C GLU A 378 -4.87 -25.27 -8.60
N LYS A 379 -5.83 -24.45 -9.00
CA LYS A 379 -7.03 -24.97 -9.64
C LYS A 379 -7.36 -24.26 -10.95
N THR A 380 -6.97 -22.99 -11.12
CA THR A 380 -7.28 -22.26 -12.35
C THR A 380 -6.48 -22.70 -13.57
N VAL A 381 -7.20 -23.03 -14.63
CA VAL A 381 -6.64 -23.49 -15.89
C VAL A 381 -6.69 -22.31 -16.87
N TYR A 382 -5.61 -22.16 -17.63
CA TYR A 382 -5.45 -21.10 -18.60
C TYR A 382 -5.38 -21.67 -20.01
N ARG A 383 -6.10 -21.02 -20.91
CA ARG A 383 -6.14 -21.39 -22.32
C ARG A 383 -5.21 -20.43 -23.06
N ASN A 384 -4.72 -20.77 -24.25
CA ASN A 384 -3.71 -19.85 -24.86
C ASN A 384 -4.28 -18.53 -25.38
N TYR A 385 -3.42 -17.53 -25.56
CA TYR A 385 -3.94 -16.25 -25.99
C TYR A 385 -3.18 -15.56 -27.12
N GLN A 386 -3.92 -15.12 -28.12
CA GLN A 386 -3.36 -14.39 -29.25
C GLN A 386 -4.26 -13.18 -29.46
N ARG A 387 -4.20 -12.24 -28.52
CA ARG A 387 -5.02 -11.04 -28.58
C ARG A 387 -4.57 -10.09 -29.67
N VAL A 388 -5.21 -10.16 -30.83
CA VAL A 388 -4.83 -9.22 -31.89
C VAL A 388 -6.00 -8.29 -32.25
N THR A 389 -5.75 -6.96 -32.28
CA THR A 389 -6.79 -6.04 -32.68
C THR A 389 -6.72 -5.85 -34.19
N LEU A 390 -7.78 -6.21 -34.90
CA LEU A 390 -7.81 -6.05 -36.34
C LEU A 390 -8.63 -4.82 -36.68
N GLN A 391 -8.23 -4.14 -37.75
CA GLN A 391 -8.85 -2.91 -38.21
C GLN A 391 -9.19 -2.99 -39.69
N GLU A 392 -10.08 -2.10 -40.12
CA GLU A 392 -10.47 -2.05 -41.52
C GLU A 392 -9.37 -1.33 -42.30
N ALA A 393 -9.14 -1.76 -43.54
CA ALA A 393 -8.13 -1.14 -44.39
C ALA A 393 -8.58 0.24 -44.86
N PRO A 394 -7.66 1.21 -44.96
CA PRO A 394 -8.08 2.55 -45.40
C PRO A 394 -8.26 2.69 -46.90
N GLY A 395 -7.88 1.68 -47.68
CA GLY A 395 -8.04 1.76 -49.11
C GLY A 395 -9.39 1.32 -49.64
N THR A 396 -10.31 0.94 -48.76
CA THR A 396 -11.65 0.49 -49.17
C THR A 396 -12.75 1.04 -48.27
N VAL A 397 -12.44 2.05 -47.48
CA VAL A 397 -13.39 2.66 -46.56
C VAL A 397 -14.13 3.77 -47.33
N PRO A 398 -15.43 3.94 -47.13
CA PRO A 398 -16.15 5.02 -47.83
C PRO A 398 -15.79 6.38 -47.25
N PRO A 399 -15.91 7.47 -48.01
CA PRO A 399 -15.53 8.78 -47.50
C PRO A 399 -16.53 9.33 -46.48
N GLY A 400 -15.99 9.90 -45.41
CA GLY A 400 -16.81 10.48 -44.36
C GLY A 400 -16.91 9.56 -43.17
N ARG A 401 -16.87 8.25 -43.42
CA ARG A 401 -16.98 7.28 -42.34
C ARG A 401 -15.61 6.91 -41.78
N LEU A 402 -15.63 6.32 -40.61
CA LEU A 402 -14.43 5.89 -39.91
C LEU A 402 -14.29 4.38 -39.94
N PRO A 403 -13.05 3.86 -40.02
CA PRO A 403 -12.88 2.40 -40.02
C PRO A 403 -13.08 1.78 -38.65
N ARG A 404 -13.81 0.67 -38.60
CA ARG A 404 -14.08 0.01 -37.35
C ARG A 404 -12.93 -0.92 -36.95
N HIS A 405 -13.02 -1.49 -35.76
CA HIS A 405 -12.00 -2.39 -35.26
C HIS A 405 -12.58 -3.45 -34.33
N ARG A 406 -12.04 -4.65 -34.42
CA ARG A 406 -12.48 -5.77 -33.58
C ARG A 406 -11.29 -6.46 -32.94
N GLU A 407 -11.58 -7.40 -32.05
CA GLU A 407 -10.57 -8.18 -31.34
C GLU A 407 -10.65 -9.63 -31.79
N VAL A 408 -9.52 -10.22 -32.17
CA VAL A 408 -9.50 -11.59 -32.64
C VAL A 408 -8.64 -12.47 -31.71
N ILE A 409 -9.11 -13.70 -31.54
CA ILE A 409 -8.52 -14.73 -30.69
C ILE A 409 -7.83 -15.72 -31.63
N LEU A 410 -6.56 -16.02 -31.34
CA LEU A 410 -5.79 -16.94 -32.15
C LEU A 410 -5.32 -18.08 -31.24
N LEU A 411 -5.65 -19.31 -31.60
CA LEU A 411 -5.32 -20.50 -30.82
C LEU A 411 -4.88 -21.72 -31.64
N ALA A 412 -4.15 -22.62 -30.96
CA ALA A 412 -3.58 -23.88 -31.48
C ALA A 412 -2.66 -23.70 -32.69
N ASP A 413 -1.54 -23.04 -32.43
CA ASP A 413 -0.39 -22.76 -33.30
C ASP A 413 -0.55 -22.04 -34.62
N LEU A 414 -0.89 -20.76 -34.58
CA LEU A 414 -0.93 -19.90 -35.76
C LEU A 414 -0.42 -18.57 -35.23
N VAL A 415 0.17 -18.61 -34.03
CA VAL A 415 0.73 -17.45 -33.36
C VAL A 415 2.03 -17.13 -34.11
N ASP A 416 2.37 -15.82 -34.16
CA ASP A 416 3.52 -15.18 -34.82
C ASP A 416 3.84 -15.56 -36.27
N VAL A 417 2.78 -15.87 -37.03
CA VAL A 417 2.96 -16.17 -38.44
C VAL A 417 2.37 -14.98 -39.20
N SER A 418 1.72 -14.09 -38.46
CA SER A 418 1.11 -12.90 -39.05
C SER A 418 2.05 -11.72 -38.90
N LYS A 419 2.02 -10.83 -39.87
CA LYS A 419 2.86 -9.65 -39.90
C LYS A 419 2.03 -8.40 -39.63
N PRO A 420 2.37 -7.62 -38.59
CA PRO A 420 1.61 -6.39 -38.30
C PRO A 420 1.89 -5.29 -39.30
N GLY A 421 0.82 -4.62 -39.70
CA GLY A 421 0.91 -3.55 -40.68
C GLY A 421 0.64 -4.00 -42.09
N GLU A 422 0.17 -5.22 -42.29
CA GLU A 422 -0.12 -5.75 -43.61
C GLU A 422 -1.59 -6.13 -43.73
N GLU A 423 -2.02 -6.34 -44.96
CA GLU A 423 -3.40 -6.75 -45.20
C GLU A 423 -3.49 -8.24 -44.90
N VAL A 424 -4.60 -8.68 -44.32
CA VAL A 424 -4.77 -10.07 -43.93
C VAL A 424 -6.22 -10.46 -44.21
N GLU A 425 -6.45 -11.77 -44.38
CA GLU A 425 -7.76 -12.35 -44.61
C GLU A 425 -7.95 -13.44 -43.56
N VAL A 426 -8.92 -13.27 -42.68
CA VAL A 426 -9.17 -14.25 -41.63
C VAL A 426 -10.55 -14.86 -41.69
N THR A 427 -10.60 -16.19 -41.60
CA THR A 427 -11.86 -16.93 -41.62
C THR A 427 -12.03 -17.51 -40.22
N GLY A 428 -13.13 -17.15 -39.57
CA GLY A 428 -13.36 -17.65 -38.24
C GLY A 428 -14.84 -17.66 -37.92
N ILE A 429 -15.14 -17.79 -36.64
CA ILE A 429 -16.53 -17.81 -36.18
C ILE A 429 -16.78 -16.51 -35.43
N TYR A 430 -18.03 -16.06 -35.43
CA TYR A 430 -18.37 -14.81 -34.78
C TYR A 430 -19.19 -14.98 -33.51
N LYS A 431 -18.66 -14.45 -32.40
CA LYS A 431 -19.34 -14.53 -31.12
C LYS A 431 -19.00 -13.31 -30.29
N ILE A 450 -16.60 -10.60 -30.70
CA ILE A 450 -15.29 -11.23 -30.62
C ILE A 450 -15.21 -12.36 -31.63
N ILE A 451 -14.25 -12.26 -32.53
CA ILE A 451 -14.04 -13.26 -33.58
C ILE A 451 -13.02 -14.30 -33.13
N GLU A 452 -13.34 -15.57 -33.31
CA GLU A 452 -12.45 -16.67 -32.98
C GLU A 452 -11.98 -17.22 -34.32
N ALA A 453 -10.77 -16.81 -34.72
CA ALA A 453 -10.18 -17.18 -36.00
C ALA A 453 -9.84 -18.66 -36.11
N ASN A 454 -10.13 -19.22 -37.30
CA ASN A 454 -9.83 -20.61 -37.58
C ASN A 454 -8.65 -20.61 -38.53
N SER A 455 -8.72 -19.80 -39.60
CA SER A 455 -7.66 -19.73 -40.59
C SER A 455 -7.21 -18.31 -40.86
N ILE A 456 -5.91 -18.15 -41.08
CA ILE A 456 -5.28 -16.85 -41.35
C ILE A 456 -4.65 -16.92 -42.74
N LYS A 457 -4.62 -15.79 -43.44
CA LYS A 457 -4.01 -15.72 -44.77
C LYS A 457 -3.35 -14.36 -44.96
N ARG A 458 -2.03 -14.38 -45.03
CA ARG A 458 -1.23 -13.16 -45.20
C ARG A 458 -1.02 -12.77 -46.65
N ARG A 459 -1.70 -13.42 -47.59
CA ARG A 459 -1.55 -13.07 -49.00
C ARG A 459 -2.35 -11.81 -49.28
N GLU A 460 -3.52 -11.69 -48.67
CA GLU A 460 -4.36 -10.53 -48.85
C GLU A 460 -5.07 -10.20 -47.54
N VAL A 473 -13.10 -2.36 -52.10
CA VAL A 473 -14.28 -2.42 -52.96
C VAL A 473 -14.09 -1.48 -54.14
N PHE A 474 -13.01 -0.72 -54.10
CA PHE A 474 -12.72 0.23 -55.17
C PHE A 474 -11.72 -0.37 -56.13
N SER A 475 -12.18 -1.21 -57.05
CA SER A 475 -11.29 -1.84 -58.00
C SER A 475 -11.73 -1.65 -59.45
N TRP A 476 -10.80 -1.91 -60.36
CA TRP A 476 -11.02 -1.78 -61.79
C TRP A 476 -11.88 -2.91 -62.33
N THR A 477 -12.70 -2.59 -63.32
CA THR A 477 -13.58 -3.57 -63.94
C THR A 477 -13.26 -3.73 -65.41
N GLU A 478 -14.07 -4.56 -66.09
CA GLU A 478 -13.88 -4.81 -67.50
C GLU A 478 -14.37 -3.64 -68.33
N GLU A 479 -15.39 -2.95 -67.85
CA GLU A 479 -15.94 -1.81 -68.58
C GLU A 479 -15.10 -0.55 -68.44
N GLU A 480 -14.19 -0.51 -67.48
CA GLU A 480 -13.37 0.68 -67.26
C GLU A 480 -11.95 0.44 -67.74
N GLU A 481 -11.55 -0.81 -67.97
CA GLU A 481 -10.16 -1.07 -68.38
C GLU A 481 -9.85 -0.78 -69.85
N ARG A 482 -10.85 -0.78 -70.72
CA ARG A 482 -10.58 -0.51 -72.14
C ARG A 482 -10.43 0.99 -72.36
N GLU A 483 -11.24 1.78 -71.62
CA GLU A 483 -11.19 3.22 -71.74
C GLU A 483 -9.92 3.81 -71.14
N PHE A 484 -9.24 3.09 -70.23
CA PHE A 484 -8.01 3.59 -69.66
C PHE A 484 -6.86 3.51 -70.68
N ARG A 485 -6.87 2.46 -71.52
CA ARG A 485 -5.86 2.33 -72.57
C ARG A 485 -6.19 3.35 -73.67
N LYS A 486 -7.49 3.59 -73.90
CA LYS A 486 -7.90 4.57 -74.89
C LYS A 486 -7.60 6.01 -74.45
N ILE A 487 -7.61 6.25 -73.14
CA ILE A 487 -7.28 7.58 -72.61
C ILE A 487 -5.76 7.72 -72.63
N SER A 488 -5.02 6.66 -72.22
CA SER A 488 -3.56 6.70 -72.21
C SER A 488 -2.89 6.73 -73.58
N ARG A 489 -3.62 6.40 -74.65
CA ARG A 489 -3.03 6.44 -75.96
C ARG A 489 -3.09 7.84 -76.57
N ASP A 490 -4.15 8.61 -76.32
CA ASP A 490 -4.22 9.93 -76.96
C ASP A 490 -3.88 11.20 -76.16
N ARG A 491 -3.19 12.10 -76.85
CA ARG A 491 -2.76 13.45 -76.44
C ARG A 491 -2.13 13.63 -75.06
N GLY A 492 -0.90 13.09 -74.93
CA GLY A 492 0.08 13.22 -73.85
C GLY A 492 -0.36 13.34 -72.41
N ILE A 493 -1.01 12.32 -71.86
CA ILE A 493 -1.60 12.37 -70.52
C ILE A 493 -0.77 12.63 -69.28
N ILE A 494 0.57 12.66 -69.42
CA ILE A 494 1.50 12.94 -68.32
C ILE A 494 1.28 14.35 -67.77
N ASP A 495 1.15 15.36 -68.64
CA ASP A 495 0.90 16.73 -68.21
C ASP A 495 -0.53 16.93 -67.71
N LYS A 496 -1.48 16.11 -68.20
CA LYS A 496 -2.86 16.20 -67.75
C LYS A 496 -2.99 15.62 -66.35
N ILE A 497 -2.17 14.60 -66.04
CA ILE A 497 -2.14 13.97 -64.71
C ILE A 497 -1.51 14.98 -63.74
N ILE A 498 -0.48 15.72 -64.23
CA ILE A 498 0.18 16.78 -63.45
C ILE A 498 -0.77 17.93 -63.14
N SER A 499 -1.58 18.35 -64.12
CA SER A 499 -2.57 19.40 -63.90
C SER A 499 -3.75 18.91 -63.06
N SER A 500 -4.00 17.60 -63.05
CA SER A 500 -5.07 17.01 -62.26
C SER A 500 -4.62 16.76 -60.82
N MET A 501 -3.32 16.86 -60.54
CA MET A 501 -2.80 16.64 -59.20
C MET A 501 -3.15 17.74 -58.20
N ALA A 502 -3.14 19.01 -58.60
CA ALA A 502 -3.45 20.08 -57.65
C ALA A 502 -4.66 20.91 -58.07
N PRO A 503 -5.88 20.57 -57.63
CA PRO A 503 -7.05 21.36 -58.04
C PRO A 503 -7.32 22.57 -57.15
N SER A 504 -6.80 22.55 -55.93
CA SER A 504 -7.02 23.65 -55.00
C SER A 504 -6.22 24.90 -55.33
N ILE A 505 -4.96 24.75 -55.74
CA ILE A 505 -4.12 25.88 -56.07
C ILE A 505 -3.52 25.74 -57.47
N TYR A 506 -2.83 26.79 -57.91
CA TYR A 506 -2.18 26.76 -59.21
C TYR A 506 -0.90 25.97 -59.03
N GLY A 507 -0.03 26.44 -58.12
CA GLY A 507 1.21 25.75 -57.84
C GLY A 507 2.23 25.94 -58.94
N HIS A 508 3.04 24.89 -59.11
CA HIS A 508 4.12 24.82 -60.09
C HIS A 508 4.39 23.34 -60.25
N ARG A 509 4.82 22.93 -61.45
CA ARG A 509 5.00 21.51 -61.75
C ARG A 509 6.15 20.77 -61.06
N ASP A 510 7.06 21.48 -60.38
CA ASP A 510 8.19 20.84 -59.72
C ASP A 510 7.82 20.02 -58.48
N ILE A 511 6.76 20.41 -57.78
CA ILE A 511 6.36 19.63 -56.60
C ILE A 511 5.53 18.46 -57.09
N LYS A 512 4.50 18.73 -57.91
CA LYS A 512 3.61 17.68 -58.37
C LYS A 512 4.19 16.66 -59.34
N THR A 513 5.30 16.99 -60.03
CA THR A 513 5.96 16.04 -60.92
C THR A 513 6.66 14.98 -60.10
N ALA A 514 7.33 15.43 -59.03
CA ALA A 514 8.00 14.53 -58.10
C ALA A 514 7.00 13.71 -57.30
N VAL A 515 5.86 14.34 -56.96
CA VAL A 515 4.77 13.68 -56.22
C VAL A 515 4.12 12.58 -57.05
N ALA A 516 3.82 12.85 -58.33
CA ALA A 516 3.20 11.88 -59.22
C ALA A 516 4.16 10.74 -59.57
N CYS A 517 5.46 11.02 -59.74
CA CYS A 517 6.40 9.95 -60.05
C CYS A 517 6.70 9.14 -58.80
N SER A 518 6.53 9.71 -57.61
CA SER A 518 6.74 8.97 -56.39
C SER A 518 5.55 8.07 -56.09
N LEU A 519 4.34 8.55 -56.40
CA LEU A 519 3.15 7.74 -56.11
C LEU A 519 2.98 6.65 -57.16
N PHE A 520 3.35 6.91 -58.42
CA PHE A 520 3.19 5.91 -59.46
C PHE A 520 4.26 4.83 -59.34
N GLY A 521 5.46 5.20 -58.86
CA GLY A 521 6.59 4.32 -58.61
C GLY A 521 7.19 3.65 -59.82
N GLY A 522 8.26 2.90 -59.55
CA GLY A 522 9.00 2.15 -60.55
C GLY A 522 8.77 0.66 -60.36
N VAL A 523 9.75 -0.13 -60.78
CA VAL A 523 9.67 -1.57 -60.66
C VAL A 523 10.84 -2.17 -59.88
N PRO A 524 10.60 -3.16 -59.01
CA PRO A 524 11.73 -3.75 -58.27
C PRO A 524 12.32 -4.92 -59.03
N LYS A 525 13.65 -4.94 -59.13
CA LYS A 525 14.31 -6.01 -59.86
C LYS A 525 15.45 -6.63 -59.08
N ASN A 526 15.62 -7.94 -59.25
CA ASN A 526 16.67 -8.70 -58.61
C ASN A 526 17.39 -9.56 -59.64
N VAL A 527 18.65 -9.84 -59.37
CA VAL A 527 19.44 -10.69 -60.26
C VAL A 527 19.87 -11.94 -59.51
N ASN A 528 19.26 -13.08 -59.90
CA ASN A 528 19.44 -14.44 -59.36
C ASN A 528 19.16 -14.51 -57.86
N GLY A 529 18.09 -13.83 -57.45
CA GLY A 529 17.68 -13.82 -56.06
C GLY A 529 18.36 -12.81 -55.16
N LYS A 530 19.33 -12.06 -55.66
CA LYS A 530 20.02 -11.07 -54.84
C LYS A 530 19.98 -9.72 -55.54
N HIS A 531 20.65 -8.73 -54.92
CA HIS A 531 20.78 -7.32 -55.33
C HIS A 531 19.43 -6.64 -55.54
N SER A 532 18.67 -6.56 -54.46
CA SER A 532 17.36 -5.94 -54.49
C SER A 532 17.45 -4.44 -54.56
N ILE A 533 16.93 -3.86 -55.64
CA ILE A 533 16.90 -2.42 -55.81
C ILE A 533 15.58 -1.91 -55.27
N ARG A 534 15.57 -0.68 -54.78
CA ARG A 534 14.34 -0.12 -54.24
C ARG A 534 13.50 0.45 -55.36
N GLY A 535 12.26 -0.03 -55.49
CA GLY A 535 11.39 0.46 -56.54
C GLY A 535 10.64 1.72 -56.17
N ASP A 536 10.74 2.15 -54.92
CA ASP A 536 10.05 3.36 -54.48
C ASP A 536 10.86 4.61 -54.72
N ILE A 537 10.19 5.75 -54.69
CA ILE A 537 10.81 7.05 -54.90
C ILE A 537 10.44 7.89 -53.69
N ASN A 538 11.45 8.33 -52.94
CA ASN A 538 11.24 9.15 -51.76
C ASN A 538 11.57 10.59 -52.07
N VAL A 539 10.56 11.46 -51.99
CA VAL A 539 10.73 12.86 -52.31
C VAL A 539 10.77 13.72 -51.05
N LEU A 540 11.54 14.81 -51.11
CA LEU A 540 11.71 15.73 -50.00
C LEU A 540 11.39 17.16 -50.39
N LEU A 541 10.39 17.74 -49.73
CA LEU A 541 9.96 19.12 -49.98
C LEU A 541 10.62 20.11 -49.02
N LEU A 542 10.98 21.26 -49.55
CA LEU A 542 11.63 22.28 -48.73
C LEU A 542 11.20 23.67 -49.19
N GLY A 543 11.23 24.62 -48.26
CA GLY A 543 10.84 25.98 -48.53
C GLY A 543 10.33 26.63 -47.27
N ASP A 544 9.94 27.91 -47.42
CA ASP A 544 9.39 28.70 -46.33
C ASP A 544 8.05 28.15 -45.83
N PRO A 545 7.76 28.25 -44.52
CA PRO A 545 6.51 27.67 -43.99
C PRO A 545 5.21 28.36 -44.39
N GLY A 546 5.25 29.50 -45.07
CA GLY A 546 4.01 30.13 -45.48
C GLY A 546 3.37 29.47 -46.69
N THR A 547 4.15 28.71 -47.46
CA THR A 547 3.61 28.04 -48.63
C THR A 547 2.91 26.74 -48.25
N ALA A 548 2.21 26.14 -49.22
CA ALA A 548 1.49 24.91 -48.98
C ALA A 548 2.35 23.66 -49.19
N LYS A 549 2.50 22.85 -48.15
CA LYS A 549 3.28 21.61 -48.23
C LYS A 549 2.50 20.47 -47.62
N SER A 550 1.49 20.77 -46.80
CA SER A 550 0.71 19.72 -46.16
C SER A 550 -0.59 19.43 -46.89
N GLN A 551 -1.00 20.33 -47.78
CA GLN A 551 -2.24 20.13 -48.51
C GLN A 551 -2.07 19.11 -49.63
N ILE A 552 -0.85 19.00 -50.17
CA ILE A 552 -0.53 18.06 -51.25
C ILE A 552 -0.53 16.64 -50.66
N LEU A 553 0.04 16.47 -49.46
CA LEU A 553 0.04 15.15 -48.83
C LEU A 553 -1.35 14.83 -48.29
N LYS A 554 -2.13 15.87 -47.93
CA LYS A 554 -3.49 15.66 -47.47
C LYS A 554 -4.39 15.25 -48.63
N TYR A 555 -4.06 15.70 -49.85
CA TYR A 555 -4.83 15.30 -51.01
C TYR A 555 -4.42 13.90 -51.45
N VAL A 556 -3.12 13.56 -51.32
CA VAL A 556 -2.66 12.24 -51.73
C VAL A 556 -3.00 11.17 -50.69
N GLU A 557 -3.36 11.59 -49.46
CA GLU A 557 -3.76 10.64 -48.42
C GLU A 557 -5.15 10.10 -48.75
N LYS A 558 -5.97 10.91 -49.41
CA LYS A 558 -7.30 10.51 -49.83
C LYS A 558 -7.21 9.86 -51.21
N THR A 559 -6.35 10.41 -52.07
CA THR A 559 -6.21 9.92 -53.45
C THR A 559 -5.53 8.56 -53.61
N ALA A 560 -4.28 8.44 -53.15
CA ALA A 560 -3.52 7.20 -53.30
C ALA A 560 -4.02 6.10 -52.36
N HIS A 561 -3.76 4.86 -52.76
CA HIS A 561 -4.15 3.68 -52.01
C HIS A 561 -3.09 3.34 -50.98
N ARG A 562 -3.56 2.94 -49.79
CA ARG A 562 -2.80 2.56 -48.58
C ARG A 562 -1.83 3.65 -48.15
N ALA A 563 -2.29 4.89 -48.21
CA ALA A 563 -1.49 6.05 -47.85
C ALA A 563 -1.61 6.28 -46.35
N VAL A 564 -0.46 6.31 -45.68
CA VAL A 564 -0.43 6.52 -44.24
C VAL A 564 0.25 7.83 -43.90
N PHE A 565 -0.50 8.73 -43.27
CA PHE A 565 -0.01 10.04 -42.85
C PHE A 565 0.45 9.92 -41.40
N ALA A 566 1.76 9.95 -41.19
CA ALA A 566 2.26 9.85 -39.82
C ALA A 566 2.89 11.16 -39.38
N THR A 567 2.90 11.37 -38.07
CA THR A 567 3.47 12.59 -37.52
C THR A 567 4.27 12.27 -36.27
N LEU A 576 6.23 4.16 -37.13
CA LEU A 576 6.85 3.20 -38.04
C LEU A 576 8.04 2.54 -37.35
N THR A 577 8.08 2.65 -36.03
CA THR A 577 9.17 2.08 -35.24
C THR A 577 8.72 0.83 -34.50
N ALA A 578 9.69 0.02 -34.08
CA ALA A 578 9.41 -1.21 -33.37
C ALA A 578 10.14 -1.20 -32.04
N SER A 579 9.40 -1.05 -30.95
CA SER A 579 10.03 -1.02 -29.63
C SER A 579 9.12 -1.53 -28.52
N VAL A 580 9.69 -1.74 -27.35
CA VAL A 580 8.96 -2.21 -26.18
C VAL A 580 8.34 -0.99 -25.52
N ARG A 581 7.01 -0.97 -25.41
CA ARG A 581 6.33 0.15 -24.81
C ARG A 581 5.36 -0.30 -23.73
N LYS A 582 5.12 0.58 -22.78
CA LYS A 582 4.21 0.29 -21.68
C LYS A 582 2.76 0.35 -22.13
N ASP A 583 1.90 -0.42 -21.47
CA ASP A 583 0.49 -0.39 -21.76
C ASP A 583 -0.21 -0.15 -20.43
N PRO A 584 -1.14 0.84 -20.37
CA PRO A 584 -1.80 1.22 -19.11
C PRO A 584 -2.70 0.20 -18.41
N ILE A 585 -3.35 -0.71 -19.15
CA ILE A 585 -4.19 -1.67 -18.45
C ILE A 585 -3.33 -2.78 -17.83
N THR A 586 -3.38 -2.87 -16.50
CA THR A 586 -2.65 -3.77 -15.60
C THR A 586 -1.14 -3.81 -15.77
N LYS A 587 -0.54 -2.68 -16.24
CA LYS A 587 0.88 -2.47 -16.54
C LYS A 587 1.45 -3.51 -17.49
N GLU A 588 0.88 -3.59 -18.68
CA GLU A 588 1.29 -4.61 -19.62
C GLU A 588 2.55 -4.21 -20.40
N TRP A 589 3.33 -5.21 -20.80
CA TRP A 589 4.57 -5.02 -21.54
C TRP A 589 4.61 -5.79 -22.85
N THR A 590 4.64 -5.05 -23.97
CA THR A 590 4.71 -5.61 -25.32
C THR A 590 5.55 -4.77 -26.28
N LEU A 591 5.93 -5.39 -27.39
CA LEU A 591 6.70 -4.68 -28.41
C LEU A 591 5.83 -4.37 -29.61
N GLU A 592 5.78 -3.10 -29.96
CA GLU A 592 5.01 -2.63 -31.10
C GLU A 592 5.89 -2.60 -32.34
N GLY A 593 5.47 -3.32 -33.36
CA GLY A 593 6.22 -3.37 -34.60
C GLY A 593 5.94 -2.19 -35.48
N GLY A 594 6.76 -2.05 -36.51
CA GLY A 594 6.61 -0.95 -37.44
C GLY A 594 5.50 -1.23 -38.45
N ALA A 595 5.25 -0.24 -39.29
CA ALA A 595 4.22 -0.34 -40.30
C ALA A 595 4.67 -1.21 -41.47
N ALA A 599 1.59 0.04 -44.18
CA ALA A 599 1.71 0.33 -45.61
C ALA A 599 2.98 -0.29 -46.16
N ASP A 600 2.90 -1.55 -46.58
CA ASP A 600 4.08 -2.20 -47.13
C ASP A 600 4.16 -1.90 -48.62
N LYS A 601 3.02 -1.68 -49.26
CA LYS A 601 2.99 -1.38 -50.68
C LYS A 601 2.66 0.10 -50.82
N GLY A 602 2.08 0.69 -49.77
CA GLY A 602 1.67 2.07 -49.77
C GLY A 602 2.74 3.15 -49.76
N VAL A 603 2.31 4.37 -49.41
CA VAL A 603 3.16 5.55 -49.33
C VAL A 603 2.97 6.19 -47.97
N CYS A 604 4.06 6.42 -47.24
CA CYS A 604 3.98 7.07 -45.94
C CYS A 604 4.36 8.54 -46.10
N LEU A 605 3.58 9.40 -45.46
CA LEU A 605 3.73 10.85 -45.50
C LEU A 605 4.19 11.42 -44.17
N ILE A 606 5.37 12.04 -44.18
CA ILE A 606 5.96 12.65 -43.00
C ILE A 606 5.96 14.16 -43.12
N ASP A 607 5.37 14.82 -42.12
CA ASP A 607 5.30 16.26 -42.05
C ASP A 607 6.26 16.69 -40.95
N GLU A 608 6.93 17.84 -41.17
CA GLU A 608 7.94 18.47 -40.30
C GLU A 608 9.10 17.52 -39.97
N PHE A 609 9.82 17.14 -41.03
CA PHE A 609 10.93 16.19 -40.95
C PHE A 609 12.11 16.57 -40.05
N ASP A 610 12.36 17.86 -39.86
CA ASP A 610 13.45 18.28 -39.01
C ASP A 610 13.15 18.15 -37.52
N LYS A 611 11.87 18.05 -37.15
CA LYS A 611 11.49 17.97 -35.74
C LYS A 611 11.22 16.56 -35.20
N MET A 612 12.28 15.75 -35.14
CA MET A 612 12.16 14.40 -34.60
C MET A 612 13.33 13.96 -33.74
N ASN A 613 13.13 12.84 -33.04
CA ASN A 613 14.12 12.27 -32.14
C ASN A 613 15.05 11.28 -32.84
N ASP A 614 15.80 10.50 -32.06
CA ASP A 614 16.75 9.54 -32.59
C ASP A 614 16.16 8.23 -33.10
N GLN A 615 15.08 7.75 -32.47
CA GLN A 615 14.50 6.47 -32.86
C GLN A 615 13.76 6.49 -34.20
N ASP A 616 12.94 7.52 -34.43
CA ASP A 616 12.19 7.63 -35.67
C ASP A 616 13.02 8.16 -36.83
N ARG A 617 14.25 8.59 -36.58
CA ARG A 617 15.14 9.05 -37.63
C ARG A 617 15.92 7.83 -38.06
N THR A 618 16.37 7.01 -37.08
CA THR A 618 17.13 5.80 -37.39
C THR A 618 16.29 4.72 -38.03
N SER A 619 15.01 4.62 -37.65
CA SER A 619 14.11 3.64 -38.26
C SER A 619 13.78 4.00 -39.70
N ILE A 620 13.60 5.29 -39.99
CA ILE A 620 13.32 5.70 -41.37
C ILE A 620 14.62 5.68 -42.19
N HIS A 621 15.79 5.79 -41.52
CA HIS A 621 17.06 5.71 -42.24
C HIS A 621 17.34 4.25 -42.61
N GLU A 622 16.91 3.32 -41.75
CA GLU A 622 17.05 1.90 -42.04
C GLU A 622 16.07 1.50 -43.13
N ALA A 623 14.87 2.07 -43.10
CA ALA A 623 13.86 1.77 -44.13
C ALA A 623 14.17 2.48 -45.45
N MET A 624 15.01 3.51 -45.42
CA MET A 624 15.39 4.18 -46.65
C MET A 624 16.64 3.53 -47.21
N GLU A 625 17.48 2.97 -46.33
CA GLU A 625 18.70 2.31 -46.76
C GLU A 625 18.38 0.96 -47.38
N GLN A 626 17.70 0.10 -46.62
CA GLN A 626 17.33 -1.20 -47.18
C GLN A 626 15.82 -1.29 -46.99
N GLN A 627 15.17 -2.38 -47.38
CA GLN A 627 13.71 -2.46 -47.27
C GLN A 627 13.17 -3.35 -46.16
N SER A 628 13.81 -3.37 -44.99
CA SER A 628 13.32 -4.19 -43.90
C SER A 628 13.57 -3.57 -42.53
N ILE A 629 12.64 -3.81 -41.61
CA ILE A 629 12.73 -3.31 -40.24
C ILE A 629 12.76 -4.53 -39.32
N SER A 630 13.78 -4.60 -38.48
CA SER A 630 13.90 -5.73 -37.59
C SER A 630 13.36 -5.44 -36.20
N ILE A 631 12.74 -6.46 -35.60
CA ILE A 631 12.19 -6.42 -34.26
C ILE A 631 13.02 -7.46 -33.54
N SER A 632 13.71 -7.04 -32.48
CA SER A 632 14.56 -7.94 -31.71
C SER A 632 14.30 -7.79 -30.23
N LYS A 633 13.03 -7.79 -29.83
CA LYS A 633 12.73 -7.57 -28.43
C LYS A 633 11.46 -8.28 -28.02
N ALA A 634 11.22 -8.30 -26.70
CA ALA A 634 10.08 -8.91 -25.98
C ALA A 634 9.91 -10.39 -26.29
N GLY A 635 11.01 -11.09 -26.50
CA GLY A 635 10.97 -12.49 -26.84
C GLY A 635 10.73 -12.79 -28.30
N ILE A 636 10.58 -11.77 -29.16
CA ILE A 636 10.35 -12.03 -30.58
C ILE A 636 11.41 -11.35 -31.47
N VAL A 637 11.79 -12.06 -32.53
CA VAL A 637 12.79 -11.65 -33.52
C VAL A 637 12.20 -11.82 -34.91
N THR A 638 11.81 -10.70 -35.52
CA THR A 638 11.19 -10.72 -36.84
C THR A 638 11.68 -9.58 -37.72
N THR A 639 12.08 -9.90 -38.95
CA THR A 639 12.54 -8.90 -39.91
C THR A 639 11.43 -8.71 -40.94
N LEU A 640 10.65 -7.64 -40.80
CA LEU A 640 9.53 -7.36 -41.68
C LEU A 640 9.86 -6.45 -42.85
N GLN A 641 9.09 -6.61 -43.93
CA GLN A 641 9.26 -5.82 -45.15
C GLN A 641 8.89 -4.37 -44.97
N ALA A 642 9.72 -3.47 -45.49
CA ALA A 642 9.53 -2.03 -45.40
C ALA A 642 9.70 -1.38 -46.75
N ARG A 643 9.08 -1.93 -47.79
CA ARG A 643 9.17 -1.38 -49.15
C ARG A 643 8.16 -0.27 -49.42
N CYS A 644 8.12 0.77 -48.58
CA CYS A 644 7.19 1.87 -48.67
C CYS A 644 7.84 3.13 -49.23
N SER A 645 7.05 3.92 -49.96
CA SER A 645 7.58 5.16 -50.49
C SER A 645 7.49 6.22 -49.40
N ILE A 646 8.41 7.18 -49.43
CA ILE A 646 8.47 8.23 -48.42
C ILE A 646 8.32 9.62 -49.03
N ILE A 647 7.29 10.34 -48.59
CA ILE A 647 7.08 11.72 -49.02
C ILE A 647 7.26 12.55 -47.77
N ALA A 648 8.37 13.27 -47.66
CA ALA A 648 8.66 14.06 -46.48
C ALA A 648 8.66 15.55 -46.79
N ALA A 649 8.21 16.34 -45.82
CA ALA A 649 8.17 17.79 -45.93
C ALA A 649 8.93 18.37 -44.75
N ALA A 650 9.72 19.42 -45.00
CA ALA A 650 10.49 20.02 -43.94
C ALA A 650 10.59 21.53 -44.13
N ASN A 651 11.14 22.17 -43.10
CA ASN A 651 11.36 23.61 -43.03
C ASN A 651 12.81 23.87 -42.64
N PRO A 652 13.43 24.92 -43.18
CA PRO A 652 14.82 25.20 -42.83
C PRO A 652 14.94 25.88 -41.48
N ASN A 653 16.18 25.99 -41.02
CA ASN A 653 16.46 26.62 -39.74
C ASN A 653 16.46 28.14 -39.85
N GLY A 654 15.39 28.77 -39.40
CA GLY A 654 15.28 30.21 -39.46
C GLY A 654 14.17 30.75 -40.33
N GLY A 655 13.44 29.90 -41.02
CA GLY A 655 12.35 30.37 -41.87
C GLY A 655 12.77 30.68 -43.29
N ARG A 656 13.77 31.55 -43.44
CA ARG A 656 14.27 31.90 -44.76
C ARG A 656 15.10 30.76 -45.31
N TYR A 657 15.12 30.62 -46.63
CA TYR A 657 15.87 29.54 -47.27
C TYR A 657 17.37 29.81 -47.25
N ASN A 658 17.74 31.11 -47.28
CA ASN A 658 19.11 31.65 -47.31
C ASN A 658 19.90 31.10 -48.50
N SER A 659 19.44 31.51 -49.70
CA SER A 659 19.98 31.10 -51.01
C SER A 659 21.48 31.23 -51.30
N THR A 660 22.23 32.00 -50.49
CA THR A 660 23.66 32.17 -50.66
C THR A 660 24.46 31.15 -49.84
N LEU A 661 23.87 30.00 -49.56
CA LEU A 661 24.40 28.88 -48.82
C LEU A 661 23.81 27.60 -49.40
N PRO A 662 24.52 26.47 -49.33
CA PRO A 662 23.96 25.23 -49.85
C PRO A 662 22.92 24.63 -48.92
N LEU A 663 22.28 23.56 -49.40
CA LEU A 663 21.22 22.90 -48.63
C LEU A 663 21.75 22.12 -47.44
N ALA A 664 23.03 21.72 -47.48
CA ALA A 664 23.63 20.99 -46.36
C ALA A 664 23.88 21.91 -45.18
N GLN A 665 24.10 23.19 -45.43
CA GLN A 665 24.32 24.16 -44.36
C GLN A 665 22.96 24.72 -43.98
N ASN A 666 21.99 24.63 -44.90
CA ASN A 666 20.67 25.17 -44.62
C ASN A 666 19.84 24.26 -43.71
N VAL A 667 19.71 22.99 -44.07
CA VAL A 667 18.95 22.04 -43.27
C VAL A 667 19.90 21.52 -42.20
N SER A 668 19.34 20.95 -41.13
CA SER A 668 20.16 20.41 -40.05
C SER A 668 20.62 18.99 -40.37
N LEU A 669 20.02 18.38 -41.38
CA LEU A 669 20.37 17.02 -41.77
C LEU A 669 21.71 16.94 -42.48
N THR A 670 22.31 15.75 -42.48
CA THR A 670 23.58 15.54 -43.13
C THR A 670 23.39 14.90 -44.49
N GLU A 671 24.52 14.56 -45.13
CA GLU A 671 24.49 13.95 -46.46
C GLU A 671 23.99 12.50 -46.69
N PRO A 672 24.24 11.49 -45.80
CA PRO A 672 23.71 10.15 -46.13
C PRO A 672 22.21 9.98 -45.93
N ILE A 673 21.57 10.88 -45.18
CA ILE A 673 20.13 10.77 -45.01
C ILE A 673 19.54 11.58 -46.17
N LEU A 674 20.33 12.48 -46.77
CA LEU A 674 19.87 13.28 -47.89
C LEU A 674 20.05 12.50 -49.17
N SER A 675 20.99 11.54 -49.18
CA SER A 675 21.28 10.73 -50.35
C SER A 675 20.22 9.67 -50.63
N ARG A 676 19.39 9.35 -49.64
CA ARG A 676 18.34 8.37 -49.84
C ARG A 676 17.20 9.05 -50.58
N PHE A 677 17.03 10.35 -50.37
CA PHE A 677 16.01 11.11 -51.07
C PHE A 677 16.62 11.45 -52.43
N ASP A 678 16.02 10.91 -53.50
CA ASP A 678 16.56 11.19 -54.82
C ASP A 678 16.14 12.57 -55.33
N ILE A 679 14.90 12.96 -55.09
CA ILE A 679 14.39 14.24 -55.52
C ILE A 679 14.21 15.18 -54.33
N LEU A 680 14.85 16.34 -54.44
CA LEU A 680 14.83 17.38 -53.43
C LEU A 680 14.20 18.61 -54.05
N CYS A 681 12.89 18.78 -53.87
CA CYS A 681 12.21 19.94 -54.42
C CYS A 681 12.19 21.06 -53.40
N VAL A 682 12.45 22.27 -53.86
CA VAL A 682 12.51 23.43 -52.98
C VAL A 682 11.83 24.65 -53.62
N VAL A 683 10.99 25.33 -52.86
CA VAL A 683 10.30 26.53 -53.31
C VAL A 683 10.98 27.75 -52.71
N ARG A 684 10.66 28.91 -53.23
CA ARG A 684 11.23 30.17 -52.76
C ARG A 684 10.16 31.24 -52.70
N ASP A 685 10.56 32.45 -52.32
CA ASP A 685 9.61 33.55 -52.25
C ASP A 685 9.57 34.29 -53.57
N LEU A 686 8.36 34.68 -53.97
CA LEU A 686 8.14 35.42 -55.21
C LEU A 686 7.57 36.79 -54.88
N VAL A 687 8.32 37.84 -55.21
CA VAL A 687 7.93 39.20 -54.91
C VAL A 687 7.05 39.80 -56.01
N ASP A 688 7.36 39.47 -57.27
CA ASP A 688 6.72 39.99 -58.48
C ASP A 688 5.21 39.87 -58.66
N GLU A 689 4.69 40.69 -59.58
CA GLU A 689 3.32 40.90 -60.02
C GLU A 689 2.62 39.63 -60.48
N GLU A 690 3.37 38.67 -61.06
CA GLU A 690 2.82 37.42 -61.58
C GLU A 690 2.20 36.50 -60.54
N ALA A 691 2.96 36.19 -59.47
CA ALA A 691 2.48 35.33 -58.38
C ALA A 691 1.39 36.01 -57.58
N ASP A 692 1.45 37.34 -57.48
CA ASP A 692 0.45 38.13 -56.78
C ASP A 692 -0.84 38.15 -57.60
N GLU A 693 -0.71 38.08 -58.93
CA GLU A 693 -1.87 38.06 -59.80
C GLU A 693 -2.53 36.69 -59.80
N ARG A 694 -1.75 35.62 -59.59
CA ARG A 694 -2.41 34.31 -59.61
C ARG A 694 -2.84 33.69 -58.27
N LEU A 695 -1.96 33.71 -57.24
CA LEU A 695 -2.22 33.08 -55.95
C LEU A 695 -3.35 33.69 -55.12
N ALA A 696 -3.36 35.03 -55.00
CA ALA A 696 -4.38 35.73 -54.25
C ALA A 696 -5.75 35.63 -54.93
N THR A 697 -5.75 35.65 -56.27
CA THR A 697 -6.98 35.51 -57.03
C THR A 697 -7.58 34.11 -56.92
N PHE A 698 -6.73 33.07 -56.92
CA PHE A 698 -7.23 31.71 -56.75
C PHE A 698 -7.70 31.45 -55.32
N VAL A 699 -7.02 32.01 -54.32
CA VAL A 699 -7.45 31.80 -52.94
C VAL A 699 -8.66 32.68 -52.60
N VAL A 700 -8.91 33.74 -53.38
CA VAL A 700 -10.09 34.56 -53.09
C VAL A 700 -11.24 34.00 -53.92
N ASP A 701 -10.93 33.20 -54.96
CA ASP A 701 -11.97 32.56 -55.75
C ASP A 701 -12.48 31.39 -54.95
N SER A 702 -11.58 30.80 -54.14
CA SER A 702 -11.97 29.71 -53.26
C SER A 702 -12.84 30.18 -52.09
N HIS A 703 -12.73 31.47 -51.73
CA HIS A 703 -13.52 32.01 -50.62
C HIS A 703 -14.74 32.79 -51.08
N VAL A 704 -14.77 33.22 -52.35
CA VAL A 704 -15.93 33.98 -52.83
C VAL A 704 -16.99 32.99 -53.31
N ARG A 705 -16.63 31.72 -53.49
CA ARG A 705 -17.57 30.70 -53.90
C ARG A 705 -17.88 29.89 -52.65
N SER A 706 -18.89 30.36 -51.91
CA SER A 706 -19.43 29.84 -50.65
C SER A 706 -18.35 29.75 -49.56
N SER A 756 -11.02 20.40 -69.12
CA SER A 756 -9.61 20.26 -69.47
C SER A 756 -8.74 19.16 -68.73
N PRO A 757 -8.73 19.03 -67.39
CA PRO A 757 -7.88 17.98 -66.81
C PRO A 757 -8.60 16.65 -66.70
N ILE A 758 -7.85 15.67 -66.24
CA ILE A 758 -8.34 14.31 -66.05
C ILE A 758 -9.11 14.34 -64.73
N PRO A 759 -10.30 13.71 -64.65
CA PRO A 759 -11.07 13.69 -63.39
C PRO A 759 -10.39 12.84 -62.33
N GLN A 760 -10.71 13.14 -61.07
CA GLN A 760 -10.11 12.47 -59.92
C GLN A 760 -10.37 10.98 -59.76
N GLU A 761 -11.60 10.53 -60.05
CA GLU A 761 -11.97 9.11 -59.91
C GLU A 761 -11.26 8.23 -60.92
N LEU A 762 -11.19 8.69 -62.18
CA LEU A 762 -10.51 7.95 -63.25
C LEU A 762 -9.01 7.92 -63.01
N LEU A 763 -8.47 9.00 -62.42
CA LEU A 763 -7.04 9.09 -62.09
C LEU A 763 -6.68 8.13 -60.96
N MET A 764 -7.50 8.09 -59.90
CA MET A 764 -7.21 7.18 -58.80
C MET A 764 -7.51 5.71 -59.16
N LYS A 765 -8.35 5.48 -60.16
CA LYS A 765 -8.57 4.10 -60.59
C LYS A 765 -7.42 3.69 -61.53
N TYR A 766 -6.88 4.66 -62.28
CA TYR A 766 -5.77 4.43 -63.20
C TYR A 766 -4.47 4.12 -62.47
N ILE A 767 -4.31 4.70 -61.25
CA ILE A 767 -3.14 4.46 -60.39
C ILE A 767 -3.11 2.98 -59.97
N HIS A 768 -4.25 2.48 -59.48
CA HIS A 768 -4.35 1.08 -59.08
C HIS A 768 -4.35 0.11 -60.26
N TYR A 769 -4.78 0.59 -61.43
CA TYR A 769 -4.78 -0.28 -62.60
C TYR A 769 -3.38 -0.41 -63.20
N ALA A 770 -2.59 0.66 -63.18
CA ALA A 770 -1.26 0.60 -63.77
C ALA A 770 -0.24 0.04 -62.80
N ARG A 771 -0.46 0.23 -61.49
CA ARG A 771 0.51 -0.27 -60.51
C ARG A 771 0.41 -1.76 -60.22
N THR A 772 -0.65 -2.41 -60.67
CA THR A 772 -0.83 -3.83 -60.40
C THR A 772 -0.81 -4.73 -61.62
N LYS A 773 -0.58 -4.20 -62.81
CA LYS A 773 -0.60 -5.06 -63.99
C LYS A 773 0.64 -5.04 -64.88
N ILE A 774 1.28 -3.90 -65.04
CA ILE A 774 2.44 -3.79 -65.92
C ILE A 774 3.78 -3.65 -65.20
N TYR A 775 4.85 -4.04 -65.91
CA TYR A 775 6.23 -3.99 -65.43
C TYR A 775 7.09 -3.65 -66.63
N PRO A 776 7.25 -2.35 -66.97
CA PRO A 776 8.03 -2.01 -68.17
C PRO A 776 9.54 -2.07 -67.99
N LYS A 777 10.18 -2.87 -68.83
CA LYS A 777 11.61 -3.03 -68.79
C LYS A 777 12.30 -2.04 -69.73
N ARG A 808 23.69 6.62 -57.85
CA ARG A 808 22.34 6.65 -57.31
C ARG A 808 21.44 7.58 -58.12
N HIS A 809 22.04 8.61 -58.72
CA HIS A 809 21.30 9.54 -59.59
C HIS A 809 20.96 8.85 -60.90
N LEU A 810 21.82 7.92 -61.35
CA LEU A 810 21.59 7.16 -62.58
C LEU A 810 20.46 6.18 -62.31
N GLU A 811 20.45 5.58 -61.11
CA GLU A 811 19.38 4.65 -60.71
C GLU A 811 18.06 5.41 -60.54
N SER A 812 18.15 6.64 -60.05
CA SER A 812 16.99 7.52 -59.88
C SER A 812 16.37 7.96 -61.21
N ILE A 813 17.20 8.31 -62.21
CA ILE A 813 16.63 8.74 -63.49
C ILE A 813 16.09 7.56 -64.29
N LEU A 814 16.63 6.35 -64.05
CA LEU A 814 16.07 5.16 -64.71
C LEU A 814 14.74 4.80 -64.06
N ARG A 815 14.61 5.04 -62.74
CA ARG A 815 13.35 4.82 -62.05
C ARG A 815 12.29 5.87 -62.42
N ILE A 816 12.71 7.11 -62.64
CA ILE A 816 11.80 8.20 -63.04
C ILE A 816 11.33 7.97 -64.48
N ALA A 817 12.23 7.48 -65.36
CA ALA A 817 11.89 7.18 -66.74
C ALA A 817 10.96 5.98 -66.85
N GLU A 818 11.17 4.95 -65.99
CA GLU A 818 10.27 3.80 -66.03
C GLU A 818 8.95 4.14 -65.34
N SER A 819 8.95 5.14 -64.43
CA SER A 819 7.71 5.57 -63.79
C SER A 819 6.88 6.37 -64.79
N PHE A 820 7.55 7.12 -65.66
CA PHE A 820 6.87 7.88 -66.70
C PHE A 820 6.38 6.92 -67.79
N ALA A 821 7.10 5.81 -67.99
CA ALA A 821 6.66 4.79 -68.94
C ALA A 821 5.48 4.00 -68.37
N LYS A 822 5.43 3.89 -67.04
CA LYS A 822 4.33 3.22 -66.35
C LYS A 822 3.09 4.10 -66.44
N MET A 823 3.29 5.41 -66.34
CA MET A 823 2.18 6.35 -66.45
C MET A 823 1.73 6.49 -67.90
N ARG A 824 2.64 6.22 -68.83
CA ARG A 824 2.33 6.29 -70.26
C ARG A 824 1.70 4.98 -70.73
N LEU A 825 1.79 3.93 -69.88
CA LEU A 825 1.30 2.56 -70.07
C LEU A 825 1.89 1.91 -71.32
N SER A 826 3.21 1.97 -71.46
CA SER A 826 3.87 1.40 -72.61
C SER A 826 4.46 0.03 -72.28
N GLU A 827 5.01 -0.63 -73.30
CA GLU A 827 5.62 -1.93 -73.08
C GLU A 827 7.02 -1.76 -72.56
N PHE A 828 7.70 -0.68 -72.96
CA PHE A 828 9.05 -0.42 -72.52
C PHE A 828 9.23 1.09 -72.40
N LYS B 59 -28.25 22.20 56.36
CA LYS B 59 -27.13 21.27 56.41
C LYS B 59 -27.29 20.31 57.58
N GLY B 60 -26.18 19.92 58.21
CA GLY B 60 -26.21 18.99 59.32
C GLY B 60 -25.81 17.60 58.84
N PRO B 61 -26.80 16.71 58.68
CA PRO B 61 -26.51 15.35 58.19
C PRO B 61 -26.23 15.40 56.69
N LYS B 62 -24.96 15.65 56.35
CA LYS B 62 -24.42 15.80 54.98
C LYS B 62 -24.89 14.84 53.89
N TYR B 63 -25.13 13.57 54.23
CA TYR B 63 -25.61 12.62 53.24
C TYR B 63 -27.08 12.88 52.95
N MET B 64 -27.84 13.32 53.97
CA MET B 64 -29.25 13.65 53.76
C MET B 64 -29.33 15.00 53.03
N ALA B 65 -28.31 15.85 53.23
CA ALA B 65 -28.24 17.12 52.50
C ALA B 65 -27.88 16.88 51.05
N MET B 66 -27.09 15.83 50.78
CA MET B 66 -26.72 15.47 49.41
C MET B 66 -27.94 14.83 48.74
N LEU B 67 -28.77 14.14 49.53
CA LEU B 67 -30.02 13.56 49.01
C LEU B 67 -31.03 14.67 48.75
N GLN B 68 -30.95 15.77 49.51
CA GLN B 68 -31.83 16.91 49.29
C GLN B 68 -31.35 17.64 48.04
N LYS B 69 -30.02 17.65 47.83
CA LYS B 69 -29.42 18.27 46.65
C LYS B 69 -29.71 17.47 45.39
N VAL B 70 -29.85 16.15 45.52
CA VAL B 70 -30.18 15.33 44.35
C VAL B 70 -31.70 15.36 44.21
N ALA B 71 -32.42 15.75 45.28
CA ALA B 71 -33.87 15.93 45.20
C ALA B 71 -34.20 17.30 44.66
N ASN B 72 -33.21 18.19 44.62
CA ASN B 72 -33.33 19.54 44.08
C ASN B 72 -32.93 19.50 42.61
N ARG B 73 -32.40 18.33 42.19
CA ARG B 73 -31.94 18.00 40.82
C ARG B 73 -30.83 18.94 40.34
N GLU B 74 -29.73 18.97 41.08
CA GLU B 74 -28.59 19.81 40.74
C GLU B 74 -27.35 18.97 40.47
N LEU B 75 -27.30 17.75 40.97
CA LEU B 75 -26.15 16.88 40.77
C LEU B 75 -26.60 15.47 40.42
N ASN B 76 -25.69 14.70 39.82
CA ASN B 76 -25.98 13.33 39.42
C ASN B 76 -24.92 12.35 39.89
N SER B 77 -23.95 12.79 40.69
CA SER B 77 -22.88 11.93 41.16
C SER B 77 -22.83 11.82 42.68
N VAL B 78 -22.74 10.60 43.17
CA VAL B 78 -22.67 10.31 44.60
C VAL B 78 -21.30 9.74 44.94
N ILE B 79 -20.57 10.42 45.81
CA ILE B 79 -19.24 10.01 46.23
C ILE B 79 -19.24 9.58 47.69
N ILE B 80 -18.83 8.33 47.93
CA ILE B 80 -18.76 7.77 49.28
C ILE B 80 -17.32 7.50 49.68
N ASP B 81 -16.90 8.07 50.81
CA ASP B 81 -15.55 7.92 51.31
C ASP B 81 -15.48 6.94 52.47
N LEU B 82 -14.30 6.37 52.70
CA LEU B 82 -14.13 5.42 53.79
C LEU B 82 -13.72 6.11 55.08
N ASP B 83 -13.42 7.42 55.02
CA ASP B 83 -13.01 8.16 56.21
C ASP B 83 -14.18 8.39 57.14
N ASP B 84 -15.38 8.60 56.57
CA ASP B 84 -16.61 8.79 57.33
C ASP B 84 -17.03 7.47 57.93
N ILE B 85 -16.74 6.37 57.21
CA ILE B 85 -17.02 5.00 57.65
C ILE B 85 -16.12 4.68 58.84
N LEU B 86 -14.85 5.09 58.77
CA LEU B 86 -13.87 4.89 59.84
C LEU B 86 -14.23 5.71 61.08
N GLN B 87 -14.72 6.94 60.87
CA GLN B 87 -15.12 7.78 62.00
C GLN B 87 -16.42 7.29 62.65
N TYR B 88 -17.34 6.74 61.84
CA TYR B 88 -18.59 6.20 62.36
C TYR B 88 -18.30 4.90 63.10
N GLN B 89 -17.29 4.14 62.62
CA GLN B 89 -16.88 2.90 63.27
C GLN B 89 -16.20 3.20 64.60
N ASN B 90 -15.44 4.31 64.66
CA ASN B 90 -14.78 4.73 65.89
C ASN B 90 -15.80 5.20 66.92
N GLU B 91 -16.84 5.92 66.45
CA GLU B 91 -17.92 6.41 67.30
C GLU B 91 -18.77 5.25 67.82
N LYS B 92 -18.95 4.21 67.00
CA LYS B 92 -19.72 3.05 67.44
C LYS B 92 -18.89 2.13 68.33
N PHE B 93 -17.56 2.10 68.13
CA PHE B 93 -16.72 1.23 68.95
C PHE B 93 -16.40 1.84 70.30
N LEU B 94 -16.36 3.18 70.38
CA LEU B 94 -16.06 3.80 71.66
C LEU B 94 -17.25 3.84 72.59
N GLN B 95 -18.46 3.59 72.09
CA GLN B 95 -19.65 3.59 72.90
C GLN B 95 -20.01 2.18 73.35
N GLY B 96 -19.13 1.22 73.10
CA GLY B 96 -19.38 -0.15 73.51
C GLY B 96 -20.31 -0.93 72.63
N THR B 97 -20.69 -0.40 71.48
CA THR B 97 -21.59 -1.08 70.56
C THR B 97 -20.77 -1.93 69.61
N GLN B 98 -21.45 -2.85 68.91
CA GLN B 98 -20.76 -3.72 67.97
C GLN B 98 -20.44 -2.94 66.71
N ALA B 99 -19.21 -3.08 66.24
CA ALA B 99 -18.77 -2.38 65.04
C ALA B 99 -19.39 -2.96 63.78
N ASP B 100 -19.14 -4.27 63.54
CA ASP B 100 -19.56 -5.08 62.38
C ASP B 100 -19.01 -4.41 61.12
N ASP B 101 -17.68 -4.51 61.01
CA ASP B 101 -16.82 -3.88 59.99
C ASP B 101 -17.25 -3.80 58.53
N LEU B 102 -17.25 -2.56 58.04
CA LEU B 102 -17.62 -2.24 56.67
C LEU B 102 -16.40 -2.10 55.77
N VAL B 103 -15.31 -1.56 56.32
CA VAL B 103 -14.09 -1.31 55.54
C VAL B 103 -13.36 -2.61 55.15
N SER B 104 -13.65 -3.73 55.82
CA SER B 104 -13.02 -4.98 55.45
C SER B 104 -14.00 -5.72 54.54
N ALA B 105 -15.19 -5.17 54.34
CA ALA B 105 -16.20 -5.80 53.50
C ALA B 105 -16.49 -4.98 52.24
N ILE B 106 -16.09 -3.71 52.22
CA ILE B 106 -16.32 -2.88 51.04
C ILE B 106 -15.20 -3.24 50.06
N GLN B 107 -13.99 -3.47 50.59
CA GLN B 107 -12.78 -3.81 49.83
C GLN B 107 -12.85 -5.07 48.97
N GLN B 108 -13.71 -6.01 49.31
CA GLN B 108 -13.90 -7.21 48.53
C GLN B 108 -15.35 -7.16 48.04
N ASN B 109 -15.53 -7.46 46.75
CA ASN B 109 -16.81 -7.50 46.02
C ASN B 109 -17.60 -6.19 46.09
N ALA B 110 -17.05 -5.11 45.52
CA ALA B 110 -17.75 -3.83 45.55
C ALA B 110 -18.88 -3.76 44.52
N ASN B 111 -18.93 -4.69 43.57
CA ASN B 111 -20.00 -4.73 42.59
C ASN B 111 -21.32 -5.17 43.21
N HIS B 112 -21.26 -5.93 44.31
CA HIS B 112 -22.48 -6.36 44.97
C HIS B 112 -22.86 -5.24 45.93
N PHE B 113 -21.85 -4.54 46.47
CA PHE B 113 -22.09 -3.46 47.41
C PHE B 113 -22.65 -2.21 46.74
N THR B 114 -22.34 -2.00 45.46
CA THR B 114 -22.84 -0.83 44.75
C THR B 114 -24.28 -1.04 44.28
N GLU B 115 -24.78 -2.28 44.34
CA GLU B 115 -26.15 -2.59 43.99
C GLU B 115 -26.94 -2.90 45.25
N LEU B 116 -26.26 -3.09 46.38
CA LEU B 116 -26.91 -3.37 47.65
C LEU B 116 -27.06 -2.13 48.52
N PHE B 117 -26.07 -1.23 48.52
CA PHE B 117 -26.20 -0.02 49.33
C PHE B 117 -27.03 1.03 48.63
N CYS B 118 -27.19 0.89 47.30
CA CYS B 118 -27.97 1.79 46.46
C CYS B 118 -29.44 1.66 46.82
N ARG B 119 -29.90 0.45 47.17
CA ARG B 119 -31.28 0.26 47.58
C ARG B 119 -31.51 0.81 48.99
N ALA B 120 -30.45 0.84 49.80
CA ALA B 120 -30.56 1.40 51.14
C ALA B 120 -30.61 2.91 51.09
N ILE B 121 -30.01 3.49 50.04
CA ILE B 121 -30.06 4.93 49.83
C ILE B 121 -31.46 5.17 49.26
N ASP B 122 -31.92 4.26 48.39
CA ASP B 122 -33.25 4.35 47.78
C ASP B 122 -34.44 4.16 48.72
N ASN B 123 -34.22 3.61 49.90
CA ASN B 123 -35.28 3.40 50.86
C ASN B 123 -35.70 4.70 51.54
N LEU B 196 -33.95 1.38 37.47
CA LEU B 196 -34.68 1.98 36.36
C LEU B 196 -35.01 3.42 36.67
N THR B 197 -35.29 3.69 37.94
CA THR B 197 -35.63 5.03 38.40
C THR B 197 -34.43 5.66 39.10
N ARG B 198 -33.22 5.26 38.72
CA ARG B 198 -32.00 5.80 39.32
C ARG B 198 -31.68 7.17 38.77
N ARG B 199 -31.93 8.21 39.57
CA ARG B 199 -31.64 9.57 39.15
C ARG B 199 -30.16 9.85 39.28
N TYR B 200 -29.51 9.23 40.26
CA TYR B 200 -28.10 9.43 40.53
C TYR B 200 -27.21 8.31 39.99
N PHE B 201 -25.93 8.42 40.32
CA PHE B 201 -24.90 7.46 39.96
C PHE B 201 -24.05 7.30 41.21
N LEU B 202 -23.85 6.05 41.64
CA LEU B 202 -23.09 5.77 42.84
C LEU B 202 -21.63 5.47 42.53
N TYR B 203 -20.74 6.08 43.29
CA TYR B 203 -19.31 5.89 43.14
C TYR B 203 -18.62 5.84 44.50
N PHE B 204 -17.41 5.30 44.52
CA PHE B 204 -16.64 5.17 45.73
C PHE B 204 -15.26 5.81 45.62
N LYS B 205 -14.60 5.94 46.77
CA LYS B 205 -13.25 6.46 46.87
C LYS B 205 -12.64 5.84 48.11
N PRO B 206 -11.36 5.46 48.08
CA PRO B 206 -10.76 4.83 49.26
C PRO B 206 -10.17 5.82 50.24
N LEU B 207 -9.66 5.30 51.34
CA LEU B 207 -9.03 6.10 52.38
C LEU B 207 -7.56 6.31 52.05
N SER B 208 -7.00 7.42 52.50
CA SER B 208 -5.60 7.70 52.25
C SER B 208 -4.69 7.00 53.26
N GLN B 209 -3.38 7.22 53.10
CA GLN B 209 -2.43 6.62 54.02
C GLN B 209 -2.39 7.35 55.36
N ASN B 210 -2.81 8.62 55.35
CA ASN B 210 -2.85 9.44 56.57
C ASN B 210 -3.97 8.97 57.48
N CYS B 211 -5.04 8.42 56.89
CA CYS B 211 -6.14 7.90 57.68
C CYS B 211 -5.86 6.43 57.94
N ALA B 212 -4.85 5.86 57.29
CA ALA B 212 -4.49 4.47 57.50
C ALA B 212 -3.52 4.33 58.66
N ARG B 213 -2.64 5.33 58.85
CA ARG B 213 -1.70 5.27 59.96
C ARG B 213 -2.44 5.68 61.23
N ARG B 214 -3.47 6.53 61.08
CA ARG B 214 -4.28 6.93 62.21
C ARG B 214 -5.24 5.78 62.48
N TYR B 215 -5.33 5.37 63.77
CA TYR B 215 -6.11 4.29 64.40
C TYR B 215 -5.58 2.87 64.06
N ARG B 216 -4.57 2.76 63.18
CA ARG B 216 -3.88 1.56 62.67
C ARG B 216 -4.80 0.48 62.12
N ILE B 220 -2.89 0.04 53.19
CA ILE B 220 -3.50 -1.22 53.56
C ILE B 220 -4.55 -1.58 52.52
N SER B 221 -5.70 -0.93 52.61
CA SER B 221 -6.76 -1.21 51.64
C SER B 221 -6.48 -0.44 50.36
N SER B 222 -5.79 0.70 50.45
CA SER B 222 -5.48 1.50 49.27
C SER B 222 -3.96 1.67 49.12
N LYS B 223 -3.35 0.73 48.43
CA LYS B 223 -1.91 0.80 48.21
C LYS B 223 -1.68 1.12 46.74
N PRO B 224 -0.58 1.84 46.39
CA PRO B 224 -0.31 2.13 44.97
C PRO B 224 0.19 0.87 44.29
N LEU B 225 -0.66 0.29 43.45
CA LEU B 225 -0.31 -0.96 42.80
C LEU B 225 0.17 -0.84 41.36
N SER B 226 1.14 -1.70 41.03
CA SER B 226 1.69 -1.81 39.69
C SER B 226 0.83 -2.80 38.93
N VAL B 227 1.08 -2.91 37.63
CA VAL B 227 0.32 -3.87 36.83
C VAL B 227 1.09 -5.18 36.81
N ARG B 228 2.32 -5.18 37.34
CA ARG B 228 3.13 -6.37 37.42
C ARG B 228 2.85 -6.92 38.81
N GLN B 229 2.31 -6.07 39.70
CA GLN B 229 1.98 -6.43 41.06
C GLN B 229 0.50 -6.79 41.17
N ILE B 230 -0.11 -7.30 40.10
CA ILE B 230 -1.53 -7.63 40.16
C ILE B 230 -1.77 -9.02 40.77
N LYS B 231 -0.85 -10.00 40.51
CA LYS B 231 -0.78 -11.41 40.98
C LYS B 231 -1.96 -12.30 40.45
N GLY B 232 -2.95 -11.78 39.72
CA GLY B 232 -4.05 -12.59 39.23
C GLY B 232 -5.21 -12.71 40.20
N ASP B 233 -4.93 -13.00 41.48
CA ASP B 233 -5.85 -13.19 42.60
C ASP B 233 -6.43 -11.89 43.16
N PHE B 234 -6.14 -10.73 42.56
CA PHE B 234 -6.69 -9.47 43.06
C PHE B 234 -7.91 -9.08 42.22
N LEU B 235 -8.47 -10.02 41.47
CA LEU B 235 -9.64 -9.75 40.66
C LEU B 235 -10.88 -9.68 41.53
N GLY B 236 -11.20 -8.46 41.96
CA GLY B 236 -12.32 -8.20 42.79
C GLY B 236 -12.01 -7.36 44.02
N GLN B 237 -10.79 -6.85 44.09
CA GLN B 237 -10.40 -5.99 45.19
C GLN B 237 -10.35 -4.59 44.63
N LEU B 238 -10.50 -3.59 45.49
CA LEU B 238 -10.43 -2.22 45.00
C LEU B 238 -8.93 -1.95 44.94
N ILE B 239 -8.48 -1.44 43.82
CA ILE B 239 -7.07 -1.18 43.63
C ILE B 239 -6.85 0.24 43.13
N THR B 240 -5.74 0.83 43.57
CA THR B 240 -5.34 2.17 43.18
C THR B 240 -4.07 1.98 42.36
N VAL B 241 -4.20 2.16 41.05
CA VAL B 241 -3.10 2.01 40.13
C VAL B 241 -2.55 3.36 39.69
N ARG B 242 -1.22 3.45 39.62
CA ARG B 242 -0.53 4.66 39.22
C ARG B 242 0.12 4.44 37.86
N GLY B 243 -0.10 5.37 36.95
CA GLY B 243 0.52 5.19 35.65
C GLY B 243 0.17 6.29 34.67
N ILE B 244 0.84 6.23 33.52
CA ILE B 244 0.62 7.18 32.45
C ILE B 244 -0.52 6.68 31.58
N ILE B 245 -1.17 7.59 30.86
CA ILE B 245 -2.23 7.15 29.98
C ILE B 245 -1.89 7.45 28.53
N THR B 246 -1.80 6.40 27.72
CA THR B 246 -1.44 6.59 26.32
C THR B 246 -2.64 6.48 25.39
N ARG B 247 -3.49 5.49 25.62
CA ARG B 247 -4.64 5.28 24.75
C ARG B 247 -5.95 5.59 25.46
N VAL B 248 -6.76 6.43 24.83
CA VAL B 248 -8.05 6.82 25.35
C VAL B 248 -9.00 6.68 24.16
N SER B 249 -10.29 6.59 24.44
CA SER B 249 -11.27 6.45 23.37
C SER B 249 -12.31 7.55 23.50
N ASP B 250 -13.22 7.60 22.54
CA ASP B 250 -14.26 8.62 22.56
C ASP B 250 -15.38 8.18 23.50
N VAL B 251 -16.19 9.14 23.93
CA VAL B 251 -17.31 8.85 24.81
C VAL B 251 -18.45 8.25 23.98
N LYS B 252 -18.91 7.06 24.36
CA LYS B 252 -19.98 6.45 23.60
C LYS B 252 -21.11 5.97 24.50
N PRO B 253 -22.37 6.04 24.03
CA PRO B 253 -23.48 5.58 24.87
C PRO B 253 -23.67 4.07 24.79
N ALA B 254 -23.51 3.42 25.94
CA ALA B 254 -23.71 1.99 26.04
C ALA B 254 -24.99 1.79 26.82
N VAL B 255 -25.85 0.92 26.33
CA VAL B 255 -27.14 0.69 26.98
C VAL B 255 -26.93 -0.23 28.19
N GLU B 256 -27.83 -0.13 29.16
CA GLU B 256 -27.80 -0.96 30.35
C GLU B 256 -29.05 -1.81 30.37
N VAL B 257 -30.18 -1.22 30.03
CA VAL B 257 -31.47 -1.90 29.97
C VAL B 257 -32.19 -1.50 28.68
N ILE B 258 -32.75 -2.49 28.00
CA ILE B 258 -33.46 -2.30 26.74
C ILE B 258 -34.95 -2.25 27.03
N ALA B 259 -35.60 -1.17 26.59
CA ALA B 259 -37.03 -0.95 26.78
C ALA B 259 -37.81 -1.32 25.52
N TYR B 260 -38.82 -2.19 25.68
CA TYR B 260 -39.68 -2.61 24.60
C TYR B 260 -41.11 -2.19 24.89
N THR B 261 -41.76 -1.65 23.87
CA THR B 261 -43.14 -1.18 23.95
C THR B 261 -44.06 -1.96 23.02
N CYS B 262 -45.32 -2.12 23.45
CA CYS B 262 -46.33 -2.83 22.68
C CYS B 262 -47.58 -1.98 22.58
N ASP B 263 -48.35 -2.19 21.52
CA ASP B 263 -49.57 -1.42 21.32
C ASP B 263 -50.74 -2.31 21.69
N GLN B 264 -50.52 -3.63 21.71
CA GLN B 264 -51.60 -4.55 22.03
C GLN B 264 -51.93 -4.60 23.51
N CYS B 265 -50.90 -4.64 24.36
CA CYS B 265 -51.17 -4.72 25.80
C CYS B 265 -50.89 -3.41 26.54
N GLY B 266 -49.84 -2.70 26.13
CA GLY B 266 -49.48 -1.46 26.80
C GLY B 266 -48.44 -1.62 27.87
N TYR B 267 -48.21 -2.84 28.34
CA TYR B 267 -47.20 -3.08 29.37
C TYR B 267 -45.83 -3.07 28.74
N GLU B 268 -45.06 -2.00 29.01
CA GLU B 268 -43.73 -1.92 28.46
C GLU B 268 -42.79 -2.76 29.31
N VAL B 269 -42.00 -3.60 28.64
CA VAL B 269 -41.07 -4.48 29.32
C VAL B 269 -39.64 -3.95 29.23
N PHE B 270 -38.82 -4.36 30.18
CA PHE B 270 -37.43 -3.93 30.27
C PHE B 270 -36.52 -5.11 30.54
N GLN B 271 -35.55 -5.33 29.65
CA GLN B 271 -34.59 -6.41 29.85
C GLN B 271 -33.24 -5.82 30.19
N GLU B 272 -32.44 -6.58 30.93
CA GLU B 272 -31.13 -6.11 31.36
C GLU B 272 -29.99 -6.83 30.66
N VAL B 273 -29.10 -6.08 30.04
CA VAL B 273 -27.95 -6.64 29.35
C VAL B 273 -26.72 -6.53 30.25
N ASN B 274 -25.79 -7.47 30.11
CA ASN B 274 -24.60 -7.46 30.92
C ASN B 274 -23.33 -7.59 30.10
N SER B 275 -23.42 -8.32 29.00
CA SER B 275 -22.27 -8.55 28.15
C SER B 275 -22.05 -7.44 27.14
N ARG B 276 -21.13 -7.67 26.20
CA ARG B 276 -20.83 -6.69 25.17
C ARG B 276 -21.92 -6.74 24.12
N THR B 277 -22.47 -7.92 23.85
CA THR B 277 -23.52 -8.08 22.87
C THR B 277 -24.80 -8.60 23.50
N PHE B 278 -25.87 -8.62 22.70
CA PHE B 278 -27.18 -9.08 23.13
C PHE B 278 -28.01 -9.49 21.92
N THR B 279 -29.18 -10.04 22.19
CA THR B 279 -30.08 -10.47 21.16
C THR B 279 -31.43 -9.76 21.33
N PRO B 280 -32.14 -9.45 20.24
CA PRO B 280 -33.43 -8.78 20.38
C PRO B 280 -34.52 -9.76 20.79
N LEU B 281 -35.23 -9.43 21.87
CA LEU B 281 -36.31 -10.27 22.36
C LEU B 281 -37.57 -9.98 21.58
N SER B 282 -37.72 -10.63 20.43
CA SER B 282 -38.91 -10.41 19.59
C SER B 282 -40.14 -11.07 20.17
N GLU B 283 -39.96 -12.12 20.96
CA GLU B 283 -41.09 -12.81 21.56
C GLU B 283 -41.56 -12.00 22.77
N CYS B 284 -42.87 -11.88 22.93
CA CYS B 284 -43.44 -11.12 24.03
C CYS B 284 -43.44 -11.92 25.32
N THR B 285 -42.91 -11.34 26.37
CA THR B 285 -42.85 -11.99 27.68
C THR B 285 -43.66 -11.19 28.69
N SER B 286 -44.75 -10.56 28.25
CA SER B 286 -45.55 -9.77 29.17
C SER B 286 -46.48 -10.62 30.00
N GLU B 287 -47.20 -9.98 30.91
CA GLU B 287 -48.13 -10.69 31.78
C GLU B 287 -49.51 -10.82 31.18
N GLU B 288 -49.73 -10.30 29.97
CA GLU B 288 -51.02 -10.40 29.32
C GLU B 288 -50.95 -11.32 28.12
N CYS B 289 -49.78 -11.43 27.48
CA CYS B 289 -49.63 -12.29 26.32
C CYS B 289 -49.36 -13.75 26.68
N SER B 290 -49.21 -14.08 27.97
CA SER B 290 -48.98 -15.45 28.35
C SER B 290 -50.32 -16.19 28.28
N GLN B 291 -51.39 -15.54 28.76
CA GLN B 291 -52.73 -16.14 28.69
C GLN B 291 -53.47 -15.72 27.41
N ASN B 292 -52.81 -15.86 26.27
CA ASN B 292 -53.41 -15.46 25.00
C ASN B 292 -52.90 -16.23 23.79
N GLN B 293 -53.75 -16.29 22.77
CA GLN B 293 -53.40 -16.95 21.53
C GLN B 293 -52.51 -16.01 20.73
N THR B 294 -52.86 -14.72 20.71
CA THR B 294 -52.08 -13.73 19.97
C THR B 294 -50.79 -13.37 20.69
N LYS B 295 -49.73 -13.21 19.90
CA LYS B 295 -48.40 -12.88 20.40
C LYS B 295 -47.76 -11.73 19.63
N GLY B 296 -48.53 -10.63 19.48
CA GLY B 296 -48.20 -9.39 18.77
C GLY B 296 -46.82 -8.77 18.92
N GLN B 297 -46.35 -8.16 17.83
CA GLN B 297 -45.04 -7.52 17.67
C GLN B 297 -44.69 -6.47 18.72
N LEU B 298 -43.40 -6.37 19.03
CA LEU B 298 -42.88 -5.46 20.03
C LEU B 298 -41.89 -4.53 19.36
N PHE B 299 -41.77 -3.32 19.90
CA PHE B 299 -40.87 -2.33 19.33
C PHE B 299 -39.89 -1.81 20.39
N MET B 300 -38.80 -1.21 19.95
CA MET B 300 -37.83 -0.70 20.90
C MET B 300 -37.91 0.81 21.09
N SER B 301 -37.51 1.25 22.28
CA SER B 301 -37.51 2.67 22.61
C SER B 301 -36.11 3.12 22.98
N THR B 302 -35.60 4.13 22.28
CA THR B 302 -34.27 4.66 22.53
C THR B 302 -34.33 5.79 23.55
N ARG B 303 -35.53 6.16 23.98
CA ARG B 303 -35.71 7.22 24.96
C ARG B 303 -35.91 6.72 26.37
N ALA B 304 -36.71 5.66 26.56
CA ALA B 304 -36.93 5.13 27.89
C ALA B 304 -35.80 4.20 28.33
N SER B 305 -34.95 3.78 27.40
CA SER B 305 -33.84 2.91 27.71
C SER B 305 -32.73 3.69 28.42
N LYS B 306 -32.17 3.12 29.47
CA LYS B 306 -31.10 3.80 30.20
C LYS B 306 -29.75 3.52 29.56
N PHE B 307 -29.03 4.60 29.29
CA PHE B 307 -27.71 4.53 28.68
C PHE B 307 -26.66 4.99 29.69
N SER B 308 -25.40 4.90 29.29
CA SER B 308 -24.28 5.32 30.12
C SER B 308 -23.11 5.73 29.24
N ALA B 309 -22.40 6.76 29.68
CA ALA B 309 -21.25 7.26 28.93
C ALA B 309 -20.06 6.34 29.16
N PHE B 310 -19.92 5.33 28.30
CA PHE B 310 -18.87 4.35 28.39
C PHE B 310 -17.62 4.80 27.66
N GLN B 311 -16.46 4.47 28.22
CA GLN B 311 -15.17 4.81 27.63
C GLN B 311 -14.09 3.84 28.08
N GLU B 312 -13.29 3.37 27.12
CA GLU B 312 -12.21 2.45 27.46
C GLU B 312 -10.90 3.22 27.46
N CYS B 313 -9.97 2.77 28.30
CA CYS B 313 -8.67 3.42 28.38
C CYS B 313 -7.58 2.40 28.67
N LYS B 314 -6.38 2.69 28.21
CA LYS B 314 -5.26 1.80 28.43
C LYS B 314 -4.24 2.44 29.36
N ILE B 315 -4.15 1.93 30.57
CA ILE B 315 -3.20 2.44 31.56
C ILE B 315 -1.89 1.71 31.27
N GLN B 316 -0.77 2.41 31.41
CA GLN B 316 0.53 1.82 31.15
C GLN B 316 1.37 1.84 32.43
N GLU B 317 2.35 0.95 32.46
CA GLU B 317 3.22 0.81 33.62
C GLU B 317 4.22 1.97 33.68
N LEU B 318 4.48 2.46 34.89
CA LEU B 318 5.39 3.58 35.15
C LEU B 318 6.82 3.17 34.81
N SER B 319 7.62 4.15 34.38
CA SER B 319 8.99 3.91 33.94
C SER B 319 10.01 3.44 34.98
N GLN B 320 9.98 4.01 36.19
CA GLN B 320 10.97 3.58 37.16
C GLN B 320 10.43 2.46 38.03
N GLN B 321 9.16 2.11 37.87
CA GLN B 321 8.55 1.04 38.65
C GLN B 321 8.65 -0.28 37.92
N VAL B 322 9.11 -0.29 36.67
CA VAL B 322 9.22 -1.54 35.93
C VAL B 322 10.55 -2.18 36.37
N PRO B 323 10.69 -3.52 36.36
CA PRO B 323 11.98 -4.11 36.76
C PRO B 323 13.09 -3.98 35.73
N VAL B 324 14.24 -4.60 36.04
CA VAL B 324 15.39 -4.55 35.16
C VAL B 324 15.21 -5.41 33.93
N GLY B 325 15.22 -4.78 32.75
CA GLY B 325 15.07 -5.47 31.50
C GLY B 325 13.66 -5.58 30.98
N HIS B 326 12.65 -5.61 31.85
CA HIS B 326 11.26 -5.74 31.46
C HIS B 326 10.69 -4.52 30.75
N ILE B 327 9.57 -4.69 30.06
CA ILE B 327 8.94 -3.61 29.31
C ILE B 327 7.65 -3.19 30.02
N PRO B 328 7.25 -1.90 29.92
CA PRO B 328 6.01 -1.47 30.59
C PRO B 328 4.70 -1.89 29.94
N ARG B 329 4.22 -3.09 30.26
CA ARG B 329 2.96 -3.64 29.76
C ARG B 329 1.73 -2.83 30.18
N SER B 330 0.65 -2.95 29.42
CA SER B 330 -0.57 -2.22 29.67
C SER B 330 -1.71 -3.00 30.32
N LEU B 331 -2.78 -2.28 30.63
CA LEU B 331 -3.98 -2.84 31.24
C LEU B 331 -5.17 -2.00 30.79
N ASN B 332 -6.36 -2.60 30.76
CA ASN B 332 -7.57 -1.93 30.34
C ASN B 332 -8.50 -1.47 31.46
N ILE B 333 -8.99 -0.23 31.36
CA ILE B 333 -9.90 0.37 32.32
C ILE B 333 -11.17 0.81 31.60
N HIS B 334 -12.31 0.29 32.05
CA HIS B 334 -13.60 0.63 31.48
C HIS B 334 -14.35 1.59 32.40
N VAL B 335 -14.50 2.86 32.01
CA VAL B 335 -15.19 3.83 32.84
C VAL B 335 -16.59 4.11 32.32
N ASN B 336 -17.47 4.53 33.24
CA ASN B 336 -18.86 4.84 32.97
C ASN B 336 -19.32 6.07 33.75
N GLY B 337 -20.28 6.80 33.18
CA GLY B 337 -20.83 7.95 33.87
C GLY B 337 -19.96 9.20 33.84
N THR B 338 -20.17 10.05 34.87
CA THR B 338 -19.51 11.36 35.05
C THR B 338 -17.98 11.44 35.13
N LEU B 339 -17.30 10.29 35.23
CA LEU B 339 -15.85 10.21 35.29
C LEU B 339 -15.29 10.19 33.86
N VAL B 340 -16.18 10.07 32.85
CA VAL B 340 -15.85 9.99 31.42
C VAL B 340 -15.02 11.15 30.81
N ARG B 341 -14.98 12.31 31.47
CA ARG B 341 -14.20 13.42 30.95
C ARG B 341 -13.08 13.80 31.92
N SER B 342 -12.74 12.89 32.85
CA SER B 342 -11.67 13.21 33.79
C SER B 342 -10.36 12.60 33.32
N LEU B 343 -10.34 11.99 32.15
CA LEU B 343 -9.15 11.34 31.64
C LEU B 343 -8.70 11.88 30.29
N SER B 344 -7.76 12.82 30.32
CA SER B 344 -7.21 13.43 29.11
C SER B 344 -5.82 12.85 28.96
N PRO B 345 -5.50 12.30 27.76
CA PRO B 345 -4.19 11.63 27.54
C PRO B 345 -2.97 12.54 27.61
N GLY B 346 -1.89 11.93 28.08
CA GLY B 346 -0.63 12.63 28.24
C GLY B 346 -0.38 13.00 29.68
N ASP B 347 -0.94 12.23 30.62
CA ASP B 347 -0.79 12.50 32.04
C ASP B 347 -0.58 11.28 32.92
N ILE B 348 -0.19 11.55 34.17
CA ILE B 348 0.00 10.55 35.20
C ILE B 348 -1.26 10.56 36.05
N VAL B 349 -1.81 9.39 36.30
CA VAL B 349 -3.05 9.27 37.09
C VAL B 349 -3.01 8.16 38.11
N ASP B 350 -3.85 8.32 39.13
CA ASP B 350 -4.04 7.32 40.18
C ASP B 350 -5.51 6.99 40.06
N VAL B 351 -5.78 5.77 39.62
CA VAL B 351 -7.12 5.27 39.38
C VAL B 351 -7.51 4.25 40.44
N THR B 352 -8.61 4.50 41.14
CA THR B 352 -9.10 3.62 42.18
C THR B 352 -10.39 3.00 41.68
N GLY B 353 -10.39 1.67 41.56
CA GLY B 353 -11.57 0.99 41.08
C GLY B 353 -11.51 -0.50 41.35
N ILE B 354 -12.58 -1.18 40.98
CA ILE B 354 -12.70 -2.62 41.16
C ILE B 354 -12.01 -3.29 39.97
N PHE B 355 -11.61 -4.54 40.14
CA PHE B 355 -10.92 -5.30 39.10
C PHE B 355 -11.76 -6.49 38.66
N LEU B 356 -12.34 -6.37 37.46
CA LEU B 356 -13.17 -7.44 36.93
C LEU B 356 -12.31 -8.56 36.36
N LEU B 376 -11.31 -2.86 34.01
CA LEU B 376 -11.30 -2.21 35.32
C LEU B 376 -12.41 -1.18 35.37
N GLU B 377 -13.31 -1.32 36.33
CA GLU B 377 -14.41 -0.39 36.51
C GLU B 377 -13.95 0.65 37.53
N ALA B 378 -13.56 1.81 37.04
CA ALA B 378 -13.05 2.87 37.90
C ALA B 378 -14.16 3.56 38.67
N GLN B 379 -13.82 4.01 39.87
CA GLN B 379 -14.73 4.70 40.75
C GLN B 379 -14.22 6.09 41.06
N PHE B 380 -12.91 6.26 41.21
CA PHE B 380 -12.36 7.59 41.49
C PHE B 380 -10.96 7.78 40.92
N VAL B 381 -10.75 8.93 40.27
CA VAL B 381 -9.45 9.22 39.69
C VAL B 381 -8.86 10.50 40.27
N ARG B 382 -7.53 10.57 40.26
CA ARG B 382 -6.83 11.75 40.74
C ARG B 382 -5.52 11.89 39.98
N GLN B 383 -4.95 13.09 40.00
CA GLN B 383 -3.71 13.34 39.29
C GLN B 383 -2.79 14.26 40.06
N HIS B 384 -1.49 14.17 39.79
CA HIS B 384 -0.51 14.99 40.46
C HIS B 384 -0.40 16.35 39.77
N ASP B 396 15.47 11.85 56.75
CA ASP B 396 16.24 10.86 56.01
C ASP B 396 16.56 11.35 54.61
N VAL B 397 15.70 12.21 54.07
CA VAL B 397 15.85 12.77 52.74
C VAL B 397 16.70 14.05 52.85
N GLU B 398 16.50 14.79 53.96
CA GLU B 398 17.25 16.02 54.18
C GLU B 398 18.71 15.75 54.52
N GLU B 399 19.01 14.57 55.10
CA GLU B 399 20.38 14.19 55.42
C GLU B 399 21.07 13.82 54.12
N ARG B 400 20.33 13.20 53.20
CA ARG B 400 20.83 12.81 51.89
C ARG B 400 21.12 14.01 51.00
N VAL B 401 20.40 15.12 51.19
CA VAL B 401 20.71 16.29 50.37
C VAL B 401 21.79 17.14 51.07
N MET B 402 21.80 17.19 52.41
CA MET B 402 22.82 17.99 53.09
C MET B 402 24.20 17.35 53.14
N GLU B 403 24.30 16.03 52.94
CA GLU B 403 25.62 15.44 52.93
C GLU B 403 26.19 15.53 51.51
N LEU B 404 25.33 15.80 50.53
CA LEU B 404 25.80 15.97 49.16
C LEU B 404 26.23 17.42 49.01
N ILE B 405 25.58 18.32 49.76
CA ILE B 405 25.94 19.73 49.67
C ILE B 405 27.25 20.03 50.40
N THR B 406 27.38 19.58 51.66
CA THR B 406 28.56 19.84 52.49
C THR B 406 29.97 19.37 52.08
N SER B 407 30.09 18.59 51.01
CA SER B 407 31.41 18.13 50.60
C SER B 407 32.23 19.19 49.89
N GLY B 408 31.57 20.23 49.37
CA GLY B 408 32.26 21.27 48.65
C GLY B 408 32.39 20.94 47.18
N ASP B 409 32.25 22.02 46.37
CA ASP B 409 32.28 22.04 44.89
C ASP B 409 31.20 21.09 44.36
N VAL B 410 29.95 21.43 44.70
CA VAL B 410 28.75 20.65 44.38
C VAL B 410 28.53 20.46 42.88
N TYR B 411 28.75 21.52 42.09
CA TYR B 411 28.57 21.51 40.63
C TYR B 411 29.55 20.58 39.91
N ASN B 412 30.84 20.66 40.26
CA ASN B 412 31.84 19.80 39.63
C ASN B 412 31.75 18.36 40.11
N ARG B 413 31.30 18.15 41.37
CA ARG B 413 31.14 16.79 41.91
C ARG B 413 29.95 16.12 41.24
N LEU B 414 28.86 16.87 41.04
CA LEU B 414 27.68 16.32 40.37
C LEU B 414 27.92 16.19 38.87
N ALA B 415 28.88 16.96 38.33
CA ALA B 415 29.24 16.81 36.93
C ALA B 415 30.06 15.53 36.75
N LYS B 416 31.16 15.39 37.49
CA LYS B 416 31.98 14.19 37.35
C LYS B 416 31.42 12.91 38.00
N SER B 417 30.29 13.00 38.68
CA SER B 417 29.69 11.82 39.27
C SER B 417 28.88 11.02 38.27
N ILE B 418 28.10 11.69 37.41
CA ILE B 418 27.29 10.99 36.44
C ILE B 418 28.17 10.53 35.28
N ALA B 419 27.93 9.29 34.82
CA ALA B 419 28.60 8.54 33.76
C ALA B 419 30.13 8.47 33.93
N PRO B 420 30.66 7.75 34.92
CA PRO B 420 32.12 7.73 35.09
C PRO B 420 32.82 6.61 34.34
N GLU B 421 32.15 5.91 33.44
CA GLU B 421 32.79 4.82 32.71
C GLU B 421 33.40 5.32 31.40
N ILE B 422 33.32 6.61 31.14
CA ILE B 422 33.87 7.23 29.94
C ILE B 422 35.04 8.11 30.33
N TYR B 423 35.76 8.62 29.35
CA TYR B 423 36.91 9.47 29.63
C TYR B 423 36.63 10.93 29.34
N GLY B 424 36.95 11.78 30.33
CA GLY B 424 36.87 13.23 30.29
C GLY B 424 35.50 13.79 29.98
N ASN B 425 35.51 14.73 29.00
CA ASN B 425 34.40 15.53 28.44
C ASN B 425 33.45 16.10 29.50
N LEU B 426 34.04 16.80 30.48
CA LEU B 426 33.30 17.41 31.58
C LEU B 426 32.39 18.54 31.12
N ASP B 427 32.76 19.23 30.05
CA ASP B 427 31.95 20.35 29.55
C ASP B 427 30.66 19.91 28.86
N VAL B 428 30.74 18.86 28.04
CA VAL B 428 29.60 18.31 27.29
C VAL B 428 28.61 17.70 28.27
N LYS B 429 29.12 16.94 29.21
CA LYS B 429 28.27 16.28 30.18
C LYS B 429 27.87 17.28 31.30
N LYS B 430 28.57 18.42 31.42
CA LYS B 430 28.22 19.48 32.36
C LYS B 430 27.00 20.20 31.80
N ALA B 431 26.96 20.35 30.47
CA ALA B 431 25.79 20.93 29.83
C ALA B 431 24.64 19.92 29.82
N LEU B 432 24.96 18.61 29.85
CA LEU B 432 23.94 17.56 29.96
C LEU B 432 23.31 17.61 31.37
N LEU B 433 24.12 18.00 32.38
CA LEU B 433 23.65 18.17 33.76
C LEU B 433 22.69 19.36 33.79
N LEU B 434 23.04 20.45 33.09
CA LEU B 434 22.15 21.61 33.00
C LEU B 434 20.93 21.33 32.12
N LEU B 435 21.04 20.35 31.22
CA LEU B 435 19.94 19.96 30.36
C LEU B 435 18.90 19.16 31.14
N LEU B 436 19.35 18.17 31.95
CA LEU B 436 18.37 17.37 32.69
C LEU B 436 17.84 18.09 33.93
N VAL B 437 18.48 19.21 34.34
CA VAL B 437 17.91 19.94 35.47
C VAL B 437 16.76 20.83 34.90
N GLY B 438 16.72 21.06 33.58
CA GLY B 438 15.67 21.77 32.87
C GLY B 438 15.72 23.28 32.84
N GLY B 439 15.37 23.97 33.92
CA GLY B 439 15.35 25.41 33.90
C GLY B 439 14.03 25.96 34.39
N VAL B 440 13.71 27.20 34.05
CA VAL B 440 12.48 27.87 34.49
C VAL B 440 11.49 28.16 33.36
N ASP B 441 10.28 27.61 33.47
CA ASP B 441 9.24 27.88 32.49
C ASP B 441 8.62 29.24 32.81
N LYS B 442 8.63 30.14 31.84
CA LYS B 442 8.11 31.49 32.02
C LYS B 442 6.76 31.72 31.35
N ARG B 443 5.81 32.23 32.11
CA ARG B 443 4.48 32.55 31.63
C ARG B 443 4.26 34.05 31.79
N VAL B 444 3.78 34.70 30.72
CA VAL B 444 3.57 36.14 30.77
C VAL B 444 2.18 36.43 31.33
N GLY B 445 1.29 35.44 31.36
CA GLY B 445 -0.05 35.66 31.88
C GLY B 445 -0.94 36.48 30.97
N ASP B 446 -0.62 36.52 29.68
CA ASP B 446 -1.39 37.28 28.71
C ASP B 446 -1.60 36.44 27.45
N GLY B 447 -1.50 35.13 27.59
CA GLY B 447 -1.70 34.24 26.46
C GLY B 447 -0.46 33.97 25.63
N MET B 448 0.69 33.84 26.29
CA MET B 448 1.94 33.56 25.59
C MET B 448 2.91 32.83 26.51
N LYS B 449 3.30 31.63 26.08
CA LYS B 449 4.22 30.81 26.86
C LYS B 449 5.49 30.49 26.07
N ILE B 450 6.63 30.77 26.68
CA ILE B 450 7.92 30.52 26.06
C ILE B 450 8.51 29.26 26.68
N ARG B 451 9.50 28.68 26.02
CA ARG B 451 10.10 27.46 26.54
C ARG B 451 11.08 27.72 27.67
N GLY B 452 11.12 26.80 28.62
CA GLY B 452 12.02 26.86 29.74
C GLY B 452 12.86 25.61 29.65
N ASP B 453 13.17 25.22 28.41
CA ASP B 453 13.93 24.01 28.17
C ASP B 453 15.14 24.20 27.27
N ILE B 454 16.07 23.24 27.36
CA ILE B 454 17.31 23.21 26.61
C ILE B 454 17.21 22.01 25.67
N ASN B 455 17.89 22.08 24.53
CA ASN B 455 17.96 21.01 23.54
C ASN B 455 19.43 20.94 23.11
N VAL B 456 20.07 19.78 23.35
CA VAL B 456 21.49 19.63 23.07
C VAL B 456 21.84 18.66 21.94
N CYS B 457 22.66 19.14 20.98
CA CYS B 457 23.19 18.34 19.88
C CYS B 457 24.57 17.80 20.21
N LEU B 458 24.83 16.57 19.78
CA LEU B 458 26.10 15.90 19.95
C LEU B 458 26.58 15.48 18.57
N MET B 459 27.29 16.35 17.86
CA MET B 459 27.77 15.99 16.54
C MET B 459 29.19 15.47 16.68
N GLY B 460 29.43 14.25 16.20
CA GLY B 460 30.76 13.73 16.34
C GLY B 460 31.08 12.65 15.34
N ASP B 461 32.36 12.33 15.31
CA ASP B 461 32.97 11.33 14.47
C ASP B 461 32.94 10.05 15.29
N PRO B 462 32.99 8.87 14.65
CA PRO B 462 33.00 7.63 15.43
C PRO B 462 34.34 7.39 16.08
N GLY B 463 34.33 6.55 17.10
CA GLY B 463 35.49 6.21 17.88
C GLY B 463 35.32 6.52 19.35
N VAL B 464 34.65 7.61 19.66
CA VAL B 464 34.37 7.99 21.04
C VAL B 464 32.98 7.42 21.29
N ALA B 465 32.64 7.14 22.54
CA ALA B 465 31.34 6.55 22.85
C ALA B 465 30.24 7.60 22.82
N LYS B 466 29.10 7.23 22.21
CA LYS B 466 27.95 8.11 22.09
C LYS B 466 26.67 7.52 22.68
N SER B 467 26.48 6.22 22.57
CA SER B 467 25.28 5.60 23.10
C SER B 467 25.34 5.40 24.61
N GLN B 468 26.55 5.38 25.17
CA GLN B 468 26.73 5.18 26.60
C GLN B 468 26.28 6.37 27.44
N LEU B 469 26.60 7.59 26.97
CA LEU B 469 26.21 8.83 27.65
C LEU B 469 24.70 9.01 27.56
N LEU B 470 24.15 8.67 26.39
CA LEU B 470 22.73 8.73 26.10
C LEU B 470 21.95 7.74 26.97
N LYS B 471 22.50 6.53 27.13
CA LYS B 471 21.89 5.50 27.95
C LYS B 471 21.99 5.83 29.43
N ALA B 472 23.10 6.47 29.85
CA ALA B 472 23.26 6.85 31.25
C ALA B 472 22.34 8.01 31.63
N ILE B 473 22.07 8.91 30.67
CA ILE B 473 21.16 10.03 30.89
C ILE B 473 19.74 9.48 30.97
N CYS B 474 19.38 8.54 30.09
CA CYS B 474 18.05 7.94 30.17
C CYS B 474 17.84 6.97 31.33
N LYS B 475 18.93 6.43 31.88
CA LYS B 475 18.82 5.52 33.02
C LYS B 475 18.77 6.29 34.33
N ILE B 476 19.44 7.44 34.40
CA ILE B 476 19.43 8.21 35.64
C ILE B 476 18.14 9.04 35.72
N SER B 477 17.81 9.77 34.66
CA SER B 477 16.60 10.59 34.64
C SER B 477 15.34 9.75 34.48
N PRO B 478 14.23 10.11 35.14
CA PRO B 478 13.00 9.35 34.98
C PRO B 478 12.33 9.68 33.66
N ARG B 479 11.50 8.75 33.20
CA ARG B 479 10.73 8.74 31.95
C ARG B 479 11.60 8.91 30.71
N GLY B 480 12.81 8.36 30.72
CA GLY B 480 13.67 8.47 29.56
C GLY B 480 13.39 7.36 28.57
N VAL B 481 13.08 7.76 27.34
CA VAL B 481 12.73 6.82 26.28
C VAL B 481 13.75 6.86 25.15
N TYR B 482 14.37 5.71 24.89
CA TYR B 482 15.35 5.53 23.83
C TYR B 482 14.65 5.36 22.48
N THR B 483 15.07 6.16 21.50
CA THR B 483 14.49 6.10 20.17
C THR B 483 15.51 5.69 19.12
N THR B 484 15.09 5.68 17.86
CA THR B 484 15.96 5.30 16.76
C THR B 484 15.69 6.16 15.54
N GLY B 485 16.48 5.94 14.49
CA GLY B 485 16.31 6.73 13.28
C GLY B 485 15.29 6.15 12.33
N LYS B 486 15.46 4.89 11.94
CA LYS B 486 14.56 4.25 11.00
C LYS B 486 13.78 3.11 11.64
N GLY B 487 12.79 2.60 10.93
CA GLY B 487 11.98 1.52 11.45
C GLY B 487 10.53 1.94 11.49
N SER B 488 9.96 1.97 12.68
CA SER B 488 8.58 2.39 12.84
C SER B 488 8.53 3.80 13.39
N SER B 489 9.67 4.51 13.29
CA SER B 489 9.91 5.88 13.74
C SER B 489 8.93 6.92 13.20
N GLY B 490 8.45 6.73 11.97
CA GLY B 490 7.48 7.58 11.30
C GLY B 490 6.15 7.49 12.02
N VAL B 491 5.84 6.31 12.55
CA VAL B 491 4.64 6.15 13.34
C VAL B 491 5.06 6.16 14.81
N GLY B 492 6.36 6.26 15.08
CA GLY B 492 6.82 6.26 16.45
C GLY B 492 7.06 7.65 16.98
N LEU B 493 6.65 8.66 16.21
CA LEU B 493 6.80 10.06 16.61
C LEU B 493 5.47 10.78 16.47
N THR B 494 4.45 10.09 15.97
CA THR B 494 3.14 10.68 15.81
C THR B 494 2.08 9.64 16.15
N ALA B 495 0.84 10.11 16.27
CA ALA B 495 -0.26 9.21 16.59
C ALA B 495 -0.90 8.67 15.32
N ALA B 496 -0.76 7.37 15.11
CA ALA B 496 -1.39 6.77 13.94
C ALA B 496 -2.69 6.10 14.35
N VAL B 497 -3.38 5.45 13.40
CA VAL B 497 -4.66 4.81 13.68
C VAL B 497 -4.60 3.31 13.40
N MET B 498 -5.34 2.51 14.19
CA MET B 498 -5.40 1.07 14.04
C MET B 498 -6.73 0.50 14.52
N LYS B 499 -7.03 -0.73 14.12
CA LYS B 499 -8.28 -1.38 14.51
C LYS B 499 -8.08 -2.21 15.78
N ASP B 500 -8.92 -1.98 16.77
CA ASP B 500 -8.86 -2.66 18.05
C ASP B 500 -9.23 -4.14 17.93
N PRO B 501 -8.45 -5.05 18.52
CA PRO B 501 -8.80 -6.47 18.41
C PRO B 501 -9.83 -6.94 19.42
N VAL B 502 -10.26 -6.06 20.35
CA VAL B 502 -11.23 -6.49 21.35
C VAL B 502 -12.62 -5.93 21.01
N THR B 503 -12.69 -4.86 20.22
CA THR B 503 -13.97 -4.27 19.86
C THR B 503 -13.88 -3.60 18.50
N ASP B 504 -15.05 -3.36 17.91
CA ASP B 504 -15.14 -2.73 16.59
C ASP B 504 -14.95 -1.22 16.59
N GLU B 505 -13.73 -0.78 16.89
CA GLU B 505 -13.45 0.64 16.91
C GLU B 505 -12.01 0.94 16.52
N MET B 506 -11.77 2.17 16.09
CA MET B 506 -10.44 2.58 15.70
C MET B 506 -9.82 3.38 16.83
N ILE B 507 -8.58 3.05 17.17
CA ILE B 507 -7.87 3.75 18.23
C ILE B 507 -6.57 4.33 17.71
N LEU B 508 -6.02 5.26 18.45
CA LEU B 508 -4.79 5.91 18.05
C LEU B 508 -3.61 5.33 18.81
N GLU B 509 -2.52 5.09 18.09
CA GLU B 509 -1.30 4.62 18.72
C GLU B 509 -0.38 5.81 18.89
N GLY B 510 0.12 5.97 20.10
CA GLY B 510 0.98 7.08 20.42
C GLY B 510 2.44 6.81 20.13
N GLY B 511 3.16 7.88 19.82
CA GLY B 511 4.58 7.75 19.53
C GLY B 511 5.47 7.76 20.76
N ALA B 512 6.72 8.15 20.57
CA ALA B 512 7.67 8.18 21.67
C ALA B 512 7.67 9.52 22.40
N LEU B 513 6.93 10.50 21.87
CA LEU B 513 6.88 11.81 22.50
C LEU B 513 5.70 11.93 23.45
N VAL B 514 4.84 10.93 23.50
CA VAL B 514 3.67 11.00 24.36
C VAL B 514 3.76 10.15 25.62
N LEU B 515 4.67 9.16 25.70
CA LEU B 515 4.75 8.38 26.94
C LEU B 515 5.83 9.06 27.77
N ALA B 516 6.69 9.82 27.12
CA ALA B 516 7.71 10.58 27.79
C ALA B 516 7.27 12.03 27.74
N ASP B 517 6.44 12.41 28.70
CA ASP B 517 5.89 13.76 28.70
C ASP B 517 6.85 14.80 29.26
N ASN B 518 7.19 14.64 30.53
CA ASN B 518 8.10 15.57 31.21
C ASN B 518 9.46 14.92 31.42
N GLY B 519 10.35 15.05 30.45
CA GLY B 519 11.65 14.45 30.63
C GLY B 519 12.51 14.56 29.39
N ILE B 520 13.50 13.67 29.36
CA ILE B 520 14.49 13.58 28.29
C ILE B 520 14.05 12.69 27.15
N CYS B 521 13.96 13.25 25.95
CA CYS B 521 13.62 12.51 24.75
C CYS B 521 14.92 12.54 23.95
N CYS B 522 15.48 11.37 23.69
CA CYS B 522 16.73 11.26 22.98
C CYS B 522 16.59 10.67 21.58
N ILE B 523 17.45 11.12 20.67
CA ILE B 523 17.47 10.66 19.28
C ILE B 523 18.88 10.18 18.94
N ASP B 524 18.98 8.91 18.56
CA ASP B 524 20.24 8.33 18.13
C ASP B 524 20.08 8.32 16.62
N GLU B 525 21.21 8.59 15.92
CA GLU B 525 21.34 8.69 14.45
C GLU B 525 20.38 9.72 13.85
N PHE B 526 20.58 10.98 14.24
CA PHE B 526 19.73 12.10 13.82
C PHE B 526 19.71 12.39 12.31
N ASP B 527 20.81 12.11 11.61
CA ASP B 527 20.82 12.38 10.18
C ASP B 527 20.31 11.20 9.37
N LYS B 528 19.97 10.10 10.03
CA LYS B 528 19.46 8.93 9.34
C LYS B 528 17.94 8.96 9.25
N MET B 529 17.30 10.00 9.78
CA MET B 529 15.86 10.11 9.74
C MET B 529 15.38 10.76 8.46
N ASP B 530 14.09 11.06 8.39
CA ASP B 530 13.49 11.68 7.22
C ASP B 530 12.86 13.03 7.54
N GLU B 531 12.21 13.61 6.53
CA GLU B 531 11.58 14.92 6.68
C GLU B 531 10.34 14.90 7.56
N SER B 532 9.64 13.76 7.61
CA SER B 532 8.43 13.61 8.43
C SER B 532 8.79 13.56 9.91
N ASP B 533 9.97 13.06 10.23
CA ASP B 533 10.41 13.00 11.61
C ASP B 533 10.92 14.37 12.02
N ARG B 534 11.63 15.04 11.10
CA ARG B 534 12.21 16.35 11.35
C ARG B 534 11.16 17.45 11.53
N THR B 535 10.06 17.37 10.77
CA THR B 535 8.98 18.34 10.87
C THR B 535 8.19 18.22 12.18
N ALA B 536 8.24 17.06 12.83
CA ALA B 536 7.56 16.88 14.10
C ALA B 536 8.52 17.13 15.25
N ILE B 537 9.82 16.93 15.01
CA ILE B 537 10.82 17.15 16.05
C ILE B 537 11.02 18.66 16.21
N HIS B 538 11.06 19.40 15.10
CA HIS B 538 11.22 20.85 15.10
C HIS B 538 10.01 21.58 15.72
N GLU B 539 8.83 20.97 15.61
CA GLU B 539 7.61 21.55 16.15
C GLU B 539 7.55 21.45 17.67
N VAL B 540 8.13 20.40 18.26
CA VAL B 540 8.13 20.32 19.72
C VAL B 540 9.42 20.92 20.20
N MET B 541 10.34 21.20 19.28
CA MET B 541 11.57 21.83 19.68
C MET B 541 11.33 23.33 19.84
N GLU B 542 10.44 23.89 19.02
CA GLU B 542 10.16 25.32 19.12
C GLU B 542 9.23 25.62 20.30
N GLN B 543 8.06 24.98 20.31
CA GLN B 543 7.10 25.20 21.38
C GLN B 543 6.66 23.91 22.03
N GLN B 544 5.67 23.98 22.89
CA GLN B 544 5.18 22.85 23.68
C GLN B 544 3.92 22.08 23.22
N THR B 545 3.33 22.27 22.04
CA THR B 545 2.11 21.56 21.66
C THR B 545 2.25 20.91 20.28
N ILE B 546 1.68 19.69 20.14
CA ILE B 546 1.64 18.91 18.92
C ILE B 546 0.32 19.26 18.24
N SER B 547 0.41 19.58 16.95
CA SER B 547 -0.74 19.92 16.12
C SER B 547 -0.86 18.93 14.97
N ILE B 548 -2.06 18.38 14.77
CA ILE B 548 -2.30 17.41 13.71
C ILE B 548 -3.46 17.86 12.82
N SER B 549 -3.41 17.45 11.55
CA SER B 549 -4.46 17.82 10.61
C SER B 549 -4.90 16.70 9.69
N LYS B 550 -4.81 15.45 10.14
CA LYS B 550 -5.21 14.32 9.32
C LYS B 550 -6.64 13.91 9.66
N ALA B 551 -7.13 12.88 8.98
CA ALA B 551 -8.49 12.41 9.18
C ALA B 551 -8.64 11.40 10.32
N GLY B 552 -9.48 11.75 11.29
CA GLY B 552 -9.77 10.90 12.43
C GLY B 552 -9.58 11.57 13.77
N ILE B 553 -8.53 12.38 13.93
CA ILE B 553 -8.26 13.15 15.15
C ILE B 553 -7.67 14.50 14.78
N ASN B 554 -8.15 15.56 15.43
CA ASN B 554 -7.67 16.91 15.16
C ASN B 554 -7.42 17.65 16.46
N THR B 555 -6.79 17.01 17.45
CA THR B 555 -6.55 17.66 18.73
C THR B 555 -5.19 18.34 18.84
N THR B 556 -4.98 18.99 19.97
CA THR B 556 -3.75 19.69 20.30
C THR B 556 -3.16 18.99 21.52
N LEU B 557 -2.04 18.30 21.33
CA LEU B 557 -1.40 17.53 22.39
C LEU B 557 -0.31 18.28 23.13
N ASN B 558 -0.45 18.39 24.45
CA ASN B 558 0.56 19.06 25.27
C ASN B 558 1.79 18.18 25.47
N ALA B 559 2.97 18.75 25.27
CA ALA B 559 4.22 18.00 25.42
C ALA B 559 5.40 18.90 25.81
N ARG B 560 6.01 18.67 26.98
CA ARG B 560 7.15 19.48 27.41
C ARG B 560 8.38 18.59 27.53
N THR B 561 9.06 18.35 26.42
CA THR B 561 10.23 17.49 26.38
C THR B 561 11.56 18.18 26.06
N SER B 562 12.63 17.58 26.55
CA SER B 562 13.99 18.06 26.32
C SER B 562 14.67 17.15 25.30
N ILE B 563 15.00 17.71 24.14
CA ILE B 563 15.60 16.97 23.04
C ILE B 563 17.11 16.82 23.10
N LEU B 564 17.56 15.57 23.20
CA LEU B 564 18.97 15.22 23.20
C LEU B 564 19.13 14.58 21.84
N ALA B 565 20.14 15.01 21.08
CA ALA B 565 20.36 14.47 19.75
C ALA B 565 21.81 14.04 19.59
N ALA B 566 22.01 12.93 18.88
CA ALA B 566 23.33 12.41 18.59
C ALA B 566 23.44 12.26 17.08
N ALA B 567 24.40 12.96 16.48
CA ALA B 567 24.52 12.91 15.03
C ALA B 567 25.97 12.78 14.60
N ASN B 568 26.13 12.41 13.33
CA ASN B 568 27.38 12.22 12.63
C ASN B 568 27.35 13.03 11.34
N PRO B 569 28.50 13.43 10.79
CA PRO B 569 28.49 14.19 9.53
C PRO B 569 28.19 13.34 8.30
N LEU B 570 28.31 14.02 7.14
CA LEU B 570 28.06 13.43 5.83
C LEU B 570 29.01 12.30 5.45
N TYR B 571 30.29 12.45 5.77
CA TYR B 571 31.25 11.39 5.43
C TYR B 571 31.72 10.62 6.65
N GLY B 572 30.87 10.50 7.67
CA GLY B 572 31.26 9.78 8.86
C GLY B 572 32.03 10.61 9.86
N ARG B 573 33.22 11.04 9.48
CA ARG B 573 34.06 11.87 10.32
C ARG B 573 34.01 13.30 9.79
N TYR B 574 34.81 14.16 10.39
CA TYR B 574 34.86 15.55 10.00
C TYR B 574 35.73 15.78 8.77
N ASN B 575 35.76 17.04 8.31
CA ASN B 575 36.56 17.46 7.18
C ASN B 575 37.05 18.88 7.45
N PRO B 576 38.36 19.10 7.57
CA PRO B 576 38.86 20.46 7.86
C PRO B 576 38.87 21.38 6.66
N ARG B 577 38.76 20.84 5.44
CA ARG B 577 38.75 21.68 4.26
C ARG B 577 37.34 22.12 3.94
N LEU B 578 36.35 21.54 4.60
CA LEU B 578 34.95 21.87 4.38
C LEU B 578 34.42 22.79 5.47
N SER B 579 33.47 23.64 5.10
CA SER B 579 32.86 24.56 6.03
C SER B 579 31.89 23.77 6.91
N PRO B 580 31.61 24.24 8.14
CA PRO B 580 30.65 23.52 9.00
C PRO B 580 29.19 23.61 8.56
N LEU B 581 28.85 24.55 7.66
CA LEU B 581 27.50 24.65 7.16
C LEU B 581 27.35 23.57 6.09
N ASP B 582 28.46 23.19 5.44
CA ASP B 582 28.45 22.18 4.40
C ASP B 582 28.78 20.83 5.02
N ASN B 583 29.41 20.82 6.19
CA ASN B 583 29.73 19.55 6.84
C ASN B 583 28.48 19.02 7.53
N ILE B 584 27.67 19.92 8.04
CA ILE B 584 26.42 19.53 8.71
C ILE B 584 25.30 19.62 7.70
N ASN B 585 24.58 18.51 7.48
CA ASN B 585 23.49 18.48 6.53
C ASN B 585 22.19 19.06 7.05
N LEU B 586 22.14 19.43 8.32
CA LEU B 586 20.93 19.99 8.90
C LEU B 586 20.75 21.45 8.47
N PRO B 587 19.51 21.90 8.22
CA PRO B 587 19.30 23.28 7.80
C PRO B 587 19.44 24.27 8.95
N ALA B 588 19.57 25.56 8.57
CA ALA B 588 19.77 26.71 9.44
C ALA B 588 18.70 26.89 10.50
N ALA B 589 17.44 26.56 10.21
CA ALA B 589 16.37 26.71 11.19
C ALA B 589 16.45 25.62 12.26
N LEU B 590 17.08 24.49 11.93
CA LEU B 590 17.19 23.40 12.90
C LEU B 590 18.27 23.73 13.92
N LEU B 591 19.50 24.08 13.46
CA LEU B 591 20.55 24.37 14.43
C LEU B 591 20.50 25.82 14.92
N SER B 592 19.59 26.64 14.39
CA SER B 592 19.42 28.00 14.86
C SER B 592 18.59 27.90 16.12
N ARG B 593 17.72 26.88 16.19
CA ARG B 593 16.90 26.65 17.35
C ARG B 593 17.75 25.92 18.38
N PHE B 594 18.76 25.17 17.93
CA PHE B 594 19.65 24.44 18.83
C PHE B 594 20.60 25.44 19.47
N ASP B 595 20.49 25.60 20.79
CA ASP B 595 21.35 26.56 21.47
C ASP B 595 22.75 25.99 21.70
N ILE B 596 22.86 24.71 22.07
CA ILE B 596 24.15 24.09 22.31
C ILE B 596 24.38 22.91 21.38
N LEU B 597 25.41 23.01 20.55
CA LEU B 597 25.81 21.97 19.63
C LEU B 597 27.24 21.62 20.03
N PHE B 598 27.49 20.34 20.29
CA PHE B 598 28.81 19.91 20.71
C PHE B 598 29.55 19.17 19.63
N LEU B 599 30.62 19.78 19.14
CA LEU B 599 31.45 19.18 18.11
C LEU B 599 32.47 18.26 18.80
N MET B 600 32.01 17.08 19.21
CA MET B 600 32.86 16.11 19.89
C MET B 600 33.74 15.43 18.85
N LEU B 601 34.85 16.09 18.53
CA LEU B 601 35.78 15.67 17.51
C LEU B 601 36.99 15.00 18.14
N ASP B 602 37.38 13.86 17.60
CA ASP B 602 38.52 13.15 18.13
C ASP B 602 39.76 13.54 17.33
N ILE B 603 40.85 13.77 18.06
CA ILE B 603 42.14 14.14 17.48
C ILE B 603 43.15 13.16 18.07
N PRO B 604 43.94 12.47 17.24
CA PRO B 604 44.92 11.53 17.77
C PRO B 604 46.12 12.26 18.35
N SER B 605 46.51 11.85 19.54
CA SER B 605 47.63 12.48 20.22
C SER B 605 48.55 11.45 20.83
N ARG B 606 49.63 11.93 21.45
CA ARG B 606 50.59 11.03 22.07
C ARG B 606 50.34 10.90 23.56
N ASP B 607 50.07 12.01 24.24
CA ASP B 607 49.87 11.99 25.68
C ASP B 607 48.43 11.75 26.15
N ASP B 608 47.46 12.42 25.53
CA ASP B 608 46.08 12.30 25.98
C ASP B 608 45.35 11.00 25.65
N ASP B 609 45.86 10.24 24.68
CA ASP B 609 45.21 8.98 24.32
C ASP B 609 45.49 7.87 25.32
N GLU B 610 46.62 7.97 26.03
CA GLU B 610 47.01 6.98 27.04
C GLU B 610 46.09 6.95 28.25
N LYS B 611 45.51 8.10 28.59
CA LYS B 611 44.59 8.17 29.73
C LYS B 611 43.27 7.50 29.41
N LEU B 612 42.82 7.61 28.14
CA LEU B 612 41.58 6.98 27.70
C LEU B 612 41.81 5.48 27.63
N ALA B 613 43.00 5.07 27.20
CA ALA B 613 43.35 3.64 27.14
C ALA B 613 43.49 3.03 28.53
N GLU B 614 44.08 3.79 29.48
CA GLU B 614 44.24 3.36 30.86
C GLU B 614 42.88 3.26 31.54
N HIS B 615 41.97 4.20 31.25
CA HIS B 615 40.63 4.20 31.82
C HIS B 615 39.77 3.05 31.30
N VAL B 616 39.85 2.73 29.99
CA VAL B 616 39.05 1.62 29.49
C VAL B 616 39.62 0.27 29.92
N THR B 617 40.95 0.17 30.14
CA THR B 617 41.51 -1.09 30.62
C THR B 617 41.23 -1.24 32.11
N TYR B 618 41.09 -0.12 32.82
CA TYR B 618 40.77 -0.17 34.24
C TYR B 618 39.31 -0.54 34.46
N VAL B 619 38.42 -0.08 33.58
CA VAL B 619 37.02 -0.45 33.76
C VAL B 619 36.74 -1.82 33.14
N HIS B 620 37.64 -2.33 32.29
CA HIS B 620 37.40 -3.65 31.75
C HIS B 620 38.11 -4.68 32.62
N MET B 621 39.02 -4.22 33.49
CA MET B 621 39.71 -5.14 34.37
C MET B 621 38.75 -5.49 35.51
N HIS B 622 38.06 -4.49 36.05
CA HIS B 622 37.10 -4.68 37.11
C HIS B 622 36.09 -3.56 37.02
N ASN B 623 34.96 -3.72 37.73
CA ASN B 623 33.88 -2.75 37.66
C ASN B 623 34.15 -1.45 38.41
N LYS B 624 35.17 -1.41 39.27
CA LYS B 624 35.43 -0.20 40.03
C LYS B 624 36.14 0.87 39.20
N GLN B 625 35.90 2.11 39.57
CA GLN B 625 36.34 3.39 39.06
C GLN B 625 37.78 3.66 39.52
N PRO B 626 38.51 4.61 38.88
CA PRO B 626 39.87 4.91 39.32
C PRO B 626 39.97 5.53 40.71
N ASP B 627 41.09 5.27 41.36
CA ASP B 627 41.37 5.73 42.72
C ASP B 627 41.68 7.20 42.83
N LEU B 628 40.65 8.03 42.71
CA LEU B 628 40.82 9.47 42.84
C LEU B 628 40.20 9.73 44.21
N ASP B 629 40.44 10.92 44.77
CA ASP B 629 39.89 11.27 46.08
C ASP B 629 38.48 11.85 45.96
N PHE B 630 37.56 11.04 45.43
CA PHE B 630 36.18 11.37 45.17
C PHE B 630 35.42 10.05 45.00
N THR B 631 34.21 10.00 45.55
CA THR B 631 33.38 8.81 45.42
C THR B 631 32.20 9.10 44.49
N PRO B 632 31.92 8.21 43.52
CA PRO B 632 30.78 8.42 42.60
C PRO B 632 29.44 8.25 43.30
N VAL B 633 28.60 9.28 43.18
CA VAL B 633 27.31 9.30 43.84
C VAL B 633 26.31 8.40 43.12
N GLU B 634 25.50 7.64 43.90
CA GLU B 634 24.45 6.77 43.39
C GLU B 634 23.31 7.56 42.73
N PRO B 635 22.47 6.93 41.85
CA PRO B 635 21.37 7.67 41.18
C PRO B 635 20.29 8.33 42.03
N SER B 636 19.93 7.75 43.18
CA SER B 636 18.89 8.30 44.04
C SER B 636 19.17 9.67 44.66
N LYS B 637 20.42 9.91 45.08
CA LYS B 637 20.81 11.17 45.71
C LYS B 637 20.81 12.36 44.74
N MET B 638 21.36 12.22 43.53
CA MET B 638 21.30 13.36 42.63
C MET B 638 19.94 13.46 41.96
N ARG B 639 19.14 12.36 41.98
CA ARG B 639 17.77 12.39 41.47
C ARG B 639 16.94 13.23 42.44
N GLU B 640 17.22 13.06 43.74
CA GLU B 640 16.57 13.84 44.79
C GLU B 640 17.03 15.30 44.75
N TYR B 641 18.31 15.51 44.39
CA TYR B 641 18.86 16.87 44.27
C TYR B 641 18.26 17.62 43.08
N ILE B 642 18.01 16.91 41.98
CA ILE B 642 17.42 17.49 40.77
C ILE B 642 15.95 17.83 41.07
N ALA B 643 15.25 16.94 41.80
CA ALA B 643 13.86 17.19 42.18
C ALA B 643 13.73 18.30 43.23
N TYR B 644 14.78 18.51 44.04
CA TYR B 644 14.74 19.58 45.02
C TYR B 644 15.14 20.90 44.37
N ALA B 645 16.04 20.86 43.38
CA ALA B 645 16.49 22.08 42.73
C ALA B 645 15.47 22.58 41.71
N LYS B 646 14.57 21.70 41.24
CA LYS B 646 13.58 22.10 40.25
C LYS B 646 12.48 23.03 40.75
N THR B 647 12.31 23.16 42.07
CA THR B 647 11.27 24.05 42.59
C THR B 647 11.78 25.47 42.76
N LYS B 648 13.07 25.70 42.52
CA LYS B 648 13.65 27.03 42.67
C LYS B 648 13.34 27.94 41.49
N ARG B 649 13.07 29.21 41.78
CA ARG B 649 12.74 30.22 40.78
C ARG B 649 13.69 31.41 40.89
N PRO B 650 14.83 31.38 40.21
CA PRO B 650 15.78 32.50 40.31
C PRO B 650 15.38 33.72 39.50
N VAL B 651 15.74 34.89 40.04
CA VAL B 651 15.46 36.20 39.47
C VAL B 651 16.78 36.91 39.19
N MET B 652 16.96 37.37 37.96
CA MET B 652 18.17 38.09 37.56
C MET B 652 18.24 39.51 38.12
N SER B 653 19.47 39.98 38.36
CA SER B 653 19.68 41.32 38.90
C SER B 653 19.96 42.34 37.79
N GLU B 654 20.32 43.56 38.20
CA GLU B 654 20.59 44.63 37.24
C GLU B 654 22.07 44.69 36.87
N ALA B 655 22.93 44.25 37.80
CA ALA B 655 24.38 44.25 37.54
C ALA B 655 24.75 43.12 36.59
N VAL B 656 23.91 42.08 36.53
CA VAL B 656 24.17 40.98 35.62
C VAL B 656 23.47 41.33 34.31
N ASN B 657 22.47 42.22 34.37
CA ASN B 657 21.71 42.67 33.19
C ASN B 657 22.59 43.53 32.30
N ASP B 658 23.39 44.40 32.91
CA ASP B 658 24.29 45.24 32.11
C ASP B 658 25.47 44.48 31.51
N TYR B 659 25.76 43.27 32.02
CA TYR B 659 26.83 42.46 31.45
C TYR B 659 26.25 41.62 30.33
N VAL B 660 25.00 41.13 30.54
CA VAL B 660 24.27 40.30 29.55
C VAL B 660 24.00 41.06 28.26
N VAL B 661 23.53 42.32 28.37
CA VAL B 661 23.24 43.10 27.16
C VAL B 661 24.49 43.55 26.40
N GLN B 662 25.61 43.75 27.11
CA GLN B 662 26.86 44.16 26.45
C GLN B 662 27.50 42.97 25.77
N ALA B 663 27.41 41.77 26.38
CA ALA B 663 27.95 40.56 25.79
C ALA B 663 27.11 40.14 24.58
N TYR B 664 25.79 40.40 24.64
CA TYR B 664 24.91 40.07 23.52
C TYR B 664 25.14 40.98 22.32
N ILE B 665 25.39 42.28 22.58
CA ILE B 665 25.68 43.28 21.55
C ILE B 665 27.02 42.95 20.87
N ARG B 666 28.04 42.61 21.68
CA ARG B 666 29.34 42.23 21.15
C ARG B 666 29.33 40.92 20.38
N LEU B 667 28.52 39.94 20.84
CA LEU B 667 28.41 38.66 20.17
C LEU B 667 27.67 38.79 18.84
N ARG B 668 26.64 39.66 18.79
CA ARG B 668 25.90 39.91 17.56
C ARG B 668 26.74 40.63 16.53
N GLN B 669 27.56 41.60 16.98
CA GLN B 669 28.44 42.33 16.07
C GLN B 669 29.57 41.46 15.56
N ASP B 670 30.08 40.55 16.42
CA ASP B 670 31.15 39.64 16.03
C ASP B 670 30.61 38.57 15.09
N SER B 671 29.35 38.16 15.29
CA SER B 671 28.77 37.14 14.43
C SER B 671 28.36 37.65 13.06
N LYS B 672 27.90 38.90 12.98
CA LYS B 672 27.47 39.40 11.68
C LYS B 672 28.62 40.04 10.89
N ASP B 676 31.89 35.39 8.67
CA ASP B 676 31.14 35.11 7.45
C ASP B 676 32.18 34.51 6.52
N SER B 677 32.99 33.60 7.06
CA SER B 677 34.09 32.98 6.34
C SER B 677 34.11 31.46 6.45
N LYS B 678 35.25 30.90 6.03
CA LYS B 678 35.66 29.50 5.98
C LYS B 678 35.32 28.66 7.22
N PHE B 679 35.64 29.17 8.41
CA PHE B 679 35.35 28.40 9.62
C PHE B 679 34.08 28.87 10.32
N SER B 680 33.32 29.75 9.69
CA SER B 680 32.11 30.26 10.33
C SER B 680 30.91 29.34 10.21
N PHE B 681 29.94 29.52 11.10
CA PHE B 681 28.72 28.74 11.13
C PHE B 681 27.65 29.48 11.92
N GLY B 682 26.52 29.73 11.26
CA GLY B 682 25.36 30.40 11.83
C GLY B 682 25.58 31.85 12.18
N GLN B 683 24.69 32.37 13.03
CA GLN B 683 24.74 33.75 13.48
C GLN B 683 24.07 33.84 14.84
N ALA B 684 24.22 34.99 15.49
CA ALA B 684 23.63 35.19 16.80
C ALA B 684 22.14 35.50 16.68
N THR B 685 21.35 34.72 17.40
CA THR B 685 19.90 34.80 17.43
C THR B 685 19.40 35.17 18.82
N PRO B 686 18.16 35.69 18.95
CA PRO B 686 17.63 35.96 20.31
C PRO B 686 17.26 34.70 21.09
N ARG B 687 17.11 33.56 20.39
CA ARG B 687 16.81 32.30 21.06
C ARG B 687 18.05 31.80 21.78
N THR B 688 19.24 32.15 21.27
CA THR B 688 20.50 31.78 21.93
C THR B 688 20.68 32.64 23.18
N LEU B 689 20.18 33.88 23.14
CA LEU B 689 20.23 34.79 24.29
C LEU B 689 19.28 34.27 25.36
N LEU B 690 18.11 33.76 24.93
CA LEU B 690 17.13 33.18 25.83
C LEU B 690 17.65 31.86 26.42
N GLY B 691 18.43 31.11 25.63
CA GLY B 691 19.03 29.88 26.13
C GLY B 691 20.15 30.15 27.12
N ILE B 692 20.86 31.28 26.93
CA ILE B 692 21.94 31.72 27.83
C ILE B 692 21.31 32.13 29.15
N ILE B 693 20.14 32.79 29.08
CA ILE B 693 19.36 33.21 30.26
C ILE B 693 18.83 31.97 30.99
N ARG B 694 18.38 30.96 30.23
CA ARG B 694 17.90 29.70 30.80
C ARG B 694 19.02 28.87 31.44
N LEU B 695 20.23 28.91 30.84
CA LEU B 695 21.36 28.19 31.40
C LEU B 695 21.87 28.88 32.66
N SER B 696 21.74 30.21 32.72
CA SER B 696 22.12 30.98 33.90
C SER B 696 21.12 30.71 35.03
N GLN B 697 19.84 30.52 34.65
CA GLN B 697 18.80 30.19 35.62
C GLN B 697 19.00 28.77 36.14
N ALA B 698 19.48 27.88 35.27
CA ALA B 698 19.77 26.49 35.67
C ALA B 698 21.00 26.42 36.56
N LEU B 699 21.96 27.32 36.32
CA LEU B 699 23.17 27.38 37.15
C LEU B 699 22.83 27.97 38.51
N ALA B 700 21.87 28.90 38.54
CA ALA B 700 21.45 29.47 39.82
C ALA B 700 20.55 28.48 40.56
N LYS B 701 19.86 27.62 39.81
CA LYS B 701 19.00 26.61 40.41
C LYS B 701 19.84 25.49 40.98
N LEU B 702 21.02 25.25 40.40
CA LEU B 702 21.90 24.20 40.90
C LEU B 702 22.63 24.65 42.15
N ARG B 703 22.72 25.96 42.37
CA ARG B 703 23.37 26.51 43.55
C ARG B 703 22.33 26.79 44.61
N LEU B 704 21.05 26.48 44.30
CA LEU B 704 19.85 26.65 45.14
C LEU B 704 19.65 28.09 45.63
N ALA B 705 19.95 29.05 44.77
CA ALA B 705 19.83 30.46 45.10
C ALA B 705 18.56 31.06 44.52
N ASP B 706 18.10 32.13 45.13
CA ASP B 706 16.90 32.84 44.71
C ASP B 706 17.28 33.90 43.69
N MET B 707 18.56 34.21 43.54
CA MET B 707 19.01 35.22 42.61
C MET B 707 20.06 34.70 41.65
N VAL B 708 20.21 35.39 40.52
CA VAL B 708 21.18 35.04 39.49
C VAL B 708 22.37 35.99 39.62
N ASP B 709 23.54 35.43 39.89
CA ASP B 709 24.73 36.23 40.04
C ASP B 709 25.50 36.41 38.73
N ILE B 710 26.64 37.08 38.83
CA ILE B 710 27.50 37.33 37.67
C ILE B 710 28.31 36.09 37.31
N ASP B 711 28.42 35.13 38.22
CA ASP B 711 29.20 33.91 38.00
C ASP B 711 28.56 32.92 37.04
N ASP B 712 27.24 33.00 36.84
CA ASP B 712 26.58 32.04 35.96
C ASP B 712 26.68 32.38 34.47
N VAL B 713 26.56 33.67 34.15
CA VAL B 713 26.60 34.18 32.77
C VAL B 713 28.00 34.01 32.17
N GLU B 714 29.05 34.24 32.98
CA GLU B 714 30.44 34.08 32.54
C GLU B 714 30.80 32.61 32.38
N GLU B 715 30.06 31.70 33.01
CA GLU B 715 30.30 30.28 32.89
C GLU B 715 29.55 29.78 31.67
N ALA B 716 28.32 30.31 31.45
CA ALA B 716 27.49 29.91 30.31
C ALA B 716 28.07 30.39 28.98
N LEU B 717 28.67 31.58 28.97
CA LEU B 717 29.28 32.11 27.74
C LEU B 717 30.56 31.35 27.43
N ARG B 718 31.28 30.92 28.48
CA ARG B 718 32.49 30.11 28.33
C ARG B 718 32.12 28.74 27.82
N LEU B 719 30.97 28.22 28.29
CA LEU B 719 30.43 26.93 27.86
C LEU B 719 30.02 26.95 26.39
N VAL B 720 29.31 27.99 25.97
CA VAL B 720 28.85 28.08 24.58
C VAL B 720 29.99 28.45 23.63
N ARG B 721 31.10 29.04 24.15
CA ARG B 721 32.20 29.33 23.24
C ARG B 721 33.15 28.14 23.18
N VAL B 722 33.26 27.33 24.25
CA VAL B 722 34.16 26.18 24.20
C VAL B 722 33.44 25.00 23.56
N SER B 723 32.11 25.13 23.34
CA SER B 723 31.33 24.14 22.63
C SER B 723 31.69 24.13 21.14
N LYS B 724 32.20 25.26 20.62
CA LYS B 724 32.62 25.39 19.24
C LYS B 724 34.14 25.58 19.14
N GLU B 725 34.84 25.78 20.27
CA GLU B 725 36.30 25.95 20.22
C GLU B 725 37.14 24.72 19.89
N SER B 726 36.53 23.54 19.80
CA SER B 726 37.30 22.33 19.50
C SER B 726 37.57 22.11 18.01
N LEU B 727 37.06 23.00 17.16
CA LEU B 727 37.28 22.88 15.72
C LEU B 727 38.69 23.32 15.33
N TYR B 728 39.32 24.14 16.17
CA TYR B 728 40.66 24.63 15.87
C TYR B 728 41.74 23.58 16.15
N GLN B 729 41.42 22.55 16.91
CA GLN B 729 42.38 21.50 17.24
C GLN B 729 42.65 20.57 16.07
N VAL C 103 -52.38 -5.92 -9.88
CA VAL C 103 -53.53 -5.19 -10.40
C VAL C 103 -53.17 -4.76 -11.82
N ASP C 104 -51.89 -4.86 -12.17
CA ASP C 104 -51.48 -4.48 -13.50
C ASP C 104 -51.35 -5.66 -14.43
N ASP C 105 -51.71 -6.87 -13.97
CA ASP C 105 -51.63 -8.06 -14.81
C ASP C 105 -52.74 -8.08 -15.84
N VAL C 106 -53.86 -7.43 -15.56
CA VAL C 106 -54.96 -7.38 -16.51
C VAL C 106 -54.94 -5.99 -17.14
N THR C 107 -54.13 -5.10 -16.59
CA THR C 107 -54.06 -3.74 -17.13
C THR C 107 -52.98 -3.71 -18.19
N GLY C 108 -52.00 -4.62 -18.09
CA GLY C 108 -50.91 -4.68 -19.05
C GLY C 108 -51.34 -5.14 -20.42
N GLU C 109 -52.28 -6.10 -20.47
CA GLU C 109 -52.79 -6.60 -21.74
C GLU C 109 -53.69 -5.54 -22.39
N LYS C 110 -54.40 -4.76 -21.56
CA LYS C 110 -55.24 -3.69 -22.08
C LYS C 110 -54.40 -2.53 -22.60
N VAL C 111 -53.29 -2.23 -21.93
CA VAL C 111 -52.44 -1.13 -22.41
C VAL C 111 -51.60 -1.62 -23.60
N ARG C 112 -51.40 -2.95 -23.72
CA ARG C 112 -50.69 -3.54 -24.86
C ARG C 112 -51.60 -3.47 -26.07
N GLU C 113 -52.91 -3.71 -25.85
CA GLU C 113 -53.91 -3.63 -26.90
C GLU C 113 -54.10 -2.18 -27.35
N ALA C 114 -54.01 -1.24 -26.40
CA ALA C 114 -54.14 0.18 -26.70
C ALA C 114 -52.93 0.71 -27.49
N PHE C 115 -51.72 0.24 -27.13
CA PHE C 115 -50.50 0.63 -27.83
C PHE C 115 -50.44 0.02 -29.22
N GLU C 116 -50.92 -1.23 -29.37
CA GLU C 116 -50.92 -1.83 -30.71
C GLU C 116 -52.07 -1.29 -31.54
N GLN C 117 -53.12 -0.74 -30.90
CA GLN C 117 -54.21 -0.13 -31.65
C GLN C 117 -53.73 1.24 -32.14
N PHE C 118 -52.86 1.88 -31.36
CA PHE C 118 -52.27 3.16 -31.72
C PHE C 118 -51.29 2.95 -32.88
N LEU C 119 -50.59 1.82 -32.86
CA LEU C 119 -49.63 1.52 -33.92
C LEU C 119 -50.28 0.87 -35.15
N GLU C 120 -51.48 0.31 -35.00
CA GLU C 120 -52.18 -0.34 -36.10
C GLU C 120 -53.13 0.58 -36.82
N ASP C 121 -53.80 1.49 -36.10
CA ASP C 121 -54.76 2.39 -36.70
C ASP C 121 -54.17 3.60 -37.41
N PHE C 122 -52.86 3.79 -37.36
CA PHE C 122 -52.25 4.94 -37.98
C PHE C 122 -51.31 4.61 -39.13
N SER C 123 -51.74 4.94 -40.34
CA SER C 123 -50.98 4.70 -41.56
C SER C 123 -51.04 5.94 -42.46
N LYS C 134 -49.74 9.25 -38.35
CA LYS C 134 -48.38 8.88 -38.01
C LYS C 134 -47.70 7.95 -39.01
N VAL C 135 -46.37 8.10 -39.09
CA VAL C 135 -45.47 7.45 -40.04
C VAL C 135 -44.84 6.13 -39.61
N TYR C 136 -45.34 5.49 -38.55
CA TYR C 136 -44.73 4.26 -38.04
C TYR C 136 -44.67 2.98 -38.86
N ARG C 137 -45.70 2.71 -39.70
CA ARG C 137 -45.70 1.50 -40.52
C ARG C 137 -44.68 1.57 -41.65
N ALA C 138 -44.49 2.77 -42.23
CA ALA C 138 -43.49 2.95 -43.26
C ALA C 138 -42.08 2.95 -42.67
N GLN C 139 -41.97 3.32 -41.38
CA GLN C 139 -40.72 3.34 -40.64
C GLN C 139 -40.29 1.89 -40.40
N ILE C 140 -41.27 1.01 -40.11
CA ILE C 140 -41.00 -0.42 -39.90
C ILE C 140 -40.68 -1.06 -41.27
N GLU C 141 -41.38 -0.62 -42.33
CA GLU C 141 -41.14 -1.09 -43.70
C GLU C 141 -39.78 -0.64 -44.23
N PHE C 142 -39.27 0.50 -43.74
CA PHE C 142 -37.96 0.96 -44.14
C PHE C 142 -36.90 0.16 -43.37
N MET C 143 -37.12 -0.09 -42.07
CA MET C 143 -36.11 -0.86 -41.33
C MET C 143 -36.12 -2.36 -41.54
N LYS C 144 -37.09 -2.87 -42.31
CA LYS C 144 -37.21 -4.28 -42.71
C LYS C 144 -35.96 -4.79 -43.44
N ILE C 145 -35.35 -3.93 -44.26
CA ILE C 145 -34.12 -4.31 -44.96
C ILE C 145 -32.92 -4.32 -44.02
N TYR C 146 -32.76 -3.29 -43.20
CA TYR C 146 -31.62 -3.15 -42.30
C TYR C 146 -31.63 -3.87 -40.95
N ASP C 147 -32.82 -4.32 -40.49
CA ASP C 147 -33.14 -5.04 -39.23
C ASP C 147 -32.49 -4.56 -37.92
N LEU C 148 -32.32 -3.24 -37.77
CA LEU C 148 -31.70 -2.72 -36.55
C LEU C 148 -32.63 -2.70 -35.35
N ASN C 149 -33.92 -2.41 -35.59
CA ASN C 149 -35.02 -2.33 -34.61
C ASN C 149 -34.79 -1.39 -33.43
N THR C 150 -34.40 -0.16 -33.75
CA THR C 150 -34.09 0.89 -32.78
C THR C 150 -34.97 2.11 -33.05
N ILE C 151 -36.28 1.83 -33.17
CA ILE C 151 -37.31 2.83 -33.49
C ILE C 151 -37.43 4.07 -32.59
N TYR C 152 -38.02 5.12 -33.15
CA TYR C 152 -38.22 6.38 -32.46
C TYR C 152 -39.70 6.75 -32.51
N ILE C 153 -40.32 6.85 -31.33
CA ILE C 153 -41.72 7.20 -31.20
C ILE C 153 -41.83 8.51 -30.45
N ASP C 154 -42.48 9.50 -31.07
CA ASP C 154 -42.65 10.80 -30.47
C ASP C 154 -43.72 10.78 -29.37
N TYR C 155 -43.42 11.42 -28.25
CA TYR C 155 -44.36 11.47 -27.13
C TYR C 155 -45.45 12.50 -27.42
N GLN C 156 -45.14 13.51 -28.25
CA GLN C 156 -46.11 14.54 -28.63
C GLN C 156 -47.13 13.94 -29.60
N HIS C 157 -46.69 12.95 -30.38
CA HIS C 157 -47.59 12.28 -31.30
C HIS C 157 -48.39 11.21 -30.56
N LEU C 158 -47.94 10.80 -29.37
CA LEU C 158 -48.64 9.78 -28.61
C LEU C 158 -49.60 10.46 -27.64
N SER C 159 -49.40 11.75 -27.37
CA SER C 159 -50.23 12.47 -26.42
C SER C 159 -51.63 12.87 -26.89
N MET C 160 -52.03 12.52 -28.10
CA MET C 160 -53.37 12.91 -28.56
C MET C 160 -54.42 11.83 -28.32
N ARG C 161 -53.99 10.59 -28.15
CA ARG C 161 -54.95 9.51 -27.93
C ARG C 161 -55.42 9.49 -26.48
N GLU C 162 -56.71 9.13 -26.30
CA GLU C 162 -57.46 9.02 -25.03
C GLU C 162 -57.42 10.33 -24.22
N ASN C 163 -57.42 11.46 -24.96
CA ASN C 163 -57.30 12.85 -24.48
C ASN C 163 -56.05 13.06 -23.62
N GLY C 164 -54.96 12.35 -23.96
CA GLY C 164 -53.73 12.40 -23.21
C GLY C 164 -53.65 11.43 -22.05
N ALA C 165 -54.79 10.82 -21.65
CA ALA C 165 -54.91 9.89 -20.54
C ALA C 165 -54.16 8.58 -20.76
N LEU C 166 -53.89 8.21 -22.01
CA LEU C 166 -53.14 7.01 -22.30
C LEU C 166 -51.67 7.36 -22.06
N ALA C 167 -51.29 8.61 -22.33
CA ALA C 167 -49.91 9.03 -22.13
C ALA C 167 -49.60 9.24 -20.65
N MET C 168 -50.61 9.67 -19.89
CA MET C 168 -50.38 9.90 -18.46
C MET C 168 -50.34 8.60 -17.68
N ALA C 169 -51.01 7.56 -18.16
CA ALA C 169 -50.99 6.29 -17.45
C ALA C 169 -49.74 5.49 -17.78
N ILE C 170 -49.19 5.73 -18.97
CA ILE C 170 -47.98 5.03 -19.40
C ILE C 170 -46.81 5.77 -18.74
N SER C 171 -46.92 7.10 -18.68
CA SER C 171 -45.89 7.98 -18.11
C SER C 171 -45.46 7.79 -16.66
N GLU C 172 -46.28 7.12 -15.84
CA GLU C 172 -45.92 6.90 -14.45
C GLU C 172 -45.56 5.44 -14.21
N GLN C 173 -46.13 4.55 -15.00
CA GLN C 173 -45.90 3.11 -14.87
C GLN C 173 -45.16 2.57 -16.08
N TYR C 174 -44.15 3.31 -16.57
CA TYR C 174 -43.36 2.94 -17.74
C TYR C 174 -42.55 1.65 -17.60
N TYR C 175 -41.95 1.44 -16.43
CA TYR C 175 -41.16 0.23 -16.20
C TYR C 175 -42.06 -0.97 -15.95
N ARG C 176 -43.30 -0.73 -15.53
CA ARG C 176 -44.23 -1.82 -15.29
C ARG C 176 -45.01 -2.13 -16.55
N PHE C 177 -44.94 -1.26 -17.56
CA PHE C 177 -45.66 -1.50 -18.81
C PHE C 177 -44.75 -1.75 -20.00
N LEU C 178 -43.44 -1.61 -19.81
CA LEU C 178 -42.46 -1.83 -20.89
C LEU C 178 -42.40 -3.19 -21.60
N PRO C 179 -42.55 -4.37 -20.92
CA PRO C 179 -42.55 -5.62 -21.71
C PRO C 179 -43.84 -5.83 -22.47
N PHE C 180 -44.95 -5.22 -22.02
CA PHE C 180 -46.23 -5.30 -22.71
C PHE C 180 -46.16 -4.45 -23.97
N LEU C 181 -45.46 -3.31 -23.90
CA LEU C 181 -45.27 -2.44 -25.06
C LEU C 181 -44.35 -3.09 -26.09
N GLN C 182 -43.28 -3.76 -25.62
CA GLN C 182 -42.40 -4.43 -26.57
C GLN C 182 -43.04 -5.71 -27.14
N LYS C 183 -43.97 -6.33 -26.38
CA LYS C 183 -44.68 -7.51 -26.88
C LYS C 183 -45.71 -7.10 -27.92
N GLY C 184 -46.33 -5.92 -27.74
CA GLY C 184 -47.27 -5.40 -28.72
C GLY C 184 -46.58 -4.96 -29.99
N LEU C 185 -45.34 -4.44 -29.84
CA LEU C 185 -44.53 -4.05 -30.99
C LEU C 185 -44.06 -5.30 -31.72
N ARG C 186 -43.72 -6.35 -30.96
CA ARG C 186 -43.29 -7.62 -31.53
C ARG C 186 -44.43 -8.32 -32.28
N ARG C 187 -45.65 -8.22 -31.75
CA ARG C 187 -46.80 -8.82 -32.40
C ARG C 187 -47.19 -8.07 -33.67
N VAL C 188 -47.04 -6.73 -33.69
CA VAL C 188 -47.39 -6.00 -34.91
C VAL C 188 -46.30 -6.16 -35.98
N VAL C 189 -45.04 -6.41 -35.58
CA VAL C 189 -44.03 -6.63 -36.62
C VAL C 189 -44.00 -8.12 -36.97
N ARG C 190 -44.65 -8.96 -36.16
CA ARG C 190 -44.71 -10.38 -36.48
C ARG C 190 -45.86 -10.58 -37.44
N LYS C 191 -46.88 -9.73 -37.38
CA LYS C 191 -48.02 -9.86 -38.26
C LYS C 191 -47.86 -9.02 -39.52
N TYR C 192 -47.04 -7.98 -39.51
CA TYR C 192 -46.86 -7.17 -40.71
C TYR C 192 -45.55 -7.45 -41.43
N ALA C 193 -44.72 -8.33 -40.89
CA ALA C 193 -43.44 -8.68 -41.47
C ALA C 193 -43.09 -10.10 -41.00
N PRO C 194 -42.21 -10.82 -41.73
CA PRO C 194 -41.89 -12.15 -41.24
C PRO C 194 -40.88 -12.13 -40.09
N GLU C 260 -32.09 -14.32 -33.43
CA GLU C 260 -31.63 -13.01 -33.86
C GLU C 260 -32.77 -12.01 -33.81
N ARG C 261 -33.15 -11.60 -32.60
CA ARG C 261 -34.24 -10.65 -32.44
C ARG C 261 -34.06 -9.80 -31.20
N VAL C 262 -33.69 -8.54 -31.39
CA VAL C 262 -33.52 -7.59 -30.30
C VAL C 262 -34.36 -6.37 -30.61
N PHE C 263 -34.90 -5.74 -29.57
CA PHE C 263 -35.75 -4.57 -29.76
C PHE C 263 -35.45 -3.41 -28.83
N GLN C 264 -35.57 -2.20 -29.36
CA GLN C 264 -35.34 -0.97 -28.62
C GLN C 264 -36.37 0.09 -28.96
N ILE C 265 -37.20 0.45 -27.99
CA ILE C 265 -38.22 1.46 -28.17
C ILE C 265 -37.78 2.74 -27.50
N SER C 266 -37.64 3.80 -28.28
CA SER C 266 -37.19 5.08 -27.77
C SER C 266 -38.27 6.15 -27.83
N PHE C 267 -38.38 6.92 -26.76
CA PHE C 267 -39.34 8.01 -26.67
C PHE C 267 -38.55 9.31 -26.67
N PHE C 268 -39.11 10.34 -27.29
CA PHE C 268 -38.43 11.62 -27.37
C PHE C 268 -39.42 12.78 -27.43
N ASN C 269 -38.85 13.99 -27.44
CA ASN C 269 -39.53 15.29 -27.49
C ASN C 269 -40.57 15.51 -26.39
N LEU C 270 -40.11 15.52 -25.15
CA LEU C 270 -40.98 15.75 -24.02
C LEU C 270 -41.29 17.24 -23.94
N PRO C 271 -42.50 17.61 -23.50
CA PRO C 271 -42.82 19.05 -23.41
C PRO C 271 -42.16 19.77 -22.26
N THR C 272 -41.62 19.06 -21.27
CA THR C 272 -40.98 19.70 -20.13
C THR C 272 -39.55 19.21 -19.98
N VAL C 273 -38.64 20.15 -19.78
CA VAL C 273 -37.22 19.86 -19.60
C VAL C 273 -36.90 20.00 -18.12
N HIS C 274 -36.54 18.88 -17.49
CA HIS C 274 -36.22 18.85 -16.07
C HIS C 274 -34.73 18.92 -15.79
N ARG C 275 -34.36 19.61 -14.71
CA ARG C 275 -32.97 19.72 -14.33
C ARG C 275 -32.54 18.55 -13.45
N ILE C 276 -31.27 18.55 -13.05
CA ILE C 276 -30.74 17.47 -12.24
C ILE C 276 -31.01 17.78 -10.76
N ARG C 277 -31.40 19.02 -10.43
CA ARG C 277 -31.65 19.35 -9.04
C ARG C 277 -33.10 19.16 -8.65
N ASP C 278 -33.98 18.89 -9.62
CA ASP C 278 -35.39 18.70 -9.32
C ASP C 278 -35.77 17.23 -9.36
N ILE C 279 -34.80 16.33 -9.22
CA ILE C 279 -35.11 14.91 -9.24
C ILE C 279 -35.44 14.45 -7.82
N ARG C 280 -36.65 13.94 -7.65
CA ARG C 280 -37.11 13.44 -6.36
C ARG C 280 -37.34 11.95 -6.46
N SER C 281 -37.84 11.35 -5.38
CA SER C 281 -38.11 9.92 -5.38
C SER C 281 -39.53 9.61 -5.78
N GLU C 282 -40.29 10.62 -6.22
CA GLU C 282 -41.67 10.40 -6.63
C GLU C 282 -41.71 9.99 -8.09
N LYS C 283 -40.60 10.18 -8.81
CA LYS C 283 -40.52 9.83 -10.22
C LYS C 283 -39.65 8.60 -10.43
N ILE C 284 -39.64 7.67 -9.47
CA ILE C 284 -38.83 6.47 -9.61
C ILE C 284 -39.58 5.51 -10.52
N GLY C 285 -38.97 5.14 -11.64
CA GLY C 285 -39.58 4.25 -12.59
C GLY C 285 -40.31 4.96 -13.70
N SER C 286 -40.54 6.25 -13.58
CA SER C 286 -41.22 7.02 -14.60
C SER C 286 -40.22 7.52 -15.64
N LEU C 287 -40.72 8.14 -16.70
CA LEU C 287 -39.83 8.66 -17.72
C LEU C 287 -39.46 10.08 -17.35
N LEU C 288 -38.31 10.52 -17.84
CA LEU C 288 -37.79 11.85 -17.56
C LEU C 288 -36.85 12.37 -18.64
N SER C 289 -36.84 13.69 -18.79
CA SER C 289 -35.98 14.41 -19.72
C SER C 289 -34.91 15.11 -18.91
N ILE C 290 -33.66 14.70 -19.12
CA ILE C 290 -32.54 15.27 -18.38
C ILE C 290 -31.58 15.97 -19.33
N SER C 291 -31.36 17.26 -19.10
CA SER C 291 -30.44 18.02 -19.93
C SER C 291 -29.24 18.45 -19.11
N GLY C 292 -28.09 18.55 -19.77
CA GLY C 292 -26.89 18.96 -19.07
C GLY C 292 -25.69 18.84 -19.97
N THR C 293 -24.53 18.65 -19.36
CA THR C 293 -23.27 18.51 -20.09
C THR C 293 -22.53 17.23 -19.70
N VAL C 294 -21.96 16.55 -20.68
CA VAL C 294 -21.25 15.31 -20.41
C VAL C 294 -19.82 15.60 -19.96
N THR C 295 -19.45 15.07 -18.81
CA THR C 295 -18.13 15.28 -18.24
C THR C 295 -17.17 14.16 -18.63
N ARG C 296 -17.57 12.91 -18.46
CA ARG C 296 -16.71 11.79 -18.78
C ARG C 296 -17.48 10.73 -19.56
N THR C 297 -16.72 9.90 -20.28
CA THR C 297 -17.21 8.79 -21.10
C THR C 297 -16.41 7.53 -20.84
N SER C 298 -17.10 6.39 -20.85
CA SER C 298 -16.45 5.11 -20.63
C SER C 298 -16.36 4.27 -21.89
N GLU C 299 -15.69 3.14 -21.77
CA GLU C 299 -15.51 2.23 -22.89
C GLU C 299 -16.80 1.45 -23.12
N VAL C 300 -16.95 0.88 -24.32
CA VAL C 300 -18.13 0.09 -24.60
C VAL C 300 -17.90 -1.31 -24.04
N ARG C 301 -18.95 -1.90 -23.47
CA ARG C 301 -18.76 -3.23 -22.90
C ARG C 301 -19.88 -4.19 -23.29
N PRO C 302 -19.58 -5.49 -23.41
CA PRO C 302 -20.64 -6.44 -23.76
C PRO C 302 -21.48 -6.79 -22.54
N GLU C 303 -22.78 -6.51 -22.64
CA GLU C 303 -23.74 -6.78 -21.60
C GLU C 303 -24.35 -8.15 -21.84
N LEU C 304 -24.57 -8.86 -20.74
CA LEU C 304 -25.05 -10.24 -20.71
C LEU C 304 -26.41 -10.59 -21.30
N TYR C 305 -27.49 -9.98 -20.76
CA TYR C 305 -28.92 -10.19 -21.06
C TYR C 305 -29.33 -11.64 -20.82
N ALA C 307 -28.00 -15.96 -22.14
CA ALA C 307 -27.02 -16.52 -21.22
C ALA C 307 -27.46 -17.87 -20.67
N SER C 308 -26.98 -18.94 -21.29
CA SER C 308 -27.35 -20.28 -20.85
C SER C 308 -26.63 -20.66 -19.56
N PHE C 309 -27.30 -21.41 -18.71
CA PHE C 309 -26.73 -21.84 -17.45
C PHE C 309 -26.69 -23.36 -17.39
N THR C 310 -25.51 -23.89 -17.14
CA THR C 310 -25.29 -25.32 -17.05
C THR C 310 -25.19 -25.71 -15.59
N CYS C 311 -25.56 -26.94 -15.27
CA CYS C 311 -25.44 -27.39 -13.90
C CYS C 311 -24.27 -28.37 -13.92
N ASP C 312 -23.60 -28.51 -12.77
CA ASP C 312 -22.44 -29.39 -12.69
C ASP C 312 -22.78 -30.84 -12.39
N MET C 313 -24.06 -31.21 -12.40
CA MET C 313 -24.43 -32.58 -12.09
C MET C 313 -24.95 -33.33 -13.31
N CYS C 314 -25.58 -32.62 -14.25
CA CYS C 314 -26.05 -33.28 -15.47
C CYS C 314 -25.95 -32.30 -16.62
N ARG C 315 -26.49 -32.68 -17.76
CA ARG C 315 -26.41 -31.83 -18.95
C ARG C 315 -27.65 -31.00 -19.19
N ALA C 316 -28.32 -30.53 -18.13
CA ALA C 316 -29.51 -29.72 -18.30
C ALA C 316 -29.14 -28.30 -18.73
N ILE C 317 -30.05 -27.65 -19.45
CA ILE C 317 -29.83 -26.30 -19.94
C ILE C 317 -31.12 -25.49 -19.79
N VAL C 318 -30.96 -24.16 -19.67
CA VAL C 318 -32.06 -23.21 -19.53
C VAL C 318 -31.80 -22.03 -20.44
N ASP C 319 -32.86 -21.33 -20.84
CA ASP C 319 -32.71 -20.16 -21.72
C ASP C 319 -33.53 -18.96 -21.29
N ASN C 320 -34.31 -19.07 -20.23
CA ASN C 320 -35.09 -17.93 -19.75
C ASN C 320 -34.19 -17.23 -18.74
N VAL C 321 -33.58 -16.13 -19.17
CA VAL C 321 -32.61 -15.41 -18.36
C VAL C 321 -33.12 -14.06 -17.86
N GLU C 322 -32.75 -13.73 -16.62
CA GLU C 322 -33.00 -12.44 -16.00
C GLU C 322 -31.74 -11.61 -16.19
N GLN C 323 -31.87 -10.27 -16.20
CA GLN C 323 -30.65 -9.50 -16.48
C GLN C 323 -30.25 -8.34 -15.56
N SER C 324 -31.21 -7.72 -14.88
CA SER C 324 -30.89 -6.58 -14.02
C SER C 324 -30.19 -7.02 -12.74
N PHE C 325 -30.84 -7.87 -11.95
CA PHE C 325 -30.29 -8.39 -10.71
C PHE C 325 -30.62 -9.87 -10.74
N LYS C 326 -30.13 -10.62 -9.72
CA LYS C 326 -30.28 -12.08 -9.47
C LYS C 326 -30.00 -12.99 -10.69
N TYR C 327 -29.05 -12.58 -11.53
CA TYR C 327 -28.64 -13.23 -12.77
C TYR C 327 -27.86 -14.55 -12.65
N THR C 328 -27.73 -15.12 -11.45
CA THR C 328 -26.98 -16.36 -11.30
C THR C 328 -27.82 -17.53 -10.82
N GLU C 329 -28.99 -17.27 -10.23
CA GLU C 329 -29.83 -18.34 -9.69
C GLU C 329 -31.20 -18.54 -10.31
N PRO C 330 -31.34 -19.44 -11.27
CA PRO C 330 -32.67 -19.72 -11.82
C PRO C 330 -33.38 -20.70 -10.90
N THR C 331 -34.70 -20.60 -10.85
CA THR C 331 -35.46 -21.44 -9.94
C THR C 331 -35.98 -22.77 -10.48
N PHE C 332 -35.67 -23.13 -11.72
CA PHE C 332 -36.17 -24.39 -12.27
C PHE C 332 -35.19 -25.10 -13.19
N CYS C 333 -35.28 -26.43 -13.18
CA CYS C 333 -34.51 -27.37 -13.96
C CYS C 333 -35.51 -28.24 -14.71
N PRO C 334 -35.13 -28.82 -15.88
CA PRO C 334 -36.07 -29.68 -16.59
C PRO C 334 -36.22 -31.04 -15.92
N ASN C 335 -35.18 -31.45 -15.19
CA ASN C 335 -35.18 -32.70 -14.46
C ASN C 335 -35.14 -32.37 -12.98
N PRO C 336 -36.25 -32.53 -12.25
CA PRO C 336 -36.27 -32.18 -10.82
C PRO C 336 -35.53 -33.14 -9.90
N SER C 337 -35.10 -34.30 -10.39
CA SER C 337 -34.37 -35.24 -9.54
C SER C 337 -32.94 -34.75 -9.38
N CYS C 338 -32.69 -34.02 -8.30
CA CYS C 338 -31.39 -33.46 -8.02
C CYS C 338 -31.15 -33.26 -6.53
N GLU C 339 -29.89 -33.16 -6.14
CA GLU C 339 -29.58 -32.96 -4.74
C GLU C 339 -29.56 -31.48 -4.37
N ASN C 340 -29.32 -30.60 -5.34
CA ASN C 340 -29.30 -29.17 -5.05
C ASN C 340 -29.87 -28.39 -6.23
N ARG C 341 -31.11 -27.97 -6.09
CA ARG C 341 -31.84 -27.25 -7.13
C ARG C 341 -31.56 -25.75 -7.17
N ALA C 342 -30.74 -25.24 -6.26
CA ALA C 342 -30.51 -23.81 -6.23
C ALA C 342 -29.39 -23.32 -7.14
N PHE C 343 -28.16 -23.79 -6.93
CA PHE C 343 -27.03 -23.30 -7.70
C PHE C 343 -26.79 -23.92 -9.07
N TRP C 344 -26.29 -23.08 -9.98
CA TRP C 344 -25.96 -23.43 -11.35
C TRP C 344 -24.63 -22.78 -11.70
N THR C 345 -24.21 -22.95 -12.95
CA THR C 345 -22.96 -22.38 -13.45
C THR C 345 -23.23 -21.68 -14.77
N LEU C 346 -22.69 -20.48 -14.91
CA LEU C 346 -22.89 -19.69 -16.13
C LEU C 346 -22.02 -20.18 -17.29
N ASN C 347 -22.38 -19.75 -18.50
CA ASN C 347 -21.69 -20.09 -19.73
C ASN C 347 -21.49 -18.80 -20.53
N VAL C 348 -20.40 -18.74 -21.30
CA VAL C 348 -20.11 -17.55 -22.09
C VAL C 348 -20.38 -17.88 -23.56
N THR C 349 -20.65 -19.15 -23.87
CA THR C 349 -20.88 -19.53 -25.26
C THR C 349 -22.27 -19.21 -25.82
N ARG C 350 -23.32 -19.77 -25.21
CA ARG C 350 -24.68 -19.55 -25.70
C ARG C 350 -25.40 -18.41 -25.01
N SER C 351 -25.58 -17.32 -25.73
CA SER C 351 -26.27 -16.13 -25.24
C SER C 351 -26.79 -15.31 -26.41
N PHE C 353 -26.13 -10.00 -25.16
CA PHE C 353 -24.72 -9.74 -25.45
C PHE C 353 -24.50 -8.55 -26.39
N LEU C 354 -24.60 -7.33 -25.88
CA LEU C 354 -24.37 -6.17 -26.76
C LEU C 354 -23.72 -4.99 -26.07
N ASP C 355 -23.63 -3.86 -26.78
CA ASP C 355 -22.99 -2.67 -26.25
C ASP C 355 -23.69 -1.98 -25.08
N TRP C 356 -22.91 -1.69 -24.04
CA TRP C 356 -23.35 -1.09 -22.80
C TRP C 356 -22.39 0.05 -22.48
N GLN C 357 -22.94 1.21 -22.10
CA GLN C 357 -22.07 2.33 -21.79
C GLN C 357 -22.59 3.10 -20.58
N LYS C 358 -21.64 3.68 -19.83
CA LYS C 358 -21.92 4.45 -18.64
C LYS C 358 -21.23 5.80 -18.75
N VAL C 359 -22.01 6.87 -18.94
CA VAL C 359 -21.40 8.19 -19.04
C VAL C 359 -21.79 9.06 -17.87
N ARG C 360 -21.14 10.21 -17.77
CA ARG C 360 -21.32 11.15 -16.68
C ARG C 360 -21.96 12.45 -17.16
N ILE C 361 -23.15 12.75 -16.64
CA ILE C 361 -23.90 13.96 -16.99
C ILE C 361 -23.74 14.89 -15.80
N GLN C 362 -23.73 16.20 -16.05
CA GLN C 362 -23.57 17.19 -15.01
C GLN C 362 -24.43 18.40 -15.30
N GLU C 363 -24.67 19.17 -14.24
CA GLU C 363 -25.48 20.39 -14.27
C GLU C 363 -24.85 21.48 -15.14
N ASN C 364 -25.69 22.11 -15.97
CA ASN C 364 -25.29 23.19 -16.86
C ASN C 364 -24.86 24.43 -16.09
N ALA C 365 -23.98 25.23 -16.70
CA ALA C 365 -23.44 26.42 -16.05
C ALA C 365 -24.44 27.58 -15.95
N ASN C 366 -25.53 27.56 -16.71
CA ASN C 366 -26.45 28.69 -16.60
C ASN C 366 -27.57 28.46 -15.59
N GLU C 367 -27.71 27.25 -15.09
CA GLU C 367 -28.77 26.97 -14.13
C GLU C 367 -28.22 26.42 -12.81
N ILE C 368 -27.10 26.95 -12.36
CA ILE C 368 -26.50 26.51 -11.09
C ILE C 368 -26.99 27.50 -10.04
N PRO C 369 -27.36 27.05 -8.83
CA PRO C 369 -27.81 27.99 -7.80
C PRO C 369 -26.63 28.75 -7.21
N THR C 370 -26.97 29.84 -6.52
CA THR C 370 -25.96 30.73 -5.94
C THR C 370 -25.19 30.16 -4.75
N GLY C 371 -23.97 29.70 -5.02
CA GLY C 371 -23.12 29.15 -3.98
C GLY C 371 -23.15 27.64 -3.99
N SER C 372 -24.05 27.07 -4.78
CA SER C 372 -24.15 25.63 -4.85
C SER C 372 -23.06 25.00 -5.72
N MET C 373 -22.99 23.70 -5.68
CA MET C 373 -22.02 22.94 -6.43
C MET C 373 -22.71 22.27 -7.62
N PRO C 374 -22.05 22.20 -8.78
CA PRO C 374 -22.67 21.55 -9.94
C PRO C 374 -22.63 20.03 -9.84
N ARG C 375 -23.62 19.49 -9.11
CA ARG C 375 -23.77 18.06 -8.85
C ARG C 375 -23.94 17.23 -10.12
N THR C 376 -23.09 16.21 -10.25
CA THR C 376 -23.08 15.33 -11.40
C THR C 376 -23.68 13.96 -11.07
N LEU C 377 -23.99 13.18 -12.10
CA LEU C 377 -24.60 11.87 -11.92
C LEU C 377 -24.24 10.95 -13.08
N ASP C 378 -24.27 9.65 -12.85
CA ASP C 378 -23.95 8.67 -13.89
C ASP C 378 -25.20 8.12 -14.55
N VAL C 379 -25.22 8.12 -15.88
CA VAL C 379 -26.35 7.62 -16.64
C VAL C 379 -25.90 6.48 -17.55
N ILE C 380 -26.66 5.38 -17.51
CA ILE C 380 -26.38 4.18 -18.27
C ILE C 380 -27.13 4.31 -19.59
N LEU C 381 -26.63 3.61 -20.63
CA LEU C 381 -27.23 3.61 -21.95
C LEU C 381 -26.92 2.35 -22.75
N ARG C 382 -27.96 1.78 -23.35
CA ARG C 382 -27.93 0.56 -24.13
C ARG C 382 -28.44 0.78 -25.54
N GLY C 383 -28.60 -0.32 -26.28
CA GLY C 383 -29.11 -0.35 -27.65
C GLY C 383 -28.14 0.29 -28.62
N ASP C 384 -28.68 1.02 -29.58
CA ASP C 384 -27.82 1.72 -30.54
C ASP C 384 -27.84 3.21 -30.24
N SER C 385 -28.03 3.56 -28.97
CA SER C 385 -28.02 4.95 -28.54
C SER C 385 -26.61 5.27 -28.07
N VAL C 386 -25.75 4.23 -28.01
CA VAL C 386 -24.38 4.37 -27.61
C VAL C 386 -23.58 4.95 -28.76
N GLU C 387 -22.38 5.49 -28.45
CA GLU C 387 -21.39 6.19 -29.31
C GLU C 387 -21.95 7.31 -30.22
N ARG C 388 -23.08 7.91 -29.84
CA ARG C 388 -23.69 9.00 -30.58
C ARG C 388 -23.49 10.23 -29.71
N ALA C 389 -23.18 10.03 -28.44
CA ALA C 389 -22.92 11.14 -27.54
C ALA C 389 -21.43 11.46 -27.57
N LYS C 390 -21.12 12.68 -28.00
CA LYS C 390 -19.75 13.12 -28.11
C LYS C 390 -19.38 13.72 -26.75
N PRO C 391 -18.14 13.54 -26.29
CA PRO C 391 -17.76 14.09 -24.98
C PRO C 391 -17.52 15.60 -25.07
N GLY C 392 -18.07 16.30 -24.08
CA GLY C 392 -17.90 17.73 -24.04
C GLY C 392 -18.91 18.52 -24.83
N ASP C 393 -20.19 18.20 -24.72
CA ASP C 393 -21.24 18.88 -25.45
C ASP C 393 -22.49 18.86 -24.61
N ARG C 394 -23.40 19.78 -24.90
CA ARG C 394 -24.66 19.83 -24.17
C ARG C 394 -25.54 18.72 -24.72
N CYS C 395 -26.07 17.90 -23.82
CA CYS C 395 -26.91 16.79 -24.23
C CYS C 395 -28.24 16.72 -23.49
N LYS C 396 -29.20 16.10 -24.16
CA LYS C 396 -30.55 15.92 -23.65
C LYS C 396 -30.94 14.45 -23.78
N PHE C 397 -31.20 13.82 -22.64
CA PHE C 397 -31.57 12.42 -22.58
C PHE C 397 -33.03 12.24 -22.19
N THR C 398 -33.59 11.12 -22.63
CA THR C 398 -34.95 10.75 -22.30
C THR C 398 -34.89 9.31 -21.84
N GLY C 399 -35.32 9.07 -20.62
CA GLY C 399 -35.23 7.69 -20.14
C GLY C 399 -36.08 7.43 -18.92
N VAL C 400 -35.64 6.44 -18.16
CA VAL C 400 -36.30 5.96 -16.96
C VAL C 400 -35.35 6.05 -15.75
N GLU C 401 -35.87 6.55 -14.62
CA GLU C 401 -35.11 6.68 -13.38
C GLU C 401 -35.00 5.32 -12.70
N ILE C 402 -33.82 4.72 -12.76
CA ILE C 402 -33.64 3.41 -12.14
C ILE C 402 -32.60 3.53 -11.00
N VAL C 403 -32.94 2.95 -9.85
CA VAL C 403 -32.09 2.97 -8.68
C VAL C 403 -30.98 1.91 -8.79
N VAL C 404 -29.80 2.24 -8.29
CA VAL C 404 -28.64 1.34 -8.35
C VAL C 404 -28.10 1.17 -6.93
N PRO C 405 -27.96 -0.08 -6.42
CA PRO C 405 -27.43 -0.29 -5.07
C PRO C 405 -25.92 -0.10 -5.00
N TYR C 450 -28.76 3.20 -1.37
CA TYR C 450 -28.53 3.02 -2.79
C TYR C 450 -28.35 4.35 -3.50
N LYS C 451 -28.09 4.29 -4.79
CA LYS C 451 -27.90 5.49 -5.61
C LYS C 451 -29.00 5.57 -6.65
N ILE C 452 -29.35 6.79 -7.01
CA ILE C 452 -30.40 7.01 -8.00
C ILE C 452 -29.80 7.34 -9.35
N SER C 453 -29.62 6.32 -10.19
CA SER C 453 -29.05 6.53 -11.52
C SER C 453 -30.15 6.77 -12.55
N PHE C 454 -29.77 6.73 -13.82
CA PHE C 454 -30.70 6.96 -14.91
C PHE C 454 -30.39 6.05 -16.10
N LEU C 455 -31.41 5.77 -16.91
CA LEU C 455 -31.26 4.95 -18.09
C LEU C 455 -31.83 5.79 -19.22
N ALA C 456 -31.04 6.04 -20.25
CA ALA C 456 -31.45 6.85 -21.38
C ALA C 456 -31.67 5.97 -22.60
N CYS C 457 -32.55 6.41 -23.50
CA CYS C 457 -32.81 5.67 -24.72
C CYS C 457 -32.66 6.56 -25.93
N HIS C 458 -32.72 7.88 -25.74
CA HIS C 458 -32.59 8.82 -26.83
C HIS C 458 -31.49 9.83 -26.58
N VAL C 459 -30.67 10.05 -27.61
CA VAL C 459 -29.56 10.99 -27.53
C VAL C 459 -29.69 12.04 -28.63
N ILE C 460 -29.32 13.28 -28.30
CA ILE C 460 -29.38 14.40 -29.25
C ILE C 460 -28.31 15.42 -28.88
N SER C 461 -27.76 16.09 -29.89
CA SER C 461 -26.73 17.11 -29.67
C SER C 461 -27.36 18.50 -29.67
N ILE C 462 -28.01 18.85 -28.57
CA ILE C 462 -28.65 20.15 -28.46
C ILE C 462 -27.57 21.20 -28.15
N GLY C 463 -27.84 22.45 -28.50
CA GLY C 463 -26.90 23.54 -28.27
C GLY C 463 -25.70 23.54 -29.18
N ASP C 511 -40.83 42.84 -29.03
CA ASP C 511 -39.99 44.01 -28.75
C ASP C 511 -38.54 43.69 -29.05
N GLU C 512 -38.24 42.41 -29.20
CA GLU C 512 -36.87 41.99 -29.49
C GLU C 512 -36.52 42.28 -30.94
N ILE C 513 -37.47 42.04 -31.85
CA ILE C 513 -37.22 42.31 -33.27
C ILE C 513 -37.41 43.81 -33.50
N ASN C 514 -38.15 44.50 -32.61
CA ASN C 514 -38.35 45.94 -32.71
C ASN C 514 -37.09 46.66 -32.28
N GLU C 515 -36.26 46.02 -31.44
CA GLU C 515 -35.00 46.59 -31.01
C GLU C 515 -33.94 46.23 -32.02
N LEU C 516 -34.02 45.01 -32.58
CA LEU C 516 -33.04 44.55 -33.57
C LEU C 516 -33.15 45.28 -34.91
N LYS C 517 -34.38 45.57 -35.35
CA LYS C 517 -34.58 46.28 -36.61
C LYS C 517 -34.23 47.76 -36.44
N GLU C 518 -34.33 48.26 -35.21
CA GLU C 518 -33.97 49.65 -34.94
C GLU C 518 -32.45 49.73 -34.86
N MET C 519 -31.81 48.67 -34.38
CA MET C 519 -30.36 48.69 -34.28
C MET C 519 -29.64 48.32 -35.58
N VAL C 520 -30.37 47.84 -36.60
CA VAL C 520 -29.65 47.56 -37.85
C VAL C 520 -29.92 48.62 -38.91
N LYS C 521 -30.71 49.65 -38.59
CA LYS C 521 -31.01 50.68 -39.58
C LYS C 521 -30.18 51.95 -39.44
N ASP C 522 -29.43 52.10 -38.37
CA ASP C 522 -28.63 53.29 -38.16
C ASP C 522 -27.27 53.21 -38.86
N GLU C 523 -26.37 54.12 -38.51
CA GLU C 523 -25.05 54.09 -39.14
C GLU C 523 -23.88 54.14 -38.18
N HIS C 524 -24.12 54.44 -36.91
CA HIS C 524 -23.04 54.53 -35.94
C HIS C 524 -22.99 53.38 -34.95
N ILE C 525 -23.50 52.20 -35.32
CA ILE C 525 -23.55 51.03 -34.44
C ILE C 525 -22.17 50.45 -34.10
N TYR C 526 -21.31 50.30 -35.12
CA TYR C 526 -19.97 49.75 -34.97
C TYR C 526 -19.04 50.57 -34.09
N ASP C 527 -19.24 51.90 -34.07
CA ASP C 527 -18.42 52.77 -33.23
C ASP C 527 -18.81 52.65 -31.76
N LYS C 528 -20.06 52.26 -31.47
CA LYS C 528 -20.46 52.07 -30.08
C LYS C 528 -20.13 50.63 -29.73
N LEU C 529 -20.06 49.77 -30.75
CA LEU C 529 -19.75 48.36 -30.52
C LEU C 529 -18.30 48.15 -30.16
N VAL C 530 -17.40 48.98 -30.68
CA VAL C 530 -15.99 48.81 -30.35
C VAL C 530 -15.67 49.42 -28.99
N ARG C 531 -16.55 50.27 -28.46
CA ARG C 531 -16.32 50.87 -27.15
C ARG C 531 -17.31 50.29 -26.15
N SER C 532 -18.12 49.32 -26.59
CA SER C 532 -19.08 48.70 -25.70
C SER C 532 -18.83 47.21 -25.54
N ILE C 533 -17.73 46.69 -26.12
CA ILE C 533 -17.44 45.27 -25.98
C ILE C 533 -16.58 45.11 -24.73
N ALA C 534 -16.01 46.21 -24.23
CA ALA C 534 -15.19 46.20 -23.02
C ALA C 534 -15.29 47.59 -22.42
N PRO C 535 -16.35 47.85 -21.63
CA PRO C 535 -16.49 49.20 -21.06
C PRO C 535 -15.61 49.47 -19.86
N ALA C 536 -14.99 48.46 -19.28
CA ALA C 536 -14.14 48.68 -18.13
C ALA C 536 -12.70 48.99 -18.51
N VAL C 537 -12.35 48.90 -19.79
CA VAL C 537 -10.99 49.19 -20.21
C VAL C 537 -10.87 50.53 -20.91
N PHE C 538 -9.96 51.37 -20.43
CA PHE C 538 -9.69 52.67 -21.01
C PHE C 538 -8.69 52.50 -22.13
N GLY C 539 -8.99 53.09 -23.29
CA GLY C 539 -8.09 52.97 -24.43
C GLY C 539 -8.23 51.63 -25.10
N HIS C 540 -7.20 51.28 -25.90
CA HIS C 540 -7.07 50.02 -26.67
C HIS C 540 -8.24 49.64 -27.59
N GLU C 541 -8.48 50.48 -28.60
CA GLU C 541 -9.58 50.22 -29.53
C GLU C 541 -9.30 49.06 -30.49
N ALA C 542 -8.01 48.81 -30.78
CA ALA C 542 -7.62 47.73 -31.71
C ALA C 542 -7.84 46.36 -31.09
N VAL C 543 -7.56 46.25 -29.78
CA VAL C 543 -7.73 45.01 -29.02
C VAL C 543 -9.22 44.73 -28.88
N LYS C 544 -10.01 45.80 -28.70
CA LYS C 544 -11.47 45.69 -28.59
C LYS C 544 -12.09 45.31 -29.93
N LYS C 545 -11.47 45.80 -31.03
CA LYS C 545 -11.90 45.48 -32.39
C LYS C 545 -11.67 44.01 -32.69
N GLY C 546 -10.50 43.49 -32.30
CA GLY C 546 -10.19 42.09 -32.53
C GLY C 546 -10.97 41.15 -31.63
N ILE C 547 -11.33 41.62 -30.43
CA ILE C 547 -12.09 40.82 -29.49
C ILE C 547 -13.55 40.77 -29.97
N LEU C 548 -14.05 41.90 -30.51
CA LEU C 548 -15.42 41.98 -31.04
C LEU C 548 -15.54 41.17 -32.34
N LEU C 549 -14.49 41.17 -33.16
CA LEU C 549 -14.54 40.39 -34.40
C LEU C 549 -14.11 38.95 -34.18
N GLN C 550 -13.63 38.62 -32.99
CA GLN C 550 -13.20 37.25 -32.70
C GLN C 550 -14.40 36.33 -32.47
N MET C 551 -15.41 36.82 -31.72
CA MET C 551 -16.69 36.23 -31.28
C MET C 551 -17.50 35.61 -32.41
N LEU C 552 -17.42 36.18 -33.60
CA LEU C 552 -18.14 35.70 -34.76
C LEU C 552 -17.19 35.51 -35.94
N GLY C 553 -17.28 34.35 -36.59
CA GLY C 553 -16.39 34.01 -37.69
C GLY C 553 -17.05 34.01 -39.05
N GLY C 554 -16.44 33.25 -39.96
CA GLY C 554 -16.92 33.14 -41.32
C GLY C 554 -17.14 31.70 -41.72
N VAL C 555 -17.21 31.49 -43.03
CA VAL C 555 -17.46 30.18 -43.65
C VAL C 555 -16.26 29.23 -43.50
N HIS C 556 -16.52 27.97 -43.10
CA HIS C 556 -15.44 27.01 -42.94
C HIS C 556 -15.47 25.99 -44.07
N LYS C 557 -16.63 25.83 -44.72
CA LYS C 557 -16.79 24.86 -45.80
C LYS C 557 -16.65 25.46 -47.19
N SER C 558 -15.82 26.49 -47.33
CA SER C 558 -15.62 27.13 -48.64
C SER C 558 -14.66 26.32 -49.50
N THR C 559 -15.22 25.26 -50.11
CA THR C 559 -14.44 24.36 -50.96
C THR C 559 -15.23 23.66 -52.05
N VAL C 560 -14.51 22.95 -52.90
CA VAL C 560 -15.11 22.16 -53.96
C VAL C 560 -14.48 20.78 -53.88
N GLU C 561 -13.44 20.63 -53.07
CA GLU C 561 -12.77 19.34 -52.92
C GLU C 561 -13.48 18.47 -51.89
N GLY C 562 -13.88 19.05 -50.77
CA GLY C 562 -14.57 18.28 -49.76
C GLY C 562 -13.95 18.32 -48.39
N ILE C 563 -13.08 19.30 -48.12
CA ILE C 563 -12.44 19.43 -46.82
C ILE C 563 -12.79 20.75 -46.15
N LYS C 564 -13.02 20.72 -44.85
CA LYS C 564 -13.36 21.94 -44.15
C LYS C 564 -12.10 22.75 -43.85
N LEU C 565 -12.22 24.07 -43.89
CA LEU C 565 -11.09 24.94 -43.64
C LEU C 565 -11.21 25.63 -42.29
N ARG C 566 -10.15 26.33 -41.90
CA ARG C 566 -10.14 27.04 -40.64
C ARG C 566 -10.83 28.38 -40.83
N GLY C 567 -12.11 28.45 -40.48
CA GLY C 567 -12.84 29.71 -40.64
C GLY C 567 -12.94 30.50 -39.35
N ASP C 568 -12.02 30.27 -38.41
CA ASP C 568 -12.10 30.97 -37.15
C ASP C 568 -11.01 32.04 -37.00
N ILE C 569 -11.19 32.91 -36.01
CA ILE C 569 -10.28 34.00 -35.71
C ILE C 569 -9.49 33.75 -34.43
N ASN C 570 -8.17 33.70 -34.56
CA ASN C 570 -7.28 33.50 -33.42
C ASN C 570 -6.73 34.85 -32.98
N ILE C 571 -6.88 35.16 -31.69
CA ILE C 571 -6.46 36.43 -31.14
C ILE C 571 -5.43 36.24 -30.03
N CYS C 572 -4.28 36.91 -30.14
CA CYS C 572 -3.26 36.81 -29.11
C CYS C 572 -2.74 38.17 -28.65
N VAL C 573 -2.79 38.39 -27.34
CA VAL C 573 -2.36 39.62 -26.71
C VAL C 573 -1.02 39.55 -25.99
N VAL C 574 -0.12 40.50 -26.29
CA VAL C 574 1.20 40.57 -25.69
C VAL C 574 1.52 41.98 -25.21
N GLY C 575 2.46 42.07 -24.29
CA GLY C 575 2.88 43.36 -23.78
C GLY C 575 3.51 43.25 -22.43
N ASP C 576 3.75 44.42 -21.84
CA ASP C 576 4.36 44.52 -20.53
C ASP C 576 3.34 44.12 -19.46
N PRO C 577 3.78 43.70 -18.26
CA PRO C 577 2.82 43.34 -17.21
C PRO C 577 2.14 44.55 -16.58
N SER C 578 1.23 44.23 -15.65
CA SER C 578 0.36 45.12 -14.88
C SER C 578 -0.53 45.96 -15.78
N THR C 579 -0.99 45.38 -16.89
CA THR C 579 -1.87 46.09 -17.81
C THR C 579 -3.29 45.63 -17.61
N SER C 580 -4.19 46.11 -18.46
CA SER C 580 -5.60 45.74 -18.37
C SER C 580 -5.98 44.63 -19.34
N LYS C 581 -4.97 43.98 -19.93
CA LYS C 581 -5.21 42.91 -20.91
C LYS C 581 -5.82 41.62 -20.35
N SER C 582 -5.76 41.45 -19.03
CA SER C 582 -6.39 40.27 -18.42
C SER C 582 -7.83 40.64 -18.12
N GLN C 583 -8.15 41.95 -18.09
CA GLN C 583 -9.52 42.37 -17.80
C GLN C 583 -10.44 41.89 -18.91
N PHE C 584 -9.98 41.93 -20.17
CA PHE C 584 -10.79 41.41 -21.27
C PHE C 584 -11.07 39.93 -21.03
N LEU C 585 -10.03 39.20 -20.55
CA LEU C 585 -10.05 37.79 -20.19
C LEU C 585 -11.09 37.53 -19.13
N LYS C 586 -11.27 38.50 -18.24
CA LYS C 586 -12.24 38.32 -17.16
C LYS C 586 -13.61 38.75 -17.64
N TYR C 587 -13.67 39.45 -18.77
CA TYR C 587 -14.96 39.90 -19.27
C TYR C 587 -15.58 38.84 -20.17
N VAL C 588 -14.80 38.31 -21.10
CA VAL C 588 -15.31 37.31 -22.05
C VAL C 588 -16.02 36.19 -21.28
N VAL C 589 -15.33 35.60 -20.30
CA VAL C 589 -15.84 34.49 -19.49
C VAL C 589 -17.02 34.92 -18.59
N GLY C 590 -17.17 36.20 -18.30
CA GLY C 590 -18.32 36.63 -17.55
C GLY C 590 -19.47 37.06 -18.43
N PHE C 591 -19.24 37.10 -19.76
CA PHE C 591 -20.32 37.53 -20.64
C PHE C 591 -20.66 36.51 -21.72
N ALA C 592 -19.67 35.87 -22.32
CA ALA C 592 -19.95 34.91 -23.37
C ALA C 592 -20.37 33.57 -22.75
N PRO C 593 -21.48 32.97 -23.18
CA PRO C 593 -21.88 31.69 -22.60
C PRO C 593 -21.02 30.54 -23.08
N ARG C 594 -20.50 30.65 -24.29
CA ARG C 594 -19.62 29.63 -24.84
C ARG C 594 -18.19 30.09 -24.63
N SER C 595 -17.77 30.12 -23.36
CA SER C 595 -16.42 30.56 -23.03
C SER C 595 -15.81 29.83 -21.85
N VAL C 596 -14.69 29.15 -22.13
CA VAL C 596 -13.96 28.39 -21.11
C VAL C 596 -12.61 29.06 -20.90
N TYR C 597 -12.31 29.35 -19.64
CA TYR C 597 -11.07 30.02 -19.26
C TYR C 597 -10.13 29.08 -18.52
N THR C 598 -8.85 29.16 -18.86
CA THR C 598 -7.84 28.35 -18.18
C THR C 598 -6.67 29.25 -17.79
N SER C 599 -5.96 28.85 -16.74
CA SER C 599 -4.84 29.64 -16.26
C SER C 599 -3.52 29.31 -16.96
N GLY C 600 -3.50 28.27 -17.78
CA GLY C 600 -2.29 27.90 -18.48
C GLY C 600 -1.29 27.05 -17.72
N LYS C 601 -0.87 27.51 -16.54
CA LYS C 601 0.10 26.76 -15.74
C LYS C 601 -0.55 25.56 -15.08
N ALA C 602 -1.84 25.65 -14.78
CA ALA C 602 -2.59 24.55 -14.17
C ALA C 602 -3.29 23.76 -15.27
N SER C 603 -2.51 23.26 -16.22
CA SER C 603 -2.98 22.51 -17.36
C SER C 603 -1.87 21.62 -17.92
N SER C 604 -2.23 20.76 -18.85
CA SER C 604 -1.31 19.84 -19.50
C SER C 604 -1.90 19.47 -20.84
N ALA C 605 -1.34 18.42 -21.45
CA ALA C 605 -1.85 17.94 -22.73
C ALA C 605 -3.18 17.23 -22.51
N ALA C 606 -3.27 16.47 -21.43
CA ALA C 606 -4.53 15.81 -21.10
C ALA C 606 -5.37 16.71 -20.21
N GLY C 607 -4.73 17.69 -19.57
CA GLY C 607 -5.46 18.61 -18.71
C GLY C 607 -6.26 19.62 -19.50
N LEU C 608 -5.88 19.84 -20.76
CA LEU C 608 -6.60 20.78 -21.59
C LEU C 608 -7.61 20.07 -22.48
N THR C 609 -7.23 18.95 -23.09
CA THR C 609 -8.17 18.28 -23.99
C THR C 609 -8.99 17.14 -23.42
N ALA C 610 -8.34 16.07 -22.94
CA ALA C 610 -9.08 14.92 -22.42
C ALA C 610 -8.24 14.18 -21.40
N ALA C 611 -8.60 14.29 -20.14
CA ALA C 611 -7.86 13.59 -19.09
C ALA C 611 -8.43 12.19 -18.96
N VAL C 612 -7.66 11.30 -18.36
CA VAL C 612 -8.07 9.92 -18.16
C VAL C 612 -7.85 9.52 -16.71
N VAL C 613 -8.73 8.68 -16.18
CA VAL C 613 -8.58 8.19 -14.81
C VAL C 613 -7.80 6.90 -15.03
N ARG C 614 -7.04 6.46 -14.03
CA ARG C 614 -6.27 5.25 -14.20
C ARG C 614 -6.59 4.19 -13.16
N ASP C 615 -7.50 3.28 -13.52
CA ASP C 615 -7.97 2.13 -12.71
C ASP C 615 -8.49 2.50 -11.32
N GLU C 616 -9.45 3.40 -11.25
CA GLU C 616 -9.97 3.82 -9.96
C GLU C 616 -11.38 3.24 -9.78
N GLU C 617 -11.75 3.03 -8.50
CA GLU C 617 -13.04 2.46 -8.01
C GLU C 617 -13.38 1.08 -8.55
N GLY C 618 -12.37 0.26 -8.86
CA GLY C 618 -12.61 -1.08 -9.34
C GLY C 618 -12.84 -1.27 -10.84
N GLY C 619 -13.45 -0.28 -11.48
CA GLY C 619 -13.73 -0.38 -12.89
C GLY C 619 -12.53 -0.02 -13.75
N ASP C 620 -12.79 0.09 -15.03
CA ASP C 620 -11.76 0.40 -16.01
C ASP C 620 -11.52 1.90 -16.15
N TYR C 621 -10.77 2.28 -17.18
CA TYR C 621 -10.44 3.67 -17.44
C TYR C 621 -11.65 4.44 -17.98
N THR C 622 -11.71 5.71 -17.60
CA THR C 622 -12.78 6.61 -18.00
C THR C 622 -12.12 7.91 -18.45
N ILE C 623 -12.59 8.44 -19.59
CA ILE C 623 -12.04 9.67 -20.15
C ILE C 623 -12.90 10.87 -19.82
N GLU C 624 -12.34 11.81 -19.05
CA GLU C 624 -13.00 13.03 -18.66
C GLU C 624 -12.64 14.13 -19.65
N ALA C 625 -13.62 14.94 -20.01
CA ALA C 625 -13.40 16.03 -20.97
C ALA C 625 -12.71 17.23 -20.32
N GLY C 626 -11.63 17.70 -20.94
CA GLY C 626 -10.88 18.83 -20.43
C GLY C 626 -11.47 20.19 -20.75
N ALA C 627 -10.63 21.17 -21.09
CA ALA C 627 -11.15 22.49 -21.45
C ALA C 627 -11.34 22.60 -22.95
N LEU C 628 -10.49 21.91 -23.72
CA LEU C 628 -10.58 21.90 -25.17
C LEU C 628 -11.70 20.94 -25.53
N MET C 629 -12.36 21.23 -26.66
CA MET C 629 -13.54 20.63 -27.35
C MET C 629 -14.83 21.00 -26.63
N LEU C 630 -14.76 21.83 -25.60
CA LEU C 630 -15.90 22.31 -24.86
C LEU C 630 -16.11 23.68 -25.47
N ALA C 631 -17.37 24.13 -25.45
CA ALA C 631 -17.86 25.42 -25.97
C ALA C 631 -17.51 25.61 -27.44
N ASP C 632 -18.08 24.77 -28.32
CA ASP C 632 -17.83 24.82 -29.76
C ASP C 632 -18.41 26.11 -30.32
N ASN C 633 -17.67 26.70 -31.28
CA ASN C 633 -17.90 27.96 -31.98
C ASN C 633 -17.97 29.10 -30.96
N GLY C 634 -17.06 29.06 -29.99
CA GLY C 634 -16.96 30.04 -28.92
C GLY C 634 -15.52 30.43 -28.72
N ILE C 635 -15.21 31.08 -27.59
CA ILE C 635 -13.85 31.52 -27.29
C ILE C 635 -13.22 30.79 -26.12
N CYS C 636 -12.17 30.04 -26.40
CA CYS C 636 -11.40 29.34 -25.37
C CYS C 636 -10.29 30.31 -25.04
N CYS C 637 -10.23 30.77 -23.80
CA CYS C 637 -9.20 31.73 -23.42
C CYS C 637 -8.14 31.21 -22.47
N ILE C 638 -6.90 31.20 -22.95
CA ILE C 638 -5.74 30.72 -22.22
C ILE C 638 -4.85 31.86 -21.73
N ASP C 639 -4.81 32.04 -20.43
CA ASP C 639 -3.97 33.06 -19.82
C ASP C 639 -2.63 32.36 -19.65
N GLU C 640 -1.54 33.15 -19.73
CA GLU C 640 -0.14 32.75 -19.59
C GLU C 640 0.26 31.62 -20.55
N PHE C 641 0.19 31.94 -21.84
CA PHE C 641 0.49 30.97 -22.90
C PHE C 641 1.94 30.53 -23.03
N ASP C 642 2.88 31.33 -22.52
CA ASP C 642 4.29 30.97 -22.67
C ASP C 642 4.89 30.16 -21.52
N LYS C 643 4.13 29.89 -20.46
CA LYS C 643 4.68 29.09 -19.37
C LYS C 643 4.15 27.67 -19.48
N MET C 644 3.47 27.36 -20.57
CA MET C 644 2.96 26.02 -20.80
C MET C 644 4.09 25.13 -21.31
N ASP C 645 3.84 23.82 -21.33
CA ASP C 645 4.84 22.88 -21.79
C ASP C 645 4.92 22.74 -23.31
N ILE C 646 5.64 21.73 -23.76
CA ILE C 646 5.79 21.51 -25.20
C ILE C 646 4.67 20.60 -25.68
N SER C 647 4.23 19.65 -24.83
CA SER C 647 3.18 18.69 -25.18
C SER C 647 1.80 19.29 -25.41
N ASP C 648 1.37 20.22 -24.55
CA ASP C 648 0.07 20.84 -24.75
C ASP C 648 0.12 21.85 -25.89
N GLN C 649 1.29 22.45 -26.15
CA GLN C 649 1.39 23.40 -27.25
C GLN C 649 1.43 22.66 -28.60
N VAL C 650 1.98 21.43 -28.65
CA VAL C 650 1.93 20.72 -29.93
C VAL C 650 0.55 20.06 -30.05
N ALA C 651 -0.16 19.87 -28.92
CA ALA C 651 -1.53 19.36 -29.00
C ALA C 651 -2.47 20.46 -29.52
N ILE C 652 -2.15 21.72 -29.16
CA ILE C 652 -2.89 22.89 -29.62
C ILE C 652 -2.61 23.06 -31.12
N HIS C 653 -1.34 22.83 -31.53
CA HIS C 653 -0.96 22.90 -32.94
C HIS C 653 -1.57 21.76 -33.77
N GLU C 654 -1.77 20.59 -33.16
CA GLU C 654 -2.39 19.46 -33.85
C GLU C 654 -3.89 19.73 -33.92
N ALA C 655 -4.45 20.46 -32.95
CA ALA C 655 -5.85 20.82 -32.94
C ALA C 655 -6.14 22.02 -33.84
N MET C 656 -5.09 22.72 -34.26
CA MET C 656 -5.25 23.86 -35.15
C MET C 656 -4.85 23.52 -36.58
N GLU C 657 -4.10 22.43 -36.76
CA GLU C 657 -3.70 22.02 -38.09
C GLU C 657 -4.88 21.35 -38.77
N GLN C 658 -5.62 20.54 -38.01
CA GLN C 658 -6.81 19.87 -38.48
C GLN C 658 -7.89 20.20 -37.47
N GLN C 659 -9.13 20.33 -37.95
CA GLN C 659 -10.23 20.68 -37.04
C GLN C 659 -10.64 19.55 -36.11
N THR C 660 -10.35 18.31 -36.48
CA THR C 660 -10.70 17.21 -35.61
C THR C 660 -9.56 16.89 -34.67
N ILE C 661 -9.86 16.19 -33.59
CA ILE C 661 -8.87 15.79 -32.61
C ILE C 661 -9.01 14.30 -32.38
N SER C 662 -7.88 13.61 -32.32
CA SER C 662 -7.84 12.17 -32.12
C SER C 662 -7.23 11.78 -30.78
N ILE C 663 -7.86 10.81 -30.12
CA ILE C 663 -7.43 10.30 -28.84
C ILE C 663 -7.27 8.80 -29.01
N ALA C 664 -6.05 8.30 -28.78
CA ALA C 664 -5.76 6.89 -28.90
C ALA C 664 -5.30 6.40 -27.54
N LYS C 665 -6.19 5.70 -26.83
CA LYS C 665 -5.82 5.22 -25.51
C LYS C 665 -6.58 3.94 -25.20
N ALA C 666 -5.89 3.03 -24.49
CA ALA C 666 -6.36 1.71 -24.02
C ALA C 666 -6.92 0.81 -25.12
N GLY C 667 -6.41 0.94 -26.33
CA GLY C 667 -6.91 0.14 -27.42
C GLY C 667 -7.97 0.86 -28.24
N ILE C 668 -8.64 1.86 -27.68
CA ILE C 668 -9.66 2.53 -28.48
C ILE C 668 -9.17 3.83 -29.10
N HIS C 669 -9.64 4.10 -30.31
CA HIS C 669 -9.28 5.29 -31.08
C HIS C 669 -10.55 6.07 -31.32
N ALA C 670 -10.55 7.34 -30.95
CA ALA C 670 -11.73 8.16 -31.13
C ALA C 670 -11.36 9.57 -31.56
N THR C 671 -11.96 10.02 -32.65
CA THR C 671 -11.71 11.36 -33.16
C THR C 671 -13.02 12.14 -33.19
N LEU C 672 -12.91 13.45 -32.97
CA LEU C 672 -14.11 14.28 -32.94
C LEU C 672 -13.91 15.68 -33.49
N ASN C 673 -15.00 16.27 -33.95
CA ASN C 673 -15.03 17.62 -34.50
C ASN C 673 -14.81 18.68 -33.43
N ALA C 674 -14.04 19.71 -33.76
CA ALA C 674 -13.77 20.77 -32.81
C ALA C 674 -13.59 22.09 -33.58
N ARG C 675 -14.22 23.14 -33.06
CA ARG C 675 -14.11 24.44 -33.68
C ARG C 675 -14.11 25.50 -32.60
N THR C 676 -12.92 25.90 -32.15
CA THR C 676 -12.77 26.90 -31.10
C THR C 676 -11.82 27.99 -31.52
N SER C 677 -12.03 29.19 -30.98
CA SER C 677 -11.19 30.34 -31.23
C SER C 677 -10.35 30.59 -29.99
N ILE C 678 -9.04 30.66 -30.18
CA ILE C 678 -8.09 30.84 -29.08
C ILE C 678 -7.77 32.30 -28.75
N LEU C 679 -7.96 32.65 -27.48
CA LEU C 679 -7.64 33.97 -26.95
C LEU C 679 -6.42 33.68 -26.08
N ALA C 680 -5.23 33.91 -26.65
CA ALA C 680 -3.98 33.62 -25.97
C ALA C 680 -3.34 34.87 -25.37
N ALA C 681 -3.17 34.86 -24.05
CA ALA C 681 -2.52 35.95 -23.35
C ALA C 681 -1.09 35.54 -23.07
N ALA C 682 -0.13 36.25 -23.67
CA ALA C 682 1.27 35.92 -23.48
C ALA C 682 2.03 37.12 -22.95
N ASN C 683 3.24 36.84 -22.46
CA ASN C 683 4.17 37.78 -21.87
C ASN C 683 5.56 37.49 -22.41
N PRO C 684 6.48 38.47 -22.42
CA PRO C 684 7.83 38.19 -22.93
C PRO C 684 8.69 37.40 -21.94
N VAL C 685 9.92 37.15 -22.36
CA VAL C 685 10.86 36.39 -21.55
C VAL C 685 11.38 37.30 -20.42
N GLY C 686 11.43 38.60 -20.65
CA GLY C 686 11.89 39.51 -19.62
C GLY C 686 10.76 40.37 -19.09
N GLY C 687 9.60 40.26 -19.71
CA GLY C 687 8.45 41.04 -19.29
C GLY C 687 8.33 42.36 -20.04
N ARG C 688 9.39 43.16 -20.02
CA ARG C 688 9.37 44.43 -20.72
C ARG C 688 9.56 44.23 -22.22
N TYR C 689 8.71 44.86 -23.01
CA TYR C 689 8.80 44.73 -24.46
C TYR C 689 9.77 45.74 -25.04
N ASN C 690 10.85 45.24 -25.62
CA ASN C 690 11.85 46.09 -26.26
C ASN C 690 11.57 46.22 -27.76
N ARG C 691 11.72 47.44 -28.27
CA ARG C 691 11.42 47.75 -29.68
C ARG C 691 12.47 47.25 -30.68
N LYS C 692 13.74 47.18 -30.28
CA LYS C 692 14.84 46.84 -31.18
C LYS C 692 14.96 45.46 -31.85
N LEU C 693 14.02 44.54 -31.61
CA LEU C 693 14.07 43.25 -32.27
C LEU C 693 12.69 42.73 -32.64
N SER C 694 12.66 41.64 -33.40
CA SER C 694 11.42 41.05 -33.88
C SER C 694 10.53 40.40 -32.83
N LEU C 695 9.36 39.96 -33.29
CA LEU C 695 8.37 39.33 -32.41
C LEU C 695 8.74 37.90 -32.03
N ARG C 696 9.45 37.20 -32.93
CA ARG C 696 9.83 35.81 -32.72
C ARG C 696 10.81 35.58 -31.57
N GLY C 697 11.84 36.42 -31.48
CA GLY C 697 12.81 36.27 -30.40
C GLY C 697 12.31 36.78 -29.07
N ASN C 698 11.28 37.63 -29.08
CA ASN C 698 10.76 38.17 -27.83
C ASN C 698 9.60 37.34 -27.30
N LEU C 699 8.87 36.68 -28.18
CA LEU C 699 7.74 35.87 -27.75
C LEU C 699 8.18 34.52 -27.20
N ASN C 700 9.34 34.04 -27.68
CA ASN C 700 10.01 32.79 -27.33
C ASN C 700 9.16 31.52 -27.47
N MET C 701 8.74 31.26 -28.70
CA MET C 701 7.98 30.07 -29.05
C MET C 701 8.29 29.81 -30.51
N THR C 702 8.23 28.53 -30.91
CA THR C 702 8.58 28.13 -32.28
C THR C 702 7.58 28.61 -33.33
N ALA C 703 8.07 28.64 -34.57
CA ALA C 703 7.30 29.09 -35.74
C ALA C 703 5.98 28.37 -36.09
N PRO C 704 5.78 27.03 -35.95
CA PRO C 704 4.45 26.49 -36.31
C PRO C 704 3.36 26.80 -35.28
N ILE C 705 3.73 27.01 -34.02
CA ILE C 705 2.70 27.35 -33.03
C ILE C 705 2.56 28.87 -33.02
N MET C 706 3.50 29.60 -33.64
CA MET C 706 3.41 31.04 -33.74
C MET C 706 2.48 31.33 -34.92
N SER C 707 2.39 30.39 -35.86
CA SER C 707 1.52 30.52 -37.01
C SER C 707 0.09 30.16 -36.63
N ARG C 708 -0.80 30.27 -37.63
CA ARG C 708 -2.27 30.06 -37.60
C ARG C 708 -2.90 30.98 -36.57
N PHE C 709 -2.39 32.20 -36.46
CA PHE C 709 -2.87 33.22 -35.55
C PHE C 709 -3.21 34.40 -36.43
N ASP C 710 -4.48 34.80 -36.40
CA ASP C 710 -4.91 35.90 -37.27
C ASP C 710 -4.45 37.28 -36.84
N LEU C 711 -4.45 37.58 -35.54
CA LEU C 711 -4.05 38.90 -35.10
C LEU C 711 -3.34 38.96 -33.76
N PHE C 712 -2.25 39.74 -33.75
CA PHE C 712 -1.38 39.98 -32.62
C PHE C 712 -1.59 41.39 -32.09
N PHE C 713 -1.73 41.53 -30.78
CA PHE C 713 -1.90 42.85 -30.16
C PHE C 713 -0.78 43.18 -29.18
N VAL C 714 0.11 44.08 -29.59
CA VAL C 714 1.24 44.49 -28.77
C VAL C 714 0.91 45.78 -28.03
N ILE C 715 1.03 45.76 -26.71
CA ILE C 715 0.75 46.92 -25.89
C ILE C 715 2.01 47.39 -25.14
N LEU C 716 2.42 48.62 -25.40
CA LEU C 716 3.58 49.21 -24.75
C LEU C 716 3.12 50.43 -23.96
N ASP C 717 3.70 50.61 -22.77
CA ASP C 717 3.35 51.74 -21.93
C ASP C 717 4.53 52.61 -21.56
N ASP C 718 4.26 53.89 -21.31
CA ASP C 718 5.25 54.88 -20.92
C ASP C 718 4.56 56.02 -20.17
N CYS C 719 5.32 57.07 -19.90
CA CYS C 719 4.77 58.21 -19.17
C CYS C 719 4.22 59.30 -20.07
N ASN C 720 2.92 59.25 -20.33
CA ASN C 720 2.20 60.24 -21.15
C ASN C 720 1.04 60.73 -20.28
N GLU C 721 1.32 61.76 -19.47
CA GLU C 721 0.44 62.37 -18.49
C GLU C 721 -1.00 62.71 -18.86
N LYS C 722 -1.24 63.16 -20.10
CA LYS C 722 -2.57 63.55 -20.55
C LYS C 722 -3.59 62.41 -20.63
N ILE C 723 -3.13 61.19 -20.91
CA ILE C 723 -4.06 60.08 -20.97
C ILE C 723 -3.88 59.30 -19.67
N ASP C 724 -2.71 59.46 -19.03
CA ASP C 724 -2.41 58.75 -17.78
C ASP C 724 -3.24 59.25 -16.60
N THR C 725 -3.46 60.57 -16.54
CA THR C 725 -4.27 61.18 -15.48
C THR C 725 -5.72 60.78 -15.65
N GLU C 726 -6.16 60.65 -16.92
CA GLU C 726 -7.52 60.23 -17.23
C GLU C 726 -7.71 58.76 -16.87
N LEU C 727 -6.66 57.93 -17.10
CA LEU C 727 -6.69 56.51 -16.75
C LEU C 727 -6.73 56.31 -15.24
N ALA C 728 -5.94 57.09 -14.51
CA ALA C 728 -5.91 57.01 -13.04
C ALA C 728 -7.19 57.55 -12.43
N SER C 729 -7.80 58.57 -13.07
CA SER C 729 -9.05 59.12 -12.59
C SER C 729 -10.19 58.13 -12.86
N HIS C 730 -10.10 57.39 -13.98
CA HIS C 730 -11.10 56.38 -14.31
C HIS C 730 -11.00 55.19 -13.36
N ILE C 731 -9.76 54.87 -12.94
CA ILE C 731 -9.50 53.79 -11.99
C ILE C 731 -10.06 54.16 -10.61
N VAL C 732 -9.81 55.39 -10.17
CA VAL C 732 -10.31 55.81 -8.86
C VAL C 732 -11.82 56.14 -8.90
N ASP C 733 -12.37 56.42 -10.10
CA ASP C 733 -13.80 56.69 -10.18
C ASP C 733 -14.55 55.39 -10.32
N LEU C 734 -13.85 54.32 -10.73
CA LEU C 734 -14.47 53.02 -10.85
C LEU C 734 -14.62 52.45 -9.45
N HIS C 735 -13.69 52.78 -8.56
CA HIS C 735 -13.70 52.28 -7.18
C HIS C 735 -14.75 52.96 -6.31
N MET C 736 -16.02 52.59 -6.56
CA MET C 736 -17.19 53.07 -5.83
C MET C 736 -18.32 52.09 -6.14
N LYS C 737 -19.44 52.27 -5.46
CA LYS C 737 -20.58 51.37 -5.64
C LYS C 737 -21.40 51.59 -6.90
N ARG C 738 -21.08 50.81 -7.95
CA ARG C 738 -21.75 50.76 -9.27
C ARG C 738 -21.85 52.11 -10.00
N ASP C 739 -20.71 52.67 -10.40
CA ASP C 739 -20.70 53.94 -11.11
C ASP C 739 -21.17 53.81 -12.56
N GLU C 740 -21.40 54.95 -13.18
CA GLU C 740 -21.77 55.18 -14.55
C GLU C 740 -20.53 55.67 -15.28
N ALA C 741 -19.35 55.39 -14.73
CA ALA C 741 -18.11 55.79 -15.37
C ALA C 741 -17.68 54.76 -16.39
N ILE C 742 -18.23 53.55 -16.28
CA ILE C 742 -17.95 52.46 -17.20
C ILE C 742 -19.26 52.16 -17.90
N GLU C 743 -20.10 53.17 -18.01
CA GLU C 743 -21.40 53.01 -18.63
C GLU C 743 -21.31 52.92 -20.15
N PRO C 744 -21.80 51.85 -20.76
CA PRO C 744 -21.77 51.73 -22.21
C PRO C 744 -22.91 52.52 -22.82
N PRO C 745 -22.94 52.75 -24.15
CA PRO C 745 -24.09 53.47 -24.73
C PRO C 745 -25.36 52.64 -24.77
N PHE C 746 -25.23 51.32 -24.74
CA PHE C 746 -26.36 50.40 -24.72
C PHE C 746 -25.85 49.15 -24.02
N SER C 747 -26.75 48.46 -23.34
CA SER C 747 -26.44 47.26 -22.58
C SER C 747 -26.17 46.01 -23.41
N ALA C 748 -25.95 44.91 -22.70
CA ALA C 748 -25.68 43.63 -23.35
C ALA C 748 -26.94 42.88 -23.72
N GLU C 749 -28.10 43.38 -23.24
CA GLU C 749 -29.43 42.81 -23.46
C GLU C 749 -29.84 42.66 -24.93
N GLN C 750 -29.43 43.61 -25.76
CA GLN C 750 -29.74 43.52 -27.18
C GLN C 750 -28.48 43.09 -27.89
N LEU C 751 -27.33 43.17 -27.23
CA LEU C 751 -26.06 42.80 -27.84
C LEU C 751 -25.94 41.28 -28.00
N ARG C 752 -26.55 40.51 -27.08
CA ARG C 752 -26.52 39.05 -27.16
C ARG C 752 -27.36 38.53 -28.34
N ARG C 753 -28.55 39.11 -28.53
CA ARG C 753 -29.39 38.71 -29.65
C ARG C 753 -28.84 39.28 -30.95
N TYR C 754 -28.09 40.40 -30.89
CA TYR C 754 -27.46 40.96 -32.07
C TYR C 754 -26.31 40.07 -32.55
N ILE C 755 -25.59 39.48 -31.58
CA ILE C 755 -24.48 38.55 -31.84
C ILE C 755 -25.06 37.29 -32.48
N LYS C 756 -26.19 36.81 -31.96
CA LYS C 756 -26.85 35.63 -32.53
C LYS C 756 -27.47 35.89 -33.92
N TYR C 757 -28.03 37.09 -34.12
CA TYR C 757 -28.62 37.45 -35.40
C TYR C 757 -27.55 37.66 -36.47
N ALA C 758 -26.38 38.15 -36.06
CA ALA C 758 -25.29 38.31 -37.00
C ALA C 758 -24.60 36.98 -37.24
N ARG C 759 -24.74 36.05 -36.29
CA ARG C 759 -24.15 34.72 -36.41
C ARG C 759 -24.92 33.89 -37.43
N THR C 760 -26.25 34.04 -37.45
CA THR C 760 -27.00 33.25 -38.46
C THR C 760 -27.15 34.01 -39.83
N PHE C 761 -26.26 34.95 -40.17
CA PHE C 761 -26.40 35.71 -41.40
C PHE C 761 -25.81 35.11 -42.67
N LYS C 762 -24.56 34.64 -42.60
CA LYS C 762 -23.77 34.02 -43.69
C LYS C 762 -23.61 34.85 -44.97
N PRO C 763 -22.80 35.91 -44.94
CA PRO C 763 -22.63 36.78 -46.12
C PRO C 763 -21.79 36.14 -47.23
N ILE C 764 -21.81 36.80 -48.39
CA ILE C 764 -21.10 36.38 -49.60
C ILE C 764 -20.31 37.58 -50.14
N LEU C 765 -19.01 37.38 -50.37
CA LEU C 765 -18.13 38.43 -50.89
C LEU C 765 -18.43 38.73 -52.37
N THR C 766 -17.83 39.82 -52.87
CA THR C 766 -18.04 40.23 -54.25
C THR C 766 -16.80 40.23 -55.14
N LYS C 767 -17.00 40.64 -56.40
CA LYS C 767 -15.91 40.68 -57.36
C LYS C 767 -15.06 41.93 -57.26
N GLU C 768 -15.71 43.07 -56.94
CA GLU C 768 -15.02 44.35 -56.81
C GLU C 768 -14.14 44.34 -55.57
N ALA C 769 -14.60 43.65 -54.53
CA ALA C 769 -13.85 43.50 -53.29
C ALA C 769 -12.61 42.62 -53.50
N ARG C 770 -12.75 41.60 -54.36
CA ARG C 770 -11.62 40.71 -54.68
C ARG C 770 -10.60 41.42 -55.56
N SER C 771 -11.08 42.28 -56.48
CA SER C 771 -10.20 43.03 -57.37
C SER C 771 -9.49 44.13 -56.59
N TYR C 772 -10.08 44.60 -55.49
CA TYR C 772 -9.39 45.60 -54.69
C TYR C 772 -8.50 44.88 -53.70
N LEU C 773 -8.87 43.64 -53.33
CA LEU C 773 -8.12 42.85 -52.37
C LEU C 773 -6.77 42.36 -52.90
N VAL C 774 -6.70 42.06 -54.20
CA VAL C 774 -5.44 41.60 -54.81
C VAL C 774 -4.45 42.78 -54.86
N GLU C 775 -4.95 44.00 -55.10
CA GLU C 775 -4.12 45.20 -55.13
C GLU C 775 -3.72 45.58 -53.69
N LYS C 776 -4.60 45.30 -52.72
CA LYS C 776 -4.29 45.58 -51.32
C LYS C 776 -3.25 44.61 -50.79
N TYR C 777 -3.27 43.35 -51.27
CA TYR C 777 -2.27 42.38 -50.85
C TYR C 777 -0.92 42.71 -51.50
N LYS C 778 -0.96 43.27 -52.72
CA LYS C 778 0.27 43.70 -53.38
C LYS C 778 0.84 44.95 -52.69
N GLU C 779 -0.05 45.82 -52.19
CA GLU C 779 0.36 47.01 -51.45
C GLU C 779 0.90 46.64 -50.08
N LEU C 780 0.39 45.56 -49.48
CA LEU C 780 0.87 45.14 -48.17
C LEU C 780 2.20 44.40 -48.36
N ARG C 781 2.37 43.71 -49.49
CA ARG C 781 3.62 42.99 -49.72
C ARG C 781 4.70 43.91 -50.27
N LYS C 782 4.31 45.12 -50.72
CA LYS C 782 5.29 46.07 -51.22
C LYS C 782 6.08 46.71 -50.07
N ASP C 783 5.53 46.66 -48.86
CA ASP C 783 6.17 47.18 -47.66
C ASP C 783 7.31 46.29 -47.20
N ASP C 784 7.33 45.02 -47.63
CA ASP C 784 8.38 44.07 -47.30
C ASP C 784 9.63 44.44 -48.08
N ALA C 785 9.48 45.03 -49.26
CA ALA C 785 10.60 45.51 -50.05
C ALA C 785 11.11 46.77 -49.36
N GLN C 786 12.46 46.85 -49.26
CA GLN C 786 13.30 47.86 -48.55
C GLN C 786 12.80 48.11 -47.11
N GLY C 787 12.43 47.03 -46.44
CA GLY C 787 11.87 47.04 -45.12
C GLY C 787 12.86 47.22 -44.00
N PHE C 788 12.59 46.47 -42.92
CA PHE C 788 13.30 46.43 -41.62
C PHE C 788 13.23 47.79 -40.94
N SER C 789 12.09 48.45 -41.16
CA SER C 789 11.66 49.74 -40.65
C SER C 789 10.19 49.63 -41.02
N ARG C 790 9.32 49.77 -40.00
CA ARG C 790 7.83 49.65 -40.07
C ARG C 790 7.46 48.25 -40.59
N SER C 791 8.19 47.24 -40.10
CA SER C 791 8.02 45.84 -40.46
C SER C 791 8.69 44.95 -39.42
N SER C 792 7.99 43.91 -38.99
CA SER C 792 8.57 43.01 -37.99
C SER C 792 8.36 41.53 -38.28
N TYR C 793 7.55 41.17 -39.27
CA TYR C 793 7.30 39.77 -39.57
C TYR C 793 7.06 39.53 -41.05
N ARG C 794 7.05 38.25 -41.44
CA ARG C 794 6.87 37.87 -42.83
C ARG C 794 5.41 37.85 -43.26
N ILE C 795 5.18 38.08 -44.54
CA ILE C 795 3.85 38.11 -45.13
C ILE C 795 3.69 37.04 -46.20
N THR C 796 2.75 36.13 -45.99
CA THR C 796 2.48 35.03 -46.92
C THR C 796 0.95 34.85 -46.90
N VAL C 797 0.49 33.69 -47.40
CA VAL C 797 -0.90 33.28 -47.54
C VAL C 797 -1.72 33.35 -46.24
N ARG C 798 -1.09 33.15 -45.08
CA ARG C 798 -1.77 33.18 -43.78
C ARG C 798 -2.33 34.56 -43.37
N GLN C 799 -1.63 35.65 -43.70
CA GLN C 799 -2.13 36.98 -43.40
C GLN C 799 -3.24 37.37 -44.38
N LEU C 800 -3.18 36.78 -45.59
CA LEU C 800 -4.17 37.01 -46.64
C LEU C 800 -5.44 36.29 -46.18
N GLU C 801 -5.28 35.10 -45.56
CA GLU C 801 -6.42 34.34 -45.05
C GLU C 801 -7.03 35.03 -43.83
N SER C 802 -6.18 35.69 -43.03
CA SER C 802 -6.64 36.43 -41.85
C SER C 802 -7.48 37.64 -42.24
N MET C 803 -7.06 38.39 -43.28
CA MET C 803 -7.86 39.54 -43.70
C MET C 803 -9.10 39.12 -44.48
N ILE C 804 -9.06 37.92 -45.12
CA ILE C 804 -10.23 37.37 -45.80
C ILE C 804 -11.27 36.97 -44.74
N ARG C 805 -10.82 36.36 -43.64
CA ARG C 805 -11.71 35.98 -42.54
C ARG C 805 -12.22 37.19 -41.75
N LEU C 806 -11.44 38.28 -41.73
CA LEU C 806 -11.90 39.48 -41.04
C LEU C 806 -12.93 40.23 -41.89
N SER C 807 -12.88 40.05 -43.22
CA SER C 807 -13.84 40.68 -44.14
C SER C 807 -15.29 40.21 -43.95
N GLU C 808 -15.50 38.89 -43.79
CA GLU C 808 -16.85 38.41 -43.56
C GLU C 808 -17.33 38.69 -42.14
N ALA C 809 -16.38 38.86 -41.21
CA ALA C 809 -16.73 39.21 -39.83
C ALA C 809 -17.20 40.66 -39.75
N ILE C 810 -16.58 41.54 -40.55
CA ILE C 810 -17.01 42.93 -40.56
C ILE C 810 -18.27 43.05 -41.44
N ALA C 811 -18.50 42.06 -42.33
CA ALA C 811 -19.71 42.06 -43.14
C ALA C 811 -20.89 41.62 -42.27
N ARG C 812 -20.62 40.70 -41.35
CA ARG C 812 -21.64 40.20 -40.43
C ARG C 812 -21.93 41.23 -39.37
N ALA C 813 -20.91 41.98 -38.94
CA ALA C 813 -21.07 43.00 -37.92
C ALA C 813 -21.84 44.21 -38.44
N ASN C 814 -21.74 44.47 -39.74
CA ASN C 814 -22.46 45.59 -40.35
C ASN C 814 -23.73 45.07 -41.01
N CYS C 815 -23.96 43.76 -40.89
CA CYS C 815 -25.11 43.00 -41.42
C CYS C 815 -25.40 43.17 -42.92
N VAL C 816 -24.35 43.23 -43.71
CA VAL C 816 -24.46 43.38 -45.16
C VAL C 816 -24.25 42.04 -45.84
N ASP C 817 -25.10 41.74 -46.84
CA ASP C 817 -25.00 40.47 -47.54
C ASP C 817 -23.86 40.45 -48.53
N GLU C 818 -23.61 41.58 -49.19
CA GLU C 818 -22.52 41.67 -50.15
C GLU C 818 -21.53 42.73 -49.66
N ILE C 819 -20.31 42.30 -49.38
CA ILE C 819 -19.30 43.21 -48.86
C ILE C 819 -18.74 44.12 -49.97
N THR C 820 -18.41 45.35 -49.58
CA THR C 820 -17.83 46.43 -50.33
C THR C 820 -16.39 46.47 -49.83
N PRO C 821 -15.43 46.92 -50.65
CA PRO C 821 -14.03 46.98 -50.16
C PRO C 821 -13.72 48.08 -49.16
N SER C 822 -14.64 49.02 -48.94
CA SER C 822 -14.42 50.10 -47.97
C SER C 822 -14.49 49.60 -46.54
N PHE C 823 -15.20 48.49 -46.30
CA PHE C 823 -15.28 47.94 -44.95
C PHE C 823 -14.10 46.99 -44.76
N ILE C 824 -13.46 46.57 -45.85
CA ILE C 824 -12.31 45.68 -45.77
C ILE C 824 -11.08 46.58 -45.67
N ALA C 825 -11.25 47.87 -46.01
CA ALA C 825 -10.18 48.85 -45.88
C ALA C 825 -9.87 49.13 -44.41
N GLU C 826 -10.89 49.02 -43.54
CA GLU C 826 -10.70 49.19 -42.10
C GLU C 826 -9.97 47.98 -41.54
N ALA C 827 -10.20 46.79 -42.13
CA ALA C 827 -9.49 45.58 -41.70
C ALA C 827 -8.04 45.62 -42.19
N TYR C 828 -7.83 46.26 -43.34
CA TYR C 828 -6.49 46.45 -43.90
C TYR C 828 -5.73 47.43 -43.01
N ASP C 829 -6.42 48.47 -42.52
CA ASP C 829 -5.83 49.43 -41.60
C ASP C 829 -5.58 48.82 -40.23
N LEU C 830 -6.41 47.84 -39.84
CA LEU C 830 -6.24 47.13 -38.57
C LEU C 830 -5.02 46.22 -38.66
N LEU C 831 -4.80 45.63 -39.84
CA LEU C 831 -3.62 44.78 -40.04
C LEU C 831 -2.37 45.65 -40.15
N ARG C 832 -2.53 46.86 -40.67
CA ARG C 832 -1.40 47.79 -40.78
C ARG C 832 -1.07 48.39 -39.42
N GLN C 833 -2.06 48.45 -38.53
CA GLN C 833 -1.87 49.00 -37.19
C GLN C 833 -1.13 48.01 -36.30
N SER C 834 -1.18 46.73 -36.63
CA SER C 834 -0.50 45.72 -35.83
C SER C 834 0.95 45.49 -36.21
N THR D 25 -1.43 -73.14 25.93
CA THR D 25 -0.61 -73.30 27.12
C THR D 25 0.68 -74.04 26.78
N GLU D 26 0.60 -74.90 25.77
CA GLU D 26 1.77 -75.66 25.34
C GLU D 26 2.57 -74.73 24.44
N ILE D 27 1.88 -73.81 23.77
CA ILE D 27 2.53 -72.86 22.87
C ILE D 27 3.21 -71.78 23.72
N ILE D 28 2.68 -71.55 24.94
CA ILE D 28 3.23 -70.61 25.93
C ILE D 28 4.59 -71.14 26.38
N LYS D 29 4.65 -72.43 26.71
CA LYS D 29 5.88 -73.09 27.13
C LYS D 29 6.88 -73.20 25.99
N SER D 30 6.37 -73.39 24.76
CA SER D 30 7.22 -73.46 23.57
C SER D 30 7.87 -72.12 23.25
N PHE D 31 7.12 -71.02 23.39
CA PHE D 31 7.67 -69.69 23.15
C PHE D 31 8.60 -69.28 24.29
N LYS D 32 8.33 -69.75 25.51
CA LYS D 32 9.20 -69.45 26.64
C LYS D 32 10.51 -70.23 26.53
N ASN D 33 10.45 -71.44 25.95
CA ASN D 33 11.65 -72.22 25.73
C ASN D 33 12.43 -71.64 24.57
N PHE D 34 11.74 -71.02 23.61
CA PHE D 34 12.39 -70.37 22.48
C PHE D 34 13.09 -69.09 22.95
N ILE D 35 12.52 -68.42 23.94
CA ILE D 35 13.15 -67.20 24.45
C ILE D 35 14.33 -67.55 25.36
N LEU D 36 14.11 -68.41 26.35
CA LEU D 36 15.17 -68.77 27.29
C LEU D 36 16.06 -69.94 26.88
N GLU D 37 15.97 -70.42 25.64
CA GLU D 37 16.81 -71.56 25.27
C GLU D 37 17.48 -71.44 23.90
N PHE D 38 17.27 -70.34 23.17
CA PHE D 38 17.89 -70.20 21.87
C PHE D 38 19.33 -69.75 22.04
N ARG D 39 20.23 -70.39 21.30
CA ARG D 39 21.64 -70.07 21.39
C ARG D 39 22.24 -69.72 20.04
N LEU D 40 23.06 -68.68 20.03
CA LEU D 40 23.75 -68.22 18.85
C LEU D 40 25.04 -67.58 19.33
N ASP D 41 26.17 -68.10 18.80
CA ASP D 41 27.56 -67.73 19.12
C ASP D 41 27.82 -67.96 20.60
N SER D 42 27.36 -69.12 21.09
CA SER D 42 27.44 -69.61 22.49
C SER D 42 26.85 -68.64 23.51
N GLN D 43 25.76 -67.97 23.14
CA GLN D 43 25.11 -67.01 24.01
C GLN D 43 23.63 -66.86 23.68
N PHE D 44 22.84 -66.51 24.68
CA PHE D 44 21.43 -66.30 24.47
C PHE D 44 21.33 -64.89 23.88
N ILE D 45 20.35 -64.69 23.00
CA ILE D 45 20.21 -63.39 22.35
C ILE D 45 18.91 -62.68 22.76
N TYR D 46 17.98 -63.41 23.37
CA TYR D 46 16.73 -62.79 23.75
C TYR D 46 16.64 -62.42 25.22
N ARG D 47 17.33 -63.18 26.08
CA ARG D 47 17.32 -62.94 27.52
C ARG D 47 18.02 -61.65 27.93
N ASP D 48 19.23 -61.43 27.39
CA ASP D 48 19.99 -60.22 27.66
C ASP D 48 19.34 -59.02 27.01
N GLN D 49 18.68 -59.23 25.86
CA GLN D 49 18.00 -58.14 25.16
C GLN D 49 16.74 -57.73 25.92
N LEU D 50 16.05 -58.70 26.54
CA LEU D 50 14.87 -58.40 27.36
C LEU D 50 15.27 -57.70 28.65
N ARG D 51 16.42 -58.09 29.23
CA ARG D 51 16.92 -57.46 30.44
C ARG D 51 17.38 -56.03 30.17
N ASN D 52 18.02 -55.81 29.00
CA ASN D 52 18.49 -54.48 28.62
C ASN D 52 17.31 -53.58 28.24
N ASN D 53 16.23 -54.15 27.69
CA ASN D 53 15.09 -53.32 27.33
C ASN D 53 14.20 -53.05 28.53
N ILE D 54 14.23 -53.92 29.55
CA ILE D 54 13.42 -53.73 30.74
C ILE D 54 14.14 -52.67 31.58
N LEU D 55 15.47 -52.71 31.60
CA LEU D 55 16.28 -51.75 32.35
C LEU D 55 16.26 -50.31 31.82
N VAL D 56 15.81 -50.09 30.59
CA VAL D 56 15.72 -48.76 30.01
C VAL D 56 14.23 -48.45 29.79
N LYS D 57 13.36 -49.43 30.10
CA LYS D 57 11.89 -49.39 29.97
C LYS D 57 11.45 -49.10 28.53
N ASN D 58 11.94 -49.90 27.59
CA ASN D 58 11.61 -49.75 26.18
C ASN D 58 10.35 -50.50 25.79
N TYR D 59 10.04 -51.58 26.53
CA TYR D 59 8.89 -52.50 26.39
C TYR D 59 8.80 -53.13 25.01
N SER D 60 9.96 -53.49 24.44
CA SER D 60 10.01 -54.09 23.11
C SER D 60 11.23 -54.98 22.96
N LEU D 61 11.19 -55.86 21.96
CA LEU D 61 12.28 -56.78 21.68
C LEU D 61 12.27 -57.21 20.23
N THR D 62 13.46 -57.40 19.66
CA THR D 62 13.65 -57.79 18.27
C THR D 62 13.86 -59.29 18.11
N VAL D 63 12.91 -59.95 17.46
CA VAL D 63 12.94 -61.39 17.21
C VAL D 63 13.10 -61.48 15.70
N ASN D 64 13.70 -62.57 15.22
CA ASN D 64 13.89 -62.82 13.79
C ASN D 64 13.11 -64.07 13.43
N MET D 65 12.53 -64.08 12.22
CA MET D 65 11.74 -65.22 11.77
C MET D 65 12.61 -66.42 11.40
N GLU D 66 13.86 -66.16 11.00
CA GLU D 66 14.79 -67.22 10.62
C GLU D 66 15.20 -68.06 11.81
N HIS D 67 15.31 -67.43 12.99
CA HIS D 67 15.65 -68.16 14.22
C HIS D 67 14.52 -69.06 14.68
N LEU D 68 13.27 -68.61 14.54
CA LEU D 68 12.17 -69.47 14.97
C LEU D 68 11.84 -70.55 13.93
N ILE D 69 12.19 -70.35 12.65
CA ILE D 69 11.94 -71.43 11.69
C ILE D 69 13.10 -72.43 11.84
N GLY D 70 14.28 -71.96 12.31
CA GLY D 70 15.36 -72.90 12.55
C GLY D 70 15.16 -73.63 13.87
N TYR D 71 14.34 -73.08 14.76
CA TYR D 71 14.05 -73.69 16.05
C TYR D 71 12.82 -74.59 16.01
N ASN D 72 11.69 -74.08 15.48
CA ASN D 72 10.45 -74.89 15.47
C ASN D 72 9.56 -74.71 14.24
N GLU D 73 9.16 -75.84 13.66
CA GLU D 73 8.28 -75.83 12.50
C GLU D 73 6.82 -75.78 12.91
N ASP D 74 6.54 -75.92 14.21
CA ASP D 74 5.20 -75.92 14.76
C ASP D 74 4.79 -74.48 15.11
N ILE D 75 5.68 -73.51 14.94
CA ILE D 75 5.39 -72.12 15.29
C ILE D 75 5.22 -71.22 14.06
N TYR D 76 6.18 -71.27 13.13
CA TYR D 76 6.18 -70.42 11.94
C TYR D 76 5.04 -70.60 10.95
N LYS D 77 4.61 -71.85 10.70
CA LYS D 77 3.51 -72.10 9.78
C LYS D 77 2.18 -71.65 10.38
N LYS D 78 2.05 -71.80 11.70
CA LYS D 78 0.84 -71.36 12.38
C LYS D 78 0.85 -69.85 12.53
N LEU D 79 2.04 -69.25 12.56
CA LEU D 79 2.14 -67.79 12.67
C LEU D 79 1.83 -67.20 11.30
N SER D 80 2.22 -67.89 10.23
CA SER D 80 1.96 -67.40 8.89
C SER D 80 0.49 -67.59 8.53
N ASP D 81 -0.13 -68.65 9.02
CA ASP D 81 -1.54 -68.87 8.70
C ASP D 81 -2.46 -68.02 9.57
N GLU D 82 -2.34 -68.13 10.89
CA GLU D 82 -3.18 -67.36 11.82
C GLU D 82 -2.34 -66.51 12.78
N PRO D 83 -1.94 -65.30 12.38
CA PRO D 83 -1.13 -64.47 13.30
C PRO D 83 -1.94 -63.75 14.37
N SER D 84 -3.18 -63.37 14.07
CA SER D 84 -4.05 -62.62 14.96
C SER D 84 -4.48 -63.30 16.26
N ASP D 85 -4.36 -64.62 16.36
CA ASP D 85 -4.77 -65.29 17.58
C ASP D 85 -3.61 -65.94 18.32
N ILE D 86 -2.43 -65.99 17.69
CA ILE D 86 -1.26 -66.62 18.30
C ILE D 86 -0.29 -65.53 18.77
N ILE D 87 -0.28 -64.38 18.07
CA ILE D 87 0.60 -63.25 18.46
C ILE D 87 0.32 -62.62 19.83
N PRO D 88 -0.95 -62.38 20.29
CA PRO D 88 -1.12 -61.88 21.68
C PRO D 88 -0.86 -62.93 22.76
N LEU D 89 -0.89 -64.22 22.41
CA LEU D 89 -0.58 -65.29 23.34
C LEU D 89 0.93 -65.29 23.58
N PHE D 90 1.70 -64.99 22.51
CA PHE D 90 3.15 -64.87 22.59
C PHE D 90 3.49 -63.61 23.38
N GLU D 91 2.69 -62.57 23.20
CA GLU D 91 2.84 -61.30 23.89
C GLU D 91 2.57 -61.43 25.39
N THR D 92 1.56 -62.21 25.78
CA THR D 92 1.28 -62.39 27.20
C THR D 92 2.31 -63.34 27.84
N ALA D 93 2.95 -64.22 27.03
CA ALA D 93 4.02 -65.07 27.55
C ALA D 93 5.28 -64.24 27.79
N ILE D 94 5.48 -63.22 26.93
CA ILE D 94 6.60 -62.29 27.03
C ILE D 94 6.43 -61.45 28.31
N THR D 95 5.19 -61.00 28.58
CA THR D 95 4.92 -60.24 29.82
C THR D 95 5.02 -61.11 31.07
N GLN D 96 4.68 -62.41 30.92
CA GLN D 96 4.78 -63.35 32.04
C GLN D 96 6.23 -63.63 32.43
N VAL D 97 7.14 -63.65 31.46
CA VAL D 97 8.54 -63.88 31.82
C VAL D 97 9.16 -62.52 32.19
N ALA D 98 8.58 -61.41 31.69
CA ALA D 98 9.09 -60.07 31.98
C ALA D 98 8.78 -59.65 33.41
N LYS D 99 7.67 -60.15 33.96
CA LYS D 99 7.30 -59.88 35.35
C LYS D 99 8.29 -60.52 36.32
N ARG D 100 8.76 -61.74 35.98
CA ARG D 100 9.73 -62.44 36.79
C ARG D 100 11.09 -61.76 36.73
N ILE D 101 11.47 -61.28 35.51
CA ILE D 101 12.73 -60.57 35.28
C ILE D 101 12.72 -59.24 36.06
N SER D 102 11.58 -58.53 36.05
CA SER D 102 11.44 -57.28 36.78
C SER D 102 11.46 -57.43 38.31
N ILE D 103 10.83 -58.50 38.84
CA ILE D 103 10.86 -58.66 40.29
C ILE D 103 12.21 -59.22 40.78
N LEU D 104 12.97 -59.90 39.91
CA LEU D 104 14.27 -60.36 40.41
C LEU D 104 15.30 -59.27 40.18
N SER D 105 15.04 -58.33 39.28
CA SER D 105 16.00 -57.26 39.04
C SER D 105 15.76 -56.07 39.95
N ARG D 106 14.52 -55.88 40.39
CA ARG D 106 14.21 -54.74 41.27
C ARG D 106 14.67 -55.00 42.70
N ALA D 107 14.75 -56.27 43.10
CA ALA D 107 15.17 -56.63 44.43
C ALA D 107 16.66 -56.49 44.66
N GLN D 108 17.46 -56.40 43.60
CA GLN D 108 18.91 -56.27 43.74
C GLN D 108 19.30 -54.87 44.22
N SER D 109 18.94 -53.84 43.45
CA SER D 109 19.26 -52.48 43.81
C SER D 109 18.22 -51.51 43.25
N ALA D 110 17.89 -50.51 44.07
CA ALA D 110 16.93 -49.42 43.82
C ALA D 110 15.54 -49.88 43.38
N ASN D 130 4.29 -54.24 40.30
CA ASN D 130 3.40 -53.11 40.43
C ASN D 130 2.46 -53.02 39.23
N SER D 131 2.85 -52.22 38.24
CA SER D 131 2.05 -52.05 37.03
C SER D 131 2.93 -52.21 35.80
N LEU D 132 2.65 -53.27 35.03
CA LEU D 132 3.40 -53.54 33.83
C LEU D 132 2.48 -53.59 32.62
N PRO D 133 2.77 -52.83 31.57
CA PRO D 133 1.91 -52.86 30.38
C PRO D 133 2.21 -54.07 29.52
N THR D 134 1.38 -54.24 28.50
CA THR D 134 1.54 -55.36 27.58
C THR D 134 2.67 -55.03 26.60
N PHE D 135 3.74 -55.82 26.69
CA PHE D 135 4.94 -55.62 25.88
C PHE D 135 4.78 -55.88 24.38
N GLN D 136 4.76 -54.83 23.59
CA GLN D 136 4.62 -54.96 22.14
C GLN D 136 5.91 -55.46 21.50
N LEU D 137 5.80 -56.53 20.72
CA LEU D 137 6.93 -57.14 20.05
C LEU D 137 7.07 -56.66 18.60
N ILE D 138 8.31 -56.50 18.16
CA ILE D 138 8.58 -56.12 16.77
C ILE D 138 9.34 -57.32 16.21
N LEU D 139 9.09 -57.63 14.94
CA LEU D 139 9.70 -58.81 14.34
C LEU D 139 10.08 -58.55 12.89
N ASN D 140 11.39 -58.56 12.62
CA ASN D 140 11.90 -58.30 11.28
C ASN D 140 12.53 -59.51 10.62
N SER D 141 12.45 -59.56 9.28
CA SER D 141 13.01 -60.64 8.49
C SER D 141 13.28 -60.17 7.07
N ASN D 142 14.07 -60.96 6.33
CA ASN D 142 14.42 -60.62 4.96
C ASN D 142 14.36 -61.86 4.08
N ALA D 143 13.43 -62.78 4.36
CA ALA D 143 13.34 -64.00 3.56
C ALA D 143 12.69 -63.75 2.20
N ASN D 144 11.80 -62.77 2.10
CA ASN D 144 11.13 -62.51 0.83
C ASN D 144 10.80 -61.04 0.63
N GLN D 145 10.78 -60.61 -0.63
CA GLN D 145 10.42 -59.23 -0.95
C GLN D 145 9.49 -59.24 -2.15
N ILE D 146 8.20 -59.36 -1.90
CA ILE D 146 7.18 -59.39 -2.95
C ILE D 146 6.84 -57.97 -3.37
N PRO D 147 6.52 -57.73 -4.65
CA PRO D 147 6.19 -56.37 -5.06
C PRO D 147 4.75 -56.02 -4.73
N LEU D 148 4.39 -54.76 -5.03
CA LEU D 148 3.05 -54.28 -4.75
C LEU D 148 2.06 -54.78 -5.79
N ARG D 149 2.56 -55.15 -6.97
CA ARG D 149 1.68 -55.63 -8.03
C ARG D 149 1.35 -57.11 -7.87
N ASP D 150 2.06 -57.81 -6.96
CA ASP D 150 1.82 -59.22 -6.74
C ASP D 150 0.82 -59.44 -5.61
N LEU D 151 0.23 -58.37 -5.09
CA LEU D 151 -0.75 -58.52 -4.04
C LEU D 151 -2.08 -58.95 -4.65
N ASP D 152 -2.63 -60.05 -4.16
CA ASP D 152 -3.87 -60.58 -4.70
C ASP D 152 -4.91 -60.87 -3.64
N SER D 153 -5.99 -61.53 -4.08
CA SER D 153 -7.10 -61.91 -3.20
C SER D 153 -6.70 -63.04 -2.28
N GLU D 154 -5.69 -63.83 -2.66
CA GLU D 154 -5.23 -64.92 -1.82
C GLU D 154 -4.37 -64.38 -0.68
N HIS D 155 -4.06 -65.28 0.27
CA HIS D 155 -3.28 -65.10 1.52
C HIS D 155 -3.64 -63.86 2.33
N VAL D 156 -4.94 -63.56 2.44
CA VAL D 156 -5.41 -62.41 3.20
C VAL D 156 -5.29 -62.75 4.66
N SER D 157 -5.01 -61.72 5.48
CA SER D 157 -4.78 -61.71 6.93
C SER D 157 -3.61 -62.59 7.35
N LYS D 158 -2.64 -62.78 6.46
CA LYS D 158 -1.45 -63.57 6.71
C LYS D 158 -0.28 -62.63 6.94
N ILE D 159 0.92 -63.20 7.06
CA ILE D 159 2.10 -62.37 7.24
C ILE D 159 2.48 -61.90 5.84
N VAL D 160 2.94 -60.66 5.73
CA VAL D 160 3.32 -60.07 4.44
C VAL D 160 4.47 -59.08 4.63
N ARG D 161 5.52 -59.24 3.83
CA ARG D 161 6.69 -58.38 3.89
C ARG D 161 7.00 -57.74 2.54
N LEU D 162 7.03 -56.40 2.51
CA LEU D 162 7.30 -55.70 1.26
C LEU D 162 8.01 -54.37 1.45
N SER D 163 8.64 -53.90 0.37
CA SER D 163 9.38 -52.65 0.38
C SER D 163 8.64 -51.50 -0.28
N GLY D 164 9.12 -50.29 0.00
CA GLY D 164 8.53 -49.12 -0.60
C GLY D 164 9.03 -47.79 -0.09
N ILE D 165 8.28 -46.73 -0.39
CA ILE D 165 8.60 -45.37 0.01
C ILE D 165 7.45 -44.82 0.83
N ILE D 166 7.73 -44.44 2.07
CA ILE D 166 6.73 -43.86 2.95
C ILE D 166 6.52 -42.42 2.52
N ILE D 167 5.27 -42.08 2.20
CA ILE D 167 5.02 -40.72 1.74
C ILE D 167 4.52 -39.91 2.91
N SER D 168 3.75 -40.53 3.80
CA SER D 168 3.18 -39.77 4.90
C SER D 168 2.95 -40.44 6.24
N THR D 169 3.31 -39.70 7.29
CA THR D 169 3.10 -40.03 8.69
C THR D 169 2.33 -38.78 9.05
N SER D 170 1.01 -38.84 9.15
CA SER D 170 0.23 -37.61 9.37
C SER D 170 -0.06 -37.14 10.80
N VAL D 171 -0.79 -37.88 11.61
CA VAL D 171 -1.16 -37.46 12.96
C VAL D 171 -0.94 -38.58 13.97
N LEU D 172 -0.17 -38.30 15.02
CA LEU D 172 0.06 -39.23 16.11
C LEU D 172 -1.23 -39.20 16.93
N SER D 173 -2.18 -40.07 16.58
CA SER D 173 -3.45 -40.05 17.29
C SER D 173 -3.45 -40.94 18.53
N SER D 174 -4.50 -40.83 19.32
CA SER D 174 -4.64 -41.57 20.57
C SER D 174 -5.79 -42.56 20.62
N ARG D 175 -5.54 -43.67 21.29
CA ARG D 175 -6.49 -44.75 21.52
C ARG D 175 -6.35 -45.12 22.99
N ALA D 176 -6.97 -46.22 23.39
CA ALA D 176 -6.86 -46.64 24.78
C ALA D 176 -6.29 -48.05 24.86
N THR D 177 -5.84 -48.44 26.06
CA THR D 177 -5.31 -49.78 26.28
C THR D 177 -5.93 -50.37 27.53
N TYR D 178 -6.44 -49.55 28.44
CA TYR D 178 -7.03 -49.95 29.70
C TYR D 178 -7.90 -48.79 30.10
N LEU D 179 -9.20 -49.02 30.21
CA LEU D 179 -10.07 -47.91 30.58
C LEU D 179 -11.14 -48.29 31.59
N SER D 180 -11.28 -47.42 32.57
CA SER D 180 -12.27 -47.54 33.62
C SER D 180 -13.52 -46.84 33.16
N ILE D 181 -14.64 -47.55 33.25
CA ILE D 181 -15.92 -47.05 32.77
C ILE D 181 -16.86 -47.07 33.98
N MET D 182 -17.79 -46.11 34.02
CA MET D 182 -18.75 -46.03 35.12
C MET D 182 -20.11 -45.70 34.53
N CYS D 183 -21.16 -45.89 35.32
CA CYS D 183 -22.50 -45.58 34.84
C CYS D 183 -22.94 -44.28 35.47
N ARG D 184 -24.00 -43.68 34.91
CA ARG D 184 -24.47 -42.42 35.45
C ARG D 184 -25.79 -42.61 36.21
N ASN D 185 -26.28 -43.83 36.31
CA ASN D 185 -27.56 -44.03 37.00
C ASN D 185 -27.57 -44.91 38.23
N CYS D 186 -26.89 -46.07 38.21
CA CYS D 186 -26.91 -46.92 39.40
C CYS D 186 -25.61 -46.96 40.18
N ARG D 187 -24.70 -46.02 39.88
CA ARG D 187 -23.38 -45.81 40.52
C ARG D 187 -22.48 -47.05 40.52
N HIS D 188 -22.40 -47.72 39.36
CA HIS D 188 -21.58 -48.91 39.23
C HIS D 188 -20.47 -48.69 38.22
N THR D 189 -19.28 -49.14 38.56
CA THR D 189 -18.12 -49.00 37.70
C THR D 189 -17.36 -50.32 37.52
N THR D 190 -16.62 -50.39 36.42
CA THR D 190 -15.79 -51.54 36.06
C THR D 190 -14.69 -51.08 35.11
N SER D 191 -13.99 -52.02 34.49
CA SER D 191 -12.93 -51.67 33.57
C SER D 191 -12.76 -52.68 32.44
N ILE D 192 -12.27 -52.20 31.29
CA ILE D 192 -12.04 -53.05 30.13
C ILE D 192 -10.62 -52.87 29.60
N THR D 193 -9.99 -54.01 29.28
CA THR D 193 -8.63 -54.06 28.77
C THR D 193 -8.51 -54.63 27.37
N ILE D 194 -7.60 -54.06 26.57
CA ILE D 194 -7.30 -54.54 25.22
C ILE D 194 -5.79 -54.50 25.08
N ASN D 195 -5.23 -55.40 24.29
CA ASN D 195 -3.78 -55.46 24.14
C ASN D 195 -3.19 -55.38 22.73
N ASN D 196 -3.83 -55.99 21.74
CA ASN D 196 -3.25 -55.99 20.40
C ASN D 196 -4.16 -55.58 19.24
N PHE D 197 -5.44 -55.31 19.48
CA PHE D 197 -6.32 -54.95 18.37
C PHE D 197 -6.28 -53.51 17.88
N ASN D 198 -5.32 -52.71 18.33
CA ASN D 198 -5.22 -51.33 17.89
C ASN D 198 -4.31 -51.23 16.67
N THR D 201 -14.63 -49.20 13.18
CA THR D 201 -15.11 -49.65 11.88
C THR D 201 -15.51 -51.12 11.95
N GLY D 202 -16.42 -51.44 12.88
CA GLY D 202 -16.88 -52.79 13.07
C GLY D 202 -15.84 -53.72 13.65
N ASN D 203 -15.37 -53.47 14.86
CA ASN D 203 -14.34 -54.28 15.48
C ASN D 203 -14.52 -54.47 16.97
N THR D 204 -13.44 -54.94 17.61
CA THR D 204 -13.27 -55.27 19.04
C THR D 204 -13.77 -54.25 20.05
N VAL D 205 -13.38 -52.98 19.97
CA VAL D 205 -13.77 -51.98 20.96
C VAL D 205 -15.13 -51.34 20.73
N SER D 206 -16.03 -51.56 21.69
CA SER D 206 -17.37 -50.99 21.67
C SER D 206 -17.87 -50.89 23.10
N LEU D 207 -18.62 -49.85 23.38
CA LEU D 207 -19.14 -49.67 24.72
C LEU D 207 -20.37 -50.56 24.93
N PRO D 208 -20.62 -51.05 26.16
CA PRO D 208 -21.80 -51.89 26.38
C PRO D 208 -23.08 -51.07 26.41
N ARG D 209 -24.11 -51.61 25.75
CA ARG D 209 -25.40 -50.92 25.67
C ARG D 209 -26.16 -50.93 26.98
N SER D 210 -25.92 -51.94 27.83
CA SER D 210 -26.61 -52.03 29.10
C SER D 210 -25.72 -52.63 30.18
N CYS D 211 -26.08 -52.37 31.43
CA CYS D 211 -25.33 -52.88 32.56
C CYS D 211 -25.66 -54.35 32.79
N ASN D 235 -33.40 -49.91 35.82
CA ASN D 235 -32.90 -49.86 34.45
C ASN D 235 -32.14 -48.56 34.22
N CYS D 236 -31.20 -48.60 33.29
CA CYS D 236 -30.40 -47.42 32.97
C CYS D 236 -30.58 -47.05 31.50
N GLY D 237 -31.18 -47.92 30.70
CA GLY D 237 -31.42 -47.65 29.30
C GLY D 237 -30.18 -47.77 28.43
N PRO D 238 -30.27 -47.31 27.18
CA PRO D 238 -29.13 -47.41 26.28
C PRO D 238 -28.08 -46.34 26.56
N ASP D 239 -26.83 -46.82 26.54
CA ASP D 239 -25.61 -46.03 26.79
C ASP D 239 -25.52 -45.11 28.01
N PRO D 240 -25.57 -45.65 29.24
CA PRO D 240 -25.44 -44.79 30.41
C PRO D 240 -24.02 -44.61 30.92
N TYR D 241 -23.04 -44.99 30.12
CA TYR D 241 -21.64 -45.01 30.51
C TYR D 241 -20.80 -43.76 30.26
N ILE D 242 -19.94 -43.46 31.24
CA ILE D 242 -19.01 -42.33 31.25
C ILE D 242 -17.60 -42.88 31.47
N ILE D 243 -16.67 -42.48 30.61
CA ILE D 243 -15.28 -42.92 30.71
C ILE D 243 -14.51 -42.12 31.76
N ILE D 244 -13.97 -42.80 32.78
CA ILE D 244 -13.19 -42.11 33.79
C ILE D 244 -11.80 -41.99 33.15
N HIS D 245 -11.56 -40.86 32.48
CA HIS D 245 -10.33 -40.64 31.74
C HIS D 245 -8.97 -40.61 32.45
N GLU D 246 -8.89 -39.94 33.60
CA GLU D 246 -7.59 -39.89 34.29
C GLU D 246 -7.24 -41.15 35.03
N SER D 247 -8.12 -42.13 35.18
CA SER D 247 -7.81 -43.36 35.85
C SER D 247 -7.68 -44.46 34.80
N SER D 248 -7.54 -44.04 33.55
CA SER D 248 -7.40 -44.97 32.44
C SER D 248 -5.96 -44.99 31.91
N PHE D 250 -4.36 -44.97 27.77
CA PHE D 250 -4.33 -44.30 26.47
C PHE D 250 -2.98 -44.52 25.79
N ILE D 251 -3.03 -44.89 24.52
CA ILE D 251 -1.86 -45.19 23.71
C ILE D 251 -1.80 -44.36 22.44
N ASP D 252 -0.63 -44.36 21.80
CA ASP D 252 -0.44 -43.63 20.56
C ASP D 252 -0.43 -44.56 19.35
N GLN D 253 -0.93 -44.07 18.23
CA GLN D 253 -0.97 -44.84 16.99
C GLN D 253 -0.83 -43.89 15.82
N GLN D 254 -0.43 -44.44 14.68
CA GLN D 254 -0.21 -43.64 13.48
C GLN D 254 -0.81 -44.24 12.22
N PHE D 255 -1.20 -43.35 11.31
CA PHE D 255 -1.74 -43.69 10.01
C PHE D 255 -0.69 -43.30 8.99
N LEU D 256 -0.16 -44.27 8.27
CA LEU D 256 0.88 -44.03 7.29
C LEU D 256 0.48 -44.44 5.89
N LYS D 257 1.17 -43.85 4.90
CA LYS D 257 0.95 -44.13 3.49
C LYS D 257 2.24 -44.61 2.84
N LEU D 258 2.13 -45.66 2.03
CA LEU D 258 3.28 -46.26 1.36
C LEU D 258 3.05 -46.51 -0.12
N GLN D 259 4.03 -46.19 -0.95
CA GLN D 259 3.92 -46.43 -2.39
C GLN D 259 5.09 -47.24 -2.89
N GLU D 260 4.91 -47.86 -4.06
CA GLU D 260 5.96 -48.68 -4.68
C GLU D 260 7.06 -47.81 -5.27
N ILE D 261 8.21 -48.41 -5.56
CA ILE D 261 9.37 -47.69 -6.13
C ILE D 261 9.08 -47.12 -7.51
N PRO D 262 9.10 -45.77 -7.67
CA PRO D 262 8.75 -45.15 -8.97
C PRO D 262 9.74 -45.37 -10.11
N GLU D 263 10.92 -45.95 -9.86
CA GLU D 263 11.83 -46.25 -10.95
C GLU D 263 11.34 -47.46 -11.72
N LEU D 264 10.59 -48.35 -11.06
CA LEU D 264 10.00 -49.54 -11.68
C LEU D 264 8.49 -49.50 -11.45
N VAL D 265 7.79 -48.76 -12.31
CA VAL D 265 6.35 -48.52 -12.34
C VAL D 265 6.06 -48.34 -13.83
N PRO D 266 4.97 -49.01 -14.39
CA PRO D 266 4.62 -48.86 -15.82
C PRO D 266 4.22 -47.45 -16.20
N VAL D 267 4.61 -47.04 -17.41
CA VAL D 267 4.37 -45.68 -17.91
C VAL D 267 2.92 -45.30 -18.15
N GLY D 268 2.03 -46.29 -18.31
CA GLY D 268 0.64 -45.94 -18.57
C GLY D 268 -0.19 -45.55 -17.37
N GLU D 269 0.29 -45.82 -16.15
CA GLU D 269 -0.50 -45.50 -14.98
C GLU D 269 0.39 -45.04 -13.84
N MET D 270 -0.16 -44.19 -12.97
CA MET D 270 0.56 -43.63 -11.83
C MET D 270 0.75 -44.72 -10.77
N PRO D 271 1.74 -44.58 -9.87
CA PRO D 271 1.93 -45.60 -8.83
C PRO D 271 0.85 -45.55 -7.76
N ARG D 272 0.34 -46.73 -7.42
CA ARG D 272 -0.69 -46.87 -6.41
C ARG D 272 -0.08 -46.82 -5.01
N ASN D 273 -0.94 -46.77 -4.00
CA ASN D 273 -0.48 -46.69 -2.62
C ASN D 273 -1.23 -47.63 -1.69
N LEU D 274 -0.77 -47.68 -0.44
CA LEU D 274 -1.37 -48.50 0.59
C LEU D 274 -1.36 -47.82 1.94
N THR D 275 -2.39 -48.07 2.73
CA THR D 275 -2.50 -47.47 4.05
C THR D 275 -2.14 -48.46 5.14
N MET D 276 -1.43 -47.97 6.16
CA MET D 276 -1.01 -48.83 7.26
C MET D 276 -1.15 -48.21 8.65
N THR D 277 -1.38 -49.10 9.62
CA THR D 277 -1.54 -48.75 11.02
C THR D 277 -0.30 -49.14 11.79
N CYS D 278 0.27 -48.14 12.44
CA CYS D 278 1.47 -48.25 13.25
C CYS D 278 1.14 -48.05 14.72
N ASP D 279 1.68 -48.90 15.58
CA ASP D 279 1.43 -48.77 17.00
C ASP D 279 2.63 -48.31 17.80
N ARG D 280 2.43 -48.37 19.12
CA ARG D 280 3.23 -47.90 20.26
C ARG D 280 4.75 -47.91 20.27
N TYR D 281 5.41 -49.04 20.02
CA TYR D 281 6.86 -49.06 20.13
C TYR D 281 7.61 -48.56 18.91
N LEU D 282 7.02 -48.60 17.72
CA LEU D 282 7.77 -48.14 16.55
C LEU D 282 7.35 -46.77 16.04
N THR D 283 6.69 -45.98 16.89
CA THR D 283 6.27 -44.64 16.49
C THR D 283 7.44 -43.67 16.40
N ASN D 284 7.38 -42.80 15.37
CA ASN D 284 8.35 -41.77 14.99
C ASN D 284 9.74 -42.34 14.73
N LYS D 285 9.79 -43.53 14.14
CA LYS D 285 11.08 -44.16 13.85
C LYS D 285 11.36 -44.04 12.37
N VAL D 286 10.33 -43.87 11.56
CA VAL D 286 10.45 -43.79 10.12
C VAL D 286 10.17 -42.38 9.59
N ILE D 287 11.17 -41.78 8.96
CA ILE D 287 11.05 -40.47 8.35
C ILE D 287 10.42 -40.74 6.99
N PRO D 288 9.43 -39.94 6.55
CA PRO D 288 8.80 -40.20 5.26
C PRO D 288 9.68 -39.82 4.07
N GLY D 289 9.89 -40.80 3.19
CA GLY D 289 10.70 -40.60 2.01
C GLY D 289 11.87 -41.53 1.85
N THR D 290 11.92 -42.64 2.58
CA THR D 290 13.05 -43.55 2.44
C THR D 290 12.66 -44.95 1.98
N ARG D 291 13.67 -45.78 1.71
CA ARG D 291 13.47 -47.16 1.30
C ARG D 291 13.16 -47.95 2.56
N VAL D 292 11.87 -48.17 2.82
CA VAL D 292 11.40 -48.85 4.01
C VAL D 292 10.78 -50.21 3.71
N THR D 293 11.25 -51.25 4.41
CA THR D 293 10.76 -52.61 4.32
C THR D 293 9.87 -52.85 5.55
N ILE D 294 8.59 -53.07 5.29
CA ILE D 294 7.53 -53.23 6.27
C ILE D 294 6.98 -54.66 6.26
N VAL D 295 6.87 -55.28 7.44
CA VAL D 295 6.29 -56.60 7.56
C VAL D 295 5.12 -56.52 8.55
N GLY D 296 3.97 -57.04 8.13
CA GLY D 296 2.78 -57.00 8.95
C GLY D 296 1.70 -57.96 8.48
N ILE D 297 0.46 -57.54 8.72
CA ILE D 297 -0.73 -58.30 8.38
C ILE D 297 -1.59 -57.55 7.36
N TYR D 298 -1.87 -58.19 6.22
CA TYR D 298 -2.69 -57.64 5.16
C TYR D 298 -4.16 -57.84 5.53
N SER D 299 -4.71 -56.93 6.31
CA SER D 299 -6.08 -57.05 6.78
C SER D 299 -7.06 -56.21 5.95
N ILE D 300 -8.35 -56.44 6.15
CA ILE D 300 -9.42 -55.78 5.40
C ILE D 300 -10.36 -54.94 6.27
N TYR D 301 -10.49 -53.66 5.94
CA TYR D 301 -11.42 -52.77 6.65
C TYR D 301 -12.45 -52.25 5.64
N ARG D 324 -14.62 -53.51 -0.66
CA ARG D 324 -13.90 -53.53 0.60
C ARG D 324 -12.53 -52.90 0.43
N THR D 325 -11.89 -52.54 1.55
CA THR D 325 -10.58 -51.91 1.41
C THR D 325 -9.47 -52.61 2.17
N PRO D 326 -8.26 -52.70 1.61
CA PRO D 326 -7.16 -53.34 2.34
C PRO D 326 -6.31 -52.35 3.13
N TYR D 327 -5.71 -52.86 4.20
CA TYR D 327 -4.83 -52.06 5.04
C TYR D 327 -3.79 -52.99 5.67
N ILE D 328 -2.71 -52.39 6.18
CA ILE D 328 -1.60 -53.15 6.75
C ILE D 328 -1.36 -52.88 8.23
N LYS D 329 -1.42 -53.93 9.06
CA LYS D 329 -1.12 -53.76 10.48
C LYS D 329 0.37 -54.05 10.61
N ILE D 330 1.18 -53.04 10.97
CA ILE D 330 2.62 -53.23 11.05
C ILE D 330 3.08 -53.95 12.31
N LEU D 331 3.87 -55.03 12.16
CA LEU D 331 4.37 -55.75 13.32
C LEU D 331 5.89 -55.81 13.24
N GLY D 332 6.49 -55.19 12.22
CA GLY D 332 7.94 -55.20 12.12
C GLY D 332 8.39 -54.21 11.07
N ILE D 333 9.51 -53.55 11.38
CA ILE D 333 10.08 -52.53 10.51
C ILE D 333 11.61 -52.64 10.40
N GLN D 334 12.13 -52.29 9.21
CA GLN D 334 13.56 -52.20 8.91
C GLN D 334 13.76 -51.37 7.65
N SER D 335 14.97 -50.84 7.48
CA SER D 335 15.27 -50.02 6.32
C SER D 335 16.73 -50.04 5.94
N ASP D 336 17.08 -49.23 4.95
CA ASP D 336 18.45 -49.11 4.48
C ASP D 336 19.23 -48.26 5.45
N THR D 350 22.66 -64.41 -10.89
CA THR D 350 23.15 -64.96 -12.16
C THR D 350 24.60 -64.58 -12.36
N GLU D 351 25.49 -65.57 -12.34
CA GLU D 351 26.92 -65.34 -12.49
C GLU D 351 27.35 -64.98 -13.90
N GLU D 352 26.51 -65.30 -14.90
CA GLU D 352 26.76 -65.01 -16.31
C GLU D 352 26.72 -63.51 -16.58
N GLU D 353 25.99 -62.74 -15.76
CA GLU D 353 25.89 -61.29 -15.84
C GLU D 353 27.23 -60.66 -15.47
N GLU D 354 27.85 -61.15 -14.38
CA GLU D 354 29.16 -60.63 -13.97
C GLU D 354 30.25 -61.13 -14.90
N GLU D 355 30.05 -62.31 -15.51
CA GLU D 355 31.00 -62.85 -16.47
C GLU D 355 31.01 -62.02 -17.76
N GLU D 356 29.83 -61.66 -18.26
CA GLU D 356 29.77 -60.82 -19.46
C GLU D 356 30.14 -59.38 -19.14
N PHE D 357 29.96 -58.94 -17.88
CA PHE D 357 30.37 -57.60 -17.49
C PHE D 357 31.90 -57.51 -17.37
N LEU D 358 32.54 -58.62 -16.96
CA LEU D 358 33.99 -58.65 -16.88
C LEU D 358 34.57 -58.78 -18.28
N GLN D 359 33.82 -59.42 -19.19
CA GLN D 359 34.28 -59.52 -20.57
C GLN D 359 34.11 -58.18 -21.27
N LEU D 360 33.07 -57.43 -20.90
CA LEU D 360 32.84 -56.12 -21.50
C LEU D 360 33.76 -55.07 -20.90
N SER D 361 34.25 -55.32 -19.68
CA SER D 361 35.14 -54.36 -19.03
C SER D 361 36.56 -54.44 -19.58
N ARG D 362 36.90 -55.54 -20.26
CA ARG D 362 38.22 -55.74 -20.85
C ARG D 362 38.33 -55.11 -22.23
N ASN D 363 37.26 -54.54 -22.74
CA ASN D 363 37.31 -53.90 -24.05
C ASN D 363 37.95 -52.52 -23.94
N PRO D 364 38.92 -52.20 -24.79
CA PRO D 364 39.56 -50.88 -24.70
C PRO D 364 38.75 -49.75 -25.29
N LYS D 365 37.79 -50.05 -26.16
CA LYS D 365 36.98 -49.01 -26.78
C LYS D 365 35.62 -48.88 -26.13
N LEU D 366 35.51 -49.44 -24.90
CA LEU D 366 34.30 -49.48 -24.08
C LEU D 366 33.67 -48.11 -23.84
N TYR D 367 34.47 -47.14 -23.41
CA TYR D 367 33.92 -45.79 -23.25
C TYR D 367 33.24 -45.36 -24.55
N GLU D 368 33.96 -45.53 -25.68
CA GLU D 368 33.50 -45.17 -27.03
C GLU D 368 32.23 -45.90 -27.46
N ILE D 369 32.08 -47.18 -27.12
CA ILE D 369 30.85 -47.83 -27.56
C ILE D 369 29.74 -47.39 -26.59
N LEU D 370 30.10 -47.03 -25.35
CA LEU D 370 29.07 -46.62 -24.42
C LEU D 370 28.48 -45.34 -24.97
N THR D 371 29.34 -44.46 -25.48
CA THR D 371 28.89 -43.20 -26.06
C THR D 371 28.22 -43.43 -27.40
N ASN D 372 28.55 -44.52 -28.08
CA ASN D 372 27.89 -44.79 -29.35
C ASN D 372 26.60 -45.52 -29.03
N SER D 373 26.32 -45.76 -27.75
CA SER D 373 25.12 -46.46 -27.36
C SER D 373 24.12 -45.62 -26.59
N ILE D 374 24.56 -44.48 -26.05
CA ILE D 374 23.67 -43.62 -25.29
C ILE D 374 22.99 -42.63 -26.24
N ALA D 375 23.49 -42.55 -27.47
CA ALA D 375 22.91 -41.64 -28.44
C ALA D 375 22.53 -42.36 -29.73
N PRO D 376 21.33 -42.96 -29.79
CA PRO D 376 20.95 -43.66 -31.04
C PRO D 376 20.53 -42.72 -32.15
N SER D 377 19.88 -41.60 -31.83
CA SER D 377 19.43 -40.67 -32.86
C SER D 377 19.96 -39.26 -32.63
N ILE D 378 20.77 -39.06 -31.59
CA ILE D 378 21.30 -37.75 -31.31
C ILE D 378 22.51 -37.50 -32.18
N PHE D 379 22.43 -36.49 -33.03
CA PHE D 379 23.52 -36.13 -33.92
C PHE D 379 24.49 -35.20 -33.21
N GLY D 380 25.75 -35.59 -33.16
CA GLY D 380 26.75 -34.76 -32.51
C GLY D 380 26.66 -34.88 -30.99
N ASN D 381 27.19 -33.83 -30.32
CA ASN D 381 27.25 -33.66 -28.87
C ASN D 381 27.90 -34.81 -28.08
N GLU D 382 29.17 -35.08 -28.36
CA GLU D 382 29.86 -36.16 -27.65
C GLU D 382 30.27 -35.70 -26.26
N ASP D 383 30.62 -34.42 -26.14
CA ASP D 383 31.03 -33.82 -24.87
C ASP D 383 29.88 -33.67 -23.89
N ILE D 384 28.65 -33.65 -24.38
CA ILE D 384 27.48 -33.55 -23.52
C ILE D 384 27.17 -34.95 -23.04
N LYS D 385 27.32 -35.94 -23.94
CA LYS D 385 27.04 -37.35 -23.64
C LYS D 385 28.01 -37.94 -22.63
N LYS D 386 29.30 -37.58 -22.73
CA LYS D 386 30.30 -38.07 -21.78
C LYS D 386 30.11 -37.44 -20.41
N ALA D 387 29.67 -36.18 -20.38
CA ALA D 387 29.43 -35.49 -19.12
C ALA D 387 28.13 -35.98 -18.48
N ILE D 388 27.20 -36.48 -19.30
CA ILE D 388 25.94 -37.01 -18.77
C ILE D 388 26.25 -38.40 -18.17
N VAL D 389 27.03 -39.21 -18.88
CA VAL D 389 27.35 -40.56 -18.42
C VAL D 389 28.40 -40.56 -17.29
N CYS D 390 29.12 -39.44 -17.11
CA CYS D 390 30.11 -39.42 -16.03
C CYS D 390 29.59 -38.75 -14.77
N LEU D 391 28.34 -38.28 -14.78
CA LEU D 391 27.79 -37.60 -13.61
C LEU D 391 26.87 -38.48 -12.79
N LEU D 392 26.96 -39.79 -12.95
CA LEU D 392 26.07 -40.67 -12.19
C LEU D 392 26.56 -40.91 -10.76
N MET D 393 27.74 -41.51 -10.61
CA MET D 393 28.31 -41.81 -9.31
C MET D 393 28.82 -40.56 -8.61
N GLY D 394 29.43 -39.66 -9.37
CA GLY D 394 29.95 -38.46 -8.76
C GLY D 394 31.46 -38.54 -8.72
N GLY D 395 32.01 -38.77 -7.53
CA GLY D 395 33.45 -38.85 -7.38
C GLY D 395 33.92 -39.71 -6.23
N SER D 396 35.12 -39.42 -5.75
CA SER D 396 35.73 -40.16 -4.64
C SER D 396 35.26 -39.68 -3.27
N LYS D 397 34.41 -40.46 -2.64
CA LYS D 397 33.92 -40.13 -1.31
C LYS D 397 35.00 -40.56 -0.33
N LYS D 398 35.57 -39.60 0.40
CA LYS D 398 36.64 -39.89 1.35
C LYS D 398 36.24 -39.43 2.75
N ILE D 399 36.29 -40.35 3.70
CA ILE D 399 35.97 -40.03 5.09
C ILE D 399 37.28 -39.72 5.79
N LEU D 400 37.57 -38.43 5.94
CA LEU D 400 38.79 -38.00 6.58
C LEU D 400 38.64 -38.19 8.09
N PRO D 401 39.76 -38.37 8.83
CA PRO D 401 39.62 -38.55 10.29
C PRO D 401 39.30 -37.27 11.05
N ASP D 402 39.40 -36.10 10.43
CA ASP D 402 39.08 -34.86 11.12
C ASP D 402 37.58 -34.56 11.11
N GLY D 403 36.78 -35.34 10.39
CA GLY D 403 35.36 -35.13 10.31
C GLY D 403 34.91 -34.28 9.14
N MET D 404 35.76 -33.39 8.64
CA MET D 404 35.41 -32.53 7.51
C MET D 404 35.62 -33.32 6.22
N ARG D 405 34.62 -34.13 5.89
CA ARG D 405 34.69 -34.94 4.69
C ARG D 405 34.40 -34.10 3.45
N LEU D 406 34.74 -34.65 2.29
CA LEU D 406 34.52 -33.96 1.03
C LEU D 406 33.36 -34.55 0.26
N ARG D 407 32.66 -33.69 -0.49
CA ARG D 407 31.53 -34.15 -1.28
C ARG D 407 32.04 -34.82 -2.55
N GLY D 408 31.36 -35.89 -2.94
CA GLY D 408 31.77 -36.61 -4.12
C GLY D 408 30.91 -36.34 -5.34
N ASP D 409 29.63 -36.09 -5.15
CA ASP D 409 28.71 -35.86 -6.27
C ASP D 409 28.95 -34.51 -6.96
N ILE D 410 28.53 -34.44 -8.23
CA ILE D 410 28.68 -33.24 -9.04
C ILE D 410 27.37 -32.71 -9.59
N ASN D 411 27.44 -31.71 -10.47
CA ASN D 411 26.26 -31.11 -11.09
C ASN D 411 26.41 -30.95 -12.60
N VAL D 412 25.35 -31.28 -13.35
CA VAL D 412 25.37 -31.17 -14.81
C VAL D 412 24.08 -30.46 -15.23
N LEU D 413 24.17 -29.56 -16.21
CA LEU D 413 23.05 -28.77 -16.69
C LEU D 413 22.96 -28.74 -18.21
N LEU D 414 21.78 -29.06 -18.74
CA LEU D 414 21.52 -29.01 -20.16
C LEU D 414 20.90 -27.67 -20.53
N LEU D 415 21.29 -27.13 -21.67
CA LEU D 415 20.78 -25.85 -22.12
C LEU D 415 20.75 -25.79 -23.64
N GLY D 416 19.68 -25.23 -24.18
CA GLY D 416 19.58 -25.11 -25.62
C GLY D 416 18.15 -24.94 -26.06
N ASP D 417 17.97 -25.10 -27.36
CA ASP D 417 16.67 -24.97 -28.01
C ASP D 417 15.82 -26.23 -27.72
N PRO D 418 14.49 -26.14 -27.87
CA PRO D 418 13.64 -27.33 -27.67
C PRO D 418 13.85 -28.39 -28.75
N GLY D 419 14.02 -29.59 -28.27
CA GLY D 419 14.33 -30.73 -29.09
C GLY D 419 15.66 -31.27 -28.59
N THR D 420 16.44 -31.86 -29.52
CA THR D 420 17.79 -32.50 -29.38
C THR D 420 18.03 -33.35 -28.12
N ALA D 421 16.98 -34.09 -27.73
CA ALA D 421 16.86 -35.01 -26.60
C ALA D 421 17.20 -34.38 -25.26
N LYS D 422 16.56 -33.26 -24.91
CA LYS D 422 16.81 -32.66 -23.61
C LYS D 422 15.95 -33.37 -22.59
N SER D 423 14.85 -33.98 -23.04
CA SER D 423 13.94 -34.71 -22.18
C SER D 423 13.78 -36.15 -22.64
N GLN D 424 14.66 -36.61 -23.53
CA GLN D 424 14.57 -37.99 -24.02
C GLN D 424 15.76 -38.75 -23.43
N LEU D 425 16.86 -38.05 -23.18
CA LEU D 425 18.03 -38.65 -22.56
C LEU D 425 17.78 -38.79 -21.06
N LEU D 426 16.88 -37.96 -20.53
CA LEU D 426 16.52 -37.97 -19.13
C LEU D 426 15.67 -39.20 -18.83
N LYS D 427 14.95 -39.74 -19.83
CA LYS D 427 14.17 -40.96 -19.62
C LYS D 427 15.10 -42.15 -19.56
N PHE D 428 16.21 -42.09 -20.30
CA PHE D 428 17.20 -43.17 -20.27
C PHE D 428 18.00 -43.09 -18.99
N VAL D 429 18.18 -41.88 -18.43
CA VAL D 429 18.91 -41.81 -17.16
C VAL D 429 17.92 -42.08 -16.02
N GLU D 430 16.62 -42.03 -16.28
CA GLU D 430 15.67 -42.36 -15.24
C GLU D 430 15.54 -43.88 -15.18
N LYS D 431 15.62 -44.56 -16.31
CA LYS D 431 15.48 -46.02 -16.34
C LYS D 431 16.79 -46.79 -16.24
N VAL D 432 17.94 -46.14 -16.41
CA VAL D 432 19.21 -46.86 -16.35
C VAL D 432 19.75 -46.94 -14.93
N SER D 433 19.91 -45.77 -14.28
CA SER D 433 20.42 -45.45 -12.93
C SER D 433 19.79 -46.27 -11.81
N PRO D 434 20.53 -46.47 -10.68
CA PRO D 434 19.97 -47.22 -9.54
C PRO D 434 18.76 -46.58 -8.87
N ILE D 435 18.91 -45.34 -8.40
CA ILE D 435 17.82 -44.63 -7.74
C ILE D 435 17.65 -43.26 -8.39
N ALA D 436 16.56 -43.09 -9.14
CA ALA D 436 16.22 -41.83 -9.80
C ALA D 436 14.74 -41.78 -10.09
N VAL D 437 14.17 -40.59 -9.98
CA VAL D 437 12.75 -40.37 -10.24
C VAL D 437 12.59 -39.13 -11.12
N TYR D 438 11.76 -39.26 -12.17
CA TYR D 438 11.49 -38.19 -13.12
C TYR D 438 10.47 -37.21 -12.56
N THR D 439 10.82 -35.94 -12.56
CA THR D 439 9.99 -34.83 -12.12
C THR D 439 10.24 -33.65 -13.04
N SER D 440 9.71 -32.48 -12.68
CA SER D 440 9.88 -31.30 -13.50
C SER D 440 10.06 -30.04 -12.67
N GLY D 441 10.01 -28.89 -13.32
CA GLY D 441 10.14 -27.63 -12.62
C GLY D 441 8.85 -27.30 -11.91
N LYS D 442 8.97 -26.87 -10.63
CA LYS D 442 7.90 -26.50 -9.70
C LYS D 442 6.92 -27.66 -9.49
N GLY D 443 7.48 -28.86 -9.38
CA GLY D 443 6.65 -30.04 -9.19
C GLY D 443 6.05 -30.50 -10.50
N SER D 444 4.93 -31.20 -10.39
CA SER D 444 4.20 -31.72 -11.55
C SER D 444 2.74 -31.92 -11.21
N SER D 445 2.04 -32.66 -12.07
CA SER D 445 0.63 -32.95 -11.88
C SER D 445 0.46 -33.97 -10.76
N ALA D 446 -0.11 -33.51 -9.64
CA ALA D 446 -0.39 -34.21 -8.39
C ALA D 446 0.83 -34.88 -7.76
N ALA D 447 2.00 -34.27 -7.94
CA ALA D 447 3.28 -34.74 -7.43
C ALA D 447 4.23 -33.57 -7.40
N GLY D 448 5.24 -33.66 -6.54
CA GLY D 448 6.19 -32.58 -6.44
C GLY D 448 7.62 -33.03 -6.26
N LEU D 449 8.55 -32.16 -6.69
CA LEU D 449 9.96 -32.47 -6.55
C LEU D 449 10.37 -32.23 -5.11
N THR D 450 10.03 -31.06 -4.57
CA THR D 450 10.37 -30.69 -3.21
C THR D 450 9.26 -31.09 -2.25
N ALA D 451 9.37 -30.63 -1.02
CA ALA D 451 8.42 -30.94 0.03
C ALA D 451 7.08 -30.25 -0.20
N SER D 452 6.15 -31.01 -0.76
CA SER D 452 4.81 -30.55 -1.06
C SER D 452 3.88 -30.94 0.06
N VAL D 453 3.20 -29.94 0.63
CA VAL D 453 2.29 -30.08 1.75
C VAL D 453 0.86 -29.80 1.26
N GLN D 454 -0.09 -30.62 1.70
CA GLN D 454 -1.49 -30.44 1.29
C GLN D 454 -2.39 -30.73 2.48
N ARG D 455 -3.70 -30.72 2.21
CA ARG D 455 -4.67 -30.98 3.27
C ARG D 455 -5.21 -32.40 3.16
N ASP D 456 -5.60 -32.95 4.30
CA ASP D 456 -6.13 -34.31 4.32
C ASP D 456 -7.63 -34.25 4.02
N PRO D 457 -8.19 -35.24 3.33
CA PRO D 457 -9.64 -35.24 3.06
C PRO D 457 -10.45 -35.56 4.29
N MET D 458 -9.89 -36.28 5.25
CA MET D 458 -10.56 -36.61 6.49
C MET D 458 -9.87 -35.92 7.66
N THR D 459 -10.69 -35.39 8.58
CA THR D 459 -10.37 -34.67 9.83
C THR D 459 -9.52 -33.40 9.75
N ARG D 460 -9.26 -32.90 8.51
CA ARG D 460 -8.48 -31.69 8.17
C ARG D 460 -7.07 -31.70 8.77
N GLU D 461 -6.30 -32.72 8.44
CA GLU D 461 -4.94 -32.87 8.97
C GLU D 461 -3.92 -32.23 8.06
N PHE D 462 -3.05 -31.41 8.65
CA PHE D 462 -1.99 -30.78 7.88
C PHE D 462 -0.85 -31.77 7.80
N TYR D 463 -0.53 -32.21 6.60
CA TYR D 463 0.51 -33.20 6.39
C TYR D 463 1.17 -32.98 5.04
N LEU D 464 2.39 -33.46 4.88
CA LEU D 464 3.08 -33.28 3.61
C LEU D 464 2.56 -34.26 2.56
N GLU D 465 2.18 -33.72 1.40
CA GLU D 465 1.63 -34.51 0.29
C GLU D 465 2.66 -35.44 -0.34
N GLY D 466 3.86 -34.93 -0.56
CA GLY D 466 4.87 -35.79 -1.16
C GLY D 466 6.11 -35.02 -1.54
N GLY D 467 7.13 -35.77 -1.94
CA GLY D 467 8.38 -35.17 -2.32
C GLY D 467 9.37 -36.15 -2.92
N ALA D 468 9.97 -35.76 -4.03
CA ALA D 468 10.95 -36.60 -4.71
C ALA D 468 12.38 -36.28 -4.31
N MET D 469 12.58 -35.22 -3.53
CA MET D 469 13.92 -34.85 -3.11
C MET D 469 14.36 -35.64 -1.89
N VAL D 470 13.42 -36.31 -1.23
CA VAL D 470 13.73 -37.12 -0.06
C VAL D 470 13.86 -38.55 -0.57
N LEU D 471 13.08 -38.91 -1.59
CA LEU D 471 13.06 -40.25 -2.18
C LEU D 471 14.30 -40.60 -3.01
N ALA D 472 15.19 -39.65 -3.27
CA ALA D 472 16.39 -39.90 -4.04
C ALA D 472 17.64 -39.98 -3.18
N ASP D 473 17.52 -40.58 -1.98
CA ASP D 473 18.62 -40.73 -1.05
C ASP D 473 19.67 -41.69 -1.57
N GLY D 474 20.83 -41.17 -1.95
CA GLY D 474 21.90 -41.97 -2.46
C GLY D 474 21.94 -42.12 -3.96
N GLY D 475 21.43 -41.14 -4.70
CA GLY D 475 21.46 -41.25 -6.14
C GLY D 475 21.51 -39.87 -6.78
N VAL D 476 20.87 -39.76 -7.91
CA VAL D 476 20.82 -38.50 -8.63
C VAL D 476 19.36 -38.09 -8.68
N VAL D 477 19.10 -36.85 -9.07
CA VAL D 477 17.74 -36.36 -9.25
C VAL D 477 17.80 -35.83 -10.67
N CYS D 478 16.67 -35.84 -11.35
CA CYS D 478 16.61 -35.38 -12.73
C CYS D 478 15.32 -34.61 -12.95
N ILE D 479 15.46 -33.34 -13.31
CA ILE D 479 14.35 -32.44 -13.53
C ILE D 479 14.41 -31.77 -14.89
N ASP D 480 13.29 -31.19 -15.30
CA ASP D 480 13.15 -30.48 -16.55
C ASP D 480 12.53 -29.15 -16.15
N GLU D 481 12.66 -28.16 -17.07
CA GLU D 481 12.15 -26.79 -16.94
C GLU D 481 12.64 -26.05 -15.71
N PHE D 482 13.95 -25.80 -15.64
CA PHE D 482 14.61 -25.12 -14.52
C PHE D 482 14.23 -23.65 -14.36
N ASP D 483 13.70 -23.01 -15.40
CA ASP D 483 13.31 -21.61 -15.30
C ASP D 483 12.02 -21.44 -14.53
N LYS D 484 11.18 -22.48 -14.48
CA LYS D 484 9.92 -22.42 -13.76
C LYS D 484 10.07 -23.01 -12.36
N MET D 485 10.62 -22.20 -11.46
CA MET D 485 10.84 -22.61 -10.08
C MET D 485 10.20 -21.64 -9.10
N ARG D 486 9.54 -22.19 -8.08
CA ARG D 486 8.92 -21.35 -7.07
C ARG D 486 9.98 -20.86 -6.10
N ASP D 487 9.67 -19.77 -5.39
CA ASP D 487 10.63 -19.20 -4.44
C ASP D 487 10.77 -20.02 -3.16
N GLU D 488 9.77 -20.85 -2.85
CA GLU D 488 9.84 -21.66 -1.64
C GLU D 488 10.58 -22.96 -1.88
N ASP D 489 10.89 -23.28 -3.14
CA ASP D 489 11.59 -24.51 -3.46
C ASP D 489 13.01 -24.21 -3.95
N ARG D 490 13.22 -22.97 -4.41
CA ARG D 490 14.53 -22.56 -4.94
C ARG D 490 15.60 -22.47 -3.88
N VAL D 491 15.23 -22.04 -2.66
CA VAL D 491 16.16 -21.91 -1.53
C VAL D 491 16.57 -23.31 -1.06
N ALA D 492 15.62 -24.25 -1.10
CA ALA D 492 15.86 -25.65 -0.73
C ALA D 492 16.78 -26.34 -1.74
N ILE D 493 16.55 -26.11 -3.03
CA ILE D 493 17.43 -26.72 -4.04
C ILE D 493 18.77 -25.97 -4.12
N HIS D 494 18.79 -24.69 -3.71
CA HIS D 494 19.97 -23.85 -3.66
C HIS D 494 20.91 -24.34 -2.58
N GLU D 495 20.34 -24.82 -1.48
CA GLU D 495 21.17 -25.35 -0.42
C GLU D 495 21.53 -26.82 -0.68
N ALA D 496 20.62 -27.58 -1.29
CA ALA D 496 20.89 -29.00 -1.55
C ALA D 496 21.82 -29.24 -2.73
N MET D 497 22.00 -28.28 -3.62
CA MET D 497 22.89 -28.51 -4.75
C MET D 497 24.36 -28.35 -4.35
N GLU D 498 24.63 -27.71 -3.21
CA GLU D 498 26.00 -27.50 -2.76
C GLU D 498 26.29 -28.10 -1.40
N GLN D 499 25.27 -28.50 -0.64
CA GLN D 499 25.56 -29.06 0.68
C GLN D 499 24.92 -30.43 0.87
N GLN D 500 24.06 -30.86 -0.07
CA GLN D 500 23.33 -32.15 -0.12
C GLN D 500 22.49 -32.47 1.12
N THR D 501 22.00 -31.45 1.79
CA THR D 501 21.19 -31.61 2.98
C THR D 501 19.96 -30.71 2.87
N ILE D 502 18.82 -31.26 3.23
CA ILE D 502 17.56 -30.55 3.18
C ILE D 502 17.09 -30.29 4.60
N SER D 503 16.95 -29.02 4.96
CA SER D 503 16.52 -28.61 6.28
C SER D 503 15.09 -28.07 6.28
N ILE D 504 14.23 -28.69 7.09
CA ILE D 504 12.84 -28.29 7.22
C ILE D 504 12.69 -27.65 8.59
N ALA D 505 11.93 -26.56 8.65
CA ALA D 505 11.70 -25.84 9.90
C ALA D 505 10.24 -25.72 10.25
N LYS D 506 9.46 -26.79 10.13
CA LYS D 506 8.05 -26.73 10.46
C LYS D 506 7.85 -26.81 11.97
N ALA D 507 6.65 -26.43 12.42
CA ALA D 507 6.36 -26.46 13.85
C ALA D 507 6.11 -27.87 14.35
N GLY D 508 5.66 -28.76 13.47
CA GLY D 508 5.41 -30.14 13.84
C GLY D 508 6.71 -30.89 13.97
N ILE D 509 7.45 -30.95 12.88
CA ILE D 509 8.74 -31.62 12.86
C ILE D 509 9.77 -30.72 12.18
N THR D 510 10.97 -30.70 12.73
CA THR D 510 12.07 -29.91 12.19
C THR D 510 13.20 -30.89 11.87
N THR D 511 13.12 -31.50 10.71
CA THR D 511 14.11 -32.49 10.32
C THR D 511 15.04 -32.03 9.21
N VAL D 512 16.33 -32.30 9.39
CA VAL D 512 17.31 -32.03 8.36
C VAL D 512 17.60 -33.46 7.89
N LEU D 513 17.86 -33.61 6.61
CA LEU D 513 18.08 -34.93 6.04
C LEU D 513 19.15 -34.94 4.98
N ASN D 514 19.89 -36.04 4.93
CA ASN D 514 20.93 -36.23 3.94
C ASN D 514 20.24 -36.52 2.62
N SER D 515 20.30 -35.55 1.70
CA SER D 515 19.65 -35.73 0.42
C SER D 515 20.48 -36.66 -0.46
N ARG D 516 21.80 -36.37 -0.55
CA ARG D 516 22.83 -37.09 -1.32
C ARG D 516 22.45 -37.18 -2.80
N THR D 517 21.99 -36.06 -3.34
CA THR D 517 21.54 -35.98 -4.72
C THR D 517 22.43 -35.18 -5.66
N SER D 518 22.50 -35.65 -6.90
CA SER D 518 23.21 -34.98 -7.98
C SER D 518 22.07 -34.49 -8.83
N VAL D 519 22.31 -33.44 -9.62
CA VAL D 519 21.24 -32.89 -10.44
C VAL D 519 21.62 -32.95 -11.92
N LEU D 520 20.64 -33.30 -12.75
CA LEU D 520 20.76 -33.38 -14.20
C LEU D 520 19.57 -32.57 -14.65
N ALA D 521 19.74 -31.27 -14.77
CA ALA D 521 18.66 -30.37 -15.14
C ALA D 521 18.77 -29.93 -16.58
N ALA D 522 17.66 -29.39 -17.07
CA ALA D 522 17.52 -28.88 -18.42
C ALA D 522 16.81 -27.54 -18.34
N ALA D 523 17.33 -26.54 -19.04
CA ALA D 523 16.73 -25.22 -19.02
C ALA D 523 16.68 -24.67 -20.43
N ASN D 524 16.21 -23.43 -20.54
CA ASN D 524 16.09 -22.75 -21.82
C ASN D 524 16.62 -21.33 -21.74
N ASP D 541 19.22 -12.65 -11.14
CA ASP D 541 19.77 -13.47 -10.08
C ASP D 541 19.86 -14.92 -10.50
N PHE D 542 19.37 -15.21 -11.70
CA PHE D 542 19.39 -16.57 -12.22
C PHE D 542 20.75 -16.88 -12.84
N GLN D 543 21.47 -15.82 -13.22
CA GLN D 543 22.79 -15.94 -13.86
C GLN D 543 23.85 -16.54 -12.95
N THR D 544 23.83 -16.17 -11.66
CA THR D 544 24.81 -16.72 -10.74
C THR D 544 24.47 -18.16 -10.33
N THR D 545 23.19 -18.53 -10.30
CA THR D 545 22.84 -19.90 -9.91
C THR D 545 23.00 -20.82 -11.12
N ILE D 546 23.07 -20.29 -12.34
CA ILE D 546 23.28 -21.15 -13.50
C ILE D 546 24.80 -21.28 -13.66
N LEU D 547 25.52 -20.17 -13.64
CA LEU D 547 26.96 -20.19 -13.85
C LEU D 547 27.85 -20.54 -12.65
N SER D 548 27.30 -20.69 -11.44
CA SER D 548 28.16 -21.00 -10.31
C SER D 548 27.85 -22.32 -9.64
N ARG D 549 26.57 -22.67 -9.54
CA ARG D 549 26.18 -23.91 -8.88
C ARG D 549 26.19 -25.13 -9.79
N PHE D 550 26.53 -24.96 -11.04
CA PHE D 550 26.59 -26.06 -11.99
C PHE D 550 28.03 -26.24 -12.47
N ASP D 551 28.50 -27.48 -12.47
CA ASP D 551 29.87 -27.74 -12.89
C ASP D 551 29.96 -27.85 -14.41
N MET D 552 28.89 -28.31 -15.06
CA MET D 552 28.87 -28.45 -16.50
C MET D 552 27.62 -27.82 -17.11
N ILE D 553 27.83 -26.94 -18.08
CA ILE D 553 26.73 -26.26 -18.75
C ILE D 553 26.86 -26.53 -20.24
N SER D 595 24.32 -55.52 -21.49
CA SER D 595 22.92 -55.14 -21.41
C SER D 595 22.73 -53.90 -20.55
N ILE D 596 21.48 -53.64 -20.17
CA ILE D 596 21.15 -52.48 -19.35
C ILE D 596 21.13 -52.90 -17.87
N GLU D 597 20.71 -54.15 -17.61
CA GLU D 597 20.64 -54.66 -16.25
C GLU D 597 22.04 -54.95 -15.74
N LYS D 598 22.93 -55.41 -16.64
CA LYS D 598 24.32 -55.69 -16.29
C LYS D 598 25.07 -54.39 -16.05
N MET D 599 24.69 -53.33 -16.78
CA MET D 599 25.31 -52.01 -16.63
C MET D 599 24.88 -51.41 -15.29
N LYS D 600 23.61 -51.59 -14.93
CA LYS D 600 23.08 -51.10 -13.65
C LYS D 600 23.69 -51.87 -12.48
N ARG D 601 23.91 -53.18 -12.67
CA ARG D 601 24.53 -54.02 -11.64
C ARG D 601 25.99 -53.66 -11.43
N TYR D 602 26.71 -53.35 -12.53
CA TYR D 602 28.11 -52.94 -12.44
C TYR D 602 28.24 -51.56 -11.81
N ILE D 603 27.25 -50.68 -12.08
CA ILE D 603 27.22 -49.33 -11.50
C ILE D 603 26.98 -49.39 -9.99
N THR D 604 26.06 -50.28 -9.56
CA THR D 604 25.81 -50.46 -8.12
C THR D 604 26.97 -51.12 -7.38
N TYR D 605 27.62 -52.09 -8.03
CA TYR D 605 28.78 -52.77 -7.44
C TYR D 605 29.98 -51.83 -7.37
N CYS D 606 30.09 -50.91 -8.33
CA CYS D 606 31.18 -49.95 -8.32
C CYS D 606 30.91 -48.84 -7.32
N ARG D 607 29.64 -48.47 -7.12
CA ARG D 607 29.31 -47.42 -6.17
C ARG D 607 29.42 -47.90 -4.73
N LEU D 608 29.25 -49.21 -4.51
CA LEU D 608 29.39 -49.69 -3.15
C LEU D 608 30.77 -50.25 -2.83
N LYS D 609 31.40 -50.93 -3.80
CA LYS D 609 32.70 -51.56 -3.56
C LYS D 609 33.93 -50.66 -3.46
N CYS D 610 34.26 -49.93 -4.51
CA CYS D 610 35.48 -49.13 -4.51
C CYS D 610 35.43 -47.72 -3.95
N ALA D 611 36.60 -47.21 -3.60
CA ALA D 611 36.84 -45.87 -3.08
C ALA D 611 38.20 -45.48 -3.65
N PRO D 612 38.23 -44.87 -4.85
CA PRO D 612 39.52 -44.55 -5.47
C PRO D 612 40.27 -43.35 -4.90
N ARG D 613 41.42 -43.09 -5.50
CA ARG D 613 42.29 -41.99 -5.11
C ARG D 613 42.96 -41.45 -6.36
N LEU D 614 43.96 -40.59 -6.17
CA LEU D 614 44.67 -39.98 -7.28
C LEU D 614 46.18 -40.00 -7.05
N SER D 615 46.91 -40.16 -8.16
CA SER D 615 48.35 -40.17 -8.12
C SER D 615 48.88 -38.75 -8.37
N PRO D 616 50.03 -38.38 -7.80
CA PRO D 616 50.58 -37.03 -8.03
C PRO D 616 51.13 -36.82 -9.43
N GLN D 617 51.48 -37.91 -10.13
CA GLN D 617 51.99 -37.90 -11.48
C GLN D 617 50.93 -37.39 -12.45
N ALA D 618 49.67 -37.74 -12.19
CA ALA D 618 48.60 -37.23 -13.02
C ALA D 618 48.01 -35.95 -12.42
N ALA D 619 48.42 -35.60 -11.19
CA ALA D 619 47.88 -34.39 -10.57
C ALA D 619 48.70 -33.16 -10.95
N GLU D 620 49.95 -33.38 -11.40
CA GLU D 620 50.79 -32.25 -11.80
C GLU D 620 50.31 -31.64 -13.13
N LYS D 621 49.63 -32.45 -13.96
CA LYS D 621 49.08 -31.98 -15.24
C LYS D 621 47.88 -31.10 -14.95
N LEU D 622 47.13 -31.43 -13.88
CA LEU D 622 45.98 -30.64 -13.43
C LEU D 622 46.44 -29.31 -12.87
N SER D 623 47.57 -29.33 -12.15
CA SER D 623 48.15 -28.10 -11.60
C SER D 623 48.66 -27.18 -12.71
N SER D 624 49.28 -27.77 -13.74
CA SER D 624 49.78 -27.01 -14.88
C SER D 624 48.64 -26.45 -15.73
N ASN D 625 47.52 -27.20 -15.80
CA ASN D 625 46.34 -26.76 -16.54
C ASN D 625 45.67 -25.60 -15.83
N PHE D 626 45.64 -25.66 -14.48
CA PHE D 626 45.04 -24.60 -13.68
C PHE D 626 45.86 -23.30 -13.74
N VAL D 627 47.20 -23.43 -13.71
CA VAL D 627 48.12 -22.30 -13.79
C VAL D 627 48.00 -21.64 -15.18
N THR D 628 47.92 -22.45 -16.25
CA THR D 628 47.75 -21.88 -17.58
C THR D 628 46.39 -21.25 -17.86
N ILE D 629 45.31 -21.81 -17.29
CA ILE D 629 44.00 -21.20 -17.51
C ILE D 629 43.84 -19.93 -16.66
N ARG D 630 44.53 -19.86 -15.50
CA ARG D 630 44.47 -18.65 -14.70
C ARG D 630 45.37 -17.57 -15.27
N LYS D 631 46.40 -17.98 -16.02
CA LYS D 631 47.28 -17.00 -16.63
C LYS D 631 46.72 -16.54 -17.97
N GLN D 632 45.83 -17.34 -18.57
CA GLN D 632 45.28 -16.94 -19.87
C GLN D 632 43.94 -16.23 -19.84
N LEU D 633 43.07 -16.53 -18.87
CA LEU D 633 41.78 -15.83 -18.85
C LEU D 633 41.83 -14.52 -18.07
N LEU D 634 43.00 -14.19 -17.51
CA LEU D 634 43.14 -12.94 -16.77
C LEU D 634 43.23 -11.74 -17.70
N ILE D 635 43.60 -11.98 -18.97
CA ILE D 635 43.69 -10.94 -20.01
C ILE D 635 42.26 -10.54 -20.33
N ASN D 636 41.36 -11.52 -20.44
CA ASN D 636 39.96 -11.27 -20.71
C ASN D 636 39.26 -10.71 -19.47
N GLU D 637 39.77 -11.03 -18.28
CA GLU D 637 39.13 -10.54 -17.08
C GLU D 637 39.57 -9.17 -16.58
N LEU D 638 40.77 -8.69 -16.96
CA LEU D 638 41.17 -7.38 -16.47
C LEU D 638 40.72 -6.33 -17.50
N GLU D 639 40.24 -6.77 -18.67
CA GLU D 639 39.75 -5.97 -19.79
C GLU D 639 38.25 -5.55 -19.69
N SER D 640 37.74 -5.65 -18.44
CA SER D 640 36.37 -5.31 -18.03
C SER D 640 35.26 -6.02 -18.81
N THR D 641 35.49 -7.28 -19.15
CA THR D 641 34.49 -8.03 -19.89
C THR D 641 33.43 -8.53 -18.92
N GLU D 642 33.86 -8.82 -17.67
CA GLU D 642 33.05 -9.30 -16.53
C GLU D 642 32.20 -10.54 -16.78
N ARG D 643 32.71 -11.43 -17.63
CA ARG D 643 32.13 -12.72 -18.07
C ARG D 643 30.71 -12.58 -18.65
N PRO D 647 33.10 -18.59 -12.89
CA PRO D 647 34.40 -18.35 -13.52
C PRO D 647 35.47 -19.33 -13.05
N ILE D 648 36.70 -18.85 -12.88
CA ILE D 648 37.79 -19.70 -12.43
C ILE D 648 37.81 -19.78 -10.92
N THR D 649 37.62 -20.98 -10.38
CA THR D 649 37.63 -21.21 -8.95
C THR D 649 38.32 -22.51 -8.62
N ILE D 650 38.39 -22.82 -7.32
CA ILE D 650 39.00 -24.06 -6.89
C ILE D 650 37.90 -25.10 -6.85
N ARG D 651 36.63 -24.66 -6.89
CA ARG D 651 35.49 -25.57 -6.91
C ARG D 651 35.42 -26.28 -8.26
N GLN D 652 35.83 -25.60 -9.32
CA GLN D 652 35.87 -26.19 -10.65
C GLN D 652 37.02 -27.18 -10.73
N LEU D 653 38.10 -26.92 -9.99
CA LEU D 653 39.25 -27.82 -9.93
C LEU D 653 38.88 -29.07 -9.14
N GLU D 654 38.04 -28.90 -8.11
CA GLU D 654 37.56 -30.02 -7.30
C GLU D 654 36.55 -30.83 -8.13
N ALA D 655 35.81 -30.16 -9.01
CA ALA D 655 34.88 -30.84 -9.91
C ALA D 655 35.64 -31.63 -10.98
N ILE D 656 36.80 -31.09 -11.39
CA ILE D 656 37.69 -31.73 -12.37
C ILE D 656 38.24 -33.01 -11.74
N ILE D 657 38.61 -32.92 -10.46
CA ILE D 657 39.10 -34.05 -9.64
C ILE D 657 38.02 -35.12 -9.48
N ARG D 658 36.77 -34.72 -9.25
CA ARG D 658 35.63 -35.63 -9.15
C ARG D 658 35.30 -36.29 -10.50
N ILE D 659 35.49 -35.55 -11.60
CA ILE D 659 35.27 -36.04 -12.96
C ILE D 659 36.33 -37.10 -13.29
N THR D 660 37.59 -36.86 -12.88
CA THR D 660 38.67 -37.82 -13.08
C THR D 660 38.48 -39.07 -12.24
N GLU D 661 37.93 -38.90 -11.03
CA GLU D 661 37.63 -40.02 -10.14
C GLU D 661 36.50 -40.87 -10.70
N SER D 662 35.53 -40.23 -11.35
CA SER D 662 34.43 -40.95 -11.99
C SER D 662 34.90 -41.68 -13.24
N LEU D 663 35.82 -41.05 -13.98
CA LEU D 663 36.32 -41.68 -15.21
C LEU D 663 37.28 -42.81 -14.89
N ALA D 664 38.01 -42.70 -13.78
CA ALA D 664 38.90 -43.77 -13.39
C ALA D 664 38.15 -44.83 -12.60
N LYS D 665 36.94 -44.50 -12.13
CA LYS D 665 36.14 -45.44 -11.39
C LYS D 665 35.35 -46.35 -12.32
N LEU D 666 35.03 -45.89 -13.54
CA LEU D 666 34.25 -46.69 -14.50
C LEU D 666 34.93 -47.96 -15.04
N GLU D 667 36.24 -48.08 -14.87
CA GLU D 667 36.96 -49.27 -15.31
C GLU D 667 37.23 -50.14 -14.09
N LEU D 668 36.63 -49.78 -12.94
CA LEU D 668 36.71 -50.42 -11.62
C LEU D 668 38.17 -50.50 -11.12
N SER D 669 38.78 -49.32 -11.06
CA SER D 669 40.16 -49.19 -10.62
C SER D 669 40.29 -48.14 -9.52
N PRO D 670 41.10 -48.40 -8.49
CA PRO D 670 41.27 -47.39 -7.43
C PRO D 670 42.32 -46.35 -7.72
N ILE D 671 43.01 -46.44 -8.86
CA ILE D 671 44.05 -45.48 -9.23
C ILE D 671 43.68 -44.71 -10.49
N ALA D 672 44.27 -43.53 -10.62
CA ALA D 672 44.02 -42.66 -11.76
C ALA D 672 45.32 -42.33 -12.46
N GLN D 673 45.23 -42.17 -13.78
CA GLN D 673 46.40 -41.85 -14.61
C GLN D 673 46.10 -40.71 -15.55
N GLU D 674 47.01 -40.44 -16.49
CA GLU D 674 46.84 -39.35 -17.45
C GLU D 674 45.79 -39.63 -18.52
N ARG D 675 45.45 -40.91 -18.69
CA ARG D 675 44.45 -41.38 -19.67
C ARG D 675 43.06 -40.85 -19.39
N HIS D 676 42.74 -40.61 -18.12
CA HIS D 676 41.44 -40.07 -17.76
C HIS D 676 41.49 -38.55 -17.67
N VAL D 677 42.65 -37.97 -17.29
CA VAL D 677 42.71 -36.51 -17.18
C VAL D 677 42.79 -35.82 -18.54
N ASP D 678 43.22 -36.56 -19.59
CA ASP D 678 43.28 -35.97 -20.93
C ASP D 678 41.89 -35.89 -21.54
N GLU D 679 40.96 -36.68 -21.03
CA GLU D 679 39.58 -36.63 -21.50
C GLU D 679 38.83 -35.67 -20.60
N ALA D 680 39.28 -35.54 -19.33
CA ALA D 680 38.63 -34.64 -18.38
C ALA D 680 38.85 -33.16 -18.71
N ILE D 681 40.05 -32.80 -19.18
CA ILE D 681 40.34 -31.41 -19.55
C ILE D 681 39.57 -31.09 -20.85
N ARG D 682 39.40 -32.10 -21.72
CA ARG D 682 38.64 -31.95 -22.97
C ARG D 682 37.15 -31.83 -22.65
N LEU D 683 36.71 -32.44 -21.55
CA LEU D 683 35.31 -32.33 -21.14
C LEU D 683 35.08 -30.96 -20.52
N PHE D 684 36.06 -30.47 -19.77
CA PHE D 684 35.94 -29.18 -19.09
C PHE D 684 36.06 -27.96 -20.01
N GLN D 685 36.81 -28.10 -21.11
CA GLN D 685 37.01 -26.97 -22.02
C GLN D 685 35.75 -26.57 -22.79
N ALA D 686 34.82 -27.52 -23.02
CA ALA D 686 33.56 -27.21 -23.69
C ALA D 686 32.64 -26.42 -22.76
N SER D 687 32.72 -26.71 -21.46
CA SER D 687 31.93 -26.01 -20.45
C SER D 687 32.48 -24.60 -20.28
N THR D 688 33.80 -24.44 -20.39
CA THR D 688 34.38 -23.09 -20.29
C THR D 688 34.11 -22.26 -21.54
N MET D 689 34.01 -22.93 -22.70
CA MET D 689 33.69 -22.23 -23.95
C MET D 689 32.22 -21.83 -23.95
N ASP D 690 31.37 -22.62 -23.30
CA ASP D 690 29.96 -22.29 -23.19
C ASP D 690 29.75 -21.19 -22.15
N ALA D 691 30.60 -21.17 -21.11
CA ALA D 691 30.48 -20.15 -20.07
C ALA D 691 31.03 -18.82 -20.54
N ALA D 692 32.03 -18.85 -21.44
CA ALA D 692 32.60 -17.61 -21.95
C ALA D 692 31.68 -16.97 -22.98
N SER D 693 30.89 -17.77 -23.67
CA SER D 693 29.97 -17.26 -24.68
C SER D 693 28.73 -18.13 -24.78
N SER D 707 34.14 -1.30 -11.75
CA SER D 707 33.44 -0.71 -10.62
C SER D 707 33.75 0.76 -10.48
N LEU D 708 34.99 1.16 -10.74
CA LEU D 708 35.31 2.57 -10.69
C LEU D 708 34.54 3.34 -11.75
N SER D 709 34.34 2.73 -12.91
CA SER D 709 33.62 3.41 -13.97
C SER D 709 32.13 3.42 -13.70
N GLU D 710 31.56 2.26 -13.42
CA GLU D 710 30.12 2.19 -13.21
C GLU D 710 29.72 2.96 -11.97
N ILE D 711 30.53 2.87 -10.92
CA ILE D 711 30.24 3.60 -9.70
C ILE D 711 30.60 5.07 -9.85
N ARG D 712 31.58 5.37 -10.71
CA ARG D 712 31.83 6.76 -11.04
C ARG D 712 30.61 7.37 -11.70
N ARG D 713 30.07 6.66 -12.68
CA ARG D 713 28.82 7.05 -13.31
C ARG D 713 27.73 7.22 -12.26
N PHE D 714 27.32 6.11 -11.64
CA PHE D 714 26.17 6.12 -10.74
C PHE D 714 26.36 7.07 -9.59
N GLU D 715 27.46 6.92 -8.86
CA GLU D 715 27.72 7.77 -7.71
C GLU D 715 27.80 9.23 -8.10
N GLN D 716 28.61 9.57 -9.09
CA GLN D 716 28.72 10.97 -9.49
C GLN D 716 27.36 11.53 -9.87
N GLU D 717 26.55 10.70 -10.53
CA GLU D 717 25.20 11.06 -10.92
C GLU D 717 24.37 11.46 -9.72
N LEU D 718 24.14 10.49 -8.83
CA LEU D 718 23.41 10.78 -7.60
C LEU D 718 23.97 12.02 -6.93
N LYS D 719 25.25 11.94 -6.57
CA LYS D 719 25.89 12.93 -5.73
C LYS D 719 25.80 14.33 -6.30
N ARG D 720 26.29 14.53 -7.52
CA ARG D 720 26.41 15.87 -8.07
C ARG D 720 25.26 16.27 -8.98
N ARG D 721 24.22 15.45 -9.11
CA ARG D 721 23.15 15.73 -10.06
C ARG D 721 21.80 16.05 -9.43
N LEU D 722 21.17 15.10 -8.77
CA LEU D 722 19.89 15.36 -8.14
C LEU D 722 19.85 14.73 -6.75
N PRO D 723 20.22 15.46 -5.70
CA PRO D 723 20.26 14.84 -4.37
C PRO D 723 18.92 14.31 -3.90
N ILE D 724 17.85 15.09 -4.06
CA ILE D 724 16.53 14.54 -3.83
C ILE D 724 16.32 13.31 -4.69
N GLY D 725 16.97 13.28 -5.84
CA GLY D 725 16.83 12.19 -6.78
C GLY D 725 15.60 12.38 -7.61
N TRP D 726 14.64 13.17 -7.12
CA TRP D 726 13.44 13.42 -7.88
C TRP D 726 13.82 14.03 -9.22
N SER D 727 13.03 13.68 -10.24
CA SER D 727 13.26 14.06 -11.63
C SER D 727 14.43 13.33 -12.25
N THR D 728 15.24 12.63 -11.45
CA THR D 728 16.46 12.01 -11.99
C THR D 728 16.34 10.49 -12.22
N SER D 729 15.16 9.88 -12.04
CA SER D 729 15.06 8.41 -12.06
C SER D 729 14.97 7.82 -13.46
N TYR D 730 14.50 6.56 -13.56
CA TYR D 730 14.88 5.58 -14.60
C TYR D 730 14.88 6.23 -15.96
N GLN D 731 14.06 7.25 -16.09
CA GLN D 731 14.14 8.10 -17.25
C GLN D 731 15.50 8.77 -17.36
N THR D 732 15.92 9.51 -16.34
CA THR D 732 17.09 10.36 -16.53
C THR D 732 18.35 9.53 -16.75
N LEU D 733 18.53 8.47 -15.96
CA LEU D 733 19.61 7.55 -16.26
C LEU D 733 19.43 6.96 -17.65
N ARG D 734 18.20 6.65 -18.02
CA ARG D 734 17.97 6.17 -19.37
C ARG D 734 18.46 7.18 -20.40
N ARG D 735 18.35 8.46 -20.08
CA ARG D 735 18.83 9.48 -21.00
C ARG D 735 20.34 9.52 -21.01
N GLU D 736 20.93 9.74 -19.84
CA GLU D 736 22.37 9.89 -19.73
C GLU D 736 23.07 8.68 -20.32
N PHE D 737 22.76 7.52 -19.78
CA PHE D 737 23.34 6.28 -20.27
C PHE D 737 22.93 6.00 -21.69
N VAL D 738 21.66 6.24 -22.01
CA VAL D 738 21.27 6.18 -23.41
C VAL D 738 22.15 7.12 -24.22
N ASP D 739 22.28 8.36 -23.78
CA ASP D 739 23.10 9.31 -24.49
C ASP D 739 24.60 9.08 -24.30
N THR D 740 25.00 8.25 -23.35
CA THR D 740 26.40 7.86 -23.22
C THR D 740 26.67 6.50 -23.84
N HIS D 741 25.64 5.87 -24.40
CA HIS D 741 25.73 4.62 -25.16
C HIS D 741 26.34 3.47 -24.35
N ARG D 742 26.35 3.58 -23.03
CA ARG D 742 26.81 2.50 -22.16
C ARG D 742 25.71 1.71 -21.49
N PHE D 743 24.45 2.09 -21.66
CA PHE D 743 23.38 1.44 -20.93
C PHE D 743 23.09 0.08 -21.53
N SER D 744 23.08 -0.93 -20.68
CA SER D 744 22.29 -2.11 -20.91
C SER D 744 21.39 -2.25 -19.70
N GLN D 745 20.12 -2.56 -19.95
CA GLN D 745 19.18 -2.69 -18.85
C GLN D 745 19.74 -3.58 -17.76
N LEU D 746 20.31 -4.71 -18.16
CA LEU D 746 21.01 -5.56 -17.20
C LEU D 746 22.17 -4.82 -16.56
N ALA D 747 22.91 -4.03 -17.33
CA ALA D 747 24.00 -3.26 -16.76
C ALA D 747 23.49 -2.15 -15.87
N LEU D 748 22.43 -1.47 -16.32
CA LEU D 748 21.82 -0.44 -15.50
C LEU D 748 21.39 -1.01 -14.16
N ASP D 749 20.41 -1.90 -14.17
CA ASP D 749 19.93 -2.52 -12.95
C ASP D 749 21.04 -3.24 -12.19
N LYS D 750 22.13 -3.57 -12.87
CA LYS D 750 23.26 -4.18 -12.18
C LYS D 750 24.03 -3.19 -11.36
N ALA D 751 24.38 -2.03 -11.95
CA ALA D 751 25.02 -0.98 -11.17
C ALA D 751 24.11 -0.50 -10.05
N LEU D 752 22.82 -0.41 -10.33
CA LEU D 752 21.86 0.06 -9.33
C LEU D 752 21.74 -0.93 -8.17
N TYR D 753 21.39 -2.17 -8.49
CA TYR D 753 21.34 -3.20 -7.46
C TYR D 753 22.63 -3.25 -6.69
N ALA D 754 23.74 -2.97 -7.35
CA ALA D 754 24.98 -2.79 -6.63
C ALA D 754 24.91 -1.61 -5.66
N LEU D 755 24.23 -0.53 -6.03
CA LEU D 755 24.19 0.64 -5.15
C LEU D 755 23.26 0.47 -3.97
N GLU D 756 22.04 0.01 -4.20
CA GLU D 756 21.20 -0.41 -3.10
C GLU D 756 21.93 -1.45 -2.27
N LYS D 757 22.69 -2.32 -2.93
CA LYS D 757 23.34 -3.45 -2.29
C LYS D 757 24.65 -3.08 -1.63
N HIS D 758 25.26 -1.99 -2.06
CA HIS D 758 26.45 -1.48 -1.37
C HIS D 758 25.92 -0.67 -0.20
N GLU D 759 24.61 -0.80 -0.01
CA GLU D 759 23.80 0.05 0.85
C GLU D 759 24.22 1.46 0.60
N THR D 760 24.04 1.92 -0.63
CA THR D 760 23.81 3.34 -0.70
C THR D 760 22.39 3.41 -0.17
N ILE D 761 22.29 3.95 1.04
CA ILE D 761 20.98 4.03 1.67
C ILE D 761 20.24 5.18 1.06
N GLN D 762 20.96 6.09 0.43
CA GLN D 762 20.33 6.95 -0.54
C GLN D 762 19.84 6.12 -1.72
N LEU D 763 20.62 5.12 -2.15
CA LEU D 763 20.12 4.25 -3.21
C LEU D 763 19.03 3.36 -2.71
N ARG D 764 19.11 2.94 -1.46
CA ARG D 764 17.92 2.41 -0.81
C ARG D 764 16.76 3.39 -0.97
N HIS D 765 16.97 4.66 -0.62
CA HIS D 765 15.88 5.63 -0.55
C HIS D 765 15.29 5.88 -1.93
N GLN D 766 16.15 6.05 -2.92
CA GLN D 766 15.71 6.31 -4.27
C GLN D 766 14.94 5.11 -4.82
N GLY D 767 15.48 3.91 -4.62
CA GLY D 767 14.72 2.72 -4.96
C GLY D 767 13.33 2.77 -4.38
N GLN D 768 13.24 3.12 -3.10
CA GLN D 768 11.94 3.21 -2.44
C GLN D 768 11.01 4.20 -3.11
N ASN D 769 11.56 5.27 -3.67
CA ASN D 769 10.71 6.32 -4.18
C ASN D 769 10.84 6.42 -5.69
N ILE D 770 11.97 6.98 -6.12
CA ILE D 770 12.10 7.46 -7.49
C ILE D 770 11.92 6.32 -8.49
N TYR D 771 12.20 5.10 -8.08
CA TYR D 771 12.22 3.97 -9.01
C TYR D 771 10.89 3.80 -9.71
N ARG D 772 9.87 3.40 -8.96
CA ARG D 772 8.52 3.36 -9.48
C ARG D 772 7.89 4.73 -9.43
N SER D 773 8.57 5.72 -8.85
CA SER D 773 8.26 7.09 -9.23
C SER D 773 8.73 7.36 -10.65
N GLY D 774 9.73 6.61 -11.12
CA GLY D 774 10.01 6.45 -12.53
C GLY D 774 11.00 7.42 -13.17
N VAL D 775 11.15 8.61 -12.60
CA VAL D 775 11.97 9.65 -13.21
C VAL D 775 12.32 10.72 -12.18
N LEU E 177 -59.28 9.32 31.65
CA LEU E 177 -57.92 9.80 31.77
C LEU E 177 -56.97 8.76 31.17
N ARG E 178 -56.54 9.01 29.94
CA ARG E 178 -55.65 8.12 29.22
C ARG E 178 -54.20 8.55 29.39
N ILE E 179 -53.38 7.64 29.91
CA ILE E 179 -51.97 7.91 30.18
C ILE E 179 -51.11 6.89 29.45
N ILE E 180 -50.21 7.36 28.60
CA ILE E 180 -49.29 6.49 27.86
C ILE E 180 -48.18 6.14 28.85
N TRP E 181 -47.60 4.94 28.69
CA TRP E 181 -46.55 4.46 29.58
C TRP E 181 -45.24 5.25 29.41
N GLY E 182 -44.83 5.92 30.49
CA GLY E 182 -43.65 6.73 30.48
C GLY E 182 -43.87 8.10 29.88
N THR E 183 -45.12 8.49 29.69
CA THR E 183 -45.46 9.78 29.10
C THR E 183 -46.55 10.43 29.92
N ASN E 184 -46.40 11.73 30.16
CA ASN E 184 -47.38 12.49 30.94
C ASN E 184 -48.31 13.28 30.02
N VAL E 185 -48.56 12.77 28.81
CA VAL E 185 -49.40 13.43 27.83
C VAL E 185 -50.72 12.72 27.61
N SER E 186 -51.82 13.40 27.92
CA SER E 186 -53.16 12.89 27.70
C SER E 186 -53.58 13.38 26.33
N ILE E 187 -54.31 12.56 25.58
CA ILE E 187 -54.70 12.92 24.22
C ILE E 187 -55.78 13.99 24.10
N GLN E 188 -56.95 13.73 24.69
CA GLN E 188 -58.09 14.65 24.59
C GLN E 188 -57.92 16.00 25.27
N GLU E 189 -57.23 16.04 26.42
CA GLU E 189 -57.01 17.30 27.14
C GLU E 189 -56.03 18.20 26.40
N CYS E 190 -54.98 17.61 25.82
CA CYS E 190 -54.00 18.39 25.06
C CYS E 190 -54.61 18.79 23.73
N THR E 191 -55.53 17.95 23.20
CA THR E 191 -56.26 18.22 21.97
C THR E 191 -57.15 19.44 22.13
N THR E 192 -57.89 19.49 23.25
CA THR E 192 -58.76 20.63 23.56
C THR E 192 -57.99 21.91 23.89
N ASN E 193 -56.85 21.83 24.61
CA ASN E 193 -56.12 23.07 24.89
C ASN E 193 -55.33 23.55 23.67
N PHE E 194 -54.98 22.64 22.74
CA PHE E 194 -54.29 23.03 21.51
C PHE E 194 -55.30 23.69 20.60
N ARG E 195 -56.56 23.22 20.63
CA ARG E 195 -57.60 23.85 19.84
C ARG E 195 -58.00 25.19 20.44
N ASN E 196 -57.94 25.31 21.78
CA ASN E 196 -58.27 26.56 22.45
C ASN E 196 -57.19 27.61 22.21
N PHE E 197 -55.94 27.18 22.06
CA PHE E 197 -54.87 28.12 21.77
C PHE E 197 -54.94 28.49 20.30
N LEU E 198 -55.33 27.53 19.45
CA LEU E 198 -55.38 27.78 18.01
C LEU E 198 -56.57 28.63 17.57
N MET E 199 -57.67 28.63 18.32
CA MET E 199 -58.80 29.46 17.93
C MET E 199 -58.71 30.83 18.58
N SER E 200 -57.81 31.01 19.54
CA SER E 200 -57.70 32.30 20.21
C SER E 200 -56.30 32.68 20.64
N PHE E 201 -55.63 33.51 19.83
CA PHE E 201 -54.30 34.01 20.13
C PHE E 201 -54.04 35.31 19.40
N LYS E 202 -53.99 36.42 20.15
CA LYS E 202 -53.75 37.73 19.53
C LYS E 202 -52.61 38.49 20.24
N TYR E 203 -51.38 38.21 19.77
CA TYR E 203 -50.08 38.76 20.23
C TYR E 203 -49.86 38.94 21.74
N LYS E 204 -50.15 37.89 22.52
CA LYS E 204 -49.99 37.91 23.98
C LYS E 204 -48.54 37.99 24.43
N PHE E 205 -47.60 37.53 23.57
CA PHE E 205 -46.17 37.60 23.84
C PHE E 205 -45.67 39.03 23.74
N ARG E 206 -46.40 39.88 23.00
CA ARG E 206 -46.02 41.30 22.92
C ARG E 206 -46.48 42.01 24.19
N LYS E 207 -47.43 41.43 24.92
CA LYS E 207 -47.92 42.05 26.14
C LYS E 207 -47.25 41.57 27.43
N ILE E 208 -47.00 40.27 27.58
CA ILE E 208 -46.42 39.76 28.84
C ILE E 208 -45.08 39.04 28.81
N LEU E 209 -44.41 38.93 27.67
CA LEU E 209 -43.11 38.24 27.68
C LEU E 209 -42.02 39.26 27.97
N ASP E 210 -42.25 40.52 27.64
CA ASP E 210 -41.25 41.55 27.87
C ASP E 210 -42.04 42.84 28.13
N GLU E 211 -41.38 43.99 28.21
CA GLU E 211 -42.06 45.25 28.43
C GLU E 211 -42.24 45.98 27.10
N ARG E 212 -42.17 45.25 25.99
CA ARG E 212 -42.33 45.82 24.67
C ARG E 212 -43.78 45.67 24.19
N ASP E 221 -53.63 46.21 17.55
CA ASP E 221 -53.57 46.40 16.10
C ASP E 221 -54.08 45.18 15.35
N GLU E 222 -53.36 44.07 15.48
CA GLU E 222 -53.76 42.85 14.80
C GLU E 222 -54.91 42.12 15.47
N GLU E 223 -55.40 41.07 14.83
CA GLU E 223 -56.48 40.22 15.30
C GLU E 223 -56.39 38.92 14.52
N LEU E 224 -56.61 37.80 15.25
CA LEU E 224 -56.58 36.41 14.75
C LEU E 224 -55.28 36.03 14.05
N TYR E 225 -54.19 36.00 14.83
CA TYR E 225 -52.84 35.69 14.34
C TYR E 225 -52.65 34.30 13.73
N TYR E 226 -53.44 33.34 14.14
CA TYR E 226 -53.30 32.00 13.59
C TYR E 226 -54.41 31.61 12.63
N ILE E 227 -55.54 32.32 12.67
CA ILE E 227 -56.66 32.01 11.79
C ILE E 227 -56.36 32.52 10.39
N LYS E 228 -55.70 33.68 10.28
CA LYS E 228 -55.36 34.28 8.99
C LYS E 228 -54.29 33.50 8.22
N GLN E 229 -53.27 33.01 8.92
CA GLN E 229 -52.20 32.23 8.29
C GLN E 229 -52.70 30.86 7.83
N LEU E 230 -53.55 30.23 8.65
CA LEU E 230 -54.11 28.92 8.31
C LEU E 230 -55.17 29.05 7.22
N ASN E 231 -55.82 30.21 7.13
CA ASN E 231 -56.82 30.42 6.09
C ASN E 231 -56.14 30.90 4.82
N GLU E 232 -54.88 31.33 4.93
CA GLU E 232 -54.14 31.78 3.77
C GLU E 232 -53.43 30.61 3.08
N MET E 233 -52.78 29.74 3.88
CA MET E 233 -52.02 28.61 3.33
C MET E 233 -52.79 27.49 2.64
N ARG E 234 -54.10 27.43 2.83
CA ARG E 234 -54.88 26.34 2.25
C ARG E 234 -55.20 26.45 0.76
N GLU E 235 -54.89 27.58 0.14
CA GLU E 235 -55.22 27.72 -1.27
C GLU E 235 -54.06 27.44 -2.22
N LEU E 236 -52.83 27.71 -1.81
CA LEU E 236 -51.69 27.49 -2.69
C LEU E 236 -51.14 26.07 -2.60
N GLY E 237 -51.69 25.23 -1.73
CA GLY E 237 -51.23 23.86 -1.64
C GLY E 237 -50.08 23.59 -0.68
N THR E 238 -49.64 24.57 0.10
CA THR E 238 -48.55 24.34 1.03
C THR E 238 -49.05 23.62 2.27
N SER E 239 -48.68 22.35 2.42
CA SER E 239 -49.11 21.54 3.56
C SER E 239 -48.28 21.81 4.81
N ASN E 240 -47.14 22.47 4.69
CA ASN E 240 -46.29 22.73 5.84
C ASN E 240 -46.76 23.90 6.68
N LEU E 241 -46.60 23.78 8.00
CA LEU E 241 -46.99 24.81 8.96
C LEU E 241 -45.82 25.15 9.88
N ASN E 242 -45.36 26.39 9.79
CA ASN E 242 -44.27 26.85 10.64
C ASN E 242 -44.85 27.36 11.96
N LEU E 243 -44.52 26.68 13.06
CA LEU E 243 -45.03 27.04 14.37
C LEU E 243 -43.97 27.61 15.29
N ASP E 244 -44.29 28.71 15.96
CA ASP E 244 -43.40 29.34 16.92
C ASP E 244 -43.74 28.84 18.32
N ALA E 245 -42.79 28.17 18.97
CA ALA E 245 -43.04 27.62 20.30
C ALA E 245 -43.05 28.70 21.38
N ARG E 246 -42.40 29.83 21.13
CA ARG E 246 -42.37 30.91 22.12
C ARG E 246 -43.77 31.45 22.40
N ASN E 247 -44.65 31.45 21.38
CA ASN E 247 -46.04 31.88 21.52
C ASN E 247 -46.82 30.89 22.37
N LEU E 248 -46.41 29.62 22.35
CA LEU E 248 -47.03 28.60 23.17
C LEU E 248 -46.48 28.77 24.58
N LEU E 249 -45.31 29.41 24.70
CA LEU E 249 -44.70 29.60 26.00
C LEU E 249 -45.34 30.77 26.75
N ALA E 250 -45.60 31.87 26.04
CA ALA E 250 -46.18 33.03 26.69
C ALA E 250 -47.69 32.92 26.89
N TYR E 251 -48.34 31.93 26.28
CA TYR E 251 -49.79 31.82 26.42
C TYR E 251 -50.22 31.24 27.77
N LYS E 252 -51.27 31.85 28.33
CA LYS E 252 -51.90 31.54 29.61
C LYS E 252 -52.41 30.11 29.78
N GLN E 253 -52.85 29.47 28.70
CA GLN E 253 -53.40 28.13 28.79
C GLN E 253 -52.44 27.03 28.37
N THR E 254 -51.47 27.33 27.50
CA THR E 254 -50.58 26.27 27.03
C THR E 254 -49.16 26.20 27.61
N GLU E 255 -49.00 26.46 28.91
CA GLU E 255 -47.69 26.32 29.52
C GLU E 255 -47.38 24.86 29.80
N ASP E 256 -48.42 24.02 29.86
CA ASP E 256 -48.30 22.60 30.10
C ASP E 256 -48.08 21.86 28.79
N LEU E 257 -48.14 22.55 27.65
CA LEU E 257 -47.93 21.92 26.37
C LEU E 257 -46.48 22.10 25.94
N TYR E 258 -45.89 23.26 26.27
CA TYR E 258 -44.49 23.55 25.93
C TYR E 258 -43.56 22.73 26.80
N HIS E 259 -44.00 22.39 28.01
CA HIS E 259 -43.23 21.56 28.91
C HIS E 259 -43.50 20.08 28.67
N GLN E 260 -44.31 19.74 27.67
CA GLN E 260 -44.63 18.37 27.33
C GLN E 260 -44.06 18.02 25.95
N LEU E 261 -43.82 19.02 25.09
CA LEU E 261 -43.29 18.70 23.78
C LEU E 261 -41.77 18.71 23.72
N LEU E 262 -41.10 19.15 24.80
CA LEU E 262 -39.64 19.19 24.75
C LEU E 262 -39.07 17.82 25.07
N ASN E 263 -39.82 16.98 25.77
CA ASN E 263 -39.34 15.65 26.11
C ASN E 263 -39.89 14.58 25.18
N TYR E 264 -41.09 14.77 24.63
CA TYR E 264 -41.66 13.78 23.73
C TYR E 264 -42.15 14.43 22.45
N PRO E 265 -41.28 14.67 21.46
CA PRO E 265 -41.77 15.29 20.22
C PRO E 265 -42.44 14.34 19.24
N GLN E 266 -42.03 13.06 19.24
CA GLN E 266 -42.56 12.05 18.32
C GLN E 266 -44.04 11.74 18.56
N GLU E 267 -44.50 11.84 19.80
CA GLU E 267 -45.90 11.57 20.07
C GLU E 267 -46.74 12.81 19.82
N VAL E 268 -46.22 13.99 20.18
CA VAL E 268 -47.01 15.21 20.00
C VAL E 268 -47.12 15.65 18.54
N ILE E 269 -46.14 15.29 17.69
CA ILE E 269 -46.19 15.64 16.27
C ILE E 269 -47.23 14.74 15.60
N SER E 270 -47.26 13.47 16.01
CA SER E 270 -48.21 12.48 15.50
C SER E 270 -49.65 12.79 15.90
N ILE E 271 -49.85 13.39 17.09
CA ILE E 271 -51.23 13.72 17.46
C ILE E 271 -51.56 15.14 16.97
N MET E 272 -50.55 15.96 16.66
CA MET E 272 -50.79 17.30 16.12
C MET E 272 -51.25 17.20 14.69
N ASP E 273 -50.79 16.15 13.98
CA ASP E 273 -51.20 15.88 12.60
C ASP E 273 -52.69 15.52 12.50
N GLN E 274 -53.25 14.95 13.57
CA GLN E 274 -54.67 14.62 13.60
C GLN E 274 -55.48 15.83 14.02
N THR E 275 -54.99 16.57 15.04
CA THR E 275 -55.73 17.76 15.50
C THR E 275 -55.76 18.95 14.55
N ILE E 276 -54.73 19.10 13.72
CA ILE E 276 -54.68 20.19 12.74
C ILE E 276 -55.68 19.88 11.63
N LYS E 277 -55.81 18.59 11.27
CA LYS E 277 -56.79 18.16 10.27
C LYS E 277 -58.21 18.28 10.80
N ASP E 278 -58.38 18.03 12.11
CA ASP E 278 -59.70 18.16 12.74
C ASP E 278 -60.14 19.63 12.88
N CYS E 279 -59.22 20.53 13.23
CA CYS E 279 -59.58 21.94 13.35
C CYS E 279 -59.74 22.56 11.96
N MET E 280 -59.05 22.01 10.94
CA MET E 280 -59.22 22.52 9.59
C MET E 280 -60.57 22.08 9.02
N VAL E 281 -61.02 20.87 9.33
CA VAL E 281 -62.33 20.43 8.82
C VAL E 281 -63.45 21.11 9.64
N SER E 282 -63.14 21.60 10.86
CA SER E 282 -64.10 22.36 11.64
C SER E 282 -64.21 23.75 11.01
N LEU E 283 -63.11 24.24 10.42
CA LEU E 283 -63.16 25.52 9.73
C LEU E 283 -63.86 25.38 8.38
N ILE E 284 -63.78 24.19 7.79
CA ILE E 284 -64.45 23.93 6.51
C ILE E 284 -65.96 23.88 6.69
N VAL E 285 -66.42 23.20 7.75
CA VAL E 285 -67.86 23.07 8.01
C VAL E 285 -68.53 24.36 8.51
N ASP E 292 -63.76 20.98 -1.60
CA ASP E 292 -62.39 20.98 -1.10
C ASP E 292 -62.19 19.80 -0.17
N LEU E 293 -63.29 19.13 0.20
CA LEU E 293 -63.21 17.99 1.10
C LEU E 293 -62.78 16.71 0.40
N ASP E 294 -62.76 16.71 -0.94
CA ASP E 294 -62.37 15.55 -1.72
C ASP E 294 -60.87 15.29 -1.70
N GLU E 295 -60.07 16.27 -1.30
CA GLU E 295 -58.63 16.10 -1.28
C GLU E 295 -58.04 16.21 0.11
N ILE E 296 -58.69 16.94 1.02
CA ILE E 296 -58.16 17.11 2.37
C ILE E 296 -58.50 15.95 3.29
N GLU E 297 -59.33 15.01 2.83
CA GLU E 297 -59.70 13.87 3.64
C GLU E 297 -58.56 12.86 3.71
N THR E 298 -57.73 12.82 2.67
CA THR E 298 -56.60 11.90 2.62
C THR E 298 -55.27 12.63 2.71
N LYS E 299 -55.29 13.96 2.70
CA LYS E 299 -54.05 14.71 2.77
C LYS E 299 -53.51 14.76 4.20
N PHE E 300 -52.20 14.86 4.32
CA PHE E 300 -51.53 14.91 5.60
C PHE E 300 -50.82 16.23 5.76
N TYR E 301 -50.84 16.76 6.99
CA TYR E 301 -50.24 18.04 7.32
C TYR E 301 -49.35 17.84 8.54
N LYS E 302 -48.22 18.53 8.59
CA LYS E 302 -47.30 18.39 9.70
C LYS E 302 -47.00 19.74 10.34
N VAL E 303 -46.17 19.72 11.38
CA VAL E 303 -45.81 20.91 12.13
C VAL E 303 -44.29 20.96 12.32
N ARG E 304 -43.69 22.13 12.04
CA ARG E 304 -42.25 22.35 12.16
C ARG E 304 -41.91 23.36 13.26
N PRO E 305 -41.68 22.91 14.51
CA PRO E 305 -41.35 23.86 15.58
C PRO E 305 -39.88 24.25 15.56
N TYR E 306 -39.62 25.54 15.64
CA TYR E 306 -38.24 26.04 15.61
C TYR E 306 -37.90 27.08 16.67
N ASN E 307 -38.87 27.79 17.20
CA ASN E 307 -38.61 28.83 18.19
C ASN E 307 -38.30 28.28 19.58
N VAL E 308 -37.11 27.73 19.76
CA VAL E 308 -36.71 27.17 21.04
C VAL E 308 -35.42 27.91 21.42
N GLY E 309 -35.02 27.83 22.69
CA GLY E 309 -33.82 28.50 23.13
C GLY E 309 -32.56 27.78 22.68
N SER E 310 -31.45 28.49 22.81
CA SER E 310 -30.14 28.00 22.42
C SER E 310 -29.59 26.94 23.38
N CYS E 311 -28.53 26.27 22.93
CA CYS E 311 -27.86 25.24 23.70
C CYS E 311 -26.38 25.29 23.35
N LYS E 312 -25.58 24.56 24.12
CA LYS E 312 -24.14 24.57 23.86
C LYS E 312 -23.67 23.47 22.91
N GLY E 313 -24.33 23.35 21.75
CA GLY E 313 -23.96 22.37 20.75
C GLY E 313 -24.17 20.92 21.14
N MET E 314 -23.15 20.11 20.84
CA MET E 314 -23.20 18.68 21.14
C MET E 314 -22.53 18.41 22.49
N ARG E 315 -21.85 19.40 23.06
CA ARG E 315 -21.16 19.23 24.33
C ARG E 315 -22.13 19.17 25.50
N GLU E 316 -23.24 19.91 25.42
CA GLU E 316 -24.23 19.88 26.49
C GLU E 316 -25.20 18.73 26.30
N LEU E 317 -25.16 18.07 25.14
CA LEU E 317 -26.05 16.94 24.87
C LEU E 317 -25.60 15.70 25.62
N ASN E 318 -26.09 15.58 26.84
CA ASN E 318 -25.86 14.52 27.80
C ASN E 318 -26.83 13.39 27.46
N PRO E 319 -26.68 12.17 28.02
CA PRO E 319 -27.67 11.11 27.70
C PRO E 319 -29.06 11.24 28.33
N ASN E 320 -29.40 12.35 29.00
CA ASN E 320 -30.73 12.53 29.53
C ASN E 320 -31.50 13.35 28.50
N ASP E 321 -30.81 13.87 27.51
CA ASP E 321 -31.40 14.70 26.46
C ASP E 321 -31.64 13.93 25.17
N ILE E 322 -31.73 12.60 25.23
CA ILE E 322 -32.00 11.81 24.03
C ILE E 322 -33.49 11.91 23.79
N ASP E 323 -33.86 12.02 22.50
CA ASP E 323 -35.23 12.16 21.96
C ASP E 323 -35.90 13.42 22.49
N LYS E 324 -35.16 14.53 22.40
CA LYS E 324 -35.61 15.84 22.82
C LYS E 324 -35.33 16.79 21.67
N LEU E 325 -35.96 17.96 21.67
CA LEU E 325 -35.71 18.88 20.58
C LEU E 325 -34.42 19.62 20.89
N ILE E 326 -33.67 19.94 19.84
CA ILE E 326 -32.39 20.62 19.97
C ILE E 326 -32.17 21.49 18.75
N ASN E 327 -31.39 22.55 18.91
CA ASN E 327 -31.07 23.49 17.85
C ASN E 327 -29.56 23.70 17.72
N LEU E 328 -29.08 23.69 16.49
CA LEU E 328 -27.67 23.87 16.19
C LEU E 328 -27.46 25.00 15.19
N LYS E 329 -26.53 25.89 15.50
CA LYS E 329 -26.20 27.00 14.64
C LYS E 329 -24.79 26.80 14.11
N GLY E 330 -24.64 26.81 12.80
CA GLY E 330 -23.31 26.62 12.24
C GLY E 330 -23.32 26.73 10.75
N LEU E 331 -22.45 25.94 10.11
CA LEU E 331 -22.36 25.92 8.67
C LEU E 331 -22.20 24.49 8.23
N VAL E 332 -22.85 24.14 7.14
CA VAL E 332 -22.81 22.80 6.58
C VAL E 332 -21.64 22.74 5.60
N LEU E 333 -20.97 21.59 5.54
CA LEU E 333 -19.81 21.43 4.68
C LEU E 333 -19.96 20.40 3.59
N ARG E 334 -20.78 19.38 3.79
CA ARG E 334 -20.90 18.33 2.79
C ARG E 334 -22.31 17.76 2.67
N SER E 335 -22.76 17.64 1.42
CA SER E 335 -24.06 17.09 1.09
C SER E 335 -23.91 15.81 0.26
N THR E 336 -24.25 14.69 0.87
CA THR E 336 -24.17 13.39 0.25
C THR E 336 -25.27 13.17 -0.80
N PRO E 337 -25.15 12.14 -1.70
CA PRO E 337 -26.25 11.87 -2.64
C PRO E 337 -27.46 11.27 -1.92
N VAL E 338 -28.63 11.39 -2.53
CA VAL E 338 -29.86 10.90 -1.91
C VAL E 338 -29.97 9.39 -1.88
N ILE E 339 -30.16 8.84 -0.69
CA ILE E 339 -30.32 7.40 -0.50
C ILE E 339 -31.80 7.07 -0.34
N PRO E 340 -32.27 5.94 -0.86
CA PRO E 340 -33.69 5.60 -0.72
C PRO E 340 -33.96 4.73 0.50
N ASP E 341 -35.14 4.91 1.09
CA ASP E 341 -35.58 4.12 2.23
C ASP E 341 -36.91 3.49 1.89
N MET E 342 -37.09 2.23 2.27
CA MET E 342 -38.32 1.51 1.96
C MET E 342 -39.52 1.94 2.80
N LYS E 343 -40.67 2.10 2.16
CA LYS E 343 -41.87 2.47 2.91
C LYS E 343 -42.82 1.29 2.95
N VAL E 344 -43.02 0.60 1.84
CA VAL E 344 -43.82 -0.61 1.81
C VAL E 344 -42.93 -1.64 1.13
N ALA E 345 -43.14 -2.91 1.44
CA ALA E 345 -42.34 -3.97 0.87
C ALA E 345 -43.18 -4.83 -0.07
N PHE E 346 -42.56 -5.17 -1.19
CA PHE E 346 -43.12 -5.97 -2.27
C PHE E 346 -42.66 -7.40 -2.09
N PHE E 347 -43.55 -8.35 -2.35
CA PHE E 347 -43.19 -9.76 -2.24
C PHE E 347 -43.80 -10.56 -3.35
N LYS E 348 -43.00 -10.84 -4.37
CA LYS E 348 -43.44 -11.61 -5.53
C LYS E 348 -43.09 -13.07 -5.33
N CYS E 349 -44.07 -13.93 -5.57
CA CYS E 349 -43.90 -15.37 -5.42
C CYS E 349 -43.49 -15.96 -6.76
N ASN E 350 -42.91 -17.15 -6.72
CA ASN E 350 -42.48 -17.79 -7.95
C ASN E 350 -43.61 -18.55 -8.54
N VAL E 351 -44.55 -18.97 -7.71
CA VAL E 351 -45.71 -19.73 -8.19
C VAL E 351 -47.01 -19.10 -7.74
N CYS E 352 -48.12 -19.67 -8.21
CA CYS E 352 -49.53 -19.35 -7.93
C CYS E 352 -50.03 -17.90 -8.07
N ASP E 353 -49.28 -17.07 -8.80
CA ASP E 353 -49.53 -15.64 -9.13
C ASP E 353 -50.06 -14.69 -8.04
N HIS E 354 -49.66 -14.90 -6.79
CA HIS E 354 -50.10 -14.03 -5.71
C HIS E 354 -48.97 -13.19 -5.14
N THR E 355 -49.10 -11.88 -5.28
CA THR E 355 -48.11 -10.92 -4.80
C THR E 355 -48.56 -10.37 -3.45
N MET E 356 -47.63 -10.06 -2.56
CA MET E 356 -48.01 -9.54 -1.26
C MET E 356 -47.35 -8.19 -0.94
N ALA E 357 -48.15 -7.26 -0.46
CA ALA E 357 -47.69 -5.95 -0.07
C ALA E 357 -47.76 -5.86 1.45
N VAL E 358 -46.69 -5.39 2.07
CA VAL E 358 -46.66 -5.27 3.53
C VAL E 358 -46.02 -3.92 3.83
N GLU E 359 -46.14 -3.43 5.06
CA GLU E 359 -45.55 -2.15 5.41
C GLU E 359 -44.38 -2.28 6.38
N ILE E 360 -43.57 -1.23 6.46
CA ILE E 360 -42.42 -1.24 7.35
C ILE E 360 -42.94 -0.93 8.75
N ASP E 361 -42.36 -1.56 9.76
CA ASP E 361 -42.72 -1.33 11.15
C ASP E 361 -41.45 -0.89 11.87
N ARG E 362 -41.18 0.42 11.78
CA ARG E 362 -40.01 1.16 12.32
C ARG E 362 -38.62 0.50 12.22
N GLY E 363 -38.35 -0.11 11.08
CA GLY E 363 -37.05 -0.72 10.86
C GLY E 363 -37.02 -2.19 10.51
N VAL E 364 -38.09 -2.94 10.77
CA VAL E 364 -38.07 -4.35 10.45
C VAL E 364 -39.11 -4.78 9.42
N ILE E 365 -38.71 -5.67 8.54
CA ILE E 365 -39.58 -6.21 7.49
C ILE E 365 -40.01 -7.61 7.91
N GLN E 366 -41.32 -7.81 8.06
CA GLN E 366 -41.80 -9.13 8.44
C GLN E 366 -41.84 -10.02 7.18
N GLU E 367 -40.86 -10.91 7.08
CA GLU E 367 -40.80 -11.80 5.93
C GLU E 367 -41.67 -13.01 6.22
N PRO E 368 -42.73 -13.24 5.43
CA PRO E 368 -43.60 -14.38 5.72
C PRO E 368 -43.11 -15.68 5.11
N ALA E 369 -42.93 -16.69 5.95
CA ALA E 369 -42.53 -18.00 5.46
C ALA E 369 -43.75 -18.72 4.92
N ARG E 370 -44.93 -18.32 5.39
CA ARG E 370 -46.17 -18.89 4.91
C ARG E 370 -46.51 -18.22 3.58
N CYS E 371 -47.40 -18.84 2.82
CA CYS E 371 -47.72 -18.33 1.50
C CYS E 371 -49.19 -18.15 1.20
N GLU E 372 -49.93 -17.49 2.12
CA GLU E 372 -51.38 -17.20 2.03
C GLU E 372 -52.25 -18.45 1.86
N ARG E 373 -52.41 -19.19 2.97
CA ARG E 373 -53.05 -20.50 3.14
C ARG E 373 -54.39 -20.82 2.47
N ILE E 374 -55.12 -19.80 1.99
CA ILE E 374 -56.34 -19.96 1.20
C ILE E 374 -55.85 -20.47 -0.16
N ASP E 375 -54.67 -20.02 -0.61
CA ASP E 375 -54.05 -20.51 -1.84
C ASP E 375 -53.18 -21.70 -1.42
N CYS E 376 -52.46 -22.30 -2.36
CA CYS E 376 -51.60 -23.47 -2.12
C CYS E 376 -50.41 -23.27 -1.20
N ASN E 377 -49.99 -24.36 -0.57
CA ASN E 377 -48.88 -24.40 0.39
C ASN E 377 -47.50 -24.53 -0.25
N GLU E 378 -46.55 -23.75 0.27
CA GLU E 378 -45.14 -23.71 -0.14
C GLU E 378 -44.28 -23.32 1.06
N PRO E 379 -43.25 -24.09 1.38
CA PRO E 379 -42.44 -23.75 2.57
C PRO E 379 -41.48 -22.59 2.41
N ASN E 380 -40.82 -22.42 1.27
CA ASN E 380 -39.85 -21.33 1.15
C ASN E 380 -39.84 -20.64 -0.21
N SER E 381 -40.83 -20.88 -1.07
CA SER E 381 -40.87 -20.26 -2.39
C SER E 381 -41.34 -18.81 -2.28
N MET E 382 -40.39 -17.90 -2.04
CA MET E 382 -40.73 -16.49 -1.90
C MET E 382 -39.54 -15.64 -2.32
N SER E 383 -39.83 -14.58 -3.07
CA SER E 383 -38.78 -13.68 -3.52
C SER E 383 -39.08 -12.24 -3.14
N LEU E 384 -38.07 -11.38 -3.31
CA LEU E 384 -38.16 -9.96 -2.99
C LEU E 384 -37.67 -9.16 -4.18
N ILE E 385 -38.50 -8.24 -4.66
CA ILE E 385 -38.17 -7.39 -5.80
C ILE E 385 -37.97 -5.96 -5.32
N HIS E 386 -36.83 -5.38 -5.69
CA HIS E 386 -36.52 -4.01 -5.29
C HIS E 386 -37.14 -2.92 -6.13
N ASN E 387 -37.32 -3.18 -7.44
CA ASN E 387 -37.85 -2.18 -8.35
C ASN E 387 -39.33 -1.83 -8.20
N ARG E 388 -40.13 -2.68 -7.56
CA ARG E 388 -41.54 -2.36 -7.40
C ARG E 388 -41.78 -1.81 -6.00
N CYS E 389 -40.74 -1.74 -5.18
CA CYS E 389 -40.84 -1.21 -3.84
C CYS E 389 -40.94 0.32 -3.86
N SER E 390 -41.62 0.89 -2.88
CA SER E 390 -41.77 2.33 -2.79
C SER E 390 -40.70 2.90 -1.88
N PHE E 391 -40.07 3.97 -2.33
CA PHE E 391 -39.01 4.60 -1.56
C PHE E 391 -39.23 6.05 -1.19
N ALA E 392 -38.50 6.47 -0.16
CA ALA E 392 -38.54 7.83 0.33
C ALA E 392 -37.11 8.35 0.38
N ASP E 393 -36.97 9.66 0.23
CA ASP E 393 -35.67 10.31 0.23
C ASP E 393 -35.02 10.41 1.60
N LYS E 394 -33.70 10.27 1.63
CA LYS E 394 -32.94 10.40 2.85
C LYS E 394 -31.58 10.94 2.46
N GLN E 395 -30.97 11.73 3.34
CA GLN E 395 -29.67 12.33 3.07
C GLN E 395 -28.90 12.70 4.33
N VAL E 396 -27.64 12.30 4.41
CA VAL E 396 -26.81 12.64 5.55
C VAL E 396 -25.99 13.86 5.14
N ILE E 397 -25.98 14.88 6.00
CA ILE E 397 -25.31 16.15 5.75
C ILE E 397 -24.34 16.46 6.88
N LYS E 398 -23.09 16.76 6.51
CA LYS E 398 -22.04 17.13 7.46
C LYS E 398 -22.26 18.58 7.88
N LEU E 399 -22.18 18.85 9.18
CA LEU E 399 -22.39 20.19 9.70
C LEU E 399 -21.31 20.59 10.70
N GLN E 400 -20.68 21.73 10.45
CA GLN E 400 -19.65 22.26 11.33
C GLN E 400 -20.34 23.17 12.33
N GLU E 401 -20.39 22.76 13.59
CA GLU E 401 -21.09 23.55 14.60
C GLU E 401 -20.25 24.62 15.29
N PRO E 412 -13.88 22.77 17.24
CA PRO E 412 -15.14 22.71 16.49
C PRO E 412 -15.48 21.28 16.08
N HIS E 413 -16.77 20.95 16.18
CA HIS E 413 -17.25 19.62 15.87
C HIS E 413 -17.99 19.46 14.55
N SER E 414 -17.93 18.25 14.00
CA SER E 414 -18.57 17.86 12.75
C SER E 414 -19.69 16.85 13.03
N ILE E 415 -20.93 17.33 13.02
CA ILE E 415 -22.05 16.46 13.30
C ILE E 415 -22.71 15.98 12.00
N SER E 416 -23.04 14.70 11.95
CA SER E 416 -23.70 14.09 10.81
C SER E 416 -25.21 14.13 11.04
N LEU E 417 -25.90 15.08 10.40
CA LEU E 417 -27.33 15.24 10.54
C LEU E 417 -27.95 14.50 9.35
N CYS E 418 -29.24 14.19 9.43
CA CYS E 418 -29.89 13.50 8.33
C CYS E 418 -31.27 14.06 8.01
N VAL E 419 -31.44 14.52 6.77
CA VAL E 419 -32.71 15.08 6.30
C VAL E 419 -33.50 13.98 5.59
N TYR E 420 -34.80 14.20 5.49
CA TYR E 420 -35.74 13.28 4.87
C TYR E 420 -36.46 13.97 3.73
N ASP E 421 -37.52 13.31 3.24
CA ASP E 421 -38.37 13.79 2.14
C ASP E 421 -38.98 15.15 2.39
N GLU E 422 -39.10 15.92 1.29
CA GLU E 422 -39.59 17.29 1.08
C GLU E 422 -38.67 18.35 1.69
N LEU E 423 -37.48 17.97 2.16
CA LEU E 423 -36.49 18.85 2.75
C LEU E 423 -35.16 18.55 2.11
N VAL E 424 -35.13 17.66 1.11
CA VAL E 424 -33.89 17.30 0.45
C VAL E 424 -33.60 18.43 -0.55
N ASP E 425 -32.31 18.68 -0.81
CA ASP E 425 -31.76 19.72 -1.70
C ASP E 425 -32.17 21.15 -1.37
N SER E 426 -32.45 21.41 -0.09
CA SER E 426 -32.84 22.74 0.36
C SER E 426 -31.70 23.25 1.22
N CYS E 427 -30.90 22.34 1.76
CA CYS E 427 -29.76 22.65 2.59
C CYS E 427 -28.50 22.09 1.95
N ARG E 428 -27.56 22.98 1.65
CA ARG E 428 -26.31 22.59 1.02
C ARG E 428 -25.21 23.53 1.52
N ALA E 429 -23.97 23.04 1.38
CA ALA E 429 -22.71 23.65 1.81
C ALA E 429 -22.50 25.08 1.32
N GLY E 430 -22.16 25.96 2.27
CA GLY E 430 -21.91 27.35 1.98
C GLY E 430 -22.71 28.34 2.78
N ASP E 431 -23.74 27.90 3.50
CA ASP E 431 -24.55 28.84 4.26
C ASP E 431 -24.55 28.71 5.78
N ARG E 432 -24.78 29.84 6.44
CA ARG E 432 -24.89 29.90 7.90
C ARG E 432 -26.30 29.41 8.16
N ILE E 433 -26.41 28.23 8.73
CA ILE E 433 -27.70 27.58 8.93
C ILE E 433 -28.01 27.28 10.40
N GLU E 434 -29.21 27.68 10.82
CA GLU E 434 -29.79 27.39 12.12
C GLU E 434 -30.63 26.17 11.79
N VAL E 435 -30.52 25.12 12.59
CA VAL E 435 -31.24 23.90 12.31
C VAL E 435 -31.81 23.40 13.63
N THR E 436 -32.93 22.67 13.58
CA THR E 436 -33.54 22.13 14.77
C THR E 436 -34.24 20.81 14.48
N GLY E 437 -34.20 19.93 15.48
CA GLY E 437 -34.81 18.63 15.33
C GLY E 437 -34.73 17.82 16.60
N THR E 438 -34.76 16.50 16.43
CA THR E 438 -34.71 15.56 17.53
C THR E 438 -33.37 14.86 17.65
N PHE E 439 -32.75 14.98 18.82
CA PHE E 439 -31.46 14.35 19.06
C PHE E 439 -31.63 12.86 19.31
N ARG E 440 -30.99 12.04 18.48
CA ARG E 440 -31.08 10.60 18.60
C ARG E 440 -29.76 9.96 19.01
N SER E 441 -29.76 8.63 19.08
CA SER E 441 -28.57 7.88 19.45
C SER E 441 -28.53 6.57 18.69
N LYS E 458 -23.02 5.94 18.43
CA LYS E 458 -23.13 6.99 17.43
C LYS E 458 -24.41 7.79 17.63
N THR E 459 -24.29 9.10 17.58
CA THR E 459 -25.43 9.98 17.78
C THR E 459 -25.69 10.87 16.56
N TYR E 460 -26.94 11.25 16.39
CA TYR E 460 -27.35 12.09 15.27
C TYR E 460 -28.58 12.92 15.65
N VAL E 461 -28.91 13.87 14.78
CA VAL E 461 -30.06 14.76 14.97
C VAL E 461 -31.02 14.62 13.80
N ASP E 462 -32.27 14.24 14.10
CA ASP E 462 -33.30 14.11 13.08
C ASP E 462 -34.06 15.43 12.98
N VAL E 463 -33.68 16.23 11.97
CA VAL E 463 -34.20 17.57 11.69
C VAL E 463 -35.71 17.72 11.49
N VAL E 464 -36.33 18.62 12.24
CA VAL E 464 -37.74 18.88 12.07
C VAL E 464 -37.86 20.20 11.28
N HIS E 465 -36.83 21.08 11.33
CA HIS E 465 -36.85 22.36 10.61
C HIS E 465 -35.46 22.94 10.36
N VAL E 466 -35.34 23.70 9.28
CA VAL E 466 -34.12 24.38 8.87
C VAL E 466 -34.46 25.86 8.78
N LYS E 467 -33.44 26.72 8.90
CA LYS E 467 -33.64 28.16 8.81
C LYS E 467 -32.55 28.73 7.90
N LYS E 468 -32.86 28.85 6.61
CA LYS E 468 -31.88 29.36 5.66
C LYS E 468 -31.77 30.87 5.72
N VAL E 469 -32.75 31.55 6.31
CA VAL E 469 -32.74 33.00 6.42
C VAL E 469 -32.59 33.41 7.87
N SER E 470 -32.17 34.67 8.06
CA SER E 470 -31.99 35.21 9.39
C SER E 470 -32.18 36.71 9.38
N HIS E 492 -38.66 41.67 14.06
CA HIS E 492 -38.83 42.08 15.45
C HIS E 492 -38.40 40.98 16.39
N ASN E 493 -37.10 40.80 16.55
CA ASN E 493 -36.58 39.77 17.42
C ASN E 493 -35.24 40.13 18.03
N GLU E 494 -34.82 39.34 19.02
CA GLU E 494 -33.55 39.54 19.70
C GLU E 494 -32.65 38.38 19.30
N VAL E 495 -32.70 37.97 18.04
CA VAL E 495 -31.85 36.91 17.55
C VAL E 495 -30.49 37.54 17.34
N GLU E 496 -29.50 37.05 18.06
CA GLU E 496 -28.15 37.59 17.99
C GLU E 496 -27.46 37.22 16.68
N GLU E 497 -26.94 38.25 16.00
CA GLU E 497 -26.27 38.07 14.72
C GLU E 497 -24.76 38.21 14.89
N VAL E 498 -24.32 39.27 15.54
CA VAL E 498 -22.90 39.55 15.78
C VAL E 498 -22.68 39.49 17.28
N ARG E 499 -21.42 39.67 17.70
CA ARG E 499 -21.04 39.68 19.11
C ARG E 499 -21.65 40.91 19.75
N GLN E 500 -22.63 40.70 20.63
CA GLN E 500 -23.42 41.70 21.35
C GLN E 500 -22.63 42.74 22.13
N ILE E 501 -23.03 44.01 21.99
CA ILE E 501 -22.36 45.13 22.62
C ILE E 501 -23.47 45.89 23.35
N THR E 502 -23.08 46.77 24.26
CA THR E 502 -24.03 47.57 25.02
C THR E 502 -23.84 49.04 24.64
N ASP E 503 -24.61 49.92 25.28
CA ASP E 503 -24.49 51.34 24.96
C ASP E 503 -23.29 51.99 25.62
N GLN E 504 -22.89 51.51 26.80
CA GLN E 504 -21.74 52.09 27.50
C GLN E 504 -20.44 51.66 26.83
N ASP E 505 -20.42 50.46 26.25
CA ASP E 505 -19.24 50.00 25.54
C ASP E 505 -19.14 50.73 24.20
N LEU E 506 -20.30 51.06 23.62
CA LEU E 506 -20.34 51.80 22.36
C LEU E 506 -19.90 53.25 22.60
N ALA E 507 -20.23 53.79 23.79
CA ALA E 507 -19.81 55.13 24.16
C ALA E 507 -18.31 55.17 24.42
N LYS E 508 -17.76 54.08 24.97
CA LYS E 508 -16.32 53.99 25.22
C LYS E 508 -15.56 53.84 23.90
N ILE E 509 -16.17 53.14 22.93
CA ILE E 509 -15.61 52.95 21.59
C ILE E 509 -15.59 54.30 20.86
N ARG E 510 -16.67 55.08 20.99
CA ARG E 510 -16.75 56.40 20.37
C ARG E 510 -15.82 57.40 21.05
N GLU E 511 -15.59 57.24 22.35
CA GLU E 511 -14.69 58.15 23.06
C GLU E 511 -13.22 57.79 22.80
N VAL E 512 -12.92 56.52 22.53
CA VAL E 512 -11.53 56.14 22.29
C VAL E 512 -11.25 56.29 20.79
N ALA E 513 -12.30 56.45 19.98
CA ALA E 513 -12.10 56.60 18.54
C ALA E 513 -11.86 58.06 18.16
N ALA E 514 -12.06 58.98 19.09
CA ALA E 514 -11.87 60.39 18.77
C ALA E 514 -10.45 60.87 19.05
N ARG E 515 -9.60 60.03 19.63
CA ARG E 515 -8.24 60.44 19.91
C ARG E 515 -7.38 60.42 18.65
N GLU E 516 -6.25 61.12 18.70
CA GLU E 516 -5.38 61.20 17.54
C GLU E 516 -4.40 60.04 17.44
N ASP E 517 -3.86 59.58 18.57
CA ASP E 517 -2.87 58.51 18.58
C ASP E 517 -3.38 57.07 18.46
N LEU E 518 -4.70 56.90 18.18
CA LEU E 518 -5.37 55.59 18.02
C LEU E 518 -4.75 54.73 16.93
N TYR E 519 -4.31 55.40 15.86
CA TYR E 519 -3.60 54.87 14.68
C TYR E 519 -2.29 54.17 15.06
N SER E 520 -1.67 54.57 16.17
CA SER E 520 -0.49 53.91 16.68
C SER E 520 -0.89 53.12 17.91
N LEU E 521 -1.90 53.60 18.67
CA LEU E 521 -2.28 52.91 19.89
C LEU E 521 -2.63 51.46 19.56
N LEU E 522 -3.46 51.26 18.55
CA LEU E 522 -3.84 49.91 18.19
C LEU E 522 -2.63 49.09 17.76
N ALA E 523 -1.70 49.70 17.01
CA ALA E 523 -0.49 49.03 16.54
C ALA E 523 0.45 48.72 17.69
N ARG E 524 0.18 49.30 18.85
CA ARG E 524 1.00 48.99 20.01
C ARG E 524 0.26 47.96 20.85
N SER E 525 -1.06 47.99 20.78
CA SER E 525 -1.88 47.10 21.60
C SER E 525 -2.16 45.77 20.92
N ILE E 526 -1.75 45.61 19.66
CA ILE E 526 -2.00 44.35 18.97
C ILE E 526 -0.99 43.32 19.46
N ALA E 527 0.22 43.74 19.82
CA ALA E 527 1.25 42.81 20.30
C ALA E 527 2.19 43.57 21.22
N PRO E 528 1.92 43.57 22.54
CA PRO E 528 2.81 44.30 23.45
C PRO E 528 4.00 43.49 23.92
N SER E 529 4.09 42.22 23.54
CA SER E 529 5.18 41.37 23.99
C SER E 529 6.38 41.44 23.04
N ILE E 530 6.24 42.07 21.89
CA ILE E 530 7.31 42.20 20.92
C ILE E 530 7.49 43.69 20.64
N TYR E 531 8.41 44.00 19.73
CA TYR E 531 8.82 45.37 19.42
C TYR E 531 7.83 46.19 18.61
N GLU E 532 8.32 47.35 18.10
CA GLU E 532 7.49 48.31 17.38
C GLU E 532 6.81 47.79 16.10
N LEU E 533 7.61 47.46 15.06
CA LEU E 533 7.22 46.93 13.73
C LEU E 533 6.03 47.60 13.07
N GLU E 534 6.03 48.95 13.17
CA GLU E 534 5.02 49.93 12.75
C GLU E 534 4.31 49.67 11.43
N ASP E 535 5.08 49.46 10.37
CA ASP E 535 4.52 49.17 9.06
C ASP E 535 3.91 47.77 9.03
N VAL E 536 4.62 46.79 9.59
CA VAL E 536 4.18 45.39 9.64
C VAL E 536 2.95 45.21 10.54
N LYS E 537 2.98 45.83 11.73
CA LYS E 537 1.85 45.73 12.65
C LYS E 537 0.65 46.54 12.18
N LYS E 538 0.91 47.66 11.49
CA LYS E 538 -0.15 48.49 10.93
C LYS E 538 -0.81 47.77 9.76
N GLY E 539 0.00 47.04 8.97
CA GLY E 539 -0.52 46.27 7.87
C GLY E 539 -1.35 45.09 8.29
N ILE E 540 -0.92 44.37 9.35
CA ILE E 540 -1.72 43.24 9.81
C ILE E 540 -2.98 43.72 10.55
N LEU E 541 -2.93 44.94 11.14
CA LEU E 541 -4.08 45.54 11.79
C LEU E 541 -5.14 45.91 10.76
N LEU E 542 -4.73 46.60 9.68
CA LEU E 542 -5.71 46.93 8.65
C LEU E 542 -6.02 45.72 7.75
N GLN E 543 -5.22 44.65 7.83
CA GLN E 543 -5.47 43.45 7.07
C GLN E 543 -6.63 42.74 7.77
N LEU E 544 -6.63 42.76 9.11
CA LEU E 544 -7.75 42.13 9.81
C LEU E 544 -8.94 43.09 9.93
N PHE E 545 -8.75 44.37 9.56
CA PHE E 545 -9.86 45.33 9.53
C PHE E 545 -10.64 45.00 8.25
N GLY E 546 -9.94 44.49 7.23
CA GLY E 546 -10.49 44.06 5.95
C GLY E 546 -10.65 45.08 4.84
N GLY E 547 -11.64 45.96 4.95
CA GLY E 547 -11.87 46.94 3.91
C GLY E 547 -13.34 46.99 3.49
N THR E 548 -13.57 47.06 2.19
CA THR E 548 -14.93 47.11 1.65
C THR E 548 -15.13 46.11 0.54
N ASN E 549 -16.10 45.21 0.72
CA ASN E 549 -16.39 44.18 -0.27
C ASN E 549 -17.69 44.49 -0.99
N LYS E 550 -17.59 45.11 -2.17
CA LYS E 550 -18.77 45.47 -2.93
C LYS E 550 -18.98 44.65 -4.19
N THR E 551 -20.24 44.37 -4.50
CA THR E 551 -20.57 43.57 -5.67
C THR E 551 -21.64 44.20 -6.54
N PHE E 552 -21.85 43.61 -7.71
CA PHE E 552 -22.85 44.03 -8.65
C PHE E 552 -24.08 43.17 -8.44
N THR E 553 -25.06 43.30 -9.32
CA THR E 553 -26.28 42.51 -9.16
C THR E 553 -26.09 41.10 -9.70
N LYS E 554 -25.59 40.97 -10.93
CA LYS E 554 -25.42 39.66 -11.54
C LYS E 554 -24.00 39.23 -11.86
N GLY E 555 -23.20 40.06 -12.53
CA GLY E 555 -21.88 39.61 -12.92
C GLY E 555 -20.65 40.33 -12.42
N GLY E 556 -20.56 40.74 -11.18
CA GLY E 556 -19.36 41.41 -10.72
C GLY E 556 -19.22 41.37 -9.22
N ARG E 557 -17.97 41.27 -8.77
CA ARG E 557 -17.66 41.25 -7.35
C ARG E 557 -16.26 41.77 -7.09
N TYR E 558 -16.08 42.42 -5.94
CA TYR E 558 -14.79 42.99 -5.54
C TYR E 558 -14.73 42.93 -4.02
N ARG E 559 -13.59 42.51 -3.51
CA ARG E 559 -13.42 42.41 -2.06
C ARG E 559 -12.26 43.26 -1.60
N GLY E 560 -12.45 43.96 -0.46
CA GLY E 560 -11.39 44.76 0.11
C GLY E 560 -10.49 43.75 0.80
N ASP E 561 -9.33 43.52 0.22
CA ASP E 561 -8.42 42.50 0.68
C ASP E 561 -6.96 42.75 0.33
N ILE E 562 -6.06 42.34 1.22
CA ILE E 562 -4.63 42.47 0.96
C ILE E 562 -3.92 41.15 1.31
N ASN E 563 -3.11 40.67 0.39
CA ASN E 563 -2.36 39.44 0.56
C ASN E 563 -0.95 39.87 0.93
N ILE E 564 -0.50 39.53 2.13
CA ILE E 564 0.83 40.00 2.52
C ILE E 564 1.91 38.93 2.55
N LEU E 565 3.14 39.39 2.34
CA LEU E 565 4.34 38.57 2.30
C LEU E 565 5.41 39.24 3.16
N LEU E 566 6.18 38.44 3.87
CA LEU E 566 7.24 38.92 4.74
C LEU E 566 8.57 38.28 4.35
N CYS E 567 9.61 39.10 4.26
CA CYS E 567 10.93 38.61 3.89
C CYS E 567 12.02 39.45 4.53
N GLY E 568 13.18 38.84 4.72
CA GLY E 568 14.30 39.55 5.31
C GLY E 568 15.13 38.68 6.23
N ASP E 569 15.64 39.31 7.27
CA ASP E 569 16.48 38.62 8.23
C ASP E 569 15.68 37.68 9.15
N PRO E 570 16.22 36.50 9.46
CA PRO E 570 15.51 35.56 10.34
C PRO E 570 15.61 35.87 11.81
N SER E 571 15.10 34.91 12.60
CA SER E 571 15.09 34.88 14.07
C SER E 571 14.44 36.07 14.78
N THR E 572 13.36 36.60 14.21
CA THR E 572 12.63 37.69 14.84
C THR E 572 11.20 37.20 15.00
N SER E 573 10.30 38.11 15.38
CA SER E 573 8.92 37.75 15.68
C SER E 573 7.93 37.16 14.67
N LYS E 574 8.39 36.81 13.44
CA LYS E 574 7.64 36.23 12.31
C LYS E 574 6.68 35.08 12.64
N SER E 575 7.20 34.04 13.27
CA SER E 575 6.36 32.93 13.67
C SER E 575 5.41 33.40 14.77
N GLN E 576 5.89 34.28 15.65
CA GLN E 576 5.01 34.77 16.69
C GLN E 576 3.76 35.32 16.03
N ILE E 577 3.91 36.23 15.08
CA ILE E 577 2.78 36.80 14.36
C ILE E 577 1.93 35.70 13.74
N LEU E 578 2.60 34.74 13.05
CA LEU E 578 1.95 33.61 12.37
C LEU E 578 1.12 32.73 13.29
N GLN E 579 1.36 32.88 14.58
CA GLN E 579 0.57 32.13 15.55
C GLN E 579 -0.45 33.08 16.17
N TYR E 580 -0.03 34.31 16.45
CA TYR E 580 -0.90 35.28 17.11
C TYR E 580 -2.17 35.48 16.33
N VAL E 581 -2.05 35.61 15.01
CA VAL E 581 -3.22 35.84 14.16
C VAL E 581 -4.12 34.59 14.07
N HIS E 582 -3.51 33.40 14.27
CA HIS E 582 -4.26 32.14 14.28
C HIS E 582 -5.01 32.11 15.60
N LYS E 583 -4.56 32.90 16.57
CA LYS E 583 -5.24 32.97 17.84
C LYS E 583 -6.21 34.15 17.86
N ILE E 584 -6.38 34.85 16.75
CA ILE E 584 -7.29 35.99 16.72
C ILE E 584 -8.48 35.68 15.82
N THR E 585 -8.23 35.20 14.61
CA THR E 585 -9.30 34.90 13.67
C THR E 585 -10.08 33.64 14.07
N PRO E 586 -11.35 33.55 13.70
CA PRO E 586 -12.10 32.32 14.03
C PRO E 586 -12.05 31.32 12.91
N ARG E 587 -11.33 31.62 11.84
CA ARG E 587 -11.22 30.73 10.71
C ARG E 587 -9.86 30.87 10.05
N GLY E 588 -9.10 29.78 10.05
CA GLY E 588 -7.78 29.81 9.44
C GLY E 588 -6.98 28.56 9.72
N VAL E 589 -6.11 28.20 8.80
CA VAL E 589 -5.25 27.02 8.94
C VAL E 589 -3.78 27.40 8.83
N TYR E 590 -2.94 26.68 9.56
CA TYR E 590 -1.50 26.91 9.58
C TYR E 590 -0.84 25.95 8.59
N THR E 591 -0.86 26.30 7.32
CA THR E 591 -0.26 25.40 6.35
C THR E 591 1.25 25.63 6.32
N SER E 592 2.01 24.54 6.23
CA SER E 592 3.48 24.66 6.26
C SER E 592 4.24 23.81 5.26
N GLY E 593 5.17 24.46 4.55
CA GLY E 593 6.16 24.06 3.56
C GLY E 593 5.72 23.04 2.54
N LYS E 594 6.47 21.94 2.50
CA LYS E 594 6.21 20.84 1.57
C LYS E 594 5.19 19.85 2.10
N GLY E 595 4.67 20.07 3.31
CA GLY E 595 3.69 19.18 3.90
C GLY E 595 2.26 19.45 3.47
N SER E 596 2.04 20.40 2.58
CA SER E 596 0.71 20.74 2.09
C SER E 596 0.68 20.84 0.58
N SER E 597 0.30 19.77 -0.10
CA SER E 597 0.26 19.73 -1.55
C SER E 597 -1.07 20.22 -2.09
N ALA E 598 -1.28 20.02 -3.39
CA ALA E 598 -2.50 20.46 -4.07
C ALA E 598 -3.74 19.67 -3.67
N VAL E 599 -3.56 18.45 -3.17
CA VAL E 599 -4.71 17.66 -2.75
C VAL E 599 -5.09 18.08 -1.32
N GLY E 600 -4.18 18.75 -0.61
CA GLY E 600 -4.44 19.20 0.74
C GLY E 600 -4.89 20.64 0.87
N LEU E 601 -4.52 21.48 -0.10
CA LEU E 601 -4.93 22.89 -0.08
C LEU E 601 -6.39 23.02 -0.45
N THR E 602 -6.79 22.44 -1.58
CA THR E 602 -8.18 22.52 -1.99
C THR E 602 -8.88 21.20 -1.64
N ALA E 603 -10.17 21.12 -1.93
CA ALA E 603 -11.06 20.01 -1.62
C ALA E 603 -10.64 18.70 -2.31
N TYR E 604 -11.00 17.59 -1.67
CA TYR E 604 -10.66 16.27 -2.18
C TYR E 604 -11.74 15.24 -1.88
N ILE E 605 -11.54 14.03 -2.41
CA ILE E 605 -12.47 12.93 -2.25
C ILE E 605 -11.77 11.72 -1.64
N THR E 606 -12.38 11.12 -0.61
CA THR E 606 -11.77 9.95 0.02
C THR E 606 -12.84 8.97 0.48
N ARG E 607 -12.44 7.99 1.27
CA ARG E 607 -13.36 6.97 1.76
C ARG E 607 -13.63 7.13 3.25
N ASP E 608 -14.91 7.08 3.63
CA ASP E 608 -15.31 7.20 5.03
C ASP E 608 -15.23 5.83 5.69
N VAL E 609 -14.65 5.79 6.89
CA VAL E 609 -14.52 4.51 7.59
C VAL E 609 -15.77 4.25 8.43
N ASP E 610 -16.57 5.28 8.68
CA ASP E 610 -17.75 5.09 9.52
C ASP E 610 -19.01 4.68 8.75
N THR E 611 -19.02 4.86 7.43
CA THR E 611 -20.20 4.50 6.67
C THR E 611 -19.92 3.73 5.38
N LYS E 612 -18.64 3.51 5.05
CA LYS E 612 -18.10 2.81 3.87
C LYS E 612 -18.60 3.41 2.55
N GLN E 613 -18.43 4.73 2.43
CA GLN E 613 -18.86 5.46 1.26
C GLN E 613 -17.83 6.51 0.84
N LEU E 614 -18.18 7.27 -0.19
CA LEU E 614 -17.30 8.32 -0.67
C LEU E 614 -17.61 9.61 0.06
N VAL E 615 -16.58 10.25 0.62
CA VAL E 615 -16.73 11.49 1.37
C VAL E 615 -15.96 12.63 0.70
N LEU E 616 -16.67 13.70 0.40
CA LEU E 616 -16.09 14.88 -0.24
C LEU E 616 -15.51 15.73 0.88
N GLU E 617 -14.26 15.47 1.22
CA GLU E 617 -13.62 16.20 2.31
C GLU E 617 -13.20 17.59 1.88
N SER E 618 -13.58 18.55 2.71
CA SER E 618 -13.31 19.97 2.51
C SER E 618 -11.84 20.30 2.62
N GLY E 619 -11.37 21.16 1.72
CA GLY E 619 -9.98 21.57 1.69
C GLY E 619 -9.68 22.73 2.61
N ALA E 620 -8.37 22.96 2.79
CA ALA E 620 -7.85 24.00 3.70
C ALA E 620 -8.16 25.42 3.22
N LEU E 621 -8.31 25.61 1.91
CA LEU E 621 -8.61 26.95 1.43
C LEU E 621 -10.10 27.21 1.55
N VAL E 622 -10.91 26.16 1.63
CA VAL E 622 -12.36 26.35 1.73
C VAL E 622 -12.76 26.08 3.20
N LEU E 623 -11.82 25.57 4.01
CA LEU E 623 -12.10 25.45 5.46
C LEU E 623 -11.99 26.83 6.06
N SER E 624 -11.11 27.65 5.50
CA SER E 624 -10.83 29.00 5.94
C SER E 624 -11.55 30.06 5.12
N ASP E 625 -12.78 29.78 4.64
CA ASP E 625 -13.53 30.76 3.84
C ASP E 625 -14.05 31.88 4.73
N GLY E 626 -13.20 32.89 4.89
CA GLY E 626 -13.46 34.04 5.72
C GLY E 626 -12.28 34.12 6.66
N GLY E 627 -11.85 35.32 7.01
CA GLY E 627 -10.72 35.43 7.90
C GLY E 627 -9.41 35.38 7.13
N VAL E 628 -8.34 34.96 7.81
CA VAL E 628 -7.01 34.91 7.23
C VAL E 628 -6.52 33.46 7.10
N CYS E 629 -5.39 33.29 6.41
CA CYS E 629 -4.76 31.98 6.27
C CYS E 629 -3.24 32.17 6.27
N CYS E 630 -2.57 31.47 7.19
CA CYS E 630 -1.13 31.57 7.41
C CYS E 630 -0.25 30.49 6.80
N ILE E 631 0.68 30.92 5.94
CA ILE E 631 1.65 30.08 5.24
C ILE E 631 3.06 30.50 5.63
N ASP E 632 3.89 29.56 6.06
CA ASP E 632 5.28 29.86 6.36
C ASP E 632 6.06 29.03 5.35
N GLU E 633 7.34 29.44 5.16
CA GLU E 633 8.32 28.86 4.21
C GLU E 633 7.80 28.86 2.77
N PHE E 634 7.56 30.07 2.26
CA PHE E 634 7.04 30.25 0.90
C PHE E 634 8.05 29.89 -0.18
N ASP E 635 9.34 30.09 0.09
CA ASP E 635 10.38 29.80 -0.89
C ASP E 635 10.63 28.30 -1.01
N LYS E 636 10.39 27.53 0.05
CA LYS E 636 10.62 26.10 0.04
C LYS E 636 9.40 25.34 -0.47
N MET E 637 8.33 26.05 -0.78
CA MET E 637 7.11 25.44 -1.29
C MET E 637 7.33 25.09 -2.77
N SER E 638 6.67 24.04 -3.23
CA SER E 638 6.79 23.60 -4.61
C SER E 638 6.15 24.51 -5.65
N ASP E 639 6.49 24.26 -6.92
CA ASP E 639 5.97 25.08 -8.00
C ASP E 639 4.62 24.59 -8.52
N SER E 640 4.28 23.33 -8.23
CA SER E 640 3.01 22.79 -8.71
C SER E 640 1.84 23.31 -7.89
N THR E 641 2.08 23.65 -6.63
CA THR E 641 1.01 24.15 -5.78
C THR E 641 0.99 25.68 -5.75
N ARG E 642 1.84 26.31 -6.57
CA ARG E 642 1.88 27.77 -6.62
C ARG E 642 0.79 28.27 -7.58
N SER E 643 0.32 27.40 -8.46
CA SER E 643 -0.69 27.77 -9.45
C SER E 643 -2.08 27.98 -8.84
N VAL E 644 -2.34 27.42 -7.66
CA VAL E 644 -3.66 27.62 -7.05
C VAL E 644 -3.60 28.96 -6.29
N LEU E 645 -2.41 29.34 -5.77
CA LEU E 645 -2.34 30.61 -5.09
C LEU E 645 -2.24 31.75 -6.08
N HIS E 646 -1.87 31.43 -7.34
CA HIS E 646 -1.84 32.40 -8.43
C HIS E 646 -3.25 32.85 -8.79
N GLU E 647 -4.26 32.00 -8.55
CA GLU E 647 -5.63 32.37 -8.81
C GLU E 647 -6.19 33.07 -7.56
N VAL E 648 -5.80 32.62 -6.36
CA VAL E 648 -6.39 33.30 -5.18
C VAL E 648 -5.75 34.64 -4.79
N MET E 649 -4.67 35.06 -5.51
CA MET E 649 -4.03 36.38 -5.33
C MET E 649 -4.98 37.56 -5.49
N GLU E 650 -5.71 37.59 -6.60
CA GLU E 650 -6.68 38.64 -6.83
C GLU E 650 -8.01 38.09 -7.31
N GLN E 651 -8.02 36.85 -7.83
CA GLN E 651 -9.26 36.29 -8.35
C GLN E 651 -10.21 35.82 -7.25
N GLN E 652 -9.64 35.37 -6.12
CA GLN E 652 -10.29 34.84 -4.91
C GLN E 652 -11.21 33.65 -5.21
N THR E 653 -10.84 32.84 -6.19
CA THR E 653 -11.62 31.68 -6.61
C THR E 653 -10.76 30.44 -6.83
N ILE E 654 -11.39 29.28 -6.72
CA ILE E 654 -10.77 27.98 -6.91
C ILE E 654 -11.49 27.28 -8.05
N SER E 655 -10.78 26.96 -9.12
CA SER E 655 -11.38 26.28 -10.25
C SER E 655 -10.79 24.88 -10.43
N ILE E 656 -11.45 23.87 -9.88
CA ILE E 656 -10.98 22.50 -9.98
C ILE E 656 -11.65 21.81 -11.14
N ALA E 657 -10.84 21.20 -12.03
CA ALA E 657 -11.36 20.45 -13.15
C ALA E 657 -10.62 19.11 -13.15
N LYS E 658 -11.14 18.14 -12.40
CA LYS E 658 -10.52 16.83 -12.34
C LYS E 658 -11.57 15.75 -12.30
N ALA E 659 -11.11 14.50 -12.14
CA ALA E 659 -11.95 13.31 -12.12
C ALA E 659 -12.95 13.30 -10.98
N GLY E 660 -14.20 13.46 -11.36
CA GLY E 660 -15.32 13.50 -10.46
C GLY E 660 -15.79 14.91 -10.13
N ILE E 661 -15.00 15.95 -10.40
CA ILE E 661 -15.39 17.31 -10.05
C ILE E 661 -14.90 18.46 -10.92
N ILE E 662 -15.86 19.25 -11.43
CA ILE E 662 -15.61 20.47 -12.21
C ILE E 662 -16.35 21.56 -11.45
N THR E 663 -15.64 22.21 -10.51
CA THR E 663 -16.28 23.22 -9.66
C THR E 663 -15.40 24.44 -9.38
N THR E 664 -15.99 25.62 -9.56
CA THR E 664 -15.33 26.87 -9.22
C THR E 664 -16.02 27.27 -7.91
N LEU E 665 -15.23 27.73 -6.95
CA LEU E 665 -15.75 28.10 -5.65
C LEU E 665 -15.03 29.29 -4.99
N ASN E 666 -15.66 29.77 -3.91
CA ASN E 666 -15.13 30.91 -3.17
C ASN E 666 -13.87 30.65 -2.37
N ALA E 667 -12.92 31.58 -2.48
CA ALA E 667 -11.63 31.57 -1.80
C ALA E 667 -11.40 32.97 -1.23
N ARG E 668 -12.42 33.50 -0.55
CA ARG E 668 -12.44 34.85 0.04
C ARG E 668 -11.39 35.24 1.08
N SER E 669 -10.61 34.28 1.58
CA SER E 669 -9.59 34.57 2.57
C SER E 669 -8.38 35.31 2.02
N SER E 670 -7.60 35.85 2.94
CA SER E 670 -6.38 36.57 2.62
C SER E 670 -5.17 35.82 3.14
N ILE E 671 -4.12 35.76 2.35
CA ILE E 671 -2.92 35.05 2.76
C ILE E 671 -1.94 35.93 3.54
N LEU E 672 -1.23 35.29 4.45
CA LEU E 672 -0.21 35.89 5.29
C LEU E 672 0.91 34.90 5.12
N ALA E 673 1.91 35.26 4.31
CA ALA E 673 3.00 34.33 4.07
C ALA E 673 4.33 34.91 4.51
N SER E 674 5.11 34.07 5.17
CA SER E 674 6.44 34.42 5.62
C SER E 674 7.46 33.70 4.75
N ALA E 675 8.38 34.46 4.16
CA ALA E 675 9.38 33.86 3.28
C ALA E 675 10.77 34.21 3.76
N ASN E 676 11.74 33.56 3.13
CA ASN E 676 13.16 33.70 3.38
C ASN E 676 13.91 33.96 2.08
N PRO E 677 15.04 34.68 2.12
CA PRO E 677 15.78 34.93 0.89
C PRO E 677 16.64 33.73 0.49
N ILE E 678 17.41 33.94 -0.59
CA ILE E 678 18.29 32.89 -1.07
C ILE E 678 19.53 32.92 -0.16
N GLY E 679 20.23 31.80 -0.06
CA GLY E 679 21.40 31.72 0.78
C GLY E 679 21.02 31.64 2.24
N SER E 680 21.27 32.74 2.95
CA SER E 680 20.95 32.81 4.37
C SER E 680 20.62 34.25 4.76
N TYR E 682 20.76 38.08 4.38
CA TYR E 682 20.36 39.09 3.40
C TYR E 682 21.57 39.67 2.70
N ASN E 683 21.41 40.02 1.43
CA ASN E 683 22.48 40.60 0.64
C ASN E 683 22.04 41.91 0.02
N PRO E 684 22.56 43.03 0.49
CA PRO E 684 22.16 44.32 -0.09
C PRO E 684 22.89 44.66 -1.38
N ASN E 685 23.89 43.87 -1.77
CA ASN E 685 24.63 44.10 -3.01
C ASN E 685 23.88 43.52 -4.20
N LEU E 686 22.88 42.70 -3.95
CA LEU E 686 22.04 42.06 -4.94
C LEU E 686 20.68 42.76 -4.91
N PRO E 687 19.92 42.76 -6.01
CA PRO E 687 18.61 43.40 -5.99
C PRO E 687 17.59 42.61 -5.19
N VAL E 688 16.49 43.29 -4.82
CA VAL E 688 15.43 42.69 -4.02
C VAL E 688 14.66 41.64 -4.82
N THR E 689 14.52 41.86 -6.13
CA THR E 689 13.80 40.89 -6.96
C THR E 689 14.53 39.59 -7.27
N GLU E 690 15.83 39.52 -6.95
CA GLU E 690 16.60 38.31 -7.23
C GLU E 690 17.01 37.62 -5.93
N ASN E 691 17.08 38.40 -4.84
CA ASN E 691 17.50 37.84 -3.55
C ASN E 691 16.54 36.87 -2.89
N ILE E 692 15.24 36.98 -3.16
CA ILE E 692 14.29 36.09 -2.52
C ILE E 692 13.85 34.89 -3.36
N ASP E 693 14.47 34.70 -4.55
CA ASP E 693 14.26 33.56 -5.49
C ASP E 693 12.83 33.21 -5.91
N LEU E 694 12.14 34.14 -6.58
CA LEU E 694 10.75 34.03 -7.00
C LEU E 694 10.44 34.70 -8.33
N PRO E 695 9.32 34.35 -9.00
CA PRO E 695 8.98 35.03 -10.26
C PRO E 695 8.44 36.42 -10.00
N PRO E 696 8.79 37.39 -10.85
CA PRO E 696 8.36 38.80 -10.63
C PRO E 696 6.89 39.14 -10.88
N PRO E 697 6.12 38.59 -11.95
CA PRO E 697 4.72 39.07 -12.09
C PRO E 697 3.74 38.61 -11.01
N LEU E 698 4.03 37.46 -10.40
CA LEU E 698 3.22 36.93 -9.31
C LEU E 698 3.46 37.80 -8.09
N LEU E 699 4.71 38.26 -7.92
CA LEU E 699 5.04 39.14 -6.80
C LEU E 699 4.57 40.56 -7.06
N SER E 700 4.33 40.91 -8.32
CA SER E 700 3.82 42.22 -8.68
C SER E 700 2.32 42.17 -8.35
N ARG E 701 1.72 40.97 -8.47
CA ARG E 701 0.32 40.77 -8.11
C ARG E 701 0.09 40.71 -6.60
N PHE E 702 1.16 40.62 -5.80
CA PHE E 702 1.06 40.60 -4.35
C PHE E 702 0.72 42.01 -3.90
N ASP E 703 -0.25 42.12 -3.00
CA ASP E 703 -0.70 43.43 -2.53
C ASP E 703 0.26 44.15 -1.60
N LEU E 704 0.96 43.41 -0.74
CA LEU E 704 1.88 44.03 0.21
C LEU E 704 3.04 43.13 0.59
N VAL E 705 4.24 43.66 0.42
CA VAL E 705 5.48 42.95 0.76
C VAL E 705 6.05 43.65 1.99
N TYR E 706 6.86 42.93 2.75
CA TYR E 706 7.46 43.49 3.94
C TYR E 706 8.91 43.13 4.21
N LEU E 707 9.79 44.12 4.08
CA LEU E 707 11.21 43.95 4.35
C LEU E 707 11.32 44.06 5.87
N VAL E 708 11.53 42.94 6.51
CA VAL E 708 11.56 42.82 7.96
C VAL E 708 13.02 42.51 8.37
N LEU E 709 13.97 43.04 7.56
CA LEU E 709 15.42 42.89 7.76
C LEU E 709 15.85 43.58 9.05
N ASP E 710 16.85 43.01 9.72
CA ASP E 710 17.27 43.57 11.00
C ASP E 710 18.23 44.74 10.86
N LYS E 711 19.39 44.49 10.19
CA LYS E 711 20.52 45.41 9.98
C LYS E 711 21.04 45.92 11.33
N VAL E 712 21.55 44.98 12.13
CA VAL E 712 22.05 45.13 13.49
C VAL E 712 23.06 46.24 13.76
N ASP E 713 22.79 47.02 14.80
CA ASP E 713 23.61 48.15 15.18
C ASP E 713 23.41 48.47 16.66
N GLU E 714 23.90 49.63 17.06
CA GLU E 714 23.75 50.07 18.44
C GLU E 714 22.44 50.83 18.61
N LYS E 715 22.03 51.03 19.87
CA LYS E 715 20.83 51.71 20.37
C LYS E 715 19.47 51.17 19.92
N ASN E 716 19.44 50.01 19.26
CA ASN E 716 18.19 49.41 18.81
C ASN E 716 18.10 47.99 19.36
N ASP E 717 19.23 47.29 19.37
CA ASP E 717 19.23 45.92 19.88
C ASP E 717 19.47 45.89 21.38
N ARG E 718 19.98 47.00 21.93
CA ARG E 718 20.22 47.11 23.38
C ARG E 718 18.87 47.27 24.06
N GLU E 719 17.98 48.04 23.42
CA GLU E 719 16.62 48.23 23.93
C GLU E 719 15.80 46.96 23.75
N LEU E 720 16.15 46.17 22.71
CA LEU E 720 15.53 44.88 22.41
C LEU E 720 15.83 43.89 23.53
N ALA E 721 17.10 43.81 23.92
CA ALA E 721 17.51 42.91 25.01
C ALA E 721 16.99 43.41 26.36
N LYS E 722 16.90 44.74 26.54
CA LYS E 722 16.36 45.32 27.77
C LYS E 722 14.86 45.08 27.93
N HIS E 723 14.12 45.12 26.82
CA HIS E 723 12.69 44.87 26.87
C HIS E 723 12.42 43.37 27.03
N LEU E 724 13.34 42.53 26.55
CA LEU E 724 13.15 41.09 26.72
C LEU E 724 13.51 40.65 28.14
N THR E 725 14.34 41.44 28.84
CA THR E 725 14.68 41.06 30.21
C THR E 725 13.86 41.85 31.24
N ASN E 726 13.08 42.85 30.80
CA ASN E 726 12.28 43.65 31.71
C ASN E 726 11.09 42.87 32.30
N LEU E 727 10.66 41.80 31.64
CA LEU E 727 9.60 40.97 32.18
C LEU E 727 10.26 39.80 32.90
N TYR E 728 11.59 39.75 32.90
CA TYR E 728 12.36 38.74 33.60
C TYR E 728 12.84 39.42 34.87
N LEU E 729 12.60 40.74 34.99
CA LEU E 729 12.98 41.50 36.17
C LEU E 729 12.06 41.10 37.31
N GLU E 730 10.77 40.90 37.02
CA GLU E 730 9.78 40.46 37.99
C GLU E 730 9.35 39.06 37.60
N PHE E 746 -11.67 44.29 24.27
CA PHE E 746 -12.25 45.55 23.85
C PHE E 746 -11.90 45.76 22.39
N LEU E 747 -10.68 45.32 22.03
CA LEU E 747 -10.15 45.42 20.67
C LEU E 747 -10.93 44.59 19.67
N THR E 748 -11.27 43.34 20.02
CA THR E 748 -12.02 42.49 19.09
C THR E 748 -13.48 42.95 18.96
N MET E 749 -14.03 43.60 20.00
CA MET E 749 -15.39 44.12 19.94
C MET E 749 -15.46 45.34 19.06
N TYR E 750 -14.44 46.22 19.16
CA TYR E 750 -14.35 47.41 18.32
C TYR E 750 -14.09 47.04 16.87
N ILE E 751 -13.28 46.00 16.64
CA ILE E 751 -12.97 45.53 15.30
C ILE E 751 -14.18 44.86 14.65
N SER E 752 -14.92 44.05 15.43
CA SER E 752 -16.14 43.39 14.94
C SER E 752 -17.28 44.38 14.71
N TYR E 753 -17.29 45.50 15.43
CA TYR E 753 -18.31 46.50 15.20
C TYR E 753 -17.97 47.31 13.96
N ALA E 754 -16.67 47.64 13.78
CA ALA E 754 -16.24 48.42 12.64
C ALA E 754 -16.30 47.65 11.33
N LYS E 755 -16.10 46.33 11.39
CA LYS E 755 -16.12 45.53 10.18
C LYS E 755 -17.54 45.28 9.66
N GLU E 756 -18.52 45.32 10.56
CA GLU E 756 -19.89 45.07 10.13
C GLU E 756 -20.77 46.30 10.18
N HIS E 757 -20.25 47.48 10.52
CA HIS E 757 -21.10 48.65 10.57
C HIS E 757 -20.66 49.79 9.67
N ILE E 758 -19.53 49.67 8.99
CA ILE E 758 -19.03 50.76 8.15
C ILE E 758 -18.77 50.31 6.73
N HIS E 759 -19.43 50.96 5.77
CA HIS E 759 -19.27 50.73 4.34
C HIS E 759 -18.77 52.04 3.75
N PRO E 760 -17.45 52.28 3.77
CA PRO E 760 -16.93 53.55 3.26
C PRO E 760 -16.84 53.65 1.75
N ILE E 761 -17.13 54.84 1.24
CA ILE E 761 -17.05 55.07 -0.20
C ILE E 761 -15.78 55.84 -0.52
N ILE E 762 -15.16 55.51 -1.65
CA ILE E 762 -13.95 56.20 -2.08
C ILE E 762 -14.38 57.29 -3.03
N THR E 763 -14.42 58.53 -2.54
CA THR E 763 -14.84 59.65 -3.36
C THR E 763 -13.85 60.08 -4.45
N GLU E 764 -14.28 61.01 -5.30
CA GLU E 764 -13.43 61.50 -6.37
C GLU E 764 -12.43 62.54 -5.88
N ALA E 765 -12.66 63.11 -4.68
CA ALA E 765 -11.81 64.12 -4.06
C ALA E 765 -10.39 63.65 -3.78
N ALA E 766 -10.18 62.35 -3.60
CA ALA E 766 -8.84 61.80 -3.41
C ALA E 766 -8.27 61.29 -4.72
N LYS E 767 -8.72 61.84 -5.86
CA LYS E 767 -8.25 61.39 -7.17
C LYS E 767 -6.82 61.85 -7.45
N THR E 768 -6.59 63.18 -7.34
CA THR E 768 -5.33 63.87 -7.63
C THR E 768 -4.10 63.34 -6.89
N GLU E 769 -4.25 62.97 -5.62
CA GLU E 769 -3.10 62.43 -4.90
C GLU E 769 -2.87 60.96 -5.22
N LEU E 770 -3.84 60.29 -5.86
CA LEU E 770 -3.63 58.88 -6.18
C LEU E 770 -2.86 58.76 -7.50
N VAL E 771 -3.22 59.56 -8.49
CA VAL E 771 -2.55 59.52 -9.78
C VAL E 771 -1.05 59.63 -9.60
N ARG E 772 -0.62 60.69 -8.88
CA ARG E 772 0.80 60.96 -8.63
C ARG E 772 1.47 59.91 -7.74
N ALA E 773 0.68 59.19 -6.94
CA ALA E 773 1.26 58.13 -6.14
C ALA E 773 1.49 56.91 -6.99
N TYR E 774 0.75 56.81 -8.10
CA TYR E 774 0.93 55.67 -8.97
C TYR E 774 2.11 55.93 -9.90
N VAL E 775 2.21 57.14 -10.45
CA VAL E 775 3.32 57.42 -11.37
C VAL E 775 4.72 57.34 -10.75
N GLY E 776 4.84 57.48 -9.41
CA GLY E 776 6.12 57.37 -8.74
C GLY E 776 6.63 55.94 -8.74
N MET E 777 5.70 54.98 -8.81
CA MET E 777 6.12 53.59 -8.91
C MET E 777 6.14 53.28 -10.40
N ARG E 778 5.58 54.17 -11.23
CA ARG E 778 5.58 53.90 -12.66
C ARG E 778 6.69 54.63 -13.40
N LYS E 779 7.46 55.47 -12.72
CA LYS E 779 8.54 56.18 -13.40
C LYS E 779 9.84 55.40 -13.31
N THR E 795 -1.34 47.89 -12.32
CA THR E 795 -2.71 48.08 -11.86
C THR E 795 -2.97 47.31 -10.58
N ARG E 796 -2.05 46.41 -10.24
CA ARG E 796 -2.19 45.63 -9.02
C ARG E 796 -1.83 46.49 -7.82
N GLN E 797 -0.91 47.44 -8.01
CA GLN E 797 -0.51 48.35 -6.95
C GLN E 797 -1.62 49.35 -6.69
N LEU E 798 -2.34 49.75 -7.75
CA LEU E 798 -3.45 50.68 -7.62
C LEU E 798 -4.64 50.01 -6.93
N GLU E 799 -4.86 48.73 -7.25
CA GLU E 799 -5.93 47.94 -6.64
C GLU E 799 -5.60 47.63 -5.19
N SER E 800 -4.30 47.53 -4.88
CA SER E 800 -3.89 47.28 -3.51
C SER E 800 -4.01 48.56 -2.69
N MET E 801 -3.61 49.70 -3.27
CA MET E 801 -3.66 50.96 -2.55
C MET E 801 -5.07 51.51 -2.35
N ILE E 802 -6.03 51.14 -3.21
CA ILE E 802 -7.40 51.62 -2.98
C ILE E 802 -8.03 50.81 -1.85
N ARG E 803 -7.62 49.54 -1.68
CA ARG E 803 -8.13 48.72 -0.60
C ARG E 803 -7.44 49.14 0.69
N LEU E 804 -6.19 49.60 0.58
CA LEU E 804 -5.39 50.13 1.68
C LEU E 804 -6.00 51.45 2.16
N ALA E 805 -6.41 52.32 1.22
CA ALA E 805 -7.04 53.59 1.55
C ALA E 805 -8.44 53.41 2.12
N GLU E 806 -9.17 52.38 1.66
CA GLU E 806 -10.50 52.17 2.21
C GLU E 806 -10.39 51.48 3.57
N ALA E 807 -9.27 50.77 3.85
CA ALA E 807 -9.08 50.20 5.18
C ALA E 807 -8.66 51.30 6.16
N HIS E 808 -8.01 52.36 5.62
CA HIS E 808 -7.61 53.55 6.38
C HIS E 808 -8.91 54.27 6.72
N ALA E 809 -9.86 54.27 5.78
CA ALA E 809 -11.18 54.82 6.02
C ALA E 809 -12.03 53.92 6.91
N LYS E 810 -11.72 52.61 6.97
CA LYS E 810 -12.46 51.68 7.82
C LYS E 810 -12.19 51.95 9.29
N MET E 811 -10.91 52.17 9.65
CA MET E 811 -10.68 52.48 11.06
C MET E 811 -10.90 53.98 11.25
N LYS E 812 -11.02 54.39 12.53
CA LYS E 812 -11.28 55.71 13.13
C LYS E 812 -12.68 56.19 12.84
N LEU E 813 -13.64 55.26 12.61
CA LEU E 813 -15.08 55.50 12.37
C LEU E 813 -15.45 56.47 11.25
N LYS E 814 -14.90 56.30 10.07
CA LYS E 814 -15.16 57.19 8.95
C LYS E 814 -15.99 56.56 7.83
N ASN E 815 -16.95 57.32 7.30
CA ASN E 815 -17.78 56.80 6.22
C ASN E 815 -17.32 57.37 4.90
N VAL E 816 -16.60 58.49 4.91
CA VAL E 816 -16.09 59.14 3.71
C VAL E 816 -14.57 59.10 3.81
N VAL E 817 -13.90 58.79 2.70
CA VAL E 817 -12.44 58.72 2.69
C VAL E 817 -11.94 60.17 2.65
N GLU E 818 -10.74 60.41 3.15
CA GLU E 818 -10.17 61.75 3.20
C GLU E 818 -8.81 61.77 2.50
N LEU E 819 -8.41 62.98 2.08
CA LEU E 819 -7.16 63.22 1.36
C LEU E 819 -5.88 62.88 2.11
N GLU E 820 -5.86 63.03 3.43
CA GLU E 820 -4.66 62.74 4.20
C GLU E 820 -4.42 61.24 4.35
N ASP E 821 -5.51 60.46 4.35
CA ASP E 821 -5.48 59.00 4.52
C ASP E 821 -4.73 58.19 3.47
N VAL E 822 -4.52 58.73 2.28
CA VAL E 822 -3.77 57.99 1.29
C VAL E 822 -2.30 58.38 1.47
N GLN E 823 -2.01 59.56 2.03
CA GLN E 823 -0.62 59.95 2.18
C GLN E 823 0.09 58.86 2.97
N GLU E 824 -0.39 58.58 4.19
CA GLU E 824 0.24 57.55 4.99
C GLU E 824 0.21 56.19 4.32
N ALA E 825 -0.86 55.87 3.60
CA ALA E 825 -0.92 54.58 2.92
C ALA E 825 0.27 54.41 1.99
N VAL E 826 0.58 55.46 1.24
CA VAL E 826 1.67 55.37 0.29
C VAL E 826 2.96 55.33 1.09
N ARG E 827 3.04 56.11 2.17
CA ARG E 827 4.27 56.08 2.94
C ARG E 827 4.44 54.63 3.35
N LEU E 828 3.33 53.96 3.64
CA LEU E 828 3.38 52.58 4.08
C LEU E 828 4.09 51.74 3.04
N ILE E 829 3.55 51.76 1.81
CA ILE E 829 4.12 50.90 0.76
C ILE E 829 5.46 51.41 0.27
N ARG E 830 5.89 52.56 0.77
CA ARG E 830 7.20 53.06 0.34
C ARG E 830 8.20 52.71 1.44
N SER E 831 7.71 52.46 2.65
CA SER E 831 8.62 52.13 3.74
C SER E 831 8.64 50.63 3.93
N ALA E 832 7.72 49.93 3.28
CA ALA E 832 7.65 48.48 3.41
C ALA E 832 8.63 47.78 2.48
N ILE E 833 9.19 48.51 1.52
CA ILE E 833 10.13 47.95 0.56
C ILE E 833 11.39 48.81 0.60
N LYS E 834 11.32 49.94 1.34
CA LYS E 834 12.38 50.95 1.53
C LYS E 834 12.90 51.53 0.22
N ARG E 859 25.66 44.10 -8.37
CA ARG E 859 25.64 44.53 -9.76
C ARG E 859 27.04 44.64 -10.31
N LYS E 860 27.93 45.32 -9.59
CA LYS E 860 29.32 45.29 -9.98
C LYS E 860 29.75 43.86 -10.22
N LEU E 861 29.45 43.00 -9.25
CA LEU E 861 29.88 41.63 -9.32
C LEU E 861 29.47 41.00 -10.63
N GLN E 862 28.19 40.74 -10.79
CA GLN E 862 27.72 40.06 -11.98
C GLN E 862 28.15 40.79 -13.24
N GLU E 863 28.25 42.11 -13.16
CA GLU E 863 28.62 42.86 -14.34
C GLU E 863 29.99 42.48 -14.83
N ASP E 864 30.98 42.63 -13.97
CA ASP E 864 32.29 42.13 -14.28
C ASP E 864 32.21 40.69 -14.72
N LEU E 865 31.42 39.90 -14.00
CA LEU E 865 31.31 38.50 -14.32
C LEU E 865 30.99 38.31 -15.78
N SER E 866 29.79 38.72 -16.17
CA SER E 866 29.40 38.68 -17.56
C SER E 866 30.46 39.27 -18.43
N ARG E 867 30.99 40.41 -18.04
CA ARG E 867 32.02 41.04 -18.83
C ARG E 867 33.10 40.04 -19.17
N GLU E 868 33.67 39.44 -18.16
CA GLU E 868 34.72 38.48 -18.38
C GLU E 868 34.23 37.33 -19.23
N ILE E 869 33.08 36.78 -18.87
CA ILE E 869 32.53 35.67 -19.63
C ILE E 869 32.54 36.02 -21.10
N MET E 870 32.03 37.20 -21.42
CA MET E 870 32.07 37.69 -22.78
C MET E 870 33.48 37.69 -23.29
N ASN E 871 34.41 38.13 -22.46
CA ASN E 871 35.77 38.25 -22.92
C ASN E 871 36.32 36.89 -23.32
N VAL E 872 36.34 35.96 -22.38
CA VAL E 872 36.92 34.65 -22.65
C VAL E 872 36.16 33.95 -23.74
N LEU E 873 34.87 34.25 -23.87
CA LEU E 873 34.15 33.78 -25.03
C LEU E 873 34.85 34.30 -26.28
N LYS E 874 34.93 35.62 -26.39
CA LYS E 874 35.53 36.25 -27.54
C LYS E 874 36.89 35.64 -27.83
N ASP E 875 37.75 35.64 -26.82
CA ASP E 875 39.10 35.12 -26.96
C ASP E 875 39.13 33.61 -27.11
N GLN E 876 38.01 32.94 -26.94
CA GLN E 876 37.91 31.49 -27.10
C GLN E 876 37.42 31.16 -28.49
N ALA E 877 37.36 32.16 -29.35
CA ALA E 877 36.57 32.09 -30.58
C ALA E 877 35.14 31.72 -30.26
N SER E 878 34.67 32.24 -29.12
CA SER E 878 33.32 32.04 -28.61
C SER E 878 33.20 30.72 -27.86
N ASP E 879 34.27 29.94 -27.79
CA ASP E 879 34.10 28.70 -27.06
C ASP E 879 33.89 29.00 -25.58
N SER E 880 33.63 27.94 -24.82
CA SER E 880 33.18 28.12 -23.45
C SER E 880 34.33 28.64 -22.59
N MET E 881 33.98 29.46 -21.62
CA MET E 881 34.94 29.81 -20.57
C MET E 881 35.01 28.66 -19.58
N SER E 882 36.20 28.37 -19.10
CA SER E 882 36.38 27.31 -18.12
C SER E 882 36.09 27.83 -16.74
N PHE E 883 35.56 26.94 -15.90
CA PHE E 883 35.52 27.23 -14.48
C PHE E 883 36.84 27.78 -14.04
N ASN E 884 37.90 27.07 -14.39
CA ASN E 884 39.21 27.44 -13.90
C ASN E 884 39.59 28.82 -14.39
N GLU E 885 39.64 29.01 -15.70
CA GLU E 885 40.10 30.30 -16.22
C GLU E 885 39.24 31.42 -15.68
N LEU E 886 37.95 31.15 -15.58
CA LEU E 886 37.07 32.11 -14.93
C LEU E 886 37.62 32.51 -13.58
N ILE E 887 37.67 31.55 -12.66
CA ILE E 887 38.17 31.84 -11.33
C ILE E 887 39.50 32.55 -11.40
N LYS E 888 40.29 32.19 -12.40
CA LYS E 888 41.67 32.64 -12.49
C LYS E 888 41.73 34.12 -12.81
N GLN E 889 41.08 34.53 -13.89
CA GLN E 889 41.08 35.92 -14.23
C GLN E 889 40.33 36.74 -13.20
N ILE E 890 39.35 36.14 -12.54
CA ILE E 890 38.45 36.84 -11.64
C ILE E 890 39.07 37.12 -10.28
N ASN E 891 39.88 36.21 -9.77
CA ASN E 891 40.73 36.61 -8.67
C ASN E 891 41.92 37.38 -9.20
N GLU E 892 42.31 37.10 -10.45
CA GLU E 892 43.52 37.66 -11.04
C GLU E 892 43.44 39.16 -11.14
N HIS E 893 42.60 39.65 -12.05
CA HIS E 893 42.18 41.01 -11.76
C HIS E 893 41.69 40.83 -10.35
N SER E 894 42.31 41.52 -9.40
CA SER E 894 42.33 40.99 -8.05
C SER E 894 41.51 41.83 -7.11
N GLN E 895 42.07 42.97 -6.72
CA GLN E 895 41.31 44.16 -6.39
C GLN E 895 40.10 43.83 -5.53
N ASP E 896 38.91 44.23 -5.98
CA ASP E 896 37.69 43.81 -5.33
C ASP E 896 37.74 42.29 -5.30
N ARG E 897 37.67 41.72 -4.11
CA ARG E 897 38.18 40.37 -3.98
C ARG E 897 37.05 39.43 -4.27
N VAL E 898 37.11 38.85 -5.46
CA VAL E 898 36.07 37.94 -5.87
C VAL E 898 36.55 36.58 -5.40
N GLU E 899 35.90 36.09 -4.37
CA GLU E 899 36.27 34.79 -3.86
C GLU E 899 35.62 33.74 -4.74
N SER E 900 36.39 32.72 -5.05
CA SER E 900 35.93 31.67 -5.94
C SER E 900 34.60 31.10 -5.49
N SER E 901 34.30 31.15 -4.19
CA SER E 901 32.98 30.74 -3.76
C SER E 901 31.94 31.75 -4.18
N ASP E 902 32.18 33.01 -3.85
CA ASP E 902 31.34 34.06 -4.37
C ASP E 902 31.22 33.96 -5.87
N ILE E 903 32.35 33.74 -6.52
CA ILE E 903 32.34 33.47 -7.94
C ILE E 903 31.31 32.39 -8.24
N GLN E 904 31.46 31.24 -7.59
CA GLN E 904 30.55 30.13 -7.82
C GLN E 904 29.11 30.59 -7.67
N GLU E 905 28.87 31.42 -6.67
CA GLU E 905 27.52 31.83 -6.38
C GLU E 905 26.96 32.70 -7.48
N ALA E 906 27.64 33.79 -7.79
CA ALA E 906 27.11 34.70 -8.80
C ALA E 906 26.97 33.99 -10.12
N LEU E 907 27.96 33.17 -10.47
CA LEU E 907 27.87 32.36 -11.66
C LEU E 907 26.57 31.58 -11.65
N SER E 908 26.36 30.83 -10.59
CA SER E 908 25.12 30.14 -10.41
C SER E 908 23.95 31.08 -10.68
N ARG E 909 24.05 32.30 -10.17
CA ARG E 909 22.96 33.24 -10.34
C ARG E 909 22.68 33.52 -11.81
N LEU E 910 23.69 33.96 -12.54
CA LEU E 910 23.47 34.31 -13.93
C LEU E 910 22.96 33.11 -14.72
N GLN E 911 23.57 31.96 -14.51
CA GLN E 911 23.14 30.79 -15.25
C GLN E 911 21.69 30.50 -14.94
N GLN E 912 21.39 30.34 -13.68
CA GLN E 912 20.03 30.22 -13.21
C GLN E 912 19.19 31.40 -13.61
N GLU E 913 19.76 32.59 -13.69
CA GLU E 913 19.03 33.71 -14.25
C GLU E 913 18.91 33.56 -15.75
N ASP E 914 19.55 32.55 -16.31
CA ASP E 914 19.65 32.40 -17.75
C ASP E 914 20.26 33.66 -18.29
N LYS E 915 20.82 34.42 -17.37
CA LYS E 915 21.85 35.37 -17.67
C LYS E 915 23.11 34.64 -17.99
N VAL E 916 23.11 33.35 -17.79
CA VAL E 916 24.22 32.54 -18.21
C VAL E 916 23.64 31.18 -18.57
N ILE E 917 24.33 30.47 -19.45
CA ILE E 917 24.03 29.08 -19.71
C ILE E 917 25.33 28.28 -19.73
N VAL E 918 25.68 27.59 -18.60
CA VAL E 918 26.92 26.70 -18.45
C VAL E 918 26.90 25.36 -17.55
N LEU E 919 27.86 24.40 -17.72
CA LEU E 919 27.90 23.07 -16.94
C LEU E 919 29.21 22.13 -16.78
N GLY E 920 29.14 21.06 -15.94
CA GLY E 920 30.20 20.02 -15.65
C GLY E 920 30.74 19.88 -14.20
N GLU E 921 31.43 18.81 -13.66
CA GLU E 921 31.72 19.16 -12.28
C GLU E 921 32.79 20.23 -12.27
N GLY E 922 34.05 19.81 -12.34
CA GLY E 922 35.17 20.73 -12.35
C GLY E 922 35.33 21.40 -13.70
N VAL E 923 34.23 21.51 -14.44
CA VAL E 923 34.25 22.12 -15.76
C VAL E 923 33.37 23.36 -15.79
N ARG E 924 33.92 24.46 -16.32
CA ARG E 924 33.19 25.72 -16.39
C ARG E 924 32.92 26.11 -17.85
N ARG E 925 31.66 26.41 -18.15
CA ARG E 925 31.27 26.81 -19.49
C ARG E 925 30.72 28.24 -19.51
N SER E 926 31.22 29.04 -20.45
CA SER E 926 30.79 30.42 -20.57
C SER E 926 29.32 30.51 -20.95
N VAL E 927 28.63 31.49 -20.37
CA VAL E 927 27.21 31.68 -20.64
C VAL E 927 26.96 32.03 -22.10
N ARG E 928 25.88 31.49 -22.65
CA ARG E 928 25.52 31.75 -24.05
C ARG E 928 24.27 32.60 -24.14
N VAL F 20 -8.03 -47.53 53.02
CA VAL F 20 -7.04 -47.26 51.98
C VAL F 20 -6.64 -45.77 51.96
N PHE F 21 -7.41 -44.90 52.59
CA PHE F 21 -7.12 -43.47 52.68
C PHE F 21 -6.59 -43.18 54.07
N GLY F 22 -7.18 -43.82 55.08
CA GLY F 22 -6.78 -43.61 56.47
C GLY F 22 -5.39 -44.14 56.80
N ASP F 23 -5.01 -45.26 56.19
CA ASP F 23 -3.69 -45.84 56.40
C ASP F 23 -2.61 -44.98 55.74
N ARG F 24 -2.92 -44.41 54.58
CA ARG F 24 -1.96 -43.56 53.88
C ARG F 24 -1.83 -42.19 54.56
N VAL F 25 -2.94 -41.69 55.14
CA VAL F 25 -2.86 -40.40 55.83
C VAL F 25 -2.16 -40.55 57.18
N ARG F 26 -2.24 -41.75 57.82
CA ARG F 26 -1.52 -41.91 59.07
C ARG F 26 -0.05 -42.22 58.80
N ARG F 27 0.27 -42.79 57.62
CA ARG F 27 1.67 -43.03 57.26
C ARG F 27 2.36 -41.72 56.90
N PHE F 28 1.62 -40.78 56.28
CA PHE F 28 2.23 -39.49 55.96
C PHE F 28 2.34 -38.65 57.24
N GLN F 29 1.42 -38.87 58.20
CA GLN F 29 1.50 -38.16 59.48
C GLN F 29 2.68 -38.69 60.31
N GLU F 30 2.97 -40.00 60.20
CA GLU F 30 4.11 -40.58 60.90
C GLU F 30 5.43 -40.14 60.25
N PHE F 31 5.42 -39.93 58.93
CA PHE F 31 6.62 -39.46 58.22
C PHE F 31 6.85 -37.99 58.55
N LEU F 32 5.78 -37.22 58.73
CA LEU F 32 5.94 -35.81 59.09
C LEU F 32 6.28 -35.66 60.57
N ASP F 33 5.93 -36.66 61.39
CA ASP F 33 6.28 -36.59 62.80
C ASP F 33 7.74 -37.00 62.95
N THR F 34 8.22 -37.86 62.04
CA THR F 34 9.62 -38.28 62.08
C THR F 34 10.53 -37.17 61.59
N PHE F 35 10.15 -36.50 60.51
CA PHE F 35 10.92 -35.42 59.93
C PHE F 35 10.23 -34.08 60.14
N THR F 36 10.78 -33.26 61.04
CA THR F 36 10.20 -31.95 61.35
C THR F 36 10.61 -30.84 60.42
N SER F 37 11.37 -31.17 59.35
CA SER F 37 11.85 -30.22 58.36
C SER F 37 10.75 -29.58 57.51
N TYR F 38 9.59 -30.20 57.43
CA TYR F 38 8.47 -29.66 56.67
C TYR F 38 7.50 -28.99 57.65
N ARG F 39 7.48 -29.45 58.90
CA ARG F 39 6.59 -28.89 59.91
C ARG F 39 7.06 -27.51 60.34
N ASP F 40 8.39 -27.33 60.50
CA ASP F 40 8.91 -26.01 60.88
C ASP F 40 8.87 -25.09 59.66
N SER F 41 8.93 -25.66 58.45
CA SER F 41 8.86 -24.88 57.22
C SER F 41 7.45 -24.34 57.01
N VAL F 42 6.41 -25.14 57.31
CA VAL F 42 5.04 -24.65 57.15
C VAL F 42 4.69 -23.71 58.31
N ARG F 43 5.39 -23.86 59.46
CA ARG F 43 5.21 -22.94 60.57
C ARG F 43 5.85 -21.60 60.24
N SER F 44 6.95 -21.65 59.46
CA SER F 44 7.63 -20.44 59.00
C SER F 44 6.79 -19.72 57.96
N ILE F 45 6.08 -20.50 57.13
CA ILE F 45 5.16 -20.00 56.09
C ILE F 45 4.01 -19.27 56.78
N GLN F 46 3.45 -19.88 57.83
CA GLN F 46 2.37 -19.28 58.61
C GLN F 46 2.79 -18.05 59.41
N VAL F 47 4.02 -18.04 59.96
CA VAL F 47 4.45 -16.87 60.73
C VAL F 47 4.84 -15.73 59.78
N TYR F 48 5.23 -16.04 58.53
CA TYR F 48 5.55 -15.01 57.55
C TYR F 48 4.25 -14.38 57.07
N ASN F 49 3.20 -15.21 56.92
CA ASN F 49 1.88 -14.72 56.52
C ASN F 49 1.25 -13.90 57.63
N SER F 50 1.49 -14.29 58.90
CA SER F 50 0.98 -13.54 60.04
C SER F 50 1.70 -12.21 60.21
N ASN F 51 3.01 -12.17 59.91
CA ASN F 51 3.76 -10.93 59.99
C ASN F 51 3.36 -9.97 58.87
N ASN F 52 3.04 -10.51 57.70
CA ASN F 52 2.59 -9.67 56.60
C ASN F 52 1.16 -9.19 56.83
N ALA F 53 0.37 -9.98 57.57
CA ALA F 53 -0.99 -9.57 57.89
C ALA F 53 -0.97 -8.54 59.00
N ALA F 54 0.02 -8.63 59.89
CA ALA F 54 0.16 -7.66 60.96
C ALA F 54 0.74 -6.36 60.43
N ASN F 55 1.49 -6.43 59.34
CA ASN F 55 2.04 -5.22 58.73
C ASN F 55 0.92 -4.56 57.94
N TYR F 56 0.00 -5.37 57.41
CA TYR F 56 -1.14 -4.84 56.67
C TYR F 56 -2.28 -4.49 57.60
N ILE F 91 2.80 -12.35 49.80
CA ILE F 91 2.38 -13.63 50.35
C ILE F 91 3.16 -14.76 49.66
N LEU F 92 3.19 -15.93 50.26
CA LEU F 92 3.90 -17.04 49.65
C LEU F 92 2.87 -18.00 49.10
N PRO F 93 3.09 -18.65 47.93
CA PRO F 93 2.07 -19.52 47.31
C PRO F 93 1.85 -20.93 47.83
N HIS F 94 1.81 -21.07 49.17
CA HIS F 94 1.51 -22.30 49.93
C HIS F 94 2.02 -23.70 49.54
N ARG F 95 3.28 -23.79 49.14
CA ARG F 95 3.82 -25.09 48.75
C ARG F 95 5.16 -25.39 49.40
N ILE F 96 5.33 -26.64 49.82
CA ILE F 96 6.54 -27.11 50.46
C ILE F 96 7.20 -28.19 49.62
N ILE F 97 8.47 -27.98 49.28
CA ILE F 97 9.24 -28.94 48.50
C ILE F 97 9.65 -30.07 49.42
N ILE F 98 9.37 -31.30 49.02
CA ILE F 98 9.67 -32.48 49.82
C ILE F 98 10.90 -33.20 49.27
N SER F 99 11.89 -33.41 50.15
CA SER F 99 13.11 -34.12 49.78
C SER F 99 12.77 -35.59 49.69
N LEU F 100 12.93 -36.18 48.50
CA LEU F 100 12.58 -37.57 48.28
C LEU F 100 13.54 -38.59 48.88
N ASP F 101 14.76 -38.13 49.25
CA ASP F 101 15.78 -39.00 49.84
C ASP F 101 15.42 -39.52 51.23
N ASP F 102 14.54 -38.81 51.94
CA ASP F 102 14.07 -39.25 53.24
C ASP F 102 12.89 -40.19 53.07
N LEU F 103 12.35 -40.32 51.85
CA LEU F 103 11.18 -41.19 51.67
C LEU F 103 11.55 -42.61 51.27
N ARG F 104 12.76 -42.82 50.75
CA ARG F 104 13.15 -44.15 50.31
C ARG F 104 13.56 -45.05 51.47
N GLU F 105 14.36 -44.52 52.39
CA GLU F 105 14.82 -45.33 53.52
C GLU F 105 13.77 -45.46 54.63
N PHE F 106 12.79 -44.57 54.66
CA PHE F 106 11.77 -44.63 55.70
C PHE F 106 10.69 -45.64 55.36
N ASP F 107 10.22 -45.64 54.11
CA ASP F 107 9.15 -46.55 53.70
C ASP F 107 9.31 -46.92 52.22
N ARG F 108 9.54 -48.20 51.97
CA ARG F 108 9.74 -48.67 50.60
C ARG F 108 8.43 -48.76 49.83
N SER F 109 7.37 -49.24 50.49
CA SER F 109 6.06 -49.40 49.84
C SER F 109 5.40 -48.08 49.54
N PHE F 110 5.60 -47.07 50.41
CA PHE F 110 5.04 -45.73 50.23
C PHE F 110 5.73 -45.03 49.07
N TRP F 111 7.05 -45.27 48.95
CA TRP F 111 7.87 -44.74 47.87
C TRP F 111 7.48 -45.35 46.54
N SER F 112 7.23 -46.67 46.55
CA SER F 112 6.80 -47.37 45.35
C SER F 112 5.38 -46.99 44.96
N GLY F 113 4.53 -46.70 45.96
CA GLY F 113 3.17 -46.28 45.66
C GLY F 113 3.10 -44.87 45.12
N ILE F 114 4.04 -44.02 45.54
CA ILE F 114 4.11 -42.64 45.04
C ILE F 114 4.61 -42.72 43.60
N LEU F 115 5.63 -43.55 43.35
CA LEU F 115 6.18 -43.72 42.01
C LEU F 115 5.29 -44.44 40.99
N VAL F 116 4.35 -45.28 41.44
CA VAL F 116 3.52 -45.97 40.46
C VAL F 116 2.05 -45.52 40.49
N GLU F 117 1.54 -44.95 41.61
CA GLU F 117 0.15 -44.49 41.70
C GLU F 117 0.03 -43.16 42.45
N PRO F 118 0.39 -42.03 41.83
CA PRO F 118 0.27 -40.75 42.54
C PRO F 118 -1.16 -40.27 42.67
N ALA F 119 -2.09 -40.79 41.86
CA ALA F 119 -3.50 -40.45 41.95
C ALA F 119 -4.13 -40.99 43.23
N TYR F 120 -3.57 -42.08 43.77
CA TYR F 120 -4.04 -42.66 45.00
C TYR F 120 -3.07 -42.37 46.13
N PHE F 121 -1.91 -41.74 45.84
CA PHE F 121 -0.98 -41.44 46.92
C PHE F 121 -0.73 -39.97 47.26
N ILE F 122 -0.89 -39.06 46.29
CA ILE F 122 -0.73 -37.61 46.46
C ILE F 122 -1.88 -36.92 47.23
N PRO F 123 -3.20 -37.20 46.98
CA PRO F 123 -4.27 -36.55 47.82
C PRO F 123 -4.32 -36.93 49.30
N PRO F 124 -3.95 -38.17 49.77
CA PRO F 124 -3.91 -38.34 51.24
C PRO F 124 -2.72 -37.64 51.88
N ALA F 125 -1.65 -37.44 51.12
CA ALA F 125 -0.48 -36.71 51.62
C ALA F 125 -0.79 -35.21 51.71
N GLU F 126 -1.58 -34.69 50.76
CA GLU F 126 -1.92 -33.27 50.86
C GLU F 126 -3.04 -33.08 51.89
N LYS F 127 -3.82 -34.14 52.18
CA LYS F 127 -4.83 -34.09 53.23
C LYS F 127 -4.14 -34.06 54.59
N ALA F 128 -3.02 -34.81 54.70
CA ALA F 128 -2.21 -34.81 55.91
C ALA F 128 -1.51 -33.47 56.10
N LEU F 129 -1.11 -32.85 54.98
CA LEU F 129 -0.46 -31.53 55.04
C LEU F 129 -1.44 -30.43 55.45
N THR F 130 -2.69 -30.52 54.99
CA THR F 130 -3.72 -29.54 55.37
C THR F 130 -4.14 -29.75 56.82
N ASP F 131 -4.12 -31.00 57.29
CA ASP F 131 -4.46 -31.32 58.68
C ASP F 131 -3.32 -30.87 59.58
N LEU F 132 -2.07 -30.95 59.09
CA LEU F 132 -0.91 -30.50 59.86
C LEU F 132 -0.87 -28.99 59.91
N ALA F 133 -1.35 -28.33 58.85
CA ALA F 133 -1.40 -26.88 58.82
C ALA F 133 -2.52 -26.37 59.73
N ASP F 134 -3.57 -27.17 59.91
CA ASP F 134 -4.64 -26.77 60.79
C ASP F 134 -4.25 -27.06 62.23
N SER F 135 -3.49 -28.14 62.45
CA SER F 135 -3.06 -28.49 63.81
C SER F 135 -1.90 -27.65 64.30
N MET F 136 -1.08 -27.14 63.39
CA MET F 136 0.07 -26.33 63.81
C MET F 136 -0.32 -24.89 64.08
N ASP F 137 -1.51 -24.50 63.66
CA ASP F 137 -1.99 -23.14 63.86
C ASP F 137 -3.13 -23.12 64.87
N ASP F 138 -3.11 -22.14 65.78
CA ASP F 138 -4.18 -22.07 66.76
C ASP F 138 -4.93 -20.74 66.73
N VAL F 139 -4.71 -19.91 65.71
CA VAL F 139 -5.40 -18.63 65.58
C VAL F 139 -6.63 -18.98 64.73
N PRO F 140 -7.67 -18.14 64.67
CA PRO F 140 -8.85 -18.47 63.85
C PRO F 140 -8.56 -18.39 62.34
N HIS F 141 -9.32 -19.22 61.63
CA HIS F 141 -9.30 -19.45 60.17
C HIS F 141 -7.91 -19.87 59.67
N HIS F 151 -8.83 -23.00 52.78
CA HIS F 151 -7.82 -22.89 51.74
C HIS F 151 -6.96 -24.15 51.69
N PRO F 152 -6.71 -24.68 50.49
CA PRO F 152 -5.92 -25.90 50.37
C PRO F 152 -4.42 -25.65 50.37
N TRP F 153 -3.68 -26.76 50.40
CA TRP F 153 -2.24 -26.76 50.40
C TRP F 153 -1.75 -27.83 49.42
N LYS F 154 -0.69 -27.51 48.68
CA LYS F 154 -0.14 -28.43 47.69
C LYS F 154 1.23 -28.98 48.07
N LEU F 155 1.76 -29.86 47.23
CA LEU F 155 3.05 -30.49 47.45
C LEU F 155 4.00 -30.34 46.27
N SER F 156 5.28 -30.67 46.52
CA SER F 156 6.32 -30.59 45.51
C SER F 156 7.44 -31.57 45.83
N PHE F 157 8.09 -32.08 44.79
CA PHE F 157 9.18 -33.02 44.95
C PHE F 157 10.48 -32.59 44.28
N LYS F 158 11.56 -33.28 44.65
CA LYS F 158 12.88 -33.01 44.12
C LYS F 158 13.76 -34.25 44.28
N GLY F 159 14.92 -34.24 43.62
CA GLY F 159 15.85 -35.34 43.71
C GLY F 159 15.93 -36.23 42.49
N SER F 160 16.66 -37.33 42.62
CA SER F 160 16.85 -38.28 41.53
C SER F 160 15.61 -39.14 41.34
N PHE F 161 15.35 -39.52 40.08
CA PHE F 161 14.17 -40.33 39.77
C PHE F 161 14.55 -41.68 39.16
N GLY F 162 15.74 -41.80 38.60
CA GLY F 162 16.13 -43.08 38.02
C GLY F 162 15.71 -43.16 36.58
N ALA F 163 14.82 -44.12 36.29
CA ALA F 163 14.36 -44.31 34.92
C ALA F 163 13.19 -43.40 34.59
N HIS F 164 12.63 -42.71 35.59
CA HIS F 164 11.49 -41.84 35.33
C HIS F 164 11.96 -40.50 34.79
N ALA F 165 13.24 -40.16 34.97
CA ALA F 165 13.80 -38.92 34.47
C ALA F 165 14.23 -39.21 33.03
N LEU F 166 13.51 -38.63 32.06
CA LEU F 166 13.85 -38.91 30.68
C LEU F 166 13.61 -37.76 29.70
N SER F 167 14.15 -37.96 28.50
CA SER F 167 14.04 -37.02 27.40
C SER F 167 12.59 -37.05 26.89
N PRO F 168 12.06 -35.93 26.37
CA PRO F 168 10.68 -35.94 25.87
C PRO F 168 10.52 -36.65 24.53
N ARG F 169 11.62 -36.88 23.80
CA ARG F 169 11.53 -37.60 22.55
C ARG F 169 11.41 -39.10 22.82
N THR F 170 11.85 -39.54 23.98
CA THR F 170 11.76 -40.92 24.40
C THR F 170 10.50 -41.10 25.24
N LEU F 171 9.78 -40.01 25.51
CA LEU F 171 8.54 -40.10 26.27
C LEU F 171 7.45 -40.63 25.36
N THR F 172 6.98 -41.83 25.67
CA THR F 172 5.98 -42.53 24.88
C THR F 172 4.77 -42.86 25.73
N ALA F 173 3.88 -43.69 25.16
CA ALA F 173 2.65 -44.17 25.78
C ALA F 173 2.84 -45.03 27.03
N GLN F 174 4.04 -45.54 27.31
CA GLN F 174 4.28 -46.30 28.52
C GLN F 174 4.37 -45.32 29.68
N HIS F 175 4.14 -45.85 30.90
CA HIS F 175 4.11 -45.18 32.22
C HIS F 175 3.28 -43.88 32.26
N LEU F 176 2.00 -44.01 31.93
CA LEU F 176 1.07 -42.89 31.90
C LEU F 176 0.79 -42.26 33.25
N ASN F 177 0.24 -43.06 34.18
CA ASN F 177 -0.16 -42.62 35.50
C ASN F 177 1.02 -42.19 36.37
N LYS F 178 2.20 -42.80 36.17
CA LYS F 178 3.41 -42.48 36.91
C LYS F 178 3.93 -41.07 36.61
N LEU F 179 4.50 -40.44 37.63
CA LEU F 179 5.02 -39.08 37.51
C LEU F 179 6.31 -39.03 36.70
N VAL F 180 6.38 -38.04 35.81
CA VAL F 180 7.48 -37.87 34.87
C VAL F 180 8.26 -36.57 35.11
N SER F 181 9.58 -36.70 35.23
CA SER F 181 10.52 -35.60 35.36
C SER F 181 11.15 -35.47 33.98
N VAL F 182 10.96 -34.32 33.33
CA VAL F 182 11.48 -34.12 31.99
C VAL F 182 12.08 -32.72 31.82
N GLU F 183 13.32 -32.67 31.35
CA GLU F 183 14.03 -31.42 31.13
C GLU F 183 14.03 -31.03 29.66
N GLY F 184 14.35 -29.77 29.38
CA GLY F 184 14.38 -29.30 28.01
C GLY F 184 14.43 -27.79 27.93
N ILE F 185 13.92 -27.30 26.80
CA ILE F 185 13.86 -25.87 26.50
C ILE F 185 12.41 -25.54 26.16
N VAL F 186 11.93 -24.40 26.68
CA VAL F 186 10.55 -24.00 26.42
C VAL F 186 10.47 -23.17 25.15
N THR F 187 9.41 -23.37 24.39
CA THR F 187 9.21 -22.67 23.12
C THR F 187 8.13 -21.62 23.21
N LYS F 188 7.06 -21.90 23.95
CA LYS F 188 5.97 -20.94 24.06
C LYS F 188 5.47 -20.90 25.49
N THR F 189 4.99 -19.71 25.86
CA THR F 189 4.41 -19.44 27.15
C THR F 189 3.17 -18.64 26.83
N SER F 190 2.00 -19.25 27.05
CA SER F 190 0.75 -18.59 26.72
C SER F 190 0.36 -17.44 27.66
N LEU F 191 -0.75 -16.79 27.31
CA LEU F 191 -1.25 -15.69 28.11
C LEU F 191 -1.88 -16.24 29.37
N VAL F 192 -1.73 -15.51 30.47
CA VAL F 192 -2.29 -15.88 31.75
C VAL F 192 -3.81 -15.73 31.70
N ARG F 193 -4.54 -16.83 31.99
CA ARG F 193 -5.99 -16.67 31.85
C ARG F 193 -6.71 -17.09 33.13
N PRO F 194 -7.60 -16.24 33.66
CA PRO F 194 -8.33 -16.61 34.87
C PRO F 194 -9.52 -17.50 34.53
N LYS F 195 -9.84 -18.41 35.43
CA LYS F 195 -10.95 -19.33 35.28
C LYS F 195 -11.79 -19.31 36.54
N LEU F 196 -13.05 -19.70 36.36
CA LEU F 196 -14.03 -19.75 37.43
C LEU F 196 -14.11 -21.14 38.03
N ILE F 197 -13.98 -21.22 39.35
CA ILE F 197 -14.08 -22.51 40.03
C ILE F 197 -15.27 -22.40 40.97
N ARG F 198 -15.73 -21.17 41.20
CA ARG F 198 -16.85 -20.85 42.07
C ARG F 198 -17.40 -19.50 41.65
N SER F 199 -18.71 -19.43 41.44
CA SER F 199 -19.38 -18.21 41.04
C SER F 199 -20.50 -17.87 42.02
N VAL F 200 -20.53 -16.62 42.47
CA VAL F 200 -21.54 -16.15 43.40
C VAL F 200 -22.50 -15.21 42.70
N HIS F 201 -23.69 -15.07 43.25
CA HIS F 201 -24.75 -14.23 42.71
C HIS F 201 -25.59 -13.64 43.84
N TYR F 202 -26.34 -12.59 43.52
CA TYR F 202 -27.18 -11.93 44.51
C TYR F 202 -28.61 -11.79 44.00
N ALA F 203 -29.56 -12.02 44.90
CA ALA F 203 -30.99 -11.91 44.63
C ALA F 203 -31.44 -10.59 45.28
N ALA F 204 -31.81 -9.64 44.42
CA ALA F 204 -32.22 -8.32 44.90
C ALA F 204 -33.69 -8.29 45.32
N LYS F 205 -34.44 -9.36 45.05
CA LYS F 205 -35.84 -9.40 45.44
C LYS F 205 -35.96 -9.64 46.93
N THR F 206 -34.99 -10.35 47.50
CA THR F 206 -34.97 -10.63 48.93
C THR F 206 -33.62 -10.24 49.48
N GLY F 207 -32.66 -9.90 48.63
CA GLY F 207 -31.34 -9.53 49.10
C GLY F 207 -30.48 -10.68 49.54
N ARG F 208 -30.71 -11.87 49.01
CA ARG F 208 -29.92 -13.02 49.43
C ARG F 208 -28.70 -13.24 48.54
N PHE F 209 -27.86 -14.19 48.92
CA PHE F 209 -26.66 -14.52 48.18
C PHE F 209 -26.63 -16.02 47.91
N HIS F 210 -26.31 -16.37 46.66
CA HIS F 210 -26.21 -17.76 46.24
C HIS F 210 -24.82 -18.02 45.67
N TYR F 211 -24.42 -19.28 45.65
CA TYR F 211 -23.11 -19.65 45.13
C TYR F 211 -23.12 -21.03 44.52
N ARG F 212 -22.28 -21.22 43.52
CA ARG F 212 -22.15 -22.50 42.83
C ARG F 212 -20.67 -22.77 42.61
N ASP F 213 -20.30 -24.05 42.63
CA ASP F 213 -18.92 -24.46 42.43
C ASP F 213 -18.72 -25.14 41.08
N TYR F 214 -17.50 -25.09 40.57
CA TYR F 214 -17.17 -25.68 39.29
C TYR F 214 -15.96 -26.60 39.38
N THR F 215 -16.07 -27.77 38.76
CA THR F 215 -15.00 -28.75 38.73
C THR F 215 -14.69 -29.19 37.32
N ASP F 216 -13.46 -29.62 37.11
CA ASP F 216 -13.01 -30.08 35.79
C ASP F 216 -12.01 -31.22 35.94
N ALA F 217 -11.33 -31.55 34.85
CA ALA F 217 -10.36 -32.63 34.88
C ALA F 217 -8.94 -32.16 35.20
N THR F 218 -8.77 -30.89 35.58
CA THR F 218 -7.45 -30.35 35.90
C THR F 218 -7.31 -29.90 37.34
N THR F 219 -8.31 -30.16 38.18
CA THR F 219 -8.24 -29.76 39.57
C THR F 219 -7.92 -30.93 40.48
N THR F 220 -8.10 -32.15 40.00
CA THR F 220 -7.82 -33.37 40.77
C THR F 220 -6.97 -34.27 39.89
N LEU F 221 -6.25 -35.20 40.53
CA LEU F 221 -5.43 -36.11 39.75
C LEU F 221 -6.31 -37.22 39.21
N THR F 222 -7.33 -37.62 39.96
CA THR F 222 -8.24 -38.65 39.50
C THR F 222 -9.38 -37.94 38.78
N THR F 223 -9.98 -38.60 37.80
CA THR F 223 -11.09 -38.00 37.07
C THR F 223 -12.35 -38.18 37.90
N ARG F 224 -13.01 -37.06 38.14
CA ARG F 224 -14.26 -37.03 38.89
C ARG F 224 -15.36 -37.25 37.87
N ILE F 225 -16.59 -37.43 38.36
CA ILE F 225 -17.76 -37.59 37.49
C ILE F 225 -18.03 -36.20 36.93
N PRO F 226 -18.18 -36.04 35.61
CA PRO F 226 -18.37 -34.71 35.03
C PRO F 226 -19.72 -34.08 35.34
N THR F 227 -19.65 -32.91 35.96
CA THR F 227 -20.81 -32.12 36.34
C THR F 227 -20.81 -30.84 35.53
N PRO F 228 -21.47 -30.82 34.36
CA PRO F 228 -21.51 -29.59 33.55
C PRO F 228 -22.48 -28.59 34.14
N ALA F 229 -22.03 -27.84 35.14
CA ALA F 229 -22.85 -26.86 35.81
C ALA F 229 -23.08 -25.65 34.92
N ILE F 230 -24.36 -25.42 34.63
CA ILE F 230 -24.82 -24.31 33.81
C ILE F 230 -24.73 -23.09 34.71
N TYR F 231 -24.26 -21.97 34.14
CA TYR F 231 -24.14 -20.69 34.82
C TYR F 231 -25.55 -20.19 35.11
N PRO F 232 -25.86 -19.80 36.36
CA PRO F 232 -27.22 -19.37 36.68
C PRO F 232 -27.63 -18.01 36.13
N THR F 233 -28.51 -18.06 35.14
CA THR F 233 -29.06 -16.90 34.49
C THR F 233 -30.45 -16.70 35.06
N GLU F 234 -30.88 -17.62 35.93
CA GLU F 234 -32.17 -17.56 36.58
C GLU F 234 -32.12 -18.14 37.99
N ASP F 235 -33.10 -17.78 38.80
CA ASP F 235 -33.18 -18.28 40.16
C ASP F 235 -34.03 -19.55 40.12
N THR F 236 -34.07 -20.28 41.24
CA THR F 236 -34.88 -21.50 41.30
C THR F 236 -36.34 -21.10 41.53
N GLU F 237 -36.56 -19.91 42.08
CA GLU F 237 -37.91 -19.43 42.29
C GLU F 237 -38.35 -18.75 41.00
N GLY F 238 -37.41 -18.13 40.30
CA GLY F 238 -37.69 -17.46 39.04
C GLY F 238 -37.45 -15.97 39.06
N ASN F 239 -36.86 -15.42 40.10
CA ASN F 239 -36.63 -13.99 40.17
C ASN F 239 -35.38 -13.55 39.42
N LYS F 240 -35.18 -12.24 39.36
CA LYS F 240 -34.01 -11.69 38.70
C LYS F 240 -32.81 -11.80 39.63
N LEU F 241 -31.62 -11.61 39.06
CA LEU F 241 -30.37 -11.73 39.79
C LEU F 241 -29.24 -11.00 39.07
N THR F 242 -28.13 -10.82 39.78
CA THR F 242 -26.97 -10.14 39.25
C THR F 242 -25.69 -10.93 39.51
N THR F 243 -24.62 -10.52 38.82
CA THR F 243 -23.32 -11.16 38.96
C THR F 243 -22.45 -10.42 39.96
N GLU F 244 -22.28 -11.01 41.14
CA GLU F 244 -21.47 -10.42 42.19
C GLU F 244 -19.99 -10.64 41.87
N TYR F 245 -19.44 -9.73 41.07
CA TYR F 245 -18.05 -9.84 40.68
C TYR F 245 -17.14 -9.37 41.80
N GLY F 246 -16.42 -10.31 42.39
CA GLY F 246 -15.50 -9.99 43.45
C GLY F 246 -15.52 -10.94 44.63
N TYR F 247 -16.66 -11.54 44.93
CA TYR F 247 -16.70 -12.51 46.02
C TYR F 247 -16.45 -13.90 45.47
N SER F 248 -16.55 -14.02 44.16
CA SER F 248 -16.29 -15.24 43.42
C SER F 248 -14.79 -15.26 43.16
N THR F 249 -14.12 -16.33 43.57
CA THR F 249 -12.68 -16.44 43.37
C THR F 249 -12.32 -16.76 41.93
N PHE F 250 -11.11 -16.40 41.56
CA PHE F 250 -10.59 -16.62 40.22
C PHE F 250 -9.25 -17.30 40.33
N ILE F 251 -9.04 -18.36 39.55
CA ILE F 251 -7.76 -19.05 39.57
C ILE F 251 -7.21 -18.98 38.16
N ASP F 252 -6.00 -18.45 38.02
CA ASP F 252 -5.44 -18.34 36.69
C ASP F 252 -4.63 -19.57 36.29
N HIS F 253 -4.65 -19.87 35.00
CA HIS F 253 -3.96 -21.01 34.42
C HIS F 253 -3.11 -20.55 33.24
N GLN F 254 -2.11 -21.37 32.91
CA GLN F 254 -1.20 -21.12 31.81
C GLN F 254 -0.97 -22.40 31.04
N ARG F 255 -0.56 -22.28 29.78
CA ARG F 255 -0.30 -23.43 28.94
C ARG F 255 1.02 -23.25 28.23
N ILE F 256 2.07 -23.90 28.74
CA ILE F 256 3.38 -23.76 28.12
C ILE F 256 3.84 -25.01 27.37
N THR F 257 4.76 -24.83 26.42
CA THR F 257 5.31 -25.90 25.59
C THR F 257 6.80 -26.09 25.80
N VAL F 258 7.23 -27.33 25.97
CA VAL F 258 8.64 -27.65 26.21
C VAL F 258 9.11 -28.84 25.36
N GLN F 259 10.24 -28.67 24.68
CA GLN F 259 10.85 -29.69 23.84
C GLN F 259 12.23 -30.04 24.41
N GLU F 260 12.92 -30.96 23.75
CA GLU F 260 14.24 -31.39 24.23
C GLU F 260 15.35 -30.38 23.95
N MET F 261 16.40 -30.47 24.75
CA MET F 261 17.58 -29.61 24.63
C MET F 261 18.36 -30.03 23.39
N PRO F 262 18.97 -29.11 22.65
CA PRO F 262 19.70 -29.51 21.43
C PRO F 262 21.05 -30.17 21.68
N GLU F 263 21.60 -30.10 22.90
CA GLU F 263 22.89 -30.72 23.14
C GLU F 263 22.77 -32.19 23.52
N MET F 264 21.71 -32.57 24.23
CA MET F 264 21.56 -33.96 24.65
C MET F 264 20.83 -34.79 23.59
N ALA F 265 20.07 -34.13 22.73
CA ALA F 265 19.33 -34.85 21.71
C ALA F 265 20.24 -35.22 20.54
N PRO F 266 19.94 -36.33 19.81
CA PRO F 266 20.76 -36.68 18.64
C PRO F 266 20.43 -35.76 17.48
N ALA F 267 21.13 -34.61 17.47
CA ALA F 267 21.00 -33.51 16.51
C ALA F 267 21.07 -33.95 15.06
N GLY F 268 19.98 -33.69 14.36
CA GLY F 268 19.77 -34.04 12.98
C GLY F 268 18.32 -34.44 12.86
N GLN F 269 17.72 -34.76 14.00
CA GLN F 269 16.33 -35.17 14.06
C GLN F 269 15.39 -34.01 14.38
N LEU F 270 14.13 -34.36 14.63
CA LEU F 270 13.13 -33.36 14.95
C LEU F 270 12.88 -33.28 16.45
N PRO F 271 12.61 -32.09 16.99
CA PRO F 271 12.31 -32.00 18.42
C PRO F 271 10.85 -32.28 18.69
N ARG F 272 10.60 -32.95 19.81
CA ARG F 272 9.25 -33.30 20.22
C ARG F 272 8.89 -32.49 21.44
N SER F 273 7.79 -31.73 21.34
CA SER F 273 7.37 -30.90 22.46
C SER F 273 6.09 -31.38 23.13
N ILE F 274 5.95 -31.03 24.40
CA ILE F 274 4.79 -31.38 25.21
C ILE F 274 4.20 -30.16 25.90
N ASP F 275 2.94 -30.27 26.29
CA ASP F 275 2.20 -29.18 26.94
C ASP F 275 2.04 -29.33 28.44
N VAL F 276 2.24 -28.23 29.17
CA VAL F 276 2.12 -28.17 30.63
C VAL F 276 1.01 -27.20 31.00
N ILE F 277 0.06 -27.65 31.80
CA ILE F 277 -1.04 -26.84 32.31
C ILE F 277 -0.55 -26.34 33.66
N LEU F 278 -0.61 -25.03 33.86
CA LEU F 278 -0.10 -24.39 35.07
C LEU F 278 -1.15 -23.70 35.93
N ASP F 279 -1.01 -23.87 37.24
CA ASP F 279 -1.90 -23.30 38.25
C ASP F 279 -1.55 -21.84 38.57
N ASP F 280 -2.21 -21.30 39.60
CA ASP F 280 -2.03 -19.92 40.05
C ASP F 280 -0.66 -19.61 40.61
N ASP F 281 -0.16 -20.47 41.50
CA ASP F 281 1.09 -20.38 42.24
C ASP F 281 2.41 -20.12 41.49
N LEU F 282 2.64 -20.90 40.44
CA LEU F 282 3.88 -20.87 39.70
C LEU F 282 3.76 -20.13 38.34
N VAL F 283 2.78 -19.24 38.18
CA VAL F 283 2.59 -18.55 36.90
C VAL F 283 3.65 -17.47 36.60
N ASP F 284 4.38 -17.00 37.62
CA ASP F 284 5.39 -15.98 37.38
C ASP F 284 6.83 -16.47 37.25
N LYS F 285 7.05 -17.78 37.12
CA LYS F 285 8.41 -18.29 37.02
C LYS F 285 8.76 -18.93 35.68
N THR F 286 8.00 -18.64 34.63
CA THR F 286 8.27 -19.22 33.32
C THR F 286 8.47 -18.16 32.24
N LYS F 287 9.51 -18.36 31.43
CA LYS F 287 9.82 -17.46 30.33
C LYS F 287 10.54 -18.25 29.24
N PRO F 288 10.33 -17.89 27.97
CA PRO F 288 10.98 -18.66 26.89
C PRO F 288 12.45 -18.33 26.76
N GLY F 289 13.21 -19.32 26.30
CA GLY F 289 14.65 -19.17 26.11
C GLY F 289 15.50 -19.74 27.21
N ASP F 290 14.90 -20.17 28.31
CA ASP F 290 15.67 -20.73 29.41
C ASP F 290 15.55 -22.25 29.49
N ARG F 291 16.62 -22.89 29.95
CA ARG F 291 16.65 -24.33 30.14
C ARG F 291 15.82 -24.61 31.38
N VAL F 292 14.90 -25.56 31.29
CA VAL F 292 14.01 -25.83 32.40
C VAL F 292 13.89 -27.33 32.61
N ASN F 293 13.44 -27.74 33.79
CA ASN F 293 13.20 -29.13 34.12
C ASN F 293 11.85 -29.14 34.82
N VAL F 294 10.85 -29.77 34.20
CA VAL F 294 9.52 -29.82 34.79
C VAL F 294 9.29 -31.21 35.38
N VAL F 295 8.42 -31.26 36.39
CA VAL F 295 8.04 -32.48 37.10
C VAL F 295 6.53 -32.46 37.14
N GLY F 296 5.90 -33.44 36.50
CA GLY F 296 4.46 -33.49 36.49
C GLY F 296 3.94 -34.90 36.35
N VAL F 297 2.65 -35.00 35.99
CA VAL F 297 1.94 -36.27 35.80
C VAL F 297 1.42 -36.33 34.37
N PHE F 298 1.77 -37.40 33.64
CA PHE F 298 1.37 -37.59 32.24
C PHE F 298 -0.09 -38.03 32.09
N LYS F 299 -1.01 -37.10 32.32
CA LYS F 299 -2.42 -37.43 32.21
C LYS F 299 -2.90 -37.36 30.76
N SER F 300 -3.82 -38.25 30.42
CA SER F 300 -4.40 -38.34 29.08
C SER F 300 -5.92 -38.39 29.15
N LEU F 301 -6.55 -37.25 28.90
CA LEU F 301 -8.00 -37.19 28.94
C LEU F 301 -8.58 -37.76 27.65
N THR F 319 -2.81 -35.80 25.50
CA THR F 319 -1.72 -36.12 26.39
C THR F 319 -1.01 -34.87 26.88
N LEU F 320 -0.95 -34.70 28.20
CA LEU F 320 -0.30 -33.53 28.78
C LEU F 320 0.26 -33.91 30.14
N ILE F 321 1.06 -33.00 30.71
CA ILE F 321 1.62 -33.22 32.03
C ILE F 321 1.13 -32.14 32.98
N LEU F 322 0.75 -32.55 34.18
CA LEU F 322 0.27 -31.63 35.21
C LEU F 322 1.45 -31.22 36.05
N GLY F 323 2.23 -30.27 35.54
CA GLY F 323 3.43 -29.74 36.14
C GLY F 323 3.29 -29.09 37.50
N ASN F 324 3.83 -29.77 38.50
CA ASN F 324 3.78 -29.29 39.88
C ASN F 324 5.12 -28.73 40.32
N THR F 325 6.23 -29.20 39.73
CA THR F 325 7.53 -28.66 40.15
C THR F 325 8.41 -28.28 38.97
N VAL F 326 8.81 -27.01 38.93
CA VAL F 326 9.62 -26.49 37.84
C VAL F 326 10.95 -25.98 38.40
N TYR F 327 12.06 -26.39 37.78
CA TYR F 327 13.37 -25.95 38.21
C TYR F 327 14.06 -25.31 37.01
N PRO F 328 14.28 -23.99 37.04
CA PRO F 328 14.98 -23.34 35.93
C PRO F 328 16.48 -23.51 36.10
N LEU F 329 17.13 -23.93 35.02
CA LEU F 329 18.56 -24.18 35.05
C LEU F 329 19.15 -23.89 33.69
N ARG F 339 28.74 -32.37 25.08
CA ARG F 339 28.95 -32.87 26.43
C ARG F 339 29.60 -34.24 26.40
N GLN F 340 30.93 -34.25 26.34
CA GLN F 340 31.65 -35.51 26.31
C GLN F 340 32.16 -35.82 27.70
N MET F 341 32.16 -37.10 28.06
CA MET F 341 32.62 -37.52 29.37
C MET F 341 34.14 -37.45 29.46
N LEU F 342 34.63 -37.04 30.63
CA LEU F 342 36.05 -36.92 30.88
C LEU F 342 36.59 -38.00 31.79
N THR F 343 37.68 -38.61 31.37
CA THR F 343 38.30 -39.65 32.16
C THR F 343 39.55 -39.07 32.81
N ASP F 344 40.29 -39.91 33.53
CA ASP F 344 41.51 -39.43 34.17
C ASP F 344 42.71 -39.62 33.24
N PHE F 345 42.49 -40.23 32.08
CA PHE F 345 43.59 -40.43 31.14
C PHE F 345 43.68 -39.26 30.19
N ASP F 346 42.52 -38.63 29.89
CA ASP F 346 42.51 -37.50 28.97
C ASP F 346 43.00 -36.23 29.66
N ILE F 347 42.88 -36.17 30.99
CA ILE F 347 43.32 -35.00 31.73
C ILE F 347 44.85 -34.99 31.81
N ARG F 348 45.48 -36.18 31.74
CA ARG F 348 46.93 -36.29 31.74
C ARG F 348 47.48 -35.82 30.40
N ASN F 349 46.74 -36.11 29.32
CA ASN F 349 47.14 -35.66 27.99
C ASN F 349 46.99 -34.15 27.81
N ILE F 350 45.92 -33.57 28.36
CA ILE F 350 45.78 -32.11 28.23
C ILE F 350 46.67 -31.38 29.24
N ASN F 351 47.15 -32.07 30.29
CA ASN F 351 48.07 -31.42 31.21
C ASN F 351 49.47 -31.54 30.65
N LYS F 352 49.70 -32.56 29.82
CA LYS F 352 51.00 -32.74 29.19
C LYS F 352 51.13 -31.73 28.06
N LEU F 353 50.03 -31.42 27.39
CA LEU F 353 50.07 -30.44 26.31
C LEU F 353 49.84 -28.99 26.75
N SER F 354 50.00 -28.71 28.05
CA SER F 354 49.74 -27.36 28.53
C SER F 354 50.95 -26.41 28.63
N LYS F 355 52.17 -26.93 28.62
CA LYS F 355 53.33 -26.06 28.78
C LYS F 355 54.25 -25.95 27.57
N LYS F 356 53.94 -26.63 26.47
CA LYS F 356 54.78 -26.53 25.28
C LYS F 356 54.40 -25.27 24.53
N LYS F 357 55.39 -24.50 24.09
CA LYS F 357 55.06 -23.27 23.37
C LYS F 357 55.00 -23.44 21.85
N ASP F 358 54.33 -24.48 21.37
CA ASP F 358 54.16 -24.69 19.92
C ASP F 358 52.77 -25.27 19.73
N ILE F 359 51.97 -25.29 20.79
CA ILE F 359 50.62 -25.90 20.81
C ILE F 359 49.58 -25.20 19.93
N PHE F 360 49.50 -23.86 20.03
CA PHE F 360 48.54 -23.01 19.29
C PHE F 360 48.53 -23.11 17.77
N ASP F 361 49.72 -23.10 17.15
CA ASP F 361 49.84 -23.19 15.70
C ASP F 361 49.41 -24.55 15.14
N ILE F 362 49.78 -25.64 15.82
CA ILE F 362 49.39 -26.96 15.34
C ILE F 362 47.93 -27.25 15.67
N LEU F 363 47.37 -26.60 16.70
CA LEU F 363 45.94 -26.80 16.99
C LEU F 363 45.11 -25.97 16.03
N SER F 364 45.66 -24.87 15.53
CA SER F 364 44.92 -24.08 14.56
C SER F 364 45.05 -24.75 13.21
N GLN F 365 46.16 -25.42 12.94
CA GLN F 365 46.33 -26.09 11.66
C GLN F 365 45.61 -27.42 11.60
N SER F 366 45.29 -28.01 12.75
CA SER F 366 44.64 -29.32 12.74
C SER F 366 43.12 -29.34 12.69
N LEU F 367 42.45 -28.21 12.53
CA LEU F 367 40.99 -28.23 12.50
C LEU F 367 40.39 -28.58 11.15
N ALA F 368 40.98 -28.09 10.05
CA ALA F 368 40.46 -28.36 8.70
C ALA F 368 41.62 -28.64 7.74
N PRO F 369 41.91 -29.91 7.48
CA PRO F 369 42.99 -30.22 6.55
C PRO F 369 42.55 -30.20 5.10
N SER F 370 41.25 -30.04 4.82
CA SER F 370 40.76 -30.01 3.46
C SER F 370 40.82 -28.61 2.90
N ILE F 371 41.16 -27.61 3.72
CA ILE F 371 41.25 -26.23 3.29
C ILE F 371 42.70 -25.79 3.36
N TYR F 372 43.25 -25.41 2.21
CA TYR F 372 44.63 -24.95 2.10
C TYR F 372 44.73 -23.49 2.52
N GLY F 373 45.80 -23.17 3.24
CA GLY F 373 46.05 -21.82 3.69
C GLY F 373 45.12 -21.38 4.81
N HIS F 374 45.00 -20.05 4.94
CA HIS F 374 44.19 -19.29 5.91
C HIS F 374 44.44 -19.66 7.36
N ASP F 375 45.69 -19.57 7.80
CA ASP F 375 46.05 -19.95 9.17
C ASP F 375 45.59 -18.98 10.25
N HIS F 376 45.72 -17.67 10.00
CA HIS F 376 45.34 -16.68 11.00
C HIS F 376 43.82 -16.54 11.14
N ILE F 377 43.09 -16.88 10.08
CA ILE F 377 41.63 -16.84 10.09
C ILE F 377 41.13 -17.99 10.95
N LYS F 378 41.75 -19.18 10.84
CA LYS F 378 41.30 -20.27 11.70
C LYS F 378 41.89 -20.16 13.10
N LYS F 379 42.93 -19.32 13.27
CA LYS F 379 43.49 -19.01 14.59
C LYS F 379 42.46 -18.18 15.34
N ALA F 380 41.84 -17.23 14.63
CA ALA F 380 40.78 -16.41 15.21
C ALA F 380 39.50 -17.22 15.40
N ILE F 381 39.27 -18.22 14.53
CA ILE F 381 38.10 -19.10 14.63
C ILE F 381 38.27 -20.04 15.84
N LEU F 382 39.52 -20.44 16.16
CA LEU F 382 39.83 -21.26 17.33
C LEU F 382 39.61 -20.44 18.61
N LEU F 383 40.07 -19.17 18.58
CA LEU F 383 39.86 -18.24 19.69
C LEU F 383 38.39 -17.84 19.84
N MET F 384 37.65 -17.91 18.73
CA MET F 384 36.22 -17.61 18.68
C MET F 384 35.38 -18.73 19.27
N LEU F 385 35.68 -20.00 18.94
CA LEU F 385 34.82 -21.07 19.43
C LEU F 385 35.14 -21.44 20.88
N MET F 386 36.32 -21.04 21.39
CA MET F 386 36.59 -21.36 22.79
C MET F 386 35.84 -20.41 23.73
N GLY F 387 35.64 -19.15 23.33
CA GLY F 387 34.90 -18.22 24.16
C GLY F 387 35.67 -17.10 24.84
N GLY F 388 35.01 -16.53 25.84
CA GLY F 388 35.55 -15.44 26.63
C GLY F 388 35.45 -15.74 28.12
N VAL F 389 35.01 -14.73 28.88
CA VAL F 389 34.90 -14.90 30.34
C VAL F 389 33.54 -14.59 30.93
N GLU F 390 32.72 -13.75 30.25
CA GLU F 390 31.37 -13.29 30.66
C GLU F 390 31.38 -12.62 32.04
N LYS F 391 32.05 -11.48 32.14
CA LYS F 391 32.15 -10.78 33.40
C LYS F 391 30.86 -10.05 33.75
N ASN F 392 30.34 -10.29 34.95
CA ASN F 392 29.14 -9.65 35.45
C ASN F 392 29.55 -8.64 36.50
N LEU F 393 29.31 -7.36 36.22
CA LEU F 393 29.68 -6.28 37.12
C LEU F 393 28.73 -6.21 38.31
N GLU F 394 29.27 -5.73 39.42
CA GLU F 394 28.50 -5.56 40.64
C GLU F 394 27.63 -4.33 40.48
N ASN F 395 26.32 -4.49 40.78
CA ASN F 395 25.22 -3.50 40.69
C ASN F 395 25.13 -2.67 39.40
N GLY F 396 25.52 -3.26 38.28
CA GLY F 396 25.47 -2.59 37.01
C GLY F 396 25.21 -3.61 35.91
N SER F 397 25.38 -3.16 34.68
CA SER F 397 25.16 -4.02 33.53
C SER F 397 26.29 -5.03 33.38
N HIS F 398 25.99 -6.12 32.69
CA HIS F 398 26.98 -7.15 32.46
C HIS F 398 27.93 -6.73 31.34
N LEU F 399 29.05 -7.43 31.22
CA LEU F 399 30.03 -7.14 30.20
C LEU F 399 30.05 -8.27 29.20
N ARG F 400 30.21 -7.92 27.92
CA ARG F 400 30.22 -8.89 26.84
C ARG F 400 31.50 -9.72 26.84
N GLY F 401 31.34 -11.05 26.81
CA GLY F 401 32.47 -11.94 26.77
C GLY F 401 32.57 -12.60 25.41
N ASP F 402 31.48 -12.56 24.66
CA ASP F 402 31.44 -13.16 23.32
C ASP F 402 32.18 -12.32 22.29
N ILE F 403 32.71 -12.98 21.27
CA ILE F 403 33.46 -12.36 20.19
C ILE F 403 32.60 -12.63 18.96
N ASN F 404 32.68 -11.76 17.94
CA ASN F 404 31.94 -11.88 16.69
C ASN F 404 32.87 -11.74 15.49
N ILE F 405 32.71 -12.61 14.48
CA ILE F 405 33.58 -12.57 13.31
C ILE F 405 32.80 -12.49 11.99
N LEU F 406 33.20 -11.57 11.12
CA LEU F 406 32.61 -11.37 9.80
C LEU F 406 33.71 -11.70 8.80
N MET F 407 33.38 -12.50 7.79
CA MET F 407 34.33 -12.91 6.77
C MET F 407 33.85 -12.58 5.36
N VAL F 408 34.65 -11.79 4.63
CA VAL F 408 34.33 -11.38 3.28
C VAL F 408 35.44 -11.75 2.31
N GLY F 409 35.12 -11.68 1.02
CA GLY F 409 36.09 -12.00 -0.01
C GLY F 409 35.39 -12.50 -1.25
N ASP F 410 36.19 -13.07 -2.15
CA ASP F 410 35.67 -13.60 -3.38
C ASP F 410 34.96 -14.91 -3.06
N PRO F 411 33.91 -15.30 -3.79
CA PRO F 411 33.19 -16.55 -3.46
C PRO F 411 33.86 -17.84 -3.93
N SER F 412 35.11 -17.83 -4.36
CA SER F 412 35.77 -19.03 -4.84
C SER F 412 36.26 -19.99 -3.76
N THR F 413 36.63 -19.49 -2.58
CA THR F 413 37.16 -20.38 -1.56
C THR F 413 36.12 -21.15 -0.73
N ALA F 414 36.56 -21.69 0.40
CA ALA F 414 35.82 -22.58 1.27
C ALA F 414 35.09 -21.93 2.44
N LYS F 415 34.53 -20.73 2.26
CA LYS F 415 33.76 -20.07 3.33
C LYS F 415 32.46 -20.80 3.62
N SER F 416 31.89 -21.45 2.61
CA SER F 416 30.65 -22.20 2.82
C SER F 416 30.98 -23.62 3.26
N GLN F 417 32.24 -24.02 3.18
CA GLN F 417 32.66 -25.35 3.58
C GLN F 417 33.21 -25.31 5.00
N LEU F 418 33.42 -24.11 5.54
CA LEU F 418 33.97 -24.00 6.89
C LEU F 418 32.85 -24.01 7.91
N LEU F 419 31.63 -23.64 7.50
CA LEU F 419 30.49 -23.61 8.40
C LEU F 419 30.02 -25.00 8.80
N ARG F 420 30.16 -25.98 7.90
CA ARG F 420 29.80 -27.37 8.15
C ARG F 420 30.79 -27.98 9.14
N PHE F 421 32.06 -27.56 9.05
CA PHE F 421 33.09 -28.04 9.97
C PHE F 421 32.91 -27.42 11.35
N VAL F 422 32.53 -26.14 11.40
CA VAL F 422 32.33 -25.49 12.71
C VAL F 422 30.97 -25.90 13.30
N LEU F 423 30.06 -26.42 12.48
CA LEU F 423 28.77 -26.86 12.97
C LEU F 423 28.93 -28.28 13.50
N ASN F 424 29.74 -29.09 12.84
CA ASN F 424 29.93 -30.46 13.29
C ASN F 424 31.02 -30.64 14.34
N THR F 425 31.85 -29.63 14.59
CA THR F 425 32.89 -29.81 15.60
C THR F 425 32.77 -28.98 16.86
N ALA F 426 31.74 -28.14 16.99
CA ALA F 426 31.61 -27.34 18.20
C ALA F 426 30.87 -28.11 19.28
N SER F 427 30.61 -27.43 20.40
CA SER F 427 29.88 -28.06 21.50
C SER F 427 28.40 -28.10 21.12
N LEU F 428 27.87 -26.97 20.69
CA LEU F 428 26.50 -26.84 20.22
C LEU F 428 26.54 -25.64 19.29
N ALA F 429 25.93 -25.80 18.12
CA ALA F 429 25.94 -24.72 17.14
C ALA F 429 24.66 -24.75 16.33
N ILE F 430 24.21 -23.56 15.95
CA ILE F 430 23.01 -23.40 15.15
C ILE F 430 23.38 -22.60 13.90
N ALA F 431 23.12 -23.16 12.74
CA ALA F 431 23.43 -22.50 11.48
C ALA F 431 22.14 -22.16 10.76
N THR F 432 22.07 -20.95 10.21
CA THR F 432 20.91 -20.52 9.46
C THR F 432 21.39 -19.94 8.14
N THR F 433 20.49 -19.92 7.15
CA THR F 433 20.85 -19.42 5.83
C THR F 433 20.84 -17.90 5.73
N GLY F 434 20.23 -17.20 6.68
CA GLY F 434 20.19 -15.76 6.63
C GLY F 434 19.01 -15.17 5.85
N ARG F 435 18.30 -16.03 5.13
CA ARG F 435 17.15 -15.62 4.34
C ARG F 435 16.27 -16.84 4.22
N GLY F 436 15.01 -16.71 4.63
CA GLY F 436 14.08 -17.80 4.58
C GLY F 436 13.43 -18.12 5.90
N SER F 437 13.62 -17.26 6.90
CA SER F 437 13.02 -17.46 8.22
C SER F 437 11.53 -17.11 8.16
N SER F 438 10.69 -18.07 8.57
CA SER F 438 9.24 -17.95 8.57
C SER F 438 8.70 -16.87 9.49
N GLY F 439 9.39 -16.57 10.59
CA GLY F 439 8.95 -15.56 11.52
C GLY F 439 9.34 -14.15 11.09
N VAL F 440 9.78 -13.36 12.07
CA VAL F 440 10.19 -11.99 11.73
C VAL F 440 11.71 -12.05 11.61
N GLY F 441 12.30 -13.18 11.99
CA GLY F 441 13.73 -13.36 11.89
C GLY F 441 14.11 -14.67 12.56
N LEU F 442 15.24 -14.64 13.25
CA LEU F 442 15.70 -15.83 13.96
C LEU F 442 15.33 -15.68 15.43
N THR F 443 14.56 -14.64 15.74
CA THR F 443 14.08 -14.34 17.08
C THR F 443 12.66 -13.80 16.96
N ALA F 444 11.77 -14.10 17.93
CA ALA F 444 10.39 -13.65 18.09
C ALA F 444 9.49 -13.92 16.87
N ALA F 445 9.22 -15.20 16.61
CA ALA F 445 8.39 -15.62 15.47
C ALA F 445 6.90 -15.28 15.64
N VAL F 446 6.12 -15.76 14.64
CA VAL F 446 4.68 -15.55 14.50
C VAL F 446 3.85 -16.04 15.69
N THR F 447 2.84 -15.24 16.08
CA THR F 447 1.98 -15.54 17.23
C THR F 447 0.49 -15.66 16.89
N THR F 448 -0.02 -16.88 16.91
CA THR F 448 -1.43 -17.15 16.63
C THR F 448 -1.86 -18.43 17.31
N ASP F 449 -3.18 -18.60 17.46
CA ASP F 449 -3.70 -19.80 18.10
C ASP F 449 -5.09 -20.16 17.59
N ARG F 450 -5.49 -21.41 17.86
CA ARG F 450 -6.80 -21.91 17.44
C ARG F 450 -7.50 -22.64 18.58
N GLU F 451 -6.80 -22.94 19.67
CA GLU F 451 -7.41 -23.63 20.80
C GLU F 451 -8.15 -22.68 21.75
N THR F 452 -8.48 -23.20 22.95
CA THR F 452 -9.19 -22.55 24.05
C THR F 452 -8.60 -21.20 24.46
N GLY F 453 -7.30 -21.17 24.70
CA GLY F 453 -6.65 -19.92 25.02
C GLY F 453 -6.27 -19.38 23.67
N GLU F 454 -6.73 -18.19 23.29
CA GLU F 454 -6.42 -17.65 21.97
C GLU F 454 -5.11 -16.86 21.89
N ARG F 455 -4.02 -17.39 22.45
CA ARG F 455 -2.70 -16.76 22.44
C ARG F 455 -1.65 -17.86 22.51
N ARG F 456 -0.62 -17.74 21.68
CA ARG F 456 0.45 -18.72 21.66
C ARG F 456 1.72 -18.03 21.17
N LEU F 457 2.86 -18.54 21.61
CA LEU F 457 4.14 -18.00 21.22
C LEU F 457 4.95 -18.97 20.39
N GLU F 458 6.18 -18.58 20.07
CA GLU F 458 7.10 -19.39 19.29
C GLU F 458 8.52 -18.93 19.57
N ALA F 459 9.44 -19.89 19.56
CA ALA F 459 10.84 -19.63 19.82
C ALA F 459 11.63 -19.64 18.51
N GLY F 460 12.62 -18.78 18.43
CA GLY F 460 13.45 -18.70 17.25
C GLY F 460 14.72 -19.54 17.38
N ALA F 461 15.71 -19.17 16.55
CA ALA F 461 16.98 -19.90 16.51
C ALA F 461 18.01 -19.37 17.50
N MET F 462 18.12 -18.04 17.65
CA MET F 462 19.10 -17.46 18.55
C MET F 462 18.71 -17.61 20.02
N VAL F 463 17.41 -17.82 20.28
CA VAL F 463 16.98 -17.97 21.68
C VAL F 463 17.20 -19.39 22.16
N LEU F 464 17.50 -20.33 21.25
CA LEU F 464 17.74 -21.71 21.65
C LEU F 464 19.18 -21.87 22.13
N ALA F 465 20.14 -21.43 21.33
CA ALA F 465 21.54 -21.51 21.72
C ALA F 465 21.80 -20.33 22.64
N ASP F 466 22.13 -20.61 23.90
CA ASP F 466 22.35 -19.52 24.84
C ASP F 466 23.82 -19.34 25.17
N ARG F 467 24.66 -20.34 24.92
CA ARG F 467 26.08 -20.23 25.23
C ARG F 467 26.97 -20.65 24.06
N GLY F 468 26.40 -21.33 23.07
CA GLY F 468 27.17 -21.79 21.93
C GLY F 468 27.46 -20.78 20.86
N VAL F 469 27.41 -21.18 19.60
CA VAL F 469 27.68 -20.32 18.47
C VAL F 469 26.63 -20.46 17.37
N VAL F 470 26.41 -19.39 16.63
CA VAL F 470 25.47 -19.40 15.50
C VAL F 470 26.22 -18.91 14.26
N CYS F 471 25.88 -19.51 13.13
CA CYS F 471 26.51 -19.18 11.85
C CYS F 471 25.55 -18.75 10.76
N ILE F 472 25.77 -17.53 10.25
CA ILE F 472 24.95 -16.94 9.19
C ILE F 472 25.78 -16.71 7.94
N ASP F 473 25.46 -17.44 6.87
CA ASP F 473 26.14 -17.25 5.61
C ASP F 473 25.20 -16.33 4.85
N GLU F 474 25.74 -15.69 3.79
CA GLU F 474 25.07 -14.71 2.91
C GLU F 474 24.48 -13.55 3.70
N PHE F 475 25.36 -12.84 4.41
CA PHE F 475 25.00 -11.73 5.27
C PHE F 475 24.40 -10.51 4.58
N ASP F 476 24.74 -10.31 3.30
CA ASP F 476 24.23 -9.17 2.56
C ASP F 476 22.79 -9.39 2.10
N LYS F 477 22.32 -10.64 2.07
CA LYS F 477 20.95 -10.91 1.65
C LYS F 477 20.00 -10.79 2.83
N MET F 478 20.53 -10.69 4.04
CA MET F 478 19.71 -10.57 5.24
C MET F 478 19.13 -9.16 5.34
N THR F 479 17.81 -9.08 5.53
CA THR F 479 17.12 -7.80 5.62
C THR F 479 17.40 -6.97 6.86
N ASP F 480 16.92 -5.73 6.84
CA ASP F 480 17.10 -4.73 7.89
C ASP F 480 16.47 -5.03 9.26
N VAL F 481 15.43 -5.89 9.29
CA VAL F 481 14.75 -6.24 10.53
C VAL F 481 15.66 -7.09 11.40
N ASP F 482 16.35 -8.05 10.79
CA ASP F 482 17.30 -8.88 11.52
C ASP F 482 18.57 -8.09 11.79
N ARG F 483 18.85 -7.07 10.97
CA ARG F 483 20.01 -6.22 11.17
C ARG F 483 19.82 -5.33 12.39
N VAL F 484 18.59 -4.84 12.61
CA VAL F 484 18.19 -4.02 13.75
C VAL F 484 18.23 -4.92 15.00
N ALA F 485 17.81 -6.20 14.82
CA ALA F 485 17.85 -7.19 15.89
C ALA F 485 19.30 -7.54 16.31
N ILE F 486 20.21 -7.70 15.35
CA ILE F 486 21.60 -7.98 15.73
C ILE F 486 22.36 -6.71 16.09
N HIS F 487 21.78 -5.52 15.85
CA HIS F 487 22.38 -4.27 16.30
C HIS F 487 22.13 -4.26 17.80
N GLU F 488 20.93 -4.67 18.19
CA GLU F 488 20.58 -4.65 19.60
C GLU F 488 21.15 -5.80 20.44
N VAL F 489 21.29 -7.00 19.87
CA VAL F 489 21.80 -8.11 20.69
C VAL F 489 23.30 -8.36 20.62
N MET F 490 24.05 -7.46 19.95
CA MET F 490 25.49 -7.63 19.81
C MET F 490 26.29 -7.43 21.09
N GLU F 491 26.24 -6.23 21.67
CA GLU F 491 27.00 -5.94 22.87
C GLU F 491 26.15 -5.86 24.13
N GLN F 492 24.85 -6.15 24.02
CA GLN F 492 23.97 -6.10 25.18
C GLN F 492 23.57 -7.51 25.55
N GLN F 493 23.57 -8.41 24.56
CA GLN F 493 23.21 -9.86 24.65
C GLN F 493 21.84 -10.14 25.24
N THR F 494 20.90 -9.23 25.02
CA THR F 494 19.53 -9.32 25.51
C THR F 494 18.61 -8.84 24.40
N VAL F 495 17.44 -9.45 24.32
CA VAL F 495 16.45 -9.10 23.32
C VAL F 495 15.13 -8.79 24.02
N THR F 496 14.57 -7.62 23.72
CA THR F 496 13.32 -7.13 24.29
C THR F 496 12.21 -7.15 23.25
N ILE F 497 11.08 -7.77 23.59
CA ILE F 497 9.93 -7.87 22.70
C ILE F 497 8.70 -7.24 23.34
N ALA F 498 8.19 -6.19 22.70
CA ALA F 498 7.03 -5.47 23.19
C ALA F 498 5.80 -5.90 22.39
N LYS F 499 5.16 -6.98 22.81
CA LYS F 499 3.97 -7.47 22.14
C LYS F 499 2.72 -6.97 22.85
N ALA F 500 1.55 -7.47 22.45
CA ALA F 500 0.31 -7.05 23.08
C ALA F 500 0.14 -7.68 24.45
N GLY F 501 0.67 -8.89 24.63
CA GLY F 501 0.57 -9.56 25.91
C GLY F 501 1.91 -9.82 26.56
N ILE F 502 2.95 -9.96 25.74
CA ILE F 502 4.30 -10.24 26.21
C ILE F 502 5.15 -8.98 26.19
N HIS F 503 5.67 -8.62 27.36
CA HIS F 503 6.50 -7.43 27.51
C HIS F 503 7.74 -7.75 28.34
N THR F 504 8.38 -8.87 28.03
CA THR F 504 9.58 -9.26 28.76
C THR F 504 10.79 -9.32 27.83
N THR F 505 11.95 -9.55 28.45
CA THR F 505 13.21 -9.64 27.72
C THR F 505 13.89 -10.95 28.06
N LEU F 506 14.86 -11.34 27.24
CA LEU F 506 15.58 -12.58 27.49
C LEU F 506 17.03 -12.51 27.05
N ASN F 507 17.86 -13.35 27.66
CA ASN F 507 19.28 -13.42 27.39
C ASN F 507 19.63 -14.08 26.06
N ALA F 508 20.59 -13.47 25.37
CA ALA F 508 21.06 -13.96 24.08
C ALA F 508 22.58 -13.92 24.01
N ARG F 509 23.28 -14.40 25.04
CA ARG F 509 24.74 -14.37 25.08
C ARG F 509 25.43 -15.38 24.16
N CYS F 510 25.31 -15.17 22.86
CA CYS F 510 25.84 -16.06 21.85
C CYS F 510 26.88 -15.36 20.99
N SER F 511 27.58 -16.15 20.20
CA SER F 511 28.62 -15.63 19.32
C SER F 511 28.27 -15.88 17.85
N VAL F 512 28.34 -14.81 17.05
CA VAL F 512 27.99 -14.90 15.64
C VAL F 512 29.17 -15.02 14.67
N ILE F 513 28.97 -15.85 13.64
CA ILE F 513 29.95 -16.10 12.58
C ILE F 513 29.22 -15.75 11.28
N ALA F 514 29.51 -14.57 10.74
CA ALA F 514 28.87 -14.12 9.52
C ALA F 514 29.80 -14.25 8.33
N ALA F 515 29.24 -14.69 7.21
CA ALA F 515 29.97 -14.87 5.96
C ALA F 515 29.23 -14.07 4.90
N ALA F 516 29.93 -13.13 4.25
CA ALA F 516 29.30 -12.30 3.24
C ALA F 516 30.08 -12.32 1.94
N ASN F 517 29.43 -11.78 0.91
CA ASN F 517 29.89 -11.65 -0.46
C ASN F 517 29.68 -10.21 -0.90
N PRO F 518 30.50 -9.68 -1.81
CA PRO F 518 30.31 -8.29 -2.25
C PRO F 518 29.16 -8.17 -3.24
N VAL F 519 28.77 -6.93 -3.51
CA VAL F 519 27.66 -6.69 -4.44
C VAL F 519 28.23 -6.62 -5.85
N PHE F 520 29.55 -6.47 -5.99
CA PHE F 520 30.12 -6.40 -7.33
C PHE F 520 30.49 -7.76 -7.82
N GLY F 521 30.51 -8.76 -6.95
CA GLY F 521 30.86 -10.10 -7.37
C GLY F 521 32.32 -10.45 -7.19
N GLN F 522 33.21 -9.49 -7.47
CA GLN F 522 34.64 -9.69 -7.32
C GLN F 522 35.25 -8.49 -6.65
N TYR F 523 36.45 -8.66 -6.11
CA TYR F 523 37.14 -7.60 -5.41
C TYR F 523 38.65 -7.74 -5.50
N ASP F 524 39.33 -6.60 -5.69
CA ASP F 524 40.78 -6.59 -5.77
C ASP F 524 41.26 -5.46 -4.88
N VAL F 525 42.57 -5.44 -4.63
CA VAL F 525 43.27 -4.49 -3.76
C VAL F 525 43.14 -3.03 -4.20
N ASN F 526 43.14 -2.78 -5.51
CA ASN F 526 43.04 -1.42 -6.06
C ASN F 526 41.69 -0.72 -5.85
N ARG F 527 40.64 -1.47 -5.53
CA ARG F 527 39.33 -0.91 -5.27
C ARG F 527 39.35 -0.48 -3.80
N ASP F 528 38.46 0.43 -3.43
CA ASP F 528 38.40 0.91 -2.06
C ASP F 528 37.81 -0.14 -1.11
N PRO F 529 38.34 -0.28 0.10
CA PRO F 529 37.84 -1.30 1.03
C PRO F 529 36.60 -0.93 1.84
N HIS F 530 35.87 0.12 1.51
CA HIS F 530 34.69 0.46 2.30
C HIS F 530 33.38 0.20 1.55
N GLN F 531 33.31 0.61 0.28
CA GLN F 531 32.08 0.42 -0.48
C GLN F 531 31.91 -1.00 -1.03
N ASN F 532 32.98 -1.80 -0.98
CA ASN F 532 32.89 -3.17 -1.49
C ASN F 532 32.16 -4.10 -0.54
N ILE F 533 32.03 -3.72 0.73
CA ILE F 533 31.34 -4.57 1.69
C ILE F 533 29.84 -4.41 1.49
N ALA F 534 29.40 -3.17 1.26
CA ALA F 534 28.00 -2.72 1.07
C ALA F 534 27.15 -3.04 2.31
N LEU F 535 27.71 -2.72 3.47
CA LEU F 535 27.11 -2.85 4.77
C LEU F 535 27.33 -1.52 5.47
N PRO F 536 26.48 -1.16 6.45
CA PRO F 536 26.68 0.12 7.14
C PRO F 536 27.87 0.11 8.09
N ASP F 537 28.30 1.32 8.48
CA ASP F 537 29.46 1.47 9.37
C ASP F 537 29.19 1.01 10.80
N SER F 538 27.91 1.00 11.21
CA SER F 538 27.53 0.53 12.53
C SER F 538 27.70 -0.98 12.60
N LEU F 539 27.48 -1.68 11.49
CA LEU F 539 27.68 -3.13 11.47
C LEU F 539 29.16 -3.47 11.39
N LEU F 540 29.99 -2.55 10.94
CA LEU F 540 31.42 -2.76 10.89
C LEU F 540 31.91 -2.54 12.31
N SER F 541 31.24 -1.64 13.06
CA SER F 541 31.62 -1.41 14.44
C SER F 541 31.09 -2.50 15.36
N ARG F 542 30.02 -3.18 14.95
CA ARG F 542 29.44 -4.25 15.76
C ARG F 542 30.32 -5.49 15.69
N PHE F 543 30.75 -5.85 14.49
CA PHE F 543 31.59 -7.02 14.33
C PHE F 543 33.01 -6.67 14.71
N ASP F 544 33.64 -7.57 15.45
CA ASP F 544 34.99 -7.38 15.96
C ASP F 544 36.08 -7.61 14.93
N LEU F 545 36.12 -8.79 14.31
CA LEU F 545 37.14 -9.08 13.33
C LEU F 545 36.56 -9.30 11.93
N LEU F 546 36.99 -8.46 11.00
CA LEU F 546 36.58 -8.48 9.60
C LEU F 546 37.72 -9.05 8.78
N PHE F 547 37.55 -10.28 8.31
CA PHE F 547 38.56 -10.98 7.53
C PHE F 547 38.35 -10.95 6.02
N VAL F 548 39.27 -10.31 5.30
CA VAL F 548 39.21 -10.20 3.85
C VAL F 548 40.09 -11.24 3.18
N VAL F 549 39.49 -12.10 2.37
CA VAL F 549 40.19 -13.15 1.65
C VAL F 549 40.28 -12.84 0.16
N THR F 550 41.49 -12.59 -0.33
CA THR F 550 41.69 -12.27 -1.74
C THR F 550 42.00 -13.48 -2.59
N ASP F 551 41.56 -13.45 -3.84
CA ASP F 551 41.81 -14.57 -4.74
C ASP F 551 42.23 -14.15 -6.15
N ASP F 552 43.19 -13.23 -6.26
CA ASP F 552 43.70 -12.79 -7.56
C ASP F 552 44.58 -13.94 -8.04
N ILE F 553 44.52 -14.22 -9.34
CA ILE F 553 45.27 -15.35 -9.92
C ILE F 553 46.77 -15.08 -9.94
N ASN F 554 47.49 -15.94 -9.22
CA ASN F 554 48.94 -15.86 -9.12
C ASN F 554 49.54 -17.25 -9.30
N GLU F 555 50.34 -17.42 -10.33
CA GLU F 555 51.01 -18.66 -10.76
C GLU F 555 51.97 -19.27 -9.75
N ILE F 556 52.49 -18.50 -8.81
CA ILE F 556 53.45 -19.02 -7.83
C ILE F 556 52.70 -19.79 -6.75
N ARG F 557 51.73 -19.14 -6.10
CA ARG F 557 50.99 -19.77 -5.02
C ARG F 557 50.00 -20.85 -5.47
N ASP F 558 49.41 -20.69 -6.64
CA ASP F 558 48.40 -21.64 -7.14
C ASP F 558 48.89 -22.99 -7.68
N ARG F 559 50.15 -23.36 -7.45
CA ARG F 559 50.66 -24.60 -8.01
C ARG F 559 50.39 -25.81 -7.11
N SER F 560 50.36 -25.62 -5.79
CA SER F 560 50.19 -26.76 -4.89
C SER F 560 48.81 -27.08 -4.33
N ILE F 561 47.79 -26.27 -4.68
CA ILE F 561 46.41 -26.45 -4.22
C ILE F 561 45.82 -27.76 -4.75
N SER F 562 46.13 -28.08 -6.01
CA SER F 562 45.66 -29.31 -6.66
C SER F 562 46.22 -30.58 -6.05
N GLU F 563 47.52 -30.58 -5.71
CA GLU F 563 48.09 -31.77 -5.10
C GLU F 563 47.73 -31.85 -3.61
N HIS F 564 47.40 -30.71 -3.00
CA HIS F 564 47.04 -30.74 -1.58
C HIS F 564 45.62 -31.26 -1.42
N VAL F 565 44.71 -30.86 -2.30
CA VAL F 565 43.32 -31.31 -2.18
C VAL F 565 43.19 -32.65 -2.95
N LEU F 566 44.18 -33.01 -3.77
CA LEU F 566 44.11 -34.28 -4.48
C LEU F 566 44.60 -35.40 -3.59
N ARG F 567 45.37 -35.07 -2.56
CA ARG F 567 45.89 -36.06 -1.63
C ARG F 567 44.81 -36.45 -0.63
N VAL F 651 44.42 -32.82 18.41
CA VAL F 651 44.72 -32.91 16.99
C VAL F 651 43.51 -33.45 16.25
N THR F 652 43.01 -34.60 16.69
CA THR F 652 41.86 -35.20 16.05
C THR F 652 40.54 -34.55 16.49
N ILE F 653 39.45 -35.02 15.89
CA ILE F 653 38.11 -34.49 16.19
C ILE F 653 37.59 -34.72 17.62
N PRO F 654 37.76 -35.90 18.28
CA PRO F 654 37.22 -35.96 19.65
C PRO F 654 38.14 -35.40 20.73
N PHE F 655 39.29 -34.83 20.37
CA PHE F 655 40.20 -34.31 21.40
C PHE F 655 40.02 -32.83 21.67
N LEU F 656 39.84 -32.02 20.61
CA LEU F 656 39.71 -30.58 20.78
C LEU F 656 38.39 -30.16 21.42
N ARG F 657 37.36 -31.02 21.33
CA ARG F 657 36.06 -30.76 21.96
C ARG F 657 36.19 -30.83 23.47
N LYS F 658 36.92 -31.85 23.96
CA LYS F 658 37.18 -32.05 25.38
C LYS F 658 38.12 -30.97 25.91
N TYR F 659 39.04 -30.53 25.04
CA TYR F 659 39.98 -29.45 25.35
C TYR F 659 39.26 -28.12 25.57
N VAL F 660 38.37 -27.77 24.63
CA VAL F 660 37.58 -26.54 24.69
C VAL F 660 36.60 -26.52 25.87
N GLN F 661 35.92 -27.65 26.14
CA GLN F 661 35.00 -27.66 27.30
C GLN F 661 35.70 -27.69 28.65
N TYR F 662 36.92 -28.26 28.74
CA TYR F 662 37.63 -28.25 30.02
C TYR F 662 38.18 -26.86 30.28
N ALA F 663 38.55 -26.14 29.19
CA ALA F 663 39.02 -24.77 29.34
C ALA F 663 37.86 -23.84 29.68
N LYS F 664 36.67 -24.16 29.14
CA LYS F 664 35.49 -23.37 29.41
C LYS F 664 34.95 -23.56 30.82
N GLU F 665 35.11 -24.76 31.37
CA GLU F 665 34.57 -25.01 32.70
C GLU F 665 35.54 -24.75 33.86
N ARG F 666 36.83 -25.06 33.69
CA ARG F 666 37.72 -24.91 34.83
C ARG F 666 38.44 -23.58 35.02
N VAL F 667 39.23 -23.14 34.05
CA VAL F 667 40.07 -21.97 34.18
C VAL F 667 39.52 -20.61 33.69
N ILE F 668 39.56 -19.62 34.58
CA ILE F 668 39.16 -18.25 34.30
C ILE F 668 40.43 -17.39 34.40
N PRO F 669 40.81 -16.68 33.33
CA PRO F 669 42.05 -15.88 33.38
C PRO F 669 41.83 -14.46 33.87
N GLN F 670 42.86 -13.91 34.50
CA GLN F 670 42.81 -12.55 35.01
C GLN F 670 43.95 -11.74 34.40
N LEU F 671 43.85 -10.42 34.52
CA LEU F 671 44.86 -9.55 33.94
C LEU F 671 46.12 -9.35 34.78
N THR F 672 47.21 -8.96 34.10
CA THR F 672 48.49 -8.67 34.70
C THR F 672 48.97 -7.33 34.18
N GLN F 673 50.01 -6.78 34.82
CA GLN F 673 50.52 -5.49 34.38
C GLN F 673 51.39 -5.63 33.14
N GLU F 674 51.87 -6.83 32.85
CA GLU F 674 52.71 -7.07 31.68
C GLU F 674 51.91 -7.06 30.39
N ALA F 675 50.61 -7.31 30.44
CA ALA F 675 49.77 -7.31 29.26
C ALA F 675 48.81 -6.13 29.16
N ILE F 676 48.91 -5.15 30.05
CA ILE F 676 48.01 -4.01 30.00
C ILE F 676 48.69 -2.94 29.17
N ASN F 677 49.99 -2.67 29.46
CA ASN F 677 50.77 -1.65 28.77
C ASN F 677 51.00 -1.84 27.28
N VAL F 678 51.20 -3.08 26.84
CA VAL F 678 51.42 -3.37 25.43
C VAL F 678 50.10 -3.23 24.65
N ILE F 679 48.95 -3.53 25.29
CA ILE F 679 47.68 -3.39 24.59
C ILE F 679 47.26 -1.91 24.61
N VAL F 680 47.75 -1.14 25.59
CA VAL F 680 47.48 0.30 25.68
C VAL F 680 48.29 0.99 24.59
N LYS F 681 49.54 0.52 24.39
CA LYS F 681 50.43 1.02 23.35
C LYS F 681 49.90 0.71 21.95
N ASN F 682 49.36 -0.51 21.77
CA ASN F 682 48.77 -0.91 20.48
C ASN F 682 47.50 -0.15 20.12
N TYR F 683 46.62 0.08 21.13
CA TYR F 683 45.38 0.82 20.91
C TYR F 683 45.66 2.30 20.64
N THR F 684 46.65 2.88 21.33
CA THR F 684 47.00 4.27 21.11
C THR F 684 47.77 4.46 19.81
N ASP F 685 48.45 3.42 19.33
CA ASP F 685 49.17 3.54 18.07
C ASP F 685 48.18 3.42 16.92
N LEU F 686 47.13 2.63 17.09
CA LEU F 686 46.17 2.52 15.99
C LEU F 686 45.16 3.65 15.99
N ARG F 687 44.87 4.24 17.15
CA ARG F 687 43.92 5.33 17.22
C ARG F 687 44.55 6.64 16.77
N ASP F 689 46.64 6.14 13.26
CA ASP F 689 47.28 5.60 12.06
C ASP F 689 46.27 5.02 11.10
N ASP F 690 45.44 4.09 11.61
CA ASP F 690 44.42 3.44 10.81
C ASP F 690 43.28 4.38 10.48
N ASN F 691 43.02 5.36 11.35
CA ASN F 691 41.96 6.35 11.18
C ASN F 691 42.28 7.32 10.05
N THR F 692 43.56 7.49 9.74
CA THR F 692 43.99 8.36 8.67
C THR F 692 44.31 7.52 7.45
N LYS F 693 44.60 6.22 7.64
CA LYS F 693 44.94 5.42 6.47
C LYS F 693 43.90 4.44 5.91
N LYS F 694 43.43 3.47 6.70
CA LYS F 694 42.49 2.51 6.12
C LYS F 694 41.23 2.06 6.86
N SER F 695 41.17 2.18 8.19
CA SER F 695 40.01 1.69 8.93
C SER F 695 39.68 2.41 10.22
N PRO F 696 38.39 2.62 10.52
CA PRO F 696 38.04 3.30 11.78
C PRO F 696 38.19 2.40 13.00
N ILE F 697 38.69 3.00 14.08
CA ILE F 697 38.91 2.31 15.34
C ILE F 697 38.00 2.91 16.41
N THR F 698 37.20 2.07 17.05
CA THR F 698 36.27 2.52 18.07
C THR F 698 36.64 2.11 19.48
N ALA F 699 35.76 2.46 20.43
CA ALA F 699 35.97 2.12 21.82
C ALA F 699 35.68 0.65 22.11
N ARG F 700 34.74 0.06 21.35
CA ARG F 700 34.34 -1.35 21.48
C ARG F 700 35.51 -2.28 21.19
N THR F 701 36.38 -1.87 20.25
CA THR F 701 37.60 -2.53 19.83
C THR F 701 38.58 -2.60 21.00
N LEU F 702 38.54 -1.64 21.94
CA LEU F 702 39.41 -1.78 23.10
C LEU F 702 39.09 -3.09 23.82
N GLU F 703 37.77 -3.35 24.04
CA GLU F 703 37.25 -4.55 24.72
C GLU F 703 37.62 -5.82 23.96
N THR F 704 37.44 -5.78 22.62
CA THR F 704 37.80 -6.93 21.78
C THR F 704 39.30 -7.17 21.68
N LEU F 705 40.13 -6.19 22.07
CA LEU F 705 41.55 -6.43 22.01
C LEU F 705 42.07 -7.15 23.22
N ILE F 706 41.26 -7.26 24.28
CA ILE F 706 41.76 -8.01 25.43
C ILE F 706 40.95 -9.30 25.50
N ARG F 707 39.76 -9.31 24.89
CA ARG F 707 39.00 -10.55 24.89
C ARG F 707 39.89 -11.61 24.26
N LEU F 708 40.39 -11.35 23.04
CA LEU F 708 41.28 -12.29 22.37
C LEU F 708 42.49 -12.66 23.20
N ALA F 709 43.09 -11.69 23.91
CA ALA F 709 44.24 -12.03 24.72
C ALA F 709 43.84 -13.09 25.74
N THR F 710 42.75 -12.82 26.45
CA THR F 710 42.25 -13.75 27.44
C THR F 710 42.10 -15.09 26.75
N ALA F 711 41.58 -15.05 25.53
CA ALA F 711 41.36 -16.27 24.78
C ALA F 711 42.65 -17.08 24.71
N HIS F 712 43.69 -16.46 24.19
CA HIS F 712 44.96 -17.17 24.04
C HIS F 712 45.45 -17.68 25.39
N ALA F 713 45.22 -16.89 26.45
CA ALA F 713 45.68 -17.23 27.79
C ALA F 713 44.93 -18.42 28.36
N LYS F 714 43.77 -18.68 27.79
CA LYS F 714 42.96 -19.80 28.25
C LYS F 714 43.12 -20.94 27.24
N VAL F 715 43.85 -20.70 26.15
CA VAL F 715 44.10 -21.76 25.17
C VAL F 715 45.26 -22.55 25.78
N ARG F 716 46.14 -21.84 26.48
CA ARG F 716 47.28 -22.40 27.19
C ARG F 716 46.85 -22.76 28.61
N LEU F 717 45.58 -22.45 28.95
CA LEU F 717 44.89 -22.67 30.25
C LEU F 717 45.64 -22.17 31.49
N SER F 718 46.35 -21.06 31.33
CA SER F 718 47.07 -20.47 32.44
C SER F 718 46.05 -19.69 33.26
N LYS F 719 46.33 -19.54 34.55
CA LYS F 719 45.41 -18.83 35.46
C LYS F 719 45.37 -17.33 35.23
N THR F 720 46.36 -16.77 34.55
CA THR F 720 46.37 -15.35 34.27
C THR F 720 46.93 -15.12 32.86
N VAL F 721 46.77 -13.89 32.36
CA VAL F 721 47.24 -13.58 31.02
C VAL F 721 48.74 -13.30 30.94
N ASN F 722 49.25 -13.26 29.72
CA ASN F 722 50.65 -13.01 29.44
C ASN F 722 50.78 -11.94 28.35
N LYS F 723 52.01 -11.49 28.15
CA LYS F 723 52.29 -10.46 27.15
C LYS F 723 52.18 -10.99 25.73
N VAL F 724 52.49 -12.29 25.55
CA VAL F 724 52.43 -12.93 24.23
C VAL F 724 51.01 -13.11 23.71
N ASP F 725 50.02 -13.11 24.60
CA ASP F 725 48.61 -13.21 24.22
C ASP F 725 48.19 -11.90 23.55
N ALA F 726 48.66 -10.77 24.09
CA ALA F 726 48.39 -9.47 23.49
C ALA F 726 49.19 -9.31 22.19
N LYS F 727 50.37 -9.94 22.14
CA LYS F 727 51.18 -9.91 20.92
C LYS F 727 50.56 -10.72 19.78
N VAL F 728 49.96 -11.89 20.10
CA VAL F 728 49.32 -12.69 19.05
C VAL F 728 47.98 -12.05 18.68
N ALA F 729 47.36 -11.27 19.60
CA ALA F 729 46.14 -10.55 19.26
C ALA F 729 46.45 -9.38 18.33
N ALA F 730 47.60 -8.75 18.53
CA ALA F 730 48.04 -7.66 17.66
C ALA F 730 48.47 -8.21 16.30
N ASN F 731 49.00 -9.43 16.26
CA ASN F 731 49.37 -10.08 15.00
C ASN F 731 48.13 -10.45 14.19
N LEU F 732 47.06 -10.88 14.90
CA LEU F 732 45.78 -11.20 14.27
C LEU F 732 45.13 -9.92 13.74
N LEU F 733 45.33 -8.82 14.48
CA LEU F 733 44.84 -7.50 14.07
C LEU F 733 45.55 -6.97 12.84
N ARG F 734 46.87 -7.20 12.75
CA ARG F 734 47.65 -6.75 11.60
C ARG F 734 47.29 -7.56 10.37
N PHE F 735 46.92 -8.83 10.55
CA PHE F 735 46.53 -9.63 9.39
C PHE F 735 45.10 -9.29 8.96
N ALA F 736 44.19 -9.07 9.91
CA ALA F 736 42.80 -8.80 9.54
C ALA F 736 42.52 -7.33 9.23
N LEU F 737 43.46 -6.43 9.51
CA LEU F 737 43.18 -5.02 9.24
C LEU F 737 43.91 -4.53 7.99
N LEU F 738 45.16 -4.91 7.83
CA LEU F 738 45.93 -4.48 6.68
C LEU F 738 45.70 -5.39 5.48
#